data_9HG0
#
_entry.id   9HG0
#
_cell.length_a   204.800
_cell.length_b   204.910
_cell.length_c   116.150
_cell.angle_alpha   90.000
_cell.angle_beta   102.306
_cell.angle_gamma   90.000
#
_symmetry.space_group_name_H-M   'C 1 2 1'
#
loop_
_entity.id
_entity.type
_entity.pdbx_description
1 polymer 'GMP reductase'
2 non-polymer 'INOSINIC ACID'
3 non-polymer 'NADP NICOTINAMIDE-ADENINE-DINUCLEOTIDE PHOSPHATE'
4 water water
#
_entity_poly.entity_id   1
_entity_poly.type   'polypeptide(L)'
_entity_poly.pdbx_seq_one_letter_code
;MVRFLDGHTPAYDLTYNDVFVVPGRSDVASRFDVDLSTVDGSGTTIPVVVANMTAVAGRRMAETVARRGGIVVLPQDLPI
TAVSETVDFVKSRDLVVDTPVTLSPEDSVSDANALLHKRAHGAAVVVFEGRPIGLVTEANCAGVDRFARVRDIALSDFVT
APVGTDPREVFDLLEHAPIDVAVMTAPDGTLAGVLTRTGAIRAGIYTPAVDAKGRLRIAAAVGINGDVGAKAQALAEAGA
DLLVIDTAHGHQAKMLDAIKAVASLDLGLPLVAGNVVSAEGTRDLIEAGASIVKVGVGPGAMCTTRMMTGVGRPQFSAVV
ECAAAARQLGGHVWADGGVRHPRDVALALAAGASNVMIGSWFAGTYESPGDLLFDRDDRPYKESYGMASKRAVAARTAGD
SSFDRARKGLFEEGISTSRMSLDPARGGVEDLLDHITSGVRSTCTYVGAANLPELHEKVVLGVQSAAGFAEGHPLPAGWT
AAAKEDLEHHHHHHHH
;
_entity_poly.pdbx_strand_id   A,B,C,D,E,F,G,H
#
# COMPACT_ATOMS: atom_id res chain seq x y z
N VAL A 2 -3.05 -52.31 -18.60
CA VAL A 2 -1.96 -51.67 -17.88
C VAL A 2 -1.67 -52.40 -16.58
N ARG A 3 -0.40 -52.44 -16.19
CA ARG A 3 0.03 -53.12 -14.98
C ARG A 3 0.23 -52.09 -13.87
N PHE A 4 -0.32 -52.37 -12.70
CA PHE A 4 -0.07 -51.58 -11.51
C PHE A 4 0.77 -52.38 -10.53
N LEU A 5 1.49 -51.66 -9.67
CA LEU A 5 2.26 -52.29 -8.62
C LEU A 5 1.36 -53.17 -7.76
N ASP A 6 1.98 -54.14 -7.09
CA ASP A 6 1.24 -55.09 -6.27
C ASP A 6 0.50 -54.37 -5.15
N GLY A 7 -0.82 -54.57 -5.08
CA GLY A 7 -1.63 -54.00 -4.03
C GLY A 7 -2.19 -52.62 -4.34
N HIS A 8 -1.80 -52.01 -5.45
CA HIS A 8 -2.31 -50.68 -5.81
C HIS A 8 -3.64 -50.83 -6.54
N THR A 9 -4.67 -51.15 -5.76
CA THR A 9 -6.03 -51.31 -6.25
C THR A 9 -6.93 -50.45 -5.37
N PRO A 10 -6.94 -49.14 -5.60
CA PRO A 10 -7.69 -48.25 -4.71
C PRO A 10 -9.19 -48.35 -4.94
N ALA A 11 -9.93 -47.99 -3.90
CA ALA A 11 -11.40 -47.99 -3.95
C ALA A 11 -11.95 -46.69 -4.53
N TYR A 12 -11.32 -46.15 -5.57
CA TYR A 12 -11.78 -44.93 -6.21
C TYR A 12 -11.12 -44.84 -7.59
N ASP A 13 -11.61 -43.91 -8.41
CA ASP A 13 -11.04 -43.69 -9.72
C ASP A 13 -9.95 -42.61 -9.66
N LEU A 14 -9.07 -42.63 -10.66
CA LEU A 14 -7.79 -41.94 -10.60
C LEU A 14 -7.72 -40.82 -11.63
N THR A 15 -7.11 -39.70 -11.24
CA THR A 15 -6.73 -38.65 -12.17
C THR A 15 -5.25 -38.80 -12.54
N TYR A 16 -4.79 -37.92 -13.43
CA TYR A 16 -3.37 -37.91 -13.77
C TYR A 16 -2.51 -37.63 -12.55
N ASN A 17 -3.01 -36.84 -11.59
CA ASN A 17 -2.26 -36.53 -10.38
C ASN A 17 -2.15 -37.71 -9.44
N ASP A 18 -3.05 -38.70 -9.56
CA ASP A 18 -3.10 -39.81 -8.61
C ASP A 18 -2.10 -40.91 -8.91
N VAL A 19 -1.45 -40.91 -10.08
CA VAL A 19 -0.66 -42.04 -10.52
C VAL A 19 0.76 -41.59 -10.87
N PHE A 20 1.64 -42.57 -11.04
CA PHE A 20 3.01 -42.35 -11.48
C PHE A 20 3.48 -43.56 -12.25
N VAL A 21 4.57 -43.37 -13.00
CA VAL A 21 5.17 -44.42 -13.82
C VAL A 21 6.45 -44.90 -13.16
N VAL A 22 6.58 -46.21 -12.99
CA VAL A 22 7.80 -46.82 -12.48
C VAL A 22 8.74 -47.11 -13.64
N PRO A 23 10.00 -46.69 -13.60
CA PRO A 23 10.92 -46.99 -14.70
C PRO A 23 11.26 -48.47 -14.76
N GLY A 24 11.58 -48.93 -15.96
CA GLY A 24 11.99 -50.30 -16.18
C GLY A 24 13.35 -50.37 -16.87
N ARG A 25 13.76 -51.61 -17.15
CA ARG A 25 15.00 -51.84 -17.88
C ARG A 25 14.86 -51.30 -19.30
N SER A 26 15.85 -50.54 -19.75
CA SER A 26 15.77 -49.84 -21.02
C SER A 26 17.05 -50.05 -21.82
N ASP A 27 16.89 -50.32 -23.11
CA ASP A 27 18.00 -50.32 -24.06
C ASP A 27 17.90 -49.20 -25.07
N VAL A 28 16.97 -48.26 -24.88
CA VAL A 28 16.87 -47.11 -25.78
C VAL A 28 18.02 -46.16 -25.45
N ALA A 29 18.95 -46.00 -26.40
CA ALA A 29 20.16 -45.25 -26.12
C ALA A 29 19.90 -43.75 -26.01
N SER A 30 19.01 -43.21 -26.85
CA SER A 30 18.75 -41.78 -26.88
C SER A 30 17.25 -41.52 -26.96
N ARG A 31 16.83 -40.41 -26.36
CA ARG A 31 15.43 -39.99 -26.44
C ARG A 31 15.03 -39.56 -27.85
N PHE A 32 16.01 -39.24 -28.70
CA PHE A 32 15.73 -38.98 -30.11
C PHE A 32 15.46 -40.26 -30.89
N ASP A 33 15.77 -41.42 -30.33
CA ASP A 33 15.51 -42.70 -30.99
C ASP A 33 14.05 -43.13 -30.87
N VAL A 34 13.27 -42.47 -30.01
CA VAL A 34 11.87 -42.85 -29.84
C VAL A 34 11.06 -42.43 -31.06
N ASP A 35 10.17 -43.31 -31.50
CA ASP A 35 9.22 -43.02 -32.57
C ASP A 35 7.91 -42.60 -31.91
N LEU A 36 7.47 -41.37 -32.20
CA LEU A 36 6.27 -40.82 -31.59
C LEU A 36 5.05 -40.92 -32.51
N SER A 37 5.15 -41.59 -33.65
CA SER A 37 4.04 -41.68 -34.59
C SER A 37 2.87 -42.45 -33.99
N THR A 38 1.66 -42.04 -34.34
CA THR A 38 0.44 -42.68 -33.90
C THR A 38 -0.01 -43.73 -34.92
N VAL A 39 -0.80 -44.70 -34.44
CA VAL A 39 -1.25 -45.81 -35.26
C VAL A 39 -2.78 -45.87 -35.34
N ASP A 40 -3.46 -44.75 -35.12
CA ASP A 40 -4.92 -44.74 -35.12
C ASP A 40 -5.52 -44.29 -36.44
N GLY A 41 -4.70 -44.02 -37.46
CA GLY A 41 -5.20 -43.55 -38.74
C GLY A 41 -5.35 -42.04 -38.85
N SER A 42 -5.01 -41.29 -37.80
CA SER A 42 -5.09 -39.83 -37.88
C SER A 42 -3.98 -39.27 -38.76
N GLY A 43 -2.85 -39.96 -38.84
CA GLY A 43 -1.72 -39.47 -39.60
C GLY A 43 -0.76 -38.58 -38.83
N THR A 44 -0.99 -38.39 -37.54
CA THR A 44 -0.09 -37.55 -36.75
C THR A 44 1.18 -38.31 -36.41
N THR A 45 2.31 -37.60 -36.49
CA THR A 45 3.61 -38.16 -36.13
C THR A 45 4.02 -37.81 -34.70
N ILE A 46 3.28 -36.94 -34.03
CA ILE A 46 3.37 -36.74 -32.59
C ILE A 46 1.96 -36.90 -32.03
N PRO A 47 1.80 -37.40 -30.81
CA PRO A 47 0.46 -37.69 -30.27
C PRO A 47 -0.30 -36.47 -29.74
N VAL A 48 -0.35 -35.41 -30.54
CA VAL A 48 -0.99 -34.16 -30.15
C VAL A 48 -2.07 -33.80 -31.17
N VAL A 49 -3.29 -33.58 -30.69
CA VAL A 49 -4.40 -33.09 -31.48
C VAL A 49 -4.92 -31.82 -30.81
N VAL A 50 -5.20 -30.80 -31.61
CA VAL A 50 -5.68 -29.52 -31.09
C VAL A 50 -7.21 -29.52 -31.09
N ALA A 51 -7.79 -29.15 -29.96
CA ALA A 51 -9.24 -29.28 -29.76
C ALA A 51 -10.02 -28.39 -30.72
N ASN A 52 -11.25 -28.82 -31.02
CA ASN A 52 -12.12 -28.07 -31.92
C ASN A 52 -12.84 -26.96 -31.15
N MET A 53 -12.03 -25.99 -30.72
CA MET A 53 -12.50 -24.84 -29.97
C MET A 53 -12.15 -23.57 -30.74
N THR A 54 -13.09 -22.64 -30.83
CA THR A 54 -12.89 -21.44 -31.63
C THR A 54 -11.76 -20.58 -31.10
N ALA A 55 -11.44 -20.67 -29.81
CA ALA A 55 -10.36 -19.88 -29.24
C ALA A 55 -8.98 -20.48 -29.50
N VAL A 56 -8.90 -21.63 -30.19
CA VAL A 56 -7.61 -22.29 -30.38
C VAL A 56 -7.40 -22.68 -31.84
N ALA A 57 -8.44 -23.19 -32.49
CA ALA A 57 -8.28 -23.89 -33.77
C ALA A 57 -8.54 -22.93 -34.94
N GLY A 58 -7.51 -22.19 -35.31
CA GLY A 58 -7.55 -21.34 -36.48
C GLY A 58 -6.57 -21.80 -37.55
N ARG A 59 -6.43 -21.02 -38.62
CA ARG A 59 -5.59 -21.46 -39.73
C ARG A 59 -4.11 -21.35 -39.39
N ARG A 60 -3.70 -20.31 -38.67
CA ARG A 60 -2.30 -20.22 -38.24
C ARG A 60 -1.95 -21.39 -37.31
N MET A 61 -2.87 -21.75 -36.41
CA MET A 61 -2.66 -22.93 -35.59
C MET A 61 -2.59 -24.18 -36.45
N ALA A 62 -3.50 -24.32 -37.42
CA ALA A 62 -3.57 -25.53 -38.23
C ALA A 62 -2.29 -25.76 -39.01
N GLU A 63 -1.77 -24.70 -39.65
CA GLU A 63 -0.52 -24.84 -40.40
C GLU A 63 0.65 -25.19 -39.48
N THR A 64 0.78 -24.46 -38.37
CA THR A 64 1.97 -24.59 -37.54
C THR A 64 2.04 -25.97 -36.87
N VAL A 65 0.90 -26.46 -36.37
CA VAL A 65 0.90 -27.74 -35.67
C VAL A 65 1.10 -28.88 -36.64
N ALA A 66 0.45 -28.82 -37.81
CA ALA A 66 0.54 -29.93 -38.76
C ALA A 66 1.96 -30.09 -39.30
N ARG A 67 2.66 -28.97 -39.50
CA ARG A 67 4.05 -29.06 -39.95
C ARG A 67 4.92 -29.80 -38.94
N ARG A 68 4.59 -29.70 -37.65
CA ARG A 68 5.36 -30.38 -36.61
C ARG A 68 4.80 -31.76 -36.26
N GLY A 69 3.75 -32.21 -36.94
CA GLY A 69 3.27 -33.57 -36.81
C GLY A 69 1.94 -33.74 -36.12
N GLY A 70 1.34 -32.67 -35.60
CA GLY A 70 0.02 -32.74 -35.02
C GLY A 70 -1.06 -32.53 -36.05
N ILE A 71 -2.27 -32.28 -35.56
CA ILE A 71 -3.41 -31.98 -36.43
C ILE A 71 -4.39 -31.12 -35.66
N VAL A 72 -5.04 -30.19 -36.36
CA VAL A 72 -6.01 -29.27 -35.79
C VAL A 72 -7.39 -29.66 -36.28
N VAL A 73 -8.34 -29.75 -35.35
CA VAL A 73 -9.74 -29.99 -35.67
C VAL A 73 -10.46 -28.65 -35.72
N LEU A 74 -10.93 -28.28 -36.91
CA LEU A 74 -11.68 -27.03 -37.03
C LEU A 74 -13.01 -27.15 -36.29
N PRO A 75 -13.44 -26.09 -35.61
CA PRO A 75 -14.69 -26.16 -34.84
C PRO A 75 -15.90 -26.34 -35.75
N GLN A 76 -16.96 -26.89 -35.15
CA GLN A 76 -18.19 -27.15 -35.89
C GLN A 76 -18.97 -25.87 -36.21
N ASP A 77 -18.67 -24.77 -35.54
CA ASP A 77 -19.36 -23.51 -35.79
C ASP A 77 -18.87 -22.80 -37.03
N LEU A 78 -17.95 -23.39 -37.78
CA LEU A 78 -17.33 -22.66 -38.90
C LEU A 78 -18.15 -22.85 -40.17
N PRO A 79 -18.51 -21.76 -40.85
CA PRO A 79 -19.22 -21.91 -42.13
C PRO A 79 -18.40 -22.68 -43.14
N ILE A 80 -19.10 -23.37 -44.05
CA ILE A 80 -18.42 -24.25 -45.00
C ILE A 80 -17.49 -23.45 -45.90
N THR A 81 -17.85 -22.21 -46.24
CA THR A 81 -16.97 -21.37 -47.05
C THR A 81 -15.67 -21.07 -46.31
N ALA A 82 -15.76 -20.72 -45.02
CA ALA A 82 -14.56 -20.47 -44.24
C ALA A 82 -13.72 -21.73 -44.08
N VAL A 83 -14.37 -22.90 -43.94
CA VAL A 83 -13.63 -24.15 -43.85
C VAL A 83 -12.84 -24.38 -45.13
N SER A 84 -13.48 -24.19 -46.29
CA SER A 84 -12.80 -24.42 -47.55
C SER A 84 -11.62 -23.48 -47.72
N GLU A 85 -11.77 -22.22 -47.32
CA GLU A 85 -10.67 -21.26 -47.44
C GLU A 85 -9.54 -21.61 -46.49
N THR A 86 -9.85 -22.13 -45.30
CA THR A 86 -8.80 -22.51 -44.37
C THR A 86 -8.07 -23.77 -44.85
N VAL A 87 -8.81 -24.75 -45.34
CA VAL A 87 -8.19 -25.99 -45.83
C VAL A 87 -7.28 -25.69 -47.01
N ASP A 88 -7.75 -24.88 -47.97
CA ASP A 88 -6.93 -24.55 -49.13
C ASP A 88 -5.68 -23.80 -48.73
N PHE A 89 -5.76 -22.98 -47.67
CA PHE A 89 -4.57 -22.30 -47.18
C PHE A 89 -3.58 -23.30 -46.57
N VAL A 90 -4.07 -24.18 -45.70
CA VAL A 90 -3.18 -25.12 -45.03
C VAL A 90 -2.56 -26.08 -46.03
N LYS A 91 -3.34 -26.56 -46.99
CA LYS A 91 -2.84 -27.54 -47.96
C LYS A 91 -1.99 -26.93 -49.05
N SER A 92 -1.83 -25.60 -49.07
CA SER A 92 -0.89 -24.95 -49.97
C SER A 92 0.38 -24.49 -49.25
N ARG A 93 0.55 -24.84 -47.98
CA ARG A 93 1.72 -24.43 -47.23
C ARG A 93 2.92 -25.34 -47.55
N ASP A 94 4.12 -24.78 -47.41
CA ASP A 94 5.33 -25.57 -47.60
C ASP A 94 5.56 -26.46 -46.38
N LEU A 95 6.24 -27.58 -46.60
CA LEU A 95 6.45 -28.56 -45.54
C LEU A 95 7.54 -28.16 -44.57
N VAL A 96 8.48 -27.30 -44.97
CA VAL A 96 9.60 -26.89 -44.14
C VAL A 96 9.57 -25.41 -43.84
N VAL A 97 9.22 -24.59 -44.83
CA VAL A 97 9.32 -23.14 -44.72
C VAL A 97 7.98 -22.59 -44.24
N ASP A 98 8.02 -21.72 -43.24
CA ASP A 98 6.83 -21.23 -42.56
C ASP A 98 6.28 -19.97 -43.26
N THR A 99 5.01 -19.69 -42.99
CA THR A 99 4.37 -18.49 -43.52
C THR A 99 4.61 -17.32 -42.57
N PRO A 100 5.26 -16.25 -43.02
CA PRO A 100 5.50 -15.11 -42.14
C PRO A 100 4.35 -14.11 -42.18
N VAL A 101 4.35 -13.21 -41.19
CA VAL A 101 3.53 -12.03 -41.29
C VAL A 101 4.09 -11.15 -42.40
N THR A 102 3.23 -10.79 -43.36
CA THR A 102 3.64 -9.93 -44.46
C THR A 102 3.02 -8.55 -44.30
N LEU A 103 3.75 -7.54 -44.76
CA LEU A 103 3.34 -6.15 -44.63
C LEU A 103 3.49 -5.44 -45.96
N SER A 104 2.60 -4.53 -46.23
CA SER A 104 2.81 -3.60 -47.31
C SER A 104 3.59 -2.40 -46.81
N PRO A 105 4.45 -1.80 -47.64
CA PRO A 105 5.15 -0.58 -47.21
C PRO A 105 4.21 0.58 -46.92
N GLU A 106 2.96 0.52 -47.39
CA GLU A 106 1.96 1.54 -47.10
C GLU A 106 1.17 1.25 -45.82
N ASP A 107 1.38 0.10 -45.20
CA ASP A 107 0.72 -0.19 -43.93
C ASP A 107 1.25 0.74 -42.83
N SER A 108 0.41 0.98 -41.83
CA SER A 108 0.80 1.83 -40.72
C SER A 108 1.67 1.06 -39.74
N VAL A 109 2.54 1.80 -39.03
CA VAL A 109 3.35 1.19 -37.98
C VAL A 109 2.44 0.62 -36.89
N SER A 110 1.28 1.23 -36.67
CA SER A 110 0.31 0.68 -35.73
C SER A 110 -0.09 -0.74 -36.14
N ASP A 111 -0.46 -0.92 -37.41
CA ASP A 111 -0.82 -2.27 -37.88
C ASP A 111 0.38 -3.21 -37.82
N ALA A 112 1.56 -2.73 -38.19
CA ALA A 112 2.74 -3.58 -38.18
C ALA A 112 3.06 -4.08 -36.77
N ASN A 113 2.90 -3.21 -35.77
CA ASN A 113 3.23 -3.59 -34.40
C ASN A 113 2.30 -4.70 -33.90
N ALA A 114 1.01 -4.62 -34.23
CA ALA A 114 0.06 -5.61 -33.74
C ALA A 114 0.15 -6.92 -34.53
N LEU A 115 0.39 -6.83 -35.84
CA LEU A 115 0.45 -8.03 -36.67
C LEU A 115 1.64 -8.92 -36.34
N LEU A 116 2.69 -8.37 -35.73
CA LEU A 116 3.90 -9.14 -35.47
C LEU A 116 3.61 -10.38 -34.62
N HIS A 117 2.69 -10.26 -33.67
CA HIS A 117 2.46 -11.31 -32.68
C HIS A 117 1.49 -12.39 -33.17
N LYS A 118 1.14 -12.40 -34.45
CA LYS A 118 0.38 -13.51 -35.01
C LYS A 118 1.27 -14.68 -35.41
N ARG A 119 2.58 -14.48 -35.43
CA ARG A 119 3.55 -15.55 -35.61
C ARG A 119 4.64 -15.39 -34.55
N ALA A 120 5.49 -16.40 -34.41
CA ALA A 120 6.54 -16.40 -33.41
C ALA A 120 7.91 -16.11 -34.00
N HIS A 121 7.97 -15.59 -35.23
CA HIS A 121 9.25 -15.36 -35.89
C HIS A 121 9.99 -14.16 -35.34
N GLY A 122 9.28 -13.20 -34.75
CA GLY A 122 9.92 -11.97 -34.30
C GLY A 122 10.24 -10.98 -35.41
N ALA A 123 9.79 -11.25 -36.64
CA ALA A 123 10.04 -10.34 -37.74
C ALA A 123 8.97 -10.55 -38.80
N ALA A 124 8.52 -9.45 -39.41
CA ALA A 124 7.60 -9.48 -40.53
C ALA A 124 8.32 -9.10 -41.81
N VAL A 125 7.85 -9.65 -42.93
CA VAL A 125 8.47 -9.42 -44.23
C VAL A 125 7.66 -8.35 -44.97
N VAL A 126 8.36 -7.31 -45.41
CA VAL A 126 7.74 -6.30 -46.27
C VAL A 126 7.72 -6.83 -47.70
N VAL A 127 6.56 -6.75 -48.34
CA VAL A 127 6.35 -7.35 -49.65
C VAL A 127 5.76 -6.32 -50.60
N PHE A 128 6.30 -6.28 -51.82
CA PHE A 128 5.75 -5.49 -52.91
C PHE A 128 5.62 -6.41 -54.12
N GLU A 129 4.37 -6.66 -54.53
CA GLU A 129 4.08 -7.55 -55.65
C GLU A 129 4.68 -8.94 -55.44
N GLY A 130 4.47 -9.48 -54.24
CA GLY A 130 4.89 -10.83 -53.92
C GLY A 130 6.37 -11.00 -53.64
N ARG A 131 7.15 -9.93 -53.68
CA ARG A 131 8.59 -10.03 -53.52
C ARG A 131 9.05 -9.31 -52.26
N PRO A 132 9.94 -9.93 -51.46
CA PRO A 132 10.39 -9.29 -50.23
C PRO A 132 11.32 -8.12 -50.51
N ILE A 133 11.11 -7.03 -49.78
CA ILE A 133 11.92 -5.83 -49.96
C ILE A 133 12.48 -5.33 -48.64
N GLY A 134 12.05 -5.92 -47.52
CA GLY A 134 12.53 -5.48 -46.23
C GLY A 134 11.99 -6.34 -45.11
N LEU A 135 12.49 -6.06 -43.90
CA LEU A 135 12.06 -6.71 -42.68
C LEU A 135 11.64 -5.66 -41.65
N VAL A 136 10.71 -6.04 -40.79
CA VAL A 136 10.24 -5.21 -39.69
C VAL A 136 10.25 -6.04 -38.41
N THR A 137 10.89 -5.52 -37.37
CA THR A 137 10.88 -6.13 -36.05
C THR A 137 10.21 -5.19 -35.07
N GLU A 138 9.96 -5.69 -33.85
CA GLU A 138 9.38 -4.85 -32.82
C GLU A 138 10.30 -3.71 -32.43
N ALA A 139 11.62 -3.94 -32.46
CA ALA A 139 12.57 -2.87 -32.18
C ALA A 139 12.48 -1.72 -33.17
N ASN A 140 12.01 -2.00 -34.40
CA ASN A 140 11.85 -0.95 -35.39
C ASN A 140 10.62 -0.10 -35.17
N CYS A 141 9.65 -0.58 -34.40
CA CYS A 141 8.40 0.15 -34.15
C CYS A 141 8.41 0.88 -32.81
N ALA A 142 9.53 0.88 -32.09
CA ALA A 142 9.61 1.47 -30.76
C ALA A 142 9.83 2.97 -30.87
N GLY A 143 8.78 3.76 -30.59
CA GLY A 143 8.87 5.19 -30.56
C GLY A 143 8.35 5.90 -31.79
N VAL A 144 8.22 5.19 -32.91
CA VAL A 144 7.76 5.80 -34.15
C VAL A 144 6.26 6.07 -34.05
N ASP A 145 5.82 7.17 -34.66
CA ASP A 145 4.40 7.49 -34.71
C ASP A 145 3.61 6.31 -35.26
N ARG A 146 2.47 6.02 -34.63
CA ARG A 146 1.67 4.87 -35.04
C ARG A 146 1.24 4.96 -36.50
N PHE A 147 1.09 6.17 -37.03
CA PHE A 147 0.61 6.35 -38.39
C PHE A 147 1.71 6.73 -39.36
N ALA A 148 2.98 6.60 -38.97
CA ALA A 148 4.03 6.53 -39.96
C ALA A 148 3.90 5.23 -40.75
N ARG A 149 4.48 5.21 -41.94
CA ARG A 149 4.35 4.05 -42.80
C ARG A 149 5.45 3.03 -42.51
N VAL A 150 5.20 1.78 -42.94
CA VAL A 150 6.15 0.70 -42.71
C VAL A 150 7.49 0.99 -43.39
N ARG A 151 7.43 1.61 -44.58
CA ARG A 151 8.65 1.89 -45.33
C ARG A 151 9.61 2.82 -44.59
N ASP A 152 9.12 3.57 -43.59
CA ASP A 152 9.98 4.49 -42.85
C ASP A 152 10.87 3.78 -41.84
N ILE A 153 10.55 2.54 -41.45
CA ILE A 153 11.31 1.82 -40.43
C ILE A 153 11.80 0.47 -40.89
N ALA A 154 11.49 0.05 -42.11
CA ALA A 154 11.84 -1.30 -42.54
C ALA A 154 13.34 -1.44 -42.74
N LEU A 155 13.89 -2.56 -42.28
CA LEU A 155 15.29 -2.89 -42.53
C LEU A 155 15.45 -3.35 -43.97
N SER A 156 16.36 -2.69 -44.70
CA SER A 156 16.48 -2.92 -46.13
C SER A 156 17.33 -4.13 -46.48
N ASP A 157 18.24 -4.55 -45.62
CA ASP A 157 19.10 -5.69 -45.88
C ASP A 157 18.69 -6.87 -45.00
N PHE A 158 18.69 -8.06 -45.59
CA PHE A 158 18.26 -9.26 -44.88
C PHE A 158 18.84 -10.48 -45.58
N VAL A 159 18.86 -11.60 -44.86
CA VAL A 159 19.38 -12.85 -45.40
C VAL A 159 18.31 -13.50 -46.27
N THR A 160 18.71 -13.96 -47.46
CA THR A 160 17.84 -14.63 -48.40
C THR A 160 18.46 -15.93 -48.88
N ALA A 161 17.59 -16.88 -49.24
CA ALA A 161 18.03 -18.19 -49.67
C ALA A 161 16.94 -18.80 -50.53
N PRO A 162 17.29 -19.64 -51.50
CA PRO A 162 16.27 -20.26 -52.35
C PRO A 162 15.52 -21.35 -51.58
N VAL A 163 14.22 -21.45 -51.87
CA VAL A 163 13.44 -22.53 -51.29
C VAL A 163 13.97 -23.86 -51.78
N GLY A 164 14.09 -24.82 -50.87
CA GLY A 164 14.72 -26.09 -51.15
C GLY A 164 16.12 -26.23 -50.59
N THR A 165 16.69 -25.15 -50.06
CA THR A 165 17.99 -25.24 -49.41
C THR A 165 17.89 -26.14 -48.18
N ASP A 166 18.94 -26.92 -47.94
CA ASP A 166 18.99 -27.78 -46.78
C ASP A 166 18.83 -26.95 -45.51
N PRO A 167 17.97 -27.34 -44.57
CA PRO A 167 17.77 -26.53 -43.36
C PRO A 167 19.03 -26.37 -42.51
N ARG A 168 19.96 -27.32 -42.57
CA ARG A 168 21.18 -27.21 -41.78
C ARG A 168 22.06 -26.07 -42.28
N GLU A 169 22.11 -25.86 -43.60
CA GLU A 169 22.85 -24.75 -44.16
C GLU A 169 22.22 -23.42 -43.77
N VAL A 170 20.88 -23.34 -43.84
CA VAL A 170 20.17 -22.13 -43.42
C VAL A 170 20.46 -21.84 -41.95
N PHE A 171 20.58 -22.88 -41.13
CA PHE A 171 20.97 -22.70 -39.73
C PHE A 171 22.32 -21.99 -39.63
N ASP A 172 23.26 -22.37 -40.49
CA ASP A 172 24.60 -21.77 -40.44
C ASP A 172 24.61 -20.36 -41.03
N LEU A 173 23.74 -20.10 -42.01
CA LEU A 173 23.68 -18.76 -42.61
C LEU A 173 23.26 -17.71 -41.59
N LEU A 174 22.52 -18.10 -40.56
CA LEU A 174 21.91 -17.15 -39.63
C LEU A 174 22.65 -17.07 -38.30
N GLU A 175 23.84 -17.64 -38.20
CA GLU A 175 24.56 -17.64 -36.92
C GLU A 175 24.94 -16.23 -36.50
N HIS A 176 25.46 -15.43 -37.43
CA HIS A 176 25.92 -14.08 -37.14
C HIS A 176 25.04 -13.01 -37.79
N ALA A 177 23.92 -13.39 -38.38
CA ALA A 177 23.02 -12.41 -38.95
C ALA A 177 22.37 -11.59 -37.83
N PRO A 178 22.13 -10.29 -38.05
CA PRO A 178 21.50 -9.49 -36.99
C PRO A 178 20.12 -9.98 -36.61
N ILE A 179 19.32 -10.39 -37.58
CA ILE A 179 17.97 -10.89 -37.34
C ILE A 179 17.93 -12.37 -37.71
N ASP A 180 17.43 -13.18 -36.78
CA ASP A 180 17.40 -14.63 -36.94
C ASP A 180 16.20 -15.06 -37.80
N VAL A 181 16.17 -14.53 -39.03
CA VAL A 181 15.15 -14.86 -40.01
C VAL A 181 15.81 -14.95 -41.38
N ALA A 182 15.63 -16.08 -42.05
CA ALA A 182 16.07 -16.24 -43.44
C ALA A 182 14.85 -16.19 -44.34
N VAL A 183 14.85 -15.26 -45.29
CA VAL A 183 13.72 -15.07 -46.20
C VAL A 183 13.90 -16.04 -47.36
N MET A 184 13.01 -17.03 -47.45
CA MET A 184 13.09 -18.05 -48.49
C MET A 184 12.34 -17.57 -49.72
N THR A 185 12.98 -17.70 -50.89
CA THR A 185 12.48 -17.11 -52.12
C THR A 185 12.28 -18.18 -53.18
N ALA A 186 11.35 -17.90 -54.09
CA ALA A 186 11.10 -18.73 -55.25
C ALA A 186 12.08 -18.39 -56.37
N PRO A 187 12.25 -19.28 -57.35
CA PRO A 187 13.16 -18.99 -58.47
C PRO A 187 12.95 -17.64 -59.14
N ASP A 188 11.71 -17.15 -59.20
CA ASP A 188 11.46 -15.84 -59.79
C ASP A 188 11.65 -14.69 -58.80
N GLY A 189 12.04 -14.98 -57.56
CA GLY A 189 12.26 -13.96 -56.56
C GLY A 189 11.08 -13.69 -55.64
N THR A 190 9.91 -14.25 -55.94
CA THR A 190 8.75 -14.02 -55.08
C THR A 190 8.94 -14.73 -53.73
N LEU A 191 8.23 -14.22 -52.72
CA LEU A 191 8.36 -14.74 -51.37
C LEU A 191 7.75 -16.14 -51.28
N ALA A 192 8.52 -17.08 -50.73
CA ALA A 192 8.02 -18.41 -50.43
C ALA A 192 7.77 -18.63 -48.95
N GLY A 193 8.42 -17.86 -48.08
CA GLY A 193 8.24 -17.96 -46.65
C GLY A 193 9.53 -17.61 -45.93
N VAL A 194 9.61 -18.00 -44.66
CA VAL A 194 10.74 -17.72 -43.80
C VAL A 194 11.15 -19.00 -43.08
N LEU A 195 12.36 -18.96 -42.52
CA LEU A 195 12.90 -20.08 -41.75
C LEU A 195 13.90 -19.53 -40.75
N THR A 196 13.63 -19.73 -39.47
CA THR A 196 14.52 -19.28 -38.41
C THR A 196 15.52 -20.38 -38.06
N ARG A 197 16.45 -20.07 -37.16
CA ARG A 197 17.40 -21.07 -36.69
C ARG A 197 16.68 -22.19 -35.94
N THR A 198 15.76 -21.84 -35.05
CA THR A 198 14.99 -22.85 -34.33
C THR A 198 14.09 -23.62 -35.29
N GLY A 199 13.48 -22.93 -36.26
CA GLY A 199 12.66 -23.62 -37.25
C GLY A 199 13.44 -24.61 -38.07
N ALA A 200 14.71 -24.31 -38.35
CA ALA A 200 15.56 -25.27 -39.09
C ALA A 200 15.90 -26.47 -38.22
N ILE A 201 16.08 -26.27 -36.92
CA ILE A 201 16.33 -27.40 -36.02
C ILE A 201 15.11 -28.31 -35.95
N ARG A 202 13.92 -27.71 -35.88
CA ARG A 202 12.69 -28.50 -35.79
C ARG A 202 12.41 -29.28 -37.07
N ALA A 203 12.94 -28.85 -38.21
CA ALA A 203 12.73 -29.59 -39.45
C ALA A 203 13.40 -30.95 -39.41
N GLY A 204 14.50 -31.09 -38.65
CA GLY A 204 15.17 -32.35 -38.48
C GLY A 204 14.70 -33.18 -37.32
N ILE A 205 13.72 -32.70 -36.55
CA ILE A 205 13.21 -33.39 -35.38
C ILE A 205 11.77 -33.84 -35.58
N TYR A 206 10.94 -33.00 -36.20
CA TYR A 206 9.52 -33.29 -36.39
C TYR A 206 9.24 -33.66 -37.85
N THR A 207 8.45 -34.71 -38.04
CA THR A 207 8.00 -35.08 -39.38
C THR A 207 6.63 -34.48 -39.63
N PRO A 208 6.44 -33.76 -40.72
CA PRO A 208 5.12 -33.16 -40.99
C PRO A 208 4.05 -34.22 -41.18
N ALA A 209 2.83 -33.89 -40.74
CA ALA A 209 1.66 -34.73 -40.96
C ALA A 209 1.05 -34.35 -42.30
N VAL A 210 1.10 -35.26 -43.27
CA VAL A 210 0.72 -34.96 -44.64
C VAL A 210 -0.28 -35.99 -45.15
N ASP A 211 -1.06 -35.59 -46.16
CA ASP A 211 -2.03 -36.47 -46.79
C ASP A 211 -1.34 -37.25 -47.91
N ALA A 212 -2.13 -37.94 -48.73
CA ALA A 212 -1.58 -38.76 -49.80
C ALA A 212 -0.92 -37.92 -50.90
N LYS A 213 -1.29 -36.65 -51.03
CA LYS A 213 -0.66 -35.74 -51.97
C LYS A 213 0.56 -35.03 -51.38
N GLY A 214 0.91 -35.31 -50.13
CA GLY A 214 2.03 -34.62 -49.50
C GLY A 214 1.70 -33.24 -48.97
N ARG A 215 0.44 -32.94 -48.72
CA ARG A 215 0.01 -31.67 -48.17
C ARG A 215 -0.36 -31.83 -46.70
N LEU A 216 -0.17 -30.77 -45.93
CA LEU A 216 -0.40 -30.82 -44.49
C LEU A 216 -1.83 -31.23 -44.18
N ARG A 217 -1.98 -32.06 -43.15
CA ARG A 217 -3.29 -32.58 -42.75
C ARG A 217 -4.05 -31.58 -41.91
N ILE A 218 -5.38 -31.68 -41.97
CA ILE A 218 -6.27 -30.86 -41.15
C ILE A 218 -7.57 -31.63 -41.01
N ALA A 219 -8.23 -31.46 -39.86
CA ALA A 219 -9.46 -32.18 -39.56
C ALA A 219 -10.59 -31.17 -39.35
N ALA A 220 -11.81 -31.68 -39.23
CA ALA A 220 -12.97 -30.82 -39.07
C ALA A 220 -14.00 -31.52 -38.19
N ALA A 221 -14.70 -30.72 -37.40
CA ALA A 221 -15.69 -31.23 -36.46
C ALA A 221 -17.10 -30.93 -36.95
N VAL A 222 -18.05 -31.77 -36.51
CA VAL A 222 -19.45 -31.63 -36.89
C VAL A 222 -20.31 -31.97 -35.68
N GLY A 223 -21.40 -31.22 -35.49
CA GLY A 223 -22.34 -31.49 -34.43
C GLY A 223 -23.31 -32.60 -34.80
N ILE A 224 -24.15 -32.96 -33.84
CA ILE A 224 -25.12 -34.04 -34.02
C ILE A 224 -26.50 -33.54 -34.40
N ASN A 225 -26.70 -32.22 -34.47
CA ASN A 225 -27.97 -31.65 -34.84
C ASN A 225 -27.97 -31.23 -36.31
N GLY A 226 -29.17 -31.08 -36.86
CA GLY A 226 -29.31 -30.75 -38.27
C GLY A 226 -29.14 -31.97 -39.15
N ASP A 227 -28.60 -31.76 -40.35
CA ASP A 227 -28.35 -32.83 -41.31
C ASP A 227 -26.88 -33.20 -41.22
N VAL A 228 -26.55 -34.11 -40.30
CA VAL A 228 -25.16 -34.46 -40.05
C VAL A 228 -24.53 -35.08 -41.28
N GLY A 229 -25.29 -35.88 -42.01
CA GLY A 229 -24.75 -36.51 -43.22
C GLY A 229 -24.37 -35.50 -44.28
N ALA A 230 -25.27 -34.55 -44.55
CA ALA A 230 -24.97 -33.52 -45.56
C ALA A 230 -23.79 -32.66 -45.13
N LYS A 231 -23.71 -32.32 -43.84
CA LYS A 231 -22.58 -31.54 -43.35
C LYS A 231 -21.28 -32.33 -43.46
N ALA A 232 -21.28 -33.58 -42.99
CA ALA A 232 -20.07 -34.39 -43.03
C ALA A 232 -19.55 -34.54 -44.46
N GLN A 233 -20.45 -34.69 -45.43
CA GLN A 233 -20.03 -34.86 -46.82
C GLN A 233 -19.49 -33.56 -47.40
N ALA A 234 -20.05 -32.41 -46.99
CA ALA A 234 -19.49 -31.14 -47.42
C ALA A 234 -18.10 -30.91 -46.82
N LEU A 235 -17.89 -31.35 -45.57
CA LEU A 235 -16.56 -31.23 -44.97
C LEU A 235 -15.55 -32.15 -45.63
N ALA A 236 -16.00 -33.34 -46.09
CA ALA A 236 -15.11 -34.25 -46.78
C ALA A 236 -14.69 -33.71 -48.14
N GLU A 237 -15.67 -33.22 -48.91
CA GLU A 237 -15.36 -32.66 -50.22
C GLU A 237 -14.53 -31.39 -50.13
N ALA A 238 -14.58 -30.69 -48.99
CA ALA A 238 -13.74 -29.51 -48.80
C ALA A 238 -12.28 -29.86 -48.58
N GLY A 239 -11.98 -31.11 -48.25
CA GLY A 239 -10.60 -31.55 -48.12
C GLY A 239 -10.18 -31.98 -46.72
N ALA A 240 -11.14 -32.16 -45.82
CA ALA A 240 -10.82 -32.62 -44.48
C ALA A 240 -10.27 -34.03 -44.51
N ASP A 241 -9.20 -34.26 -43.74
CA ASP A 241 -8.56 -35.57 -43.69
C ASP A 241 -9.13 -36.46 -42.59
N LEU A 242 -9.95 -35.91 -41.70
CA LEU A 242 -10.50 -36.64 -40.56
C LEU A 242 -11.72 -35.89 -40.08
N LEU A 243 -12.74 -36.62 -39.65
CA LEU A 243 -14.01 -36.03 -39.23
C LEU A 243 -14.26 -36.34 -37.76
N VAL A 244 -14.66 -35.33 -37.01
CA VAL A 244 -14.96 -35.46 -35.59
C VAL A 244 -16.44 -35.15 -35.39
N ILE A 245 -17.19 -36.13 -34.92
CA ILE A 245 -18.56 -35.91 -34.47
C ILE A 245 -18.51 -35.69 -32.96
N ASP A 246 -18.89 -34.48 -32.53
CA ASP A 246 -18.59 -34.01 -31.18
C ASP A 246 -19.85 -33.54 -30.48
N THR A 247 -20.04 -33.99 -29.24
CA THR A 247 -21.11 -33.49 -28.37
C THR A 247 -20.75 -33.83 -26.93
N ALA A 248 -21.38 -33.11 -25.99
CA ALA A 248 -21.07 -33.32 -24.58
C ALA A 248 -21.43 -34.72 -24.13
N HIS A 249 -22.69 -35.11 -24.33
CA HIS A 249 -23.17 -36.44 -23.94
C HIS A 249 -23.17 -37.31 -25.18
N GLY A 250 -22.02 -37.95 -25.45
CA GLY A 250 -21.88 -38.77 -26.64
C GLY A 250 -22.58 -40.11 -26.57
N HIS A 251 -23.16 -40.47 -25.44
CA HIS A 251 -23.83 -41.76 -25.30
C HIS A 251 -25.35 -41.62 -25.35
N GLN A 252 -25.86 -40.85 -26.31
CA GLN A 252 -27.29 -40.69 -26.49
C GLN A 252 -27.68 -41.18 -27.87
N ALA A 253 -28.98 -41.41 -28.05
CA ALA A 253 -29.48 -41.98 -29.29
C ALA A 253 -29.17 -41.09 -30.49
N LYS A 254 -29.19 -39.76 -30.30
CA LYS A 254 -28.93 -38.86 -31.40
C LYS A 254 -27.50 -38.99 -31.92
N MET A 255 -26.53 -39.21 -31.02
CA MET A 255 -25.16 -39.41 -31.47
C MET A 255 -25.02 -40.71 -32.26
N LEU A 256 -25.67 -41.78 -31.79
CA LEU A 256 -25.58 -43.06 -32.48
C LEU A 256 -26.15 -42.97 -33.89
N ASP A 257 -27.24 -42.22 -34.06
CA ASP A 257 -27.82 -42.04 -35.39
C ASP A 257 -26.94 -41.16 -36.26
N ALA A 258 -26.25 -40.18 -35.67
CA ALA A 258 -25.36 -39.32 -36.44
C ALA A 258 -24.16 -40.10 -36.97
N ILE A 259 -23.63 -41.01 -36.16
CA ILE A 259 -22.50 -41.83 -36.59
C ILE A 259 -22.91 -42.74 -37.74
N LYS A 260 -24.07 -43.38 -37.62
CA LYS A 260 -24.55 -44.27 -38.69
C LYS A 260 -24.78 -43.49 -39.98
N ALA A 261 -25.33 -42.28 -39.87
CA ALA A 261 -25.57 -41.47 -41.06
C ALA A 261 -24.25 -41.08 -41.75
N VAL A 262 -23.21 -40.80 -40.97
CA VAL A 262 -21.93 -40.46 -41.59
C VAL A 262 -21.22 -41.72 -42.08
N ALA A 263 -21.31 -42.81 -41.33
CA ALA A 263 -20.62 -44.04 -41.72
C ALA A 263 -21.20 -44.62 -43.01
N SER A 264 -22.53 -44.57 -43.16
CA SER A 264 -23.15 -45.14 -44.35
C SER A 264 -22.82 -44.35 -45.61
N LEU A 265 -22.35 -43.11 -45.47
CA LEU A 265 -21.96 -42.33 -46.64
C LEU A 265 -20.65 -42.79 -47.24
N ASP A 266 -19.84 -43.53 -46.48
CA ASP A 266 -18.60 -44.15 -46.96
C ASP A 266 -17.67 -43.10 -47.57
N LEU A 267 -17.18 -42.22 -46.70
CA LEU A 267 -16.28 -41.15 -47.14
C LEU A 267 -14.82 -41.59 -47.18
N GLY A 268 -14.46 -42.72 -46.59
CA GLY A 268 -13.09 -43.16 -46.59
C GLY A 268 -12.19 -42.43 -45.61
N LEU A 269 -12.76 -41.75 -44.62
CA LEU A 269 -11.98 -40.97 -43.66
C LEU A 269 -12.10 -41.56 -42.26
N PRO A 270 -11.09 -41.39 -41.41
CA PRO A 270 -11.24 -41.78 -40.01
C PRO A 270 -12.38 -41.01 -39.35
N LEU A 271 -13.16 -41.72 -38.54
CA LEU A 271 -14.39 -41.18 -37.95
C LEU A 271 -14.24 -41.17 -36.43
N VAL A 272 -14.16 -39.97 -35.85
CA VAL A 272 -14.03 -39.79 -34.41
C VAL A 272 -15.39 -39.39 -33.84
N ALA A 273 -15.75 -39.95 -32.69
CA ALA A 273 -17.00 -39.61 -32.02
C ALA A 273 -16.78 -39.61 -30.50
N GLY A 274 -17.35 -38.59 -29.84
CA GLY A 274 -17.29 -38.48 -28.40
C GLY A 274 -18.29 -37.46 -27.92
N ASN A 275 -18.36 -37.28 -26.60
CA ASN A 275 -17.46 -37.92 -25.65
C ASN A 275 -18.17 -38.88 -24.71
N VAL A 276 -17.46 -39.95 -24.32
CA VAL A 276 -17.94 -40.90 -23.32
C VAL A 276 -16.81 -41.14 -22.33
N VAL A 277 -17.15 -41.85 -21.24
CA VAL A 277 -16.17 -42.21 -20.22
C VAL A 277 -16.43 -43.62 -19.70
N SER A 278 -17.27 -44.38 -20.41
CA SER A 278 -17.60 -45.74 -20.01
C SER A 278 -17.21 -46.73 -21.11
N ALA A 279 -16.91 -47.96 -20.70
CA ALA A 279 -16.64 -49.01 -21.68
C ALA A 279 -17.85 -49.26 -22.57
N GLU A 280 -19.05 -49.24 -21.99
CA GLU A 280 -20.26 -49.45 -22.78
C GLU A 280 -20.43 -48.34 -23.82
N GLY A 281 -20.18 -47.10 -23.42
CA GLY A 281 -20.26 -46.00 -24.38
C GLY A 281 -19.27 -46.15 -25.51
N THR A 282 -18.06 -46.61 -25.20
CA THR A 282 -17.05 -46.81 -26.23
C THR A 282 -17.47 -47.87 -27.24
N ARG A 283 -18.07 -48.97 -26.76
CA ARG A 283 -18.48 -50.04 -27.67
C ARG A 283 -19.63 -49.59 -28.56
N ASP A 284 -20.59 -48.85 -28.00
CA ASP A 284 -21.74 -48.41 -28.77
C ASP A 284 -21.32 -47.45 -29.87
N LEU A 285 -20.34 -46.59 -29.60
CA LEU A 285 -19.91 -45.65 -30.63
C LEU A 285 -19.15 -46.37 -31.74
N ILE A 286 -18.33 -47.34 -31.39
CA ILE A 286 -17.56 -48.09 -32.39
C ILE A 286 -18.49 -48.95 -33.24
N GLU A 287 -19.48 -49.58 -32.60
CA GLU A 287 -20.44 -50.40 -33.35
C GLU A 287 -21.30 -49.56 -34.28
N ALA A 288 -21.59 -48.32 -33.90
CA ALA A 288 -22.35 -47.44 -34.78
C ALA A 288 -21.55 -47.03 -36.01
N GLY A 289 -20.23 -47.13 -35.97
CA GLY A 289 -19.41 -46.83 -37.13
C GLY A 289 -18.17 -46.00 -36.87
N ALA A 290 -17.93 -45.62 -35.62
CA ALA A 290 -16.75 -44.82 -35.31
C ALA A 290 -15.51 -45.70 -35.22
N SER A 291 -14.40 -45.21 -35.76
CA SER A 291 -13.12 -45.88 -35.60
C SER A 291 -12.32 -45.37 -34.41
N ILE A 292 -12.61 -44.15 -33.95
CA ILE A 292 -11.92 -43.54 -32.82
C ILE A 292 -12.96 -42.93 -31.89
N VAL A 293 -12.79 -43.13 -30.59
CA VAL A 293 -13.72 -42.65 -29.58
C VAL A 293 -13.04 -41.60 -28.74
N LYS A 294 -13.64 -40.41 -28.64
CA LYS A 294 -13.09 -39.32 -27.85
C LYS A 294 -13.59 -39.45 -26.42
N VAL A 295 -12.66 -39.43 -25.47
CA VAL A 295 -12.93 -39.76 -24.07
C VAL A 295 -12.73 -38.52 -23.22
N GLY A 296 -13.73 -38.20 -22.40
CA GLY A 296 -13.63 -37.11 -21.45
C GLY A 296 -14.92 -36.35 -21.25
N VAL A 297 -15.44 -36.39 -20.02
CA VAL A 297 -16.62 -35.64 -19.65
C VAL A 297 -16.29 -34.90 -18.36
N GLY A 298 -16.08 -33.58 -18.45
CA GLY A 298 -15.76 -32.80 -17.29
C GLY A 298 -14.38 -32.18 -17.16
N PRO A 299 -13.30 -32.88 -17.54
CA PRO A 299 -11.96 -32.41 -17.14
C PRO A 299 -11.47 -31.17 -17.88
N GLY A 300 -12.17 -30.74 -18.94
CA GLY A 300 -11.70 -29.58 -19.69
C GLY A 300 -11.56 -28.36 -18.80
N ALA A 301 -10.51 -27.57 -19.06
CA ALA A 301 -10.22 -26.40 -18.23
C ALA A 301 -11.33 -25.35 -18.30
N MET A 302 -12.12 -25.33 -19.36
CA MET A 302 -13.21 -24.39 -19.49
C MET A 302 -14.56 -24.96 -19.08
N CYS A 303 -14.61 -26.22 -18.63
CA CYS A 303 -15.88 -26.88 -18.35
C CYS A 303 -16.34 -26.63 -16.92
N THR A 304 -17.66 -26.49 -16.76
CA THR A 304 -18.29 -26.45 -15.45
C THR A 304 -19.26 -27.63 -15.26
N THR A 305 -19.16 -28.64 -16.13
CA THR A 305 -20.11 -29.75 -16.09
C THR A 305 -20.10 -30.46 -14.74
N ARG A 306 -18.91 -30.65 -14.16
CA ARG A 306 -18.82 -31.33 -12.86
C ARG A 306 -19.59 -30.59 -11.79
N MET A 307 -19.41 -29.27 -11.71
CA MET A 307 -20.05 -28.47 -10.67
C MET A 307 -21.53 -28.25 -10.93
N MET A 308 -21.97 -28.32 -12.19
CA MET A 308 -23.38 -28.13 -12.50
C MET A 308 -24.19 -29.41 -12.33
N THR A 309 -23.59 -30.56 -12.61
CA THR A 309 -24.33 -31.81 -12.67
C THR A 309 -23.81 -32.92 -11.78
N GLY A 310 -22.56 -32.84 -11.32
CA GLY A 310 -21.93 -33.98 -10.68
C GLY A 310 -21.51 -35.08 -11.63
N VAL A 311 -21.68 -34.90 -12.93
CA VAL A 311 -21.39 -35.91 -13.93
C VAL A 311 -19.96 -35.74 -14.42
N GLY A 312 -19.26 -36.84 -14.57
CA GLY A 312 -17.87 -36.84 -14.98
C GLY A 312 -17.16 -38.05 -14.44
N ARG A 313 -15.94 -38.25 -14.91
CA ARG A 313 -15.15 -39.37 -14.43
C ARG A 313 -13.69 -38.92 -14.40
N PRO A 314 -12.96 -39.24 -13.34
CA PRO A 314 -11.51 -38.97 -13.33
C PRO A 314 -10.84 -39.47 -14.59
N GLN A 315 -10.15 -38.58 -15.28
CA GLN A 315 -9.81 -38.81 -16.69
C GLN A 315 -8.89 -40.00 -16.87
N PHE A 316 -7.98 -40.26 -15.93
CA PHE A 316 -7.06 -41.38 -16.11
C PHE A 316 -7.81 -42.72 -16.12
N SER A 317 -8.67 -42.93 -15.12
CA SER A 317 -9.44 -44.18 -15.07
C SER A 317 -10.38 -44.30 -16.25
N ALA A 318 -10.93 -43.18 -16.73
CA ALA A 318 -11.82 -43.23 -17.90
C ALA A 318 -11.05 -43.65 -19.15
N VAL A 319 -9.84 -43.12 -19.34
CA VAL A 319 -9.04 -43.50 -20.50
C VAL A 319 -8.64 -44.97 -20.42
N VAL A 320 -8.28 -45.44 -19.22
CA VAL A 320 -7.87 -46.84 -19.08
C VAL A 320 -8.99 -47.79 -19.49
N GLU A 321 -10.20 -47.56 -18.96
CA GLU A 321 -11.30 -48.46 -19.26
C GLU A 321 -11.74 -48.34 -20.72
N CYS A 322 -11.80 -47.11 -21.24
CA CYS A 322 -12.30 -46.92 -22.59
C CYS A 322 -11.31 -47.43 -23.63
N ALA A 323 -10.01 -47.24 -23.39
CA ALA A 323 -9.01 -47.70 -24.36
C ALA A 323 -8.98 -49.21 -24.45
N ALA A 324 -9.17 -49.89 -23.32
CA ALA A 324 -9.23 -51.36 -23.35
C ALA A 324 -10.47 -51.84 -24.08
N ALA A 325 -11.60 -51.14 -23.92
CA ALA A 325 -12.81 -51.51 -24.65
C ALA A 325 -12.67 -51.27 -26.14
N ALA A 326 -12.04 -50.15 -26.51
CA ALA A 326 -11.79 -49.87 -27.92
C ALA A 326 -10.79 -50.86 -28.51
N ARG A 327 -9.78 -51.25 -27.73
CA ARG A 327 -8.78 -52.19 -28.21
C ARG A 327 -9.40 -53.53 -28.56
N GLN A 328 -10.36 -53.98 -27.74
CA GLN A 328 -11.04 -55.25 -28.00
C GLN A 328 -11.71 -55.27 -29.36
N LEU A 329 -12.22 -54.12 -29.82
CA LEU A 329 -12.93 -54.02 -31.09
C LEU A 329 -12.06 -53.50 -32.21
N GLY A 330 -10.75 -53.40 -32.00
CA GLY A 330 -9.86 -52.87 -33.02
C GLY A 330 -9.92 -51.37 -33.20
N GLY A 331 -10.53 -50.65 -32.25
CA GLY A 331 -10.62 -49.20 -32.32
C GLY A 331 -9.57 -48.51 -31.47
N HIS A 332 -9.70 -47.18 -31.39
CA HIS A 332 -8.74 -46.35 -30.68
C HIS A 332 -9.49 -45.29 -29.88
N VAL A 333 -8.76 -44.63 -29.00
CA VAL A 333 -9.34 -43.68 -28.05
C VAL A 333 -8.47 -42.42 -28.01
N TRP A 334 -9.10 -41.26 -28.06
CA TRP A 334 -8.44 -39.98 -27.85
C TRP A 334 -8.74 -39.48 -26.44
N ALA A 335 -7.68 -39.09 -25.72
CA ALA A 335 -7.82 -38.49 -24.39
C ALA A 335 -8.06 -36.99 -24.55
N ASP A 336 -9.27 -36.55 -24.20
CA ASP A 336 -9.71 -35.18 -24.48
C ASP A 336 -9.97 -34.45 -23.16
N GLY A 337 -9.11 -33.50 -22.84
CA GLY A 337 -9.38 -32.58 -21.75
C GLY A 337 -8.45 -32.79 -20.57
N GLY A 338 -8.20 -31.70 -19.84
CA GLY A 338 -7.48 -31.75 -18.58
C GLY A 338 -5.97 -31.74 -18.67
N VAL A 339 -5.41 -31.53 -19.85
CA VAL A 339 -3.96 -31.54 -20.01
C VAL A 339 -3.40 -30.21 -19.52
N ARG A 340 -2.56 -30.25 -18.48
CA ARG A 340 -1.89 -29.07 -17.94
C ARG A 340 -0.38 -29.12 -18.11
N HIS A 341 0.22 -30.30 -18.09
CA HIS A 341 1.66 -30.47 -18.12
C HIS A 341 1.98 -31.66 -19.01
N PRO A 342 3.25 -31.79 -19.44
CA PRO A 342 3.60 -32.93 -20.30
C PRO A 342 3.33 -34.28 -19.67
N ARG A 343 3.38 -34.38 -18.34
CA ARG A 343 3.09 -35.66 -17.69
C ARG A 343 1.67 -36.12 -17.99
N ASP A 344 0.74 -35.19 -18.18
CA ASP A 344 -0.63 -35.55 -18.52
C ASP A 344 -0.70 -36.23 -19.87
N VAL A 345 0.05 -35.71 -20.85
CA VAL A 345 0.12 -36.36 -22.16
C VAL A 345 0.74 -37.74 -22.04
N ALA A 346 1.82 -37.86 -21.26
CA ALA A 346 2.52 -39.14 -21.15
C ALA A 346 1.65 -40.18 -20.45
N LEU A 347 0.95 -39.79 -19.39
CA LEU A 347 0.12 -40.74 -18.65
C LEU A 347 -1.11 -41.17 -19.45
N ALA A 348 -1.64 -40.27 -20.29
CA ALA A 348 -2.77 -40.64 -21.14
C ALA A 348 -2.36 -41.69 -22.17
N LEU A 349 -1.18 -41.52 -22.77
CA LEU A 349 -0.68 -42.54 -23.69
C LEU A 349 -0.35 -43.84 -22.96
N ALA A 350 0.17 -43.74 -21.74
CA ALA A 350 0.41 -44.93 -20.95
C ALA A 350 -0.89 -45.63 -20.57
N ALA A 351 -1.99 -44.88 -20.46
CA ALA A 351 -3.29 -45.48 -20.16
C ALA A 351 -3.90 -46.19 -21.35
N GLY A 352 -3.34 -46.01 -22.56
CA GLY A 352 -3.84 -46.68 -23.75
C GLY A 352 -4.40 -45.77 -24.82
N ALA A 353 -4.46 -44.46 -24.62
CA ALA A 353 -4.94 -43.57 -25.67
C ALA A 353 -3.95 -43.52 -26.82
N SER A 354 -4.47 -43.37 -28.04
CA SER A 354 -3.64 -43.25 -29.23
C SER A 354 -3.28 -41.81 -29.56
N ASN A 355 -4.03 -40.84 -29.04
CA ASN A 355 -3.80 -39.43 -29.28
C ASN A 355 -4.35 -38.65 -28.10
N VAL A 356 -3.80 -37.45 -27.89
CA VAL A 356 -4.19 -36.59 -26.79
C VAL A 356 -4.67 -35.27 -27.37
N MET A 357 -5.89 -34.87 -27.04
CA MET A 357 -6.47 -33.62 -27.51
C MET A 357 -6.24 -32.52 -26.48
N ILE A 358 -5.72 -31.39 -26.93
CA ILE A 358 -5.34 -30.28 -26.06
C ILE A 358 -6.06 -29.02 -26.54
N GLY A 359 -6.63 -28.29 -25.60
CA GLY A 359 -7.39 -27.10 -25.95
C GLY A 359 -6.87 -25.81 -25.33
N SER A 360 -7.30 -25.52 -24.10
CA SER A 360 -7.03 -24.22 -23.47
C SER A 360 -5.53 -23.92 -23.40
N TRP A 361 -4.71 -24.94 -23.19
CA TRP A 361 -3.27 -24.72 -23.04
C TRP A 361 -2.70 -24.00 -24.26
N PHE A 362 -3.18 -24.33 -25.46
CA PHE A 362 -2.65 -23.73 -26.68
C PHE A 362 -3.29 -22.39 -27.00
N ALA A 363 -4.25 -21.92 -26.20
CA ALA A 363 -4.82 -20.60 -26.44
C ALA A 363 -3.81 -19.51 -26.09
N GLY A 364 -2.96 -19.75 -25.10
CA GLY A 364 -1.94 -18.79 -24.73
C GLY A 364 -0.70 -18.89 -25.59
N THR A 365 -0.87 -18.81 -26.91
CA THR A 365 0.24 -18.83 -27.84
C THR A 365 0.02 -17.77 -28.91
N TYR A 366 1.10 -17.46 -29.65
CA TYR A 366 1.01 -16.47 -30.71
C TYR A 366 0.08 -16.92 -31.83
N GLU A 367 0.02 -18.22 -32.11
CA GLU A 367 -0.66 -18.73 -33.29
C GLU A 367 -2.15 -18.95 -33.08
N SER A 368 -2.67 -18.83 -31.86
CA SER A 368 -4.09 -19.01 -31.65
C SER A 368 -4.87 -17.81 -32.23
N PRO A 369 -6.13 -18.00 -32.60
CA PRO A 369 -6.85 -16.95 -33.33
C PRO A 369 -7.08 -15.67 -32.54
N GLY A 370 -7.04 -15.72 -31.21
CA GLY A 370 -7.37 -14.56 -30.41
C GLY A 370 -6.33 -13.46 -30.52
N ASP A 371 -6.77 -12.24 -30.22
CA ASP A 371 -5.85 -11.12 -30.16
C ASP A 371 -5.01 -11.19 -28.89
N LEU A 372 -3.76 -10.72 -28.99
CA LEU A 372 -2.87 -10.70 -27.84
C LEU A 372 -3.20 -9.50 -26.95
N LEU A 373 -3.38 -9.75 -25.66
CA LEU A 373 -3.77 -8.73 -24.70
C LEU A 373 -2.72 -8.65 -23.59
N PHE A 374 -2.80 -7.58 -22.80
CA PHE A 374 -1.87 -7.34 -21.70
C PHE A 374 -2.64 -6.89 -20.47
N ASP A 375 -2.26 -7.43 -19.32
CA ASP A 375 -2.87 -7.06 -18.05
C ASP A 375 -2.27 -5.76 -17.54
N ARG A 376 -2.60 -5.39 -16.30
CA ARG A 376 -2.04 -4.17 -15.72
C ARG A 376 -0.54 -4.29 -15.50
N ASP A 377 -0.03 -5.50 -15.31
CA ASP A 377 1.39 -5.74 -15.13
C ASP A 377 2.12 -5.98 -16.46
N ASP A 378 1.49 -5.65 -17.59
CA ASP A 378 2.09 -5.82 -18.92
C ASP A 378 2.44 -7.28 -19.21
N ARG A 379 1.74 -8.22 -18.58
CA ARG A 379 1.95 -9.62 -18.91
C ARG A 379 1.08 -10.02 -20.11
N PRO A 380 1.64 -10.72 -21.10
CA PRO A 380 0.84 -11.11 -22.26
C PRO A 380 -0.10 -12.27 -21.93
N TYR A 381 -1.30 -12.23 -22.51
CA TYR A 381 -2.25 -13.31 -22.32
C TYR A 381 -3.25 -13.29 -23.46
N LYS A 382 -3.97 -14.41 -23.62
CA LYS A 382 -5.04 -14.51 -24.59
C LYS A 382 -6.27 -15.11 -23.92
N GLU A 383 -7.43 -14.80 -24.48
CA GLU A 383 -8.69 -15.30 -23.96
C GLU A 383 -8.93 -16.74 -24.38
N SER A 384 -9.58 -17.50 -23.49
CA SER A 384 -10.07 -18.83 -23.81
C SER A 384 -11.46 -18.99 -23.21
N TYR A 385 -12.26 -19.83 -23.84
CA TYR A 385 -13.65 -20.00 -23.43
C TYR A 385 -14.16 -21.34 -23.96
N GLY A 386 -15.16 -21.89 -23.26
CA GLY A 386 -15.72 -23.15 -23.67
C GLY A 386 -16.72 -23.01 -24.82
N MET A 387 -16.88 -24.11 -25.56
CA MET A 387 -17.79 -24.14 -26.69
C MET A 387 -19.25 -24.31 -26.27
N ALA A 388 -19.53 -24.39 -24.96
CA ALA A 388 -20.91 -24.46 -24.48
C ALA A 388 -21.21 -23.35 -23.48
N SER A 389 -20.48 -22.24 -23.54
CA SER A 389 -20.69 -21.12 -22.63
C SER A 389 -21.70 -20.15 -23.23
N LYS A 390 -22.05 -19.11 -22.46
CA LYS A 390 -22.97 -18.10 -22.95
C LYS A 390 -22.41 -17.37 -24.16
N ARG A 391 -21.09 -17.15 -24.19
CA ARG A 391 -20.49 -16.45 -25.32
C ARG A 391 -20.55 -17.30 -26.58
N ALA A 392 -20.20 -18.59 -26.49
CA ALA A 392 -20.17 -19.44 -27.67
C ALA A 392 -21.58 -19.76 -28.17
N VAL A 393 -22.51 -20.02 -27.25
CA VAL A 393 -23.87 -20.36 -27.64
C VAL A 393 -24.54 -19.16 -28.33
N ALA A 394 -24.21 -17.94 -27.90
CA ALA A 394 -24.79 -16.76 -28.52
C ALA A 394 -24.39 -16.66 -29.99
N ALA A 395 -23.11 -16.89 -30.28
CA ALA A 395 -22.65 -16.80 -31.66
C ALA A 395 -23.18 -17.95 -32.51
N ARG A 396 -23.45 -19.11 -31.89
CA ARG A 396 -23.91 -20.28 -32.64
C ARG A 396 -25.41 -20.24 -32.90
N THR A 397 -26.18 -19.52 -32.08
CA THR A 397 -27.63 -19.48 -32.19
C THR A 397 -28.13 -18.06 -32.45
N ALA A 398 -27.28 -17.22 -33.06
CA ALA A 398 -27.62 -15.80 -33.22
C ALA A 398 -28.79 -15.58 -34.18
N GLY A 399 -29.03 -16.51 -35.09
CA GLY A 399 -30.11 -16.36 -36.06
C GLY A 399 -31.46 -16.86 -35.62
N ASP A 400 -31.58 -17.34 -34.38
CA ASP A 400 -32.86 -17.79 -33.87
C ASP A 400 -33.65 -16.62 -33.26
N SER A 401 -34.91 -16.88 -32.96
CA SER A 401 -35.77 -15.86 -32.39
C SER A 401 -35.34 -15.55 -30.96
N SER A 402 -35.71 -14.34 -30.50
CA SER A 402 -35.36 -13.94 -29.15
C SER A 402 -36.04 -14.81 -28.09
N PHE A 403 -37.19 -15.38 -28.41
CA PHE A 403 -37.86 -16.27 -27.48
C PHE A 403 -37.09 -17.57 -27.30
N ASP A 404 -36.59 -18.15 -28.40
CA ASP A 404 -35.86 -19.40 -28.30
C ASP A 404 -34.49 -19.21 -27.66
N ARG A 405 -33.81 -18.11 -28.01
CA ARG A 405 -32.53 -17.81 -27.39
C ARG A 405 -32.66 -17.57 -25.90
N ALA A 406 -33.81 -17.06 -25.46
CA ALA A 406 -34.04 -16.88 -24.02
C ALA A 406 -34.21 -18.22 -23.33
N ARG A 407 -35.03 -19.11 -23.91
CA ARG A 407 -35.22 -20.43 -23.33
C ARG A 407 -33.90 -21.20 -23.28
N LYS A 408 -33.16 -21.18 -24.39
CA LYS A 408 -31.88 -21.89 -24.44
C LYS A 408 -30.85 -21.29 -23.48
N GLY A 409 -31.02 -20.03 -23.09
CA GLY A 409 -30.15 -19.42 -22.11
C GLY A 409 -30.17 -20.08 -20.74
N LEU A 410 -31.11 -20.99 -20.50
CA LEU A 410 -31.18 -21.70 -19.23
C LEU A 410 -29.93 -22.52 -18.97
N PHE A 411 -29.32 -23.08 -20.02
CA PHE A 411 -28.21 -24.01 -19.88
C PHE A 411 -26.89 -23.31 -20.17
N GLU A 412 -25.90 -23.54 -19.32
CA GLU A 412 -24.55 -23.03 -19.52
C GLU A 412 -23.59 -23.94 -18.76
N GLU A 413 -22.77 -24.69 -19.48
CA GLU A 413 -21.81 -25.61 -18.88
C GLU A 413 -20.39 -25.27 -19.32
N GLY A 414 -20.10 -23.99 -19.50
CA GLY A 414 -18.77 -23.55 -19.85
C GLY A 414 -18.55 -22.12 -19.41
N ILE A 415 -17.28 -21.78 -19.21
CA ILE A 415 -16.91 -20.41 -18.84
C ILE A 415 -16.80 -19.58 -20.11
N SER A 416 -17.22 -18.32 -20.03
CA SER A 416 -17.26 -17.44 -21.20
C SER A 416 -16.01 -16.59 -21.37
N THR A 417 -15.09 -16.59 -20.40
CA THR A 417 -13.83 -15.88 -20.56
C THR A 417 -12.82 -16.40 -19.55
N SER A 418 -11.56 -16.49 -19.99
CA SER A 418 -10.47 -16.97 -19.16
C SER A 418 -9.17 -16.37 -19.66
N ARG A 419 -8.24 -16.12 -18.74
CA ARG A 419 -6.95 -15.52 -19.07
C ARG A 419 -5.89 -16.61 -19.10
N MET A 420 -5.41 -16.93 -20.30
CA MET A 420 -4.33 -17.91 -20.49
C MET A 420 -3.06 -17.13 -20.78
N SER A 421 -2.09 -17.20 -19.86
CA SER A 421 -0.87 -16.43 -19.98
C SER A 421 0.07 -17.07 -21.00
N LEU A 422 0.77 -16.21 -21.75
CA LEU A 422 1.85 -16.64 -22.62
C LEU A 422 3.16 -16.64 -21.83
N ASP A 423 3.94 -17.69 -22.03
CA ASP A 423 5.29 -17.71 -21.46
C ASP A 423 6.07 -16.55 -22.04
N PRO A 424 6.55 -15.61 -21.21
CA PRO A 424 7.19 -14.40 -21.75
C PRO A 424 8.37 -14.70 -22.65
N ALA A 425 9.03 -15.84 -22.47
CA ALA A 425 10.16 -16.22 -23.32
C ALA A 425 9.69 -17.04 -24.52
N ARG A 426 9.02 -18.16 -24.27
CA ARG A 426 8.63 -19.12 -25.31
C ARG A 426 7.11 -19.09 -25.46
N GLY A 427 6.63 -18.10 -26.23
CA GLY A 427 5.20 -17.90 -26.41
C GLY A 427 4.58 -18.58 -27.62
N GLY A 428 5.35 -19.35 -28.37
CA GLY A 428 4.82 -20.01 -29.56
C GLY A 428 4.33 -21.42 -29.27
N VAL A 429 3.39 -21.89 -30.10
CA VAL A 429 2.84 -23.22 -29.89
C VAL A 429 3.90 -24.28 -30.14
N GLU A 430 4.89 -23.99 -30.99
CA GLU A 430 5.97 -24.94 -31.22
C GLU A 430 6.87 -25.08 -29.99
N ASP A 431 6.98 -24.03 -29.18
CA ASP A 431 7.71 -24.14 -27.92
C ASP A 431 7.01 -25.11 -26.98
N LEU A 432 5.67 -25.13 -26.99
CA LEU A 432 4.95 -26.06 -26.14
C LEU A 432 5.07 -27.49 -26.68
N LEU A 433 5.06 -27.65 -28.00
CA LEU A 433 5.25 -28.97 -28.60
C LEU A 433 6.61 -29.54 -28.23
N ASP A 434 7.64 -28.70 -28.20
CA ASP A 434 8.94 -29.13 -27.70
C ASP A 434 8.83 -29.59 -26.26
N HIS A 435 8.16 -28.79 -25.43
CA HIS A 435 7.99 -29.12 -24.02
C HIS A 435 7.25 -30.44 -23.86
N ILE A 436 6.16 -30.64 -24.61
CA ILE A 436 5.35 -31.83 -24.45
C ILE A 436 6.08 -33.06 -24.98
N THR A 437 6.59 -32.99 -26.21
CA THR A 437 7.21 -34.17 -26.82
C THR A 437 8.52 -34.55 -26.13
N SER A 438 9.26 -33.57 -25.59
CA SER A 438 10.47 -33.94 -24.86
C SER A 438 10.14 -34.74 -23.60
N GLY A 439 9.00 -34.44 -22.96
CA GLY A 439 8.59 -35.22 -21.81
C GLY A 439 8.13 -36.61 -22.17
N VAL A 440 7.39 -36.74 -23.27
CA VAL A 440 6.91 -38.05 -23.70
C VAL A 440 8.07 -38.94 -24.12
N ARG A 441 9.07 -38.37 -24.80
CA ARG A 441 10.24 -39.15 -25.19
C ARG A 441 11.01 -39.66 -23.98
N SER A 442 11.13 -38.84 -22.94
CA SER A 442 11.82 -39.28 -21.73
C SER A 442 11.02 -40.37 -21.01
N THR A 443 9.69 -40.25 -21.00
CA THR A 443 8.86 -41.31 -20.43
C THR A 443 9.09 -42.63 -21.15
N CYS A 444 9.20 -42.58 -22.48
CA CYS A 444 9.36 -43.81 -23.25
C CYS A 444 10.70 -44.49 -22.94
N THR A 445 11.78 -43.71 -22.79
CA THR A 445 13.06 -44.31 -22.44
C THR A 445 13.10 -44.77 -20.99
N TYR A 446 12.38 -44.08 -20.10
CA TYR A 446 12.30 -44.53 -18.71
C TYR A 446 11.66 -45.91 -18.61
N VAL A 447 10.61 -46.16 -19.40
CA VAL A 447 9.94 -47.46 -19.35
C VAL A 447 10.64 -48.49 -20.24
N GLY A 448 11.51 -48.05 -21.15
CA GLY A 448 12.17 -48.96 -22.06
C GLY A 448 11.50 -49.11 -23.40
N ALA A 449 10.65 -48.16 -23.79
CA ALA A 449 9.88 -48.25 -25.01
C ALA A 449 10.49 -47.39 -26.10
N ALA A 450 10.54 -47.93 -27.31
CA ALA A 450 11.03 -47.20 -28.46
C ALA A 450 9.91 -46.56 -29.27
N ASN A 451 8.65 -46.82 -28.93
CA ASN A 451 7.50 -46.28 -29.65
C ASN A 451 6.31 -46.27 -28.71
N LEU A 452 5.21 -45.70 -29.19
CA LEU A 452 4.00 -45.54 -28.38
C LEU A 452 3.30 -46.87 -28.09
N PRO A 453 3.18 -47.80 -29.05
CA PRO A 453 2.67 -49.13 -28.70
C PRO A 453 3.46 -49.81 -27.60
N GLU A 454 4.79 -49.71 -27.63
CA GLU A 454 5.60 -50.30 -26.57
C GLU A 454 5.41 -49.57 -25.25
N LEU A 455 5.08 -48.27 -25.29
CA LEU A 455 4.84 -47.54 -24.05
C LEU A 455 3.66 -48.13 -23.29
N HIS A 456 2.51 -48.26 -23.96
CA HIS A 456 1.34 -48.84 -23.33
C HIS A 456 1.56 -50.31 -22.97
N GLU A 457 2.46 -50.99 -23.70
CA GLU A 457 2.69 -52.41 -23.49
C GLU A 457 3.60 -52.67 -22.30
N LYS A 458 4.60 -51.82 -22.08
CA LYS A 458 5.64 -52.08 -21.07
C LYS A 458 5.48 -51.28 -19.79
N VAL A 459 4.57 -50.30 -19.74
CA VAL A 459 4.54 -49.37 -18.62
C VAL A 459 4.03 -50.07 -17.37
N VAL A 460 4.66 -49.76 -16.23
CA VAL A 460 4.20 -50.19 -14.92
C VAL A 460 3.83 -48.93 -14.13
N LEU A 461 2.66 -48.93 -13.52
CA LEU A 461 2.12 -47.75 -12.86
C LEU A 461 1.97 -48.00 -11.36
N GLY A 462 1.87 -46.89 -10.62
CA GLY A 462 1.59 -46.96 -9.21
C GLY A 462 0.64 -45.84 -8.81
N VAL A 463 0.01 -46.02 -7.66
CA VAL A 463 -0.91 -45.03 -7.10
C VAL A 463 -0.22 -44.32 -5.96
N GLN A 464 -0.50 -43.02 -5.80
CA GLN A 464 0.12 -42.21 -4.77
C GLN A 464 -0.93 -41.32 -4.12
N SER A 465 -0.60 -40.84 -2.93
CA SER A 465 -1.41 -39.82 -2.27
C SER A 465 -1.00 -38.44 -2.78
N ALA A 466 -1.68 -37.40 -2.27
CA ALA A 466 -1.34 -36.04 -2.67
C ALA A 466 0.07 -35.66 -2.24
N ALA A 467 0.59 -36.30 -1.18
CA ALA A 467 1.98 -36.06 -0.79
C ALA A 467 2.96 -36.60 -1.83
N GLY A 468 2.61 -37.70 -2.49
CA GLY A 468 3.47 -38.22 -3.55
C GLY A 468 3.55 -37.29 -4.74
N PHE A 469 2.41 -36.71 -5.14
CA PHE A 469 2.41 -35.76 -6.25
C PHE A 469 3.24 -34.53 -5.92
N ALA A 470 3.32 -34.15 -4.64
CA ALA A 470 4.05 -32.95 -4.25
C ALA A 470 5.56 -33.13 -4.32
N GLU A 471 6.06 -34.36 -4.34
CA GLU A 471 7.49 -34.61 -4.41
C GLU A 471 8.07 -34.04 -5.71
N GLY A 472 9.11 -33.23 -5.58
CA GLY A 472 9.70 -32.53 -6.70
C GLY A 472 9.30 -31.06 -6.73
N HIS A 473 9.82 -30.35 -7.73
CA HIS A 473 9.45 -28.96 -7.90
C HIS A 473 8.50 -28.78 -9.08
N PRO A 474 7.54 -27.86 -8.99
CA PRO A 474 6.62 -27.59 -10.11
C PRO A 474 7.28 -26.79 -11.24
N VAL B 2 11.12 -54.16 7.60
CA VAL B 2 10.47 -53.22 8.52
C VAL B 2 9.08 -53.73 8.89
N ARG B 3 8.67 -53.43 10.11
CA ARG B 3 7.36 -53.83 10.62
C ARG B 3 6.41 -52.64 10.57
N PHE B 4 5.22 -52.86 10.03
CA PHE B 4 4.15 -51.88 10.07
C PHE B 4 3.07 -52.35 11.04
N LEU B 5 2.35 -51.39 11.61
CA LEU B 5 1.22 -51.70 12.48
C LEU B 5 0.21 -52.57 11.73
N ASP B 6 -0.54 -53.36 12.49
CA ASP B 6 -1.54 -54.26 11.92
C ASP B 6 -2.54 -53.51 11.05
N GLY B 7 -2.74 -54.01 9.83
CA GLY B 7 -3.70 -53.44 8.92
C GLY B 7 -3.21 -52.26 8.11
N HIS B 8 -2.00 -51.76 8.39
CA HIS B 8 -1.46 -50.60 7.66
C HIS B 8 -0.80 -51.07 6.36
N THR B 9 -1.65 -51.50 5.43
CA THR B 9 -1.22 -51.95 4.11
C THR B 9 -1.99 -51.15 3.07
N PRO B 10 -1.61 -49.89 2.84
CA PRO B 10 -2.39 -49.03 1.94
C PRO B 10 -2.25 -49.47 0.49
N ALA B 11 -3.23 -49.03 -0.31
CA ALA B 11 -3.26 -49.31 -1.74
C ALA B 11 -2.52 -48.25 -2.56
N TYR B 12 -1.38 -47.78 -2.05
CA TYR B 12 -0.59 -46.76 -2.72
C TYR B 12 0.80 -46.74 -2.09
N ASP B 13 1.73 -46.07 -2.77
CA ASP B 13 3.10 -45.93 -2.27
C ASP B 13 3.23 -44.67 -1.41
N LEU B 14 4.21 -44.71 -0.50
CA LEU B 14 4.28 -43.75 0.60
C LEU B 14 5.49 -42.84 0.46
N THR B 15 5.30 -41.57 0.78
CA THR B 15 6.38 -40.61 0.96
C THR B 15 6.74 -40.54 2.43
N TYR B 16 7.77 -39.74 2.74
CA TYR B 16 8.15 -39.52 4.13
C TYR B 16 7.00 -38.91 4.93
N ASN B 17 6.17 -38.09 4.29
CA ASN B 17 5.04 -37.45 4.96
C ASN B 17 3.94 -38.44 5.32
N ASP B 18 3.85 -39.57 4.62
CA ASP B 18 2.76 -40.52 4.81
C ASP B 18 2.96 -41.46 5.99
N VAL B 19 4.14 -41.45 6.62
CA VAL B 19 4.49 -42.48 7.61
C VAL B 19 4.91 -41.84 8.92
N PHE B 20 4.92 -42.65 9.97
CA PHE B 20 5.40 -42.23 11.28
C PHE B 20 6.01 -43.43 11.99
N VAL B 21 6.82 -43.15 13.01
CA VAL B 21 7.47 -44.16 13.81
C VAL B 21 6.77 -44.22 15.17
N VAL B 22 6.42 -45.41 15.62
CA VAL B 22 5.85 -45.63 16.94
C VAL B 22 6.97 -46.06 17.88
N PRO B 23 7.15 -45.40 19.02
CA PRO B 23 8.26 -45.77 19.91
C PRO B 23 8.05 -47.13 20.55
N GLY B 24 9.17 -47.73 20.97
CA GLY B 24 9.16 -48.99 21.66
C GLY B 24 9.93 -48.92 22.97
N ARG B 25 10.08 -50.05 23.66
CA ARG B 25 10.78 -50.08 24.93
C ARG B 25 12.27 -49.82 24.72
N SER B 26 12.84 -48.93 25.51
CA SER B 26 14.21 -48.48 25.29
C SER B 26 14.99 -48.52 26.60
N ASP B 27 16.23 -48.98 26.54
CA ASP B 27 17.16 -48.86 27.66
C ASP B 27 18.32 -47.93 27.35
N VAL B 28 18.33 -47.27 26.20
CA VAL B 28 19.39 -46.33 25.86
C VAL B 28 19.24 -45.11 26.75
N ALA B 29 20.17 -44.93 27.69
CA ALA B 29 20.03 -43.90 28.71
C ALA B 29 20.14 -42.50 28.13
N SER B 30 20.98 -42.30 27.11
CA SER B 30 21.21 -40.97 26.56
C SER B 30 21.28 -41.04 25.05
N ARG B 31 20.85 -39.95 24.40
CA ARG B 31 20.96 -39.84 22.95
C ARG B 31 22.41 -39.70 22.50
N PHE B 32 23.32 -39.35 23.41
CA PHE B 32 24.75 -39.35 23.11
C PHE B 32 25.35 -40.75 23.13
N ASP B 33 24.61 -41.75 23.59
CA ASP B 33 25.05 -43.14 23.54
C ASP B 33 24.84 -43.78 22.17
N VAL B 34 24.09 -43.14 21.28
CA VAL B 34 23.79 -43.73 19.98
C VAL B 34 25.02 -43.65 19.09
N ASP B 35 25.33 -44.75 18.41
CA ASP B 35 26.41 -44.80 17.43
C ASP B 35 25.81 -44.58 16.05
N LEU B 36 26.19 -43.48 15.40
CA LEU B 36 25.66 -43.09 14.10
C LEU B 36 26.51 -43.56 12.92
N SER B 37 27.54 -44.36 13.18
CA SER B 37 28.43 -44.81 12.10
C SER B 37 27.69 -45.71 11.13
N THR B 38 28.09 -45.64 9.86
CA THR B 38 27.49 -46.42 8.80
C THR B 38 28.30 -47.68 8.53
N VAL B 39 27.68 -48.63 7.84
CA VAL B 39 28.25 -49.95 7.60
C VAL B 39 28.32 -50.28 6.12
N ASP B 40 28.25 -49.28 5.24
CA ASP B 40 28.21 -49.52 3.80
C ASP B 40 29.58 -49.38 3.15
N GLY B 41 30.65 -49.17 3.94
CA GLY B 41 31.97 -48.98 3.38
C GLY B 41 32.28 -47.57 2.98
N SER B 42 31.36 -46.62 3.14
CA SER B 42 31.65 -45.23 2.82
C SER B 42 32.60 -44.59 3.81
N GLY B 43 32.68 -45.13 5.03
CA GLY B 43 33.52 -44.57 6.06
C GLY B 43 32.91 -43.42 6.84
N THR B 44 31.66 -43.07 6.57
CA THR B 44 31.03 -41.98 7.29
C THR B 44 30.67 -42.41 8.70
N THR B 45 30.83 -41.49 9.65
CA THR B 45 30.43 -41.72 11.04
C THR B 45 29.11 -41.06 11.38
N ILE B 46 28.54 -40.27 10.46
CA ILE B 46 27.15 -39.86 10.52
C ILE B 46 26.52 -40.23 9.18
N PRO B 47 25.21 -40.52 9.13
CA PRO B 47 24.58 -40.99 7.89
C PRO B 47 24.19 -39.87 6.92
N VAL B 48 25.16 -39.02 6.58
CA VAL B 48 24.94 -37.85 5.74
C VAL B 48 25.95 -37.85 4.60
N VAL B 49 25.46 -37.80 3.37
CA VAL B 49 26.30 -37.65 2.18
C VAL B 49 25.81 -36.41 1.43
N VAL B 50 26.77 -35.59 0.98
CA VAL B 50 26.43 -34.36 0.26
C VAL B 50 26.39 -34.67 -1.23
N ALA B 51 25.33 -34.22 -1.89
CA ALA B 51 25.06 -34.60 -3.27
C ALA B 51 26.08 -34.01 -4.25
N ASN B 52 26.31 -34.74 -5.33
CA ASN B 52 27.24 -34.32 -6.39
C ASN B 52 26.57 -33.26 -7.27
N MET B 53 26.31 -32.11 -6.65
CA MET B 53 25.69 -30.96 -7.30
C MET B 53 26.64 -29.79 -7.23
N THR B 54 26.85 -29.13 -8.37
CA THR B 54 27.84 -28.04 -8.43
C THR B 54 27.47 -26.87 -7.52
N ALA B 55 26.20 -26.71 -7.16
CA ALA B 55 25.80 -25.65 -6.26
C ALA B 55 26.04 -25.99 -4.79
N VAL B 56 26.50 -27.20 -4.49
CA VAL B 56 26.63 -27.66 -3.10
C VAL B 56 28.02 -28.19 -2.82
N ALA B 57 28.59 -28.96 -3.75
CA ALA B 57 29.77 -29.78 -3.47
C ALA B 57 31.04 -29.05 -3.90
N GLY B 58 31.55 -28.20 -3.02
CA GLY B 58 32.82 -27.54 -3.20
C GLY B 58 33.81 -27.93 -2.12
N ARG B 59 35.01 -27.35 -2.22
CA ARG B 59 36.09 -27.75 -1.32
C ARG B 59 35.82 -27.32 0.12
N ARG B 60 35.23 -26.13 0.32
CA ARG B 60 34.89 -25.72 1.68
C ARG B 60 33.83 -26.63 2.27
N MET B 61 32.86 -27.05 1.46
CA MET B 61 31.86 -28.01 1.92
C MET B 61 32.50 -29.36 2.23
N ALA B 62 33.38 -29.83 1.35
CA ALA B 62 34.00 -31.14 1.52
C ALA B 62 34.81 -31.21 2.82
N GLU B 63 35.55 -30.15 3.12
CA GLU B 63 36.35 -30.14 4.35
C GLU B 63 35.46 -30.14 5.59
N THR B 64 34.45 -29.27 5.61
CA THR B 64 33.66 -29.06 6.81
C THR B 64 32.84 -30.30 7.17
N VAL B 65 32.22 -30.91 6.16
CA VAL B 65 31.35 -32.07 6.41
C VAL B 65 32.18 -33.30 6.79
N ALA B 66 33.31 -33.51 6.09
CA ALA B 66 34.11 -34.69 6.37
C ALA B 66 34.70 -34.65 7.77
N ARG B 67 35.02 -33.45 8.28
CA ARG B 67 35.50 -33.34 9.66
C ARG B 67 34.44 -33.77 10.66
N ARG B 68 33.16 -33.56 10.33
CA ARG B 68 32.07 -33.92 11.22
C ARG B 68 31.51 -35.31 10.93
N GLY B 69 32.08 -36.05 9.99
CA GLY B 69 31.74 -37.44 9.78
C GLY B 69 31.04 -37.76 8.47
N GLY B 70 30.59 -36.77 7.71
CA GLY B 70 29.96 -37.02 6.44
C GLY B 70 31.00 -37.14 5.33
N ILE B 71 30.50 -37.10 4.09
CA ILE B 71 31.38 -37.13 2.92
C ILE B 71 30.71 -36.37 1.78
N VAL B 72 31.52 -35.67 0.99
CA VAL B 72 31.06 -34.88 -0.15
C VAL B 72 31.45 -35.61 -1.43
N VAL B 73 30.51 -35.73 -2.35
CA VAL B 73 30.77 -36.31 -3.67
C VAL B 73 30.98 -35.15 -4.65
N LEU B 74 32.21 -35.02 -5.15
CA LEU B 74 32.49 -33.96 -6.12
C LEU B 74 31.68 -34.20 -7.40
N PRO B 75 31.17 -33.15 -8.02
CA PRO B 75 30.35 -33.34 -9.23
C PRO B 75 31.17 -33.88 -10.39
N GLN B 76 30.46 -34.56 -11.30
CA GLN B 76 31.10 -35.19 -12.45
C GLN B 76 31.56 -34.20 -13.51
N ASP B 77 31.10 -32.96 -13.45
CA ASP B 77 31.52 -31.94 -14.41
C ASP B 77 32.88 -31.33 -14.07
N LEU B 78 33.47 -31.71 -12.96
CA LEU B 78 34.70 -31.06 -12.51
C LEU B 78 35.90 -31.61 -13.29
N PRO B 79 36.72 -30.74 -13.88
CA PRO B 79 37.94 -31.21 -14.55
C PRO B 79 38.88 -31.90 -13.58
N ILE B 80 39.60 -32.90 -14.09
CA ILE B 80 40.46 -33.73 -13.23
C ILE B 80 41.52 -32.90 -12.54
N THR B 81 41.95 -31.79 -13.16
CA THR B 81 42.91 -30.91 -12.51
C THR B 81 42.30 -30.24 -11.29
N ALA B 82 41.07 -29.73 -11.41
CA ALA B 82 40.39 -29.15 -10.26
C ALA B 82 40.05 -30.22 -9.22
N VAL B 83 39.81 -31.46 -9.64
CA VAL B 83 39.58 -32.54 -8.70
C VAL B 83 40.82 -32.80 -7.88
N SER B 84 41.97 -32.92 -8.55
CA SER B 84 43.23 -33.18 -7.85
C SER B 84 43.55 -32.08 -6.84
N GLU B 85 43.29 -30.83 -7.22
CA GLU B 85 43.56 -29.72 -6.30
C GLU B 85 42.63 -29.75 -5.10
N THR B 86 41.34 -30.03 -5.32
CA THR B 86 40.39 -30.09 -4.21
C THR B 86 40.74 -31.23 -3.26
N VAL B 87 41.06 -32.41 -3.80
CA VAL B 87 41.41 -33.55 -2.95
C VAL B 87 42.65 -33.24 -2.12
N ASP B 88 43.67 -32.65 -2.74
CA ASP B 88 44.90 -32.35 -2.01
C ASP B 88 44.67 -31.32 -0.92
N PHE B 89 43.77 -30.35 -1.15
CA PHE B 89 43.41 -29.41 -0.09
C PHE B 89 42.67 -30.11 1.04
N VAL B 90 41.74 -31.00 0.70
CA VAL B 90 40.93 -31.67 1.72
C VAL B 90 41.80 -32.59 2.56
N LYS B 91 42.70 -33.35 1.92
CA LYS B 91 43.50 -34.33 2.62
C LYS B 91 44.70 -33.74 3.36
N SER B 92 44.90 -32.42 3.27
CA SER B 92 45.92 -31.75 4.08
C SER B 92 45.30 -30.96 5.23
N ARG B 93 44.00 -31.14 5.48
CA ARG B 93 43.34 -30.39 6.54
C ARG B 93 43.55 -31.06 7.89
N ASP B 94 43.49 -30.26 8.94
CA ASP B 94 43.58 -30.77 10.29
C ASP B 94 42.25 -31.41 10.69
N LEU B 95 42.34 -32.45 11.53
CA LEU B 95 41.15 -33.20 11.93
C LEU B 95 40.29 -32.46 12.97
N VAL B 96 40.88 -31.50 13.67
CA VAL B 96 40.18 -30.75 14.71
C VAL B 96 40.09 -29.27 14.39
N VAL B 97 41.17 -28.70 13.88
CA VAL B 97 41.28 -27.26 13.65
C VAL B 97 40.81 -26.96 12.23
N ASP B 98 39.99 -25.91 12.09
CA ASP B 98 39.36 -25.57 10.83
C ASP B 98 40.14 -24.50 10.06
N THR B 99 39.90 -24.44 8.76
CA THR B 99 40.57 -23.47 7.90
C THR B 99 39.80 -22.16 7.89
N PRO B 100 40.39 -21.05 8.33
CA PRO B 100 39.68 -19.78 8.34
C PRO B 100 39.81 -19.05 7.01
N VAL B 101 38.97 -18.03 6.85
CA VAL B 101 39.21 -17.04 5.81
C VAL B 101 40.46 -16.24 6.18
N THR B 102 41.41 -16.16 5.26
CA THR B 102 42.65 -15.45 5.49
C THR B 102 42.71 -14.20 4.61
N LEU B 103 43.31 -13.14 5.16
CA LEU B 103 43.38 -11.85 4.49
C LEU B 103 44.80 -11.31 4.55
N SER B 104 45.21 -10.68 3.48
CA SER B 104 46.43 -9.89 3.50
C SER B 104 46.13 -8.48 3.99
N PRO B 105 47.08 -7.83 4.68
CA PRO B 105 46.86 -6.43 5.08
C PRO B 105 46.64 -5.49 3.90
N GLU B 106 47.09 -5.88 2.70
CA GLU B 106 46.89 -5.07 1.51
C GLU B 106 45.52 -5.25 0.87
N ASP B 107 44.73 -6.22 1.34
CA ASP B 107 43.42 -6.43 0.75
C ASP B 107 42.47 -5.29 1.11
N SER B 108 41.50 -5.05 0.23
CA SER B 108 40.54 -3.98 0.45
C SER B 108 39.49 -4.43 1.46
N VAL B 109 38.89 -3.44 2.15
CA VAL B 109 37.78 -3.73 3.04
C VAL B 109 36.62 -4.32 2.26
N SER B 110 36.47 -3.94 0.99
CA SER B 110 35.42 -4.51 0.14
C SER B 110 35.57 -6.02 0.04
N ASP B 111 36.79 -6.51 -0.23
CA ASP B 111 37.00 -7.95 -0.31
C ASP B 111 36.87 -8.62 1.04
N ALA B 112 37.26 -7.93 2.12
CA ALA B 112 37.22 -8.56 3.44
C ALA B 112 35.79 -8.86 3.87
N ASN B 113 34.89 -7.89 3.68
CA ASN B 113 33.49 -8.09 4.08
C ASN B 113 32.83 -9.20 3.26
N ALA B 114 33.19 -9.32 1.99
CA ALA B 114 32.61 -10.37 1.14
C ALA B 114 33.19 -11.74 1.46
N LEU B 115 34.51 -11.84 1.58
CA LEU B 115 35.16 -13.11 1.88
C LEU B 115 34.76 -13.67 3.24
N LEU B 116 34.31 -12.82 4.16
CA LEU B 116 34.03 -13.25 5.52
C LEU B 116 32.97 -14.36 5.56
N HIS B 117 32.02 -14.35 4.64
CA HIS B 117 30.89 -15.26 4.68
C HIS B 117 31.15 -16.59 4.00
N LYS B 118 32.38 -16.85 3.57
CA LYS B 118 32.73 -18.17 3.04
C LYS B 118 32.97 -19.20 4.13
N ARG B 119 33.02 -18.77 5.40
CA ARG B 119 33.07 -19.65 6.55
C ARG B 119 32.08 -19.14 7.59
N ALA B 120 31.83 -19.98 8.60
CA ALA B 120 30.88 -19.64 9.66
C ALA B 120 31.59 -19.21 10.94
N HIS B 121 32.84 -18.79 10.86
CA HIS B 121 33.59 -18.42 12.05
C HIS B 121 33.29 -17.01 12.54
N GLY B 122 32.75 -16.15 11.68
CA GLY B 122 32.51 -14.77 12.04
C GLY B 122 33.74 -13.91 12.12
N ALA B 123 34.91 -14.44 11.76
CA ALA B 123 36.15 -13.68 11.82
C ALA B 123 37.13 -14.24 10.81
N ALA B 124 37.85 -13.36 10.12
CA ALA B 124 38.94 -13.74 9.24
C ALA B 124 40.27 -13.40 9.90
N VAL B 125 41.29 -14.20 9.59
CA VAL B 125 42.63 -14.01 10.14
C VAL B 125 43.46 -13.22 9.15
N VAL B 126 44.05 -12.12 9.60
CA VAL B 126 44.99 -11.36 8.79
C VAL B 126 46.34 -12.06 8.84
N VAL B 127 46.90 -12.35 7.67
CA VAL B 127 48.10 -13.17 7.55
C VAL B 127 49.19 -12.37 6.82
N PHE B 128 50.43 -12.56 7.27
CA PHE B 128 51.59 -12.00 6.59
C PHE B 128 52.71 -13.03 6.70
N GLU B 129 53.18 -13.53 5.56
CA GLU B 129 54.22 -14.55 5.50
C GLU B 129 53.82 -15.79 6.29
N GLY B 130 52.55 -16.18 6.18
CA GLY B 130 52.04 -17.38 6.80
C GLY B 130 51.72 -17.29 8.27
N ARG B 131 51.94 -16.13 8.91
CA ARG B 131 51.70 -16.02 10.33
C ARG B 131 50.60 -15.02 10.63
N PRO B 132 49.78 -15.28 11.66
CA PRO B 132 48.66 -14.39 11.98
C PRO B 132 49.11 -13.12 12.66
N ILE B 133 48.51 -12.00 12.26
CA ILE B 133 48.82 -10.70 12.82
C ILE B 133 47.59 -9.91 13.22
N GLY B 134 46.39 -10.43 12.98
CA GLY B 134 45.18 -9.72 13.36
C GLY B 134 43.94 -10.47 12.96
N LEU B 135 42.81 -9.95 13.41
CA LEU B 135 41.49 -10.48 13.09
C LEU B 135 40.63 -9.39 12.47
N VAL B 136 39.70 -9.80 11.62
CA VAL B 136 38.73 -8.90 11.01
C VAL B 136 37.34 -9.50 11.18
N THR B 137 36.43 -8.74 11.77
CA THR B 137 35.04 -9.12 11.91
C THR B 137 34.17 -8.20 11.04
N GLU B 138 32.88 -8.55 10.94
CA GLU B 138 31.97 -7.73 10.16
C GLU B 138 31.81 -6.35 10.78
N ALA B 139 31.88 -6.26 12.10
CA ALA B 139 31.77 -4.96 12.76
C ALA B 139 32.95 -4.06 12.46
N ASN B 140 34.12 -4.64 12.16
CA ASN B 140 35.28 -3.84 11.81
C ASN B 140 35.17 -3.22 10.42
N CYS B 141 34.29 -3.74 9.56
CA CYS B 141 34.08 -3.20 8.22
C CYS B 141 32.84 -2.33 8.13
N ALA B 142 32.11 -2.12 9.22
CA ALA B 142 30.84 -1.39 9.19
C ALA B 142 31.12 0.10 9.13
N GLY B 143 30.85 0.71 7.98
CA GLY B 143 31.04 2.13 7.78
C GLY B 143 32.35 2.52 7.15
N VAL B 144 33.33 1.61 7.11
CA VAL B 144 34.62 1.93 6.52
C VAL B 144 34.50 2.02 5.01
N ASP B 145 35.31 2.89 4.41
CA ASP B 145 35.36 2.98 2.95
C ASP B 145 35.72 1.62 2.36
N ARG B 146 35.05 1.27 1.26
CA ARG B 146 35.26 -0.03 0.65
C ARG B 146 36.70 -0.26 0.23
N PHE B 147 37.42 0.79 -0.14
CA PHE B 147 38.78 0.64 -0.62
C PHE B 147 39.82 1.06 0.40
N ALA B 148 39.45 1.24 1.66
CA ALA B 148 40.42 1.22 2.72
C ALA B 148 41.03 -0.18 2.83
N ARG B 149 42.20 -0.26 3.45
CA ARG B 149 42.92 -1.53 3.50
C ARG B 149 42.62 -2.26 4.80
N VAL B 150 42.85 -3.57 4.78
CA VAL B 150 42.55 -4.42 5.93
C VAL B 150 43.32 -3.95 7.16
N ARG B 151 44.58 -3.54 6.97
CA ARG B 151 45.42 -3.13 8.10
C ARG B 151 44.84 -1.94 8.86
N ASP B 152 43.92 -1.19 8.25
CA ASP B 152 43.31 -0.04 8.91
C ASP B 152 42.23 -0.43 9.92
N ILE B 153 41.62 -1.61 9.77
CA ILE B 153 40.49 -2.01 10.60
C ILE B 153 40.74 -3.26 11.41
N ALA B 154 41.88 -3.94 11.24
CA ALA B 154 42.06 -5.23 11.87
C ALA B 154 42.32 -5.08 13.37
N LEU B 155 41.77 -6.02 14.14
CA LEU B 155 42.03 -6.10 15.57
C LEU B 155 43.42 -6.67 15.79
N SER B 156 44.22 -6.02 16.65
CA SER B 156 45.62 -6.37 16.78
C SER B 156 45.88 -7.46 17.83
N ASP B 157 45.02 -7.61 18.82
CA ASP B 157 45.17 -8.63 19.85
C ASP B 157 44.11 -9.71 19.68
N PHE B 158 44.52 -10.96 19.85
CA PHE B 158 43.61 -12.09 19.67
C PHE B 158 44.15 -13.28 20.46
N VAL B 159 43.26 -14.23 20.74
CA VAL B 159 43.65 -15.43 21.46
C VAL B 159 44.45 -16.34 20.55
N THR B 160 45.59 -16.83 21.04
CA THR B 160 46.45 -17.75 20.32
C THR B 160 46.78 -18.95 21.19
N ALA B 161 46.90 -20.11 20.55
CA ALA B 161 47.13 -21.36 21.24
C ALA B 161 47.82 -22.33 20.29
N PRO B 162 48.63 -23.25 20.81
CA PRO B 162 49.34 -24.19 19.95
C PRO B 162 48.42 -25.28 19.43
N VAL B 163 48.70 -25.71 18.19
CA VAL B 163 47.92 -26.79 17.61
C VAL B 163 48.19 -28.07 18.39
N GLY B 164 47.13 -28.86 18.60
CA GLY B 164 47.20 -30.02 19.44
C GLY B 164 46.69 -29.81 20.85
N THR B 165 46.42 -28.58 21.24
CA THR B 165 45.84 -28.31 22.55
C THR B 165 44.49 -28.99 22.68
N ASP B 166 44.18 -29.47 23.88
CA ASP B 166 42.90 -30.09 24.16
C ASP B 166 41.77 -29.14 23.81
N PRO B 167 40.82 -29.52 22.96
CA PRO B 167 39.69 -28.63 22.67
C PRO B 167 38.90 -28.24 23.91
N ARG B 168 38.90 -29.07 24.95
CA ARG B 168 38.23 -28.71 26.20
C ARG B 168 38.85 -27.45 26.80
N GLU B 169 40.17 -27.33 26.74
CA GLU B 169 40.81 -26.14 27.29
C GLU B 169 40.56 -24.92 26.41
N VAL B 170 40.66 -25.08 25.09
CA VAL B 170 40.39 -23.98 24.16
C VAL B 170 39.00 -23.42 24.38
N PHE B 171 38.05 -24.28 24.76
CA PHE B 171 36.70 -23.80 25.10
C PHE B 171 36.75 -22.85 26.29
N ASP B 172 37.63 -23.13 27.26
CA ASP B 172 37.74 -22.28 28.44
C ASP B 172 38.50 -20.99 28.16
N LEU B 173 39.51 -21.05 27.28
CA LEU B 173 40.27 -19.85 26.95
C LEU B 173 39.38 -18.76 26.35
N LEU B 174 38.34 -19.14 25.62
CA LEU B 174 37.48 -18.21 24.90
C LEU B 174 36.26 -17.79 25.70
N GLU B 175 36.19 -18.14 26.99
CA GLU B 175 35.00 -17.85 27.77
C GLU B 175 34.75 -16.35 27.88
N HIS B 176 35.82 -15.55 28.01
CA HIS B 176 35.70 -14.11 28.21
C HIS B 176 36.38 -13.31 27.12
N ALA B 177 36.65 -13.92 25.97
CA ALA B 177 37.33 -13.22 24.89
C ALA B 177 36.33 -12.45 24.03
N PRO B 178 36.70 -11.24 23.59
CA PRO B 178 35.75 -10.44 22.79
C PRO B 178 35.31 -11.13 21.51
N ILE B 179 36.21 -11.84 20.84
CA ILE B 179 35.89 -12.56 19.62
C ILE B 179 36.03 -14.05 19.89
N ASP B 180 34.98 -14.80 19.54
CA ASP B 180 34.94 -16.24 19.81
C ASP B 180 35.71 -16.99 18.72
N VAL B 181 37.03 -16.86 18.77
CA VAL B 181 37.92 -17.61 17.89
C VAL B 181 39.32 -17.65 18.48
N ALA B 182 39.89 -18.85 18.56
CA ALA B 182 41.26 -19.05 18.99
C ALA B 182 42.11 -19.38 17.76
N VAL B 183 43.13 -18.56 17.51
CA VAL B 183 44.01 -18.76 16.36
C VAL B 183 45.02 -19.84 16.72
N MET B 184 44.94 -20.98 16.04
CA MET B 184 45.80 -22.12 16.31
C MET B 184 47.07 -22.00 15.47
N THR B 185 48.23 -22.12 16.13
CA THR B 185 49.50 -21.85 15.51
C THR B 185 50.39 -23.08 15.52
N ALA B 186 51.31 -23.14 14.55
CA ALA B 186 52.33 -24.17 14.51
C ALA B 186 53.49 -23.79 15.41
N PRO B 187 54.37 -24.75 15.74
CA PRO B 187 55.54 -24.43 16.58
C PRO B 187 56.37 -23.26 16.08
N ASP B 188 56.51 -23.09 14.77
CA ASP B 188 57.27 -21.97 14.24
C ASP B 188 56.48 -20.66 14.22
N GLY B 189 55.24 -20.66 14.70
CA GLY B 189 54.43 -19.47 14.68
C GLY B 189 53.52 -19.30 13.48
N THR B 190 53.61 -20.19 12.49
CA THR B 190 52.76 -20.08 11.32
C THR B 190 51.32 -20.49 11.64
N LEU B 191 50.39 -19.97 10.83
CA LEU B 191 48.97 -20.23 11.04
C LEU B 191 48.64 -21.68 10.76
N ALA B 192 48.04 -22.36 11.74
CA ALA B 192 47.56 -23.72 11.57
C ALA B 192 46.06 -23.79 11.35
N GLY B 193 45.33 -22.74 11.68
CA GLY B 193 43.88 -22.70 11.53
C GLY B 193 43.25 -22.03 12.74
N VAL B 194 41.95 -22.24 12.90
CA VAL B 194 41.17 -21.61 13.97
C VAL B 194 40.30 -22.65 14.65
N LEU B 195 39.77 -22.27 15.80
CA LEU B 195 38.88 -23.14 16.56
C LEU B 195 38.00 -22.26 17.45
N THR B 196 36.69 -22.40 17.32
CA THR B 196 35.73 -21.64 18.09
C THR B 196 35.21 -22.46 19.26
N ARG B 197 34.42 -21.80 20.12
CA ARG B 197 33.80 -22.50 21.25
C ARG B 197 32.89 -23.61 20.75
N THR B 198 32.06 -23.33 19.75
CA THR B 198 31.21 -24.37 19.19
C THR B 198 32.03 -25.42 18.47
N GLY B 199 33.09 -25.01 17.76
CA GLY B 199 33.95 -25.96 17.09
C GLY B 199 34.65 -26.91 18.04
N ALA B 200 35.00 -26.43 19.23
CA ALA B 200 35.60 -27.31 20.23
C ALA B 200 34.58 -28.27 20.81
N ILE B 201 33.32 -27.85 20.95
CA ILE B 201 32.27 -28.75 21.41
C ILE B 201 32.04 -29.86 20.38
N ARG B 202 32.02 -29.50 19.10
CA ARG B 202 31.74 -30.48 18.05
C ARG B 202 32.86 -31.51 17.91
N ALA B 203 34.09 -31.16 18.32
CA ALA B 203 35.19 -32.13 18.25
C ALA B 203 34.96 -33.31 19.18
N GLY B 204 34.27 -33.10 20.30
CA GLY B 204 33.91 -34.17 21.20
C GLY B 204 32.59 -34.84 20.92
N ILE B 205 31.92 -34.48 19.83
CA ILE B 205 30.63 -35.06 19.46
C ILE B 205 30.71 -35.79 18.13
N TYR B 206 31.42 -35.24 17.14
CA TYR B 206 31.52 -35.81 15.82
C TYR B 206 32.90 -36.44 15.62
N THR B 207 32.91 -37.63 15.05
CA THR B 207 34.17 -38.27 14.70
C THR B 207 34.49 -38.01 13.24
N PRO B 208 35.67 -37.50 12.92
CA PRO B 208 36.00 -37.24 11.51
C PRO B 208 35.99 -38.51 10.68
N ALA B 209 35.56 -38.37 9.43
CA ALA B 209 35.62 -39.46 8.46
C ALA B 209 36.98 -39.38 7.77
N VAL B 210 37.81 -40.40 7.98
CA VAL B 210 39.20 -40.38 7.54
C VAL B 210 39.51 -41.65 6.76
N ASP B 211 40.52 -41.56 5.90
CA ASP B 211 41.00 -42.70 5.13
C ASP B 211 42.00 -43.50 5.96
N ALA B 212 42.67 -44.47 5.34
CA ALA B 212 43.60 -45.33 6.05
C ALA B 212 44.80 -44.56 6.59
N LYS B 213 45.16 -43.43 6.00
CA LYS B 213 46.28 -42.62 6.44
C LYS B 213 45.86 -41.51 7.42
N GLY B 214 44.61 -41.50 7.86
CA GLY B 214 44.16 -40.48 8.80
C GLY B 214 43.79 -39.15 8.18
N ARG B 215 43.55 -39.09 6.88
CA ARG B 215 43.18 -37.87 6.20
C ARG B 215 41.70 -37.90 5.84
N LEU B 216 41.09 -36.70 5.84
CA LEU B 216 39.66 -36.58 5.62
C LEU B 216 39.24 -37.24 4.31
N ARG B 217 38.07 -37.88 4.33
CA ARG B 217 37.57 -38.59 3.17
C ARG B 217 36.86 -37.64 2.20
N ILE B 218 36.89 -38.02 0.92
CA ILE B 218 36.19 -37.28 -0.13
C ILE B 218 35.87 -38.24 -1.26
N ALA B 219 34.75 -38.02 -1.92
CA ALA B 219 34.29 -38.88 -2.99
C ALA B 219 34.17 -38.07 -4.28
N ALA B 220 33.93 -38.77 -5.39
CA ALA B 220 33.84 -38.14 -6.69
C ALA B 220 32.85 -38.90 -7.55
N ALA B 221 32.16 -38.17 -8.42
CA ALA B 221 31.15 -38.73 -9.30
C ALA B 221 31.66 -38.78 -10.74
N VAL B 222 31.07 -39.70 -11.51
CA VAL B 222 31.41 -39.88 -12.91
C VAL B 222 30.14 -40.22 -13.67
N GLY B 223 30.04 -39.72 -14.90
CA GLY B 223 28.90 -40.01 -15.76
C GLY B 223 29.09 -41.30 -16.55
N ILE B 224 28.05 -41.67 -17.29
CA ILE B 224 28.05 -42.92 -18.05
C ILE B 224 28.43 -42.71 -19.51
N ASN B 225 28.67 -41.47 -19.93
CA ASN B 225 29.11 -41.19 -21.28
C ASN B 225 30.63 -41.01 -21.33
N GLY B 226 31.19 -41.14 -22.52
CA GLY B 226 32.63 -41.06 -22.68
C GLY B 226 33.32 -42.35 -22.26
N ASP B 227 34.57 -42.22 -21.82
CA ASP B 227 35.37 -43.36 -21.39
C ASP B 227 35.24 -43.46 -19.88
N VAL B 228 34.21 -44.18 -19.43
CA VAL B 228 33.90 -44.25 -18.00
C VAL B 228 35.04 -44.90 -17.24
N GLY B 229 35.63 -45.96 -17.80
CA GLY B 229 36.73 -46.62 -17.12
C GLY B 229 37.94 -45.73 -16.93
N ALA B 230 38.31 -44.99 -17.97
CA ALA B 230 39.45 -44.08 -17.85
C ALA B 230 39.15 -42.94 -16.88
N LYS B 231 37.92 -42.44 -16.88
CA LYS B 231 37.57 -41.35 -15.97
C LYS B 231 37.54 -41.82 -14.52
N ALA B 232 37.08 -43.04 -14.28
CA ALA B 232 37.06 -43.57 -12.92
C ALA B 232 38.48 -43.82 -12.40
N GLN B 233 39.36 -44.33 -13.26
CA GLN B 233 40.72 -44.60 -12.82
C GLN B 233 41.46 -43.30 -12.48
N ALA B 234 41.26 -42.26 -13.28
CA ALA B 234 41.88 -40.96 -12.98
C ALA B 234 41.39 -40.43 -11.64
N LEU B 235 40.09 -40.57 -11.36
CA LEU B 235 39.58 -40.13 -10.06
C LEU B 235 40.15 -40.96 -8.92
N ALA B 236 40.40 -42.26 -9.15
CA ALA B 236 41.00 -43.09 -8.11
C ALA B 236 42.43 -42.66 -7.83
N GLU B 237 43.21 -42.37 -8.87
CA GLU B 237 44.60 -41.96 -8.67
C GLU B 237 44.71 -40.57 -8.07
N ALA B 238 43.68 -39.73 -8.24
CA ALA B 238 43.67 -38.41 -7.62
C ALA B 238 43.39 -38.46 -6.12
N GLY B 239 42.99 -39.62 -5.59
CA GLY B 239 42.78 -39.79 -4.17
C GLY B 239 41.34 -40.00 -3.71
N ALA B 240 40.40 -40.21 -4.63
CA ALA B 240 39.02 -40.41 -4.23
C ALA B 240 38.87 -41.67 -3.38
N ASP B 241 38.08 -41.55 -2.31
CA ASP B 241 37.83 -42.67 -1.41
C ASP B 241 36.60 -43.48 -1.80
N LEU B 242 35.78 -42.98 -2.72
CA LEU B 242 34.55 -43.64 -3.11
C LEU B 242 34.11 -43.05 -4.45
N LEU B 243 33.60 -43.91 -5.33
CA LEU B 243 33.19 -43.50 -6.67
C LEU B 243 31.67 -43.64 -6.81
N VAL B 244 31.07 -42.65 -7.46
CA VAL B 244 29.63 -42.62 -7.73
C VAL B 244 29.43 -42.55 -9.23
N ILE B 245 28.88 -43.61 -9.80
CA ILE B 245 28.45 -43.60 -11.20
C ILE B 245 26.98 -43.17 -11.21
N ASP B 246 26.70 -42.01 -11.81
CA ASP B 246 25.43 -41.34 -11.61
C ASP B 246 24.77 -40.98 -12.94
N THR B 247 23.46 -41.21 -13.03
CA THR B 247 22.65 -40.80 -14.17
C THR B 247 21.19 -40.83 -13.74
N ALA B 248 20.35 -40.09 -14.47
CA ALA B 248 18.94 -40.00 -14.12
C ALA B 248 18.27 -41.36 -14.20
N HIS B 249 18.35 -42.02 -15.35
CA HIS B 249 17.77 -43.34 -15.56
C HIS B 249 18.87 -44.37 -15.38
N GLY B 250 19.06 -44.81 -14.14
CA GLY B 250 20.12 -45.78 -13.84
C GLY B 250 19.83 -47.19 -14.31
N HIS B 251 18.58 -47.51 -14.66
CA HIS B 251 18.22 -48.86 -15.07
C HIS B 251 18.27 -49.02 -16.59
N GLN B 252 19.37 -48.59 -17.22
CA GLN B 252 19.52 -48.72 -18.65
C GLN B 252 20.83 -49.44 -18.96
N ALA B 253 20.93 -49.90 -20.21
CA ALA B 253 22.07 -50.74 -20.60
C ALA B 253 23.38 -49.98 -20.54
N LYS B 254 23.37 -48.68 -20.82
CA LYS B 254 24.62 -47.91 -20.80
C LYS B 254 25.19 -47.80 -19.38
N MET B 255 24.33 -47.79 -18.37
CA MET B 255 24.80 -47.76 -16.99
C MET B 255 25.38 -49.11 -16.57
N LEU B 256 24.71 -50.20 -16.96
CA LEU B 256 25.21 -51.53 -16.61
C LEU B 256 26.58 -51.78 -17.20
N ASP B 257 26.86 -51.25 -18.39
CA ASP B 257 28.20 -51.40 -18.96
C ASP B 257 29.21 -50.53 -18.25
N ALA B 258 28.80 -49.33 -17.83
CA ALA B 258 29.72 -48.44 -17.11
C ALA B 258 30.14 -49.04 -15.78
N ILE B 259 29.21 -49.72 -15.10
CA ILE B 259 29.54 -50.35 -13.82
C ILE B 259 30.54 -51.48 -14.04
N LYS B 260 30.30 -52.32 -15.06
CA LYS B 260 31.21 -53.42 -15.34
C LYS B 260 32.58 -52.92 -15.79
N ALA B 261 32.63 -51.80 -16.51
CA ALA B 261 33.92 -51.26 -16.94
C ALA B 261 34.73 -50.76 -15.75
N VAL B 262 34.07 -50.17 -14.75
CA VAL B 262 34.78 -49.67 -13.59
C VAL B 262 35.13 -50.81 -12.63
N ALA B 263 34.20 -51.76 -12.44
CA ALA B 263 34.49 -52.88 -11.57
C ALA B 263 35.63 -53.74 -12.09
N SER B 264 35.75 -53.87 -13.41
CA SER B 264 36.80 -54.69 -13.99
C SER B 264 38.18 -54.10 -13.77
N LEU B 265 38.28 -52.81 -13.50
CA LEU B 265 39.58 -52.19 -13.24
C LEU B 265 40.09 -52.45 -11.83
N ASP B 266 39.23 -52.92 -10.93
CA ASP B 266 39.62 -53.33 -9.58
C ASP B 266 40.36 -52.20 -8.86
N LEU B 267 39.64 -51.10 -8.61
CA LEU B 267 40.23 -49.96 -7.95
C LEU B 267 40.26 -50.10 -6.43
N GLY B 268 39.55 -51.09 -5.88
CA GLY B 268 39.54 -51.26 -4.43
C GLY B 268 38.73 -50.23 -3.67
N LEU B 269 37.80 -49.55 -4.34
CA LEU B 269 36.99 -48.53 -3.70
C LEU B 269 35.52 -48.91 -3.73
N PRO B 270 34.73 -48.45 -2.76
CA PRO B 270 33.27 -48.68 -2.83
C PRO B 270 32.71 -48.01 -4.06
N LEU B 271 31.90 -48.74 -4.81
CA LEU B 271 31.36 -48.26 -6.08
C LEU B 271 29.86 -48.06 -5.96
N VAL B 272 29.41 -46.81 -6.12
CA VAL B 272 28.01 -46.43 -6.01
C VAL B 272 27.44 -46.19 -7.40
N ALA B 273 26.21 -46.64 -7.63
CA ALA B 273 25.54 -46.47 -8.91
C ALA B 273 24.05 -46.19 -8.70
N GLY B 274 23.54 -45.23 -9.48
CA GLY B 274 22.13 -44.88 -9.44
C GLY B 274 21.79 -44.03 -10.64
N ASN B 275 20.50 -43.69 -10.76
CA ASN B 275 19.50 -43.97 -9.75
C ASN B 275 18.41 -44.93 -10.23
N VAL B 276 17.89 -45.74 -9.31
CA VAL B 276 16.76 -46.62 -9.56
C VAL B 276 15.76 -46.46 -8.42
N VAL B 277 14.57 -47.03 -8.60
CA VAL B 277 13.53 -47.03 -7.57
C VAL B 277 12.81 -48.38 -7.56
N SER B 278 13.40 -49.38 -8.19
CA SER B 278 12.80 -50.71 -8.28
C SER B 278 13.77 -51.76 -7.76
N ALA B 279 13.20 -52.84 -7.22
CA ALA B 279 14.01 -53.96 -6.75
C ALA B 279 14.80 -54.59 -7.89
N GLU B 280 14.18 -54.71 -9.07
CA GLU B 280 14.87 -55.27 -10.22
C GLU B 280 16.06 -54.41 -10.62
N GLY B 281 15.90 -53.09 -10.60
CA GLY B 281 17.02 -52.21 -10.89
C GLY B 281 18.12 -52.30 -9.84
N THR B 282 17.74 -52.49 -8.58
CA THR B 282 18.73 -52.65 -7.52
C THR B 282 19.56 -53.91 -7.72
N ARG B 283 18.90 -55.03 -8.05
CA ARG B 283 19.63 -56.28 -8.27
C ARG B 283 20.52 -56.19 -9.49
N ASP B 284 20.04 -55.56 -10.57
CA ASP B 284 20.83 -55.48 -11.79
C ASP B 284 22.09 -54.64 -11.60
N LEU B 285 21.99 -53.52 -10.87
CA LEU B 285 23.16 -52.70 -10.64
C LEU B 285 24.18 -53.41 -9.75
N ILE B 286 23.71 -54.14 -8.73
CA ILE B 286 24.62 -54.85 -7.85
C ILE B 286 25.30 -56.00 -8.59
N GLU B 287 24.54 -56.75 -9.39
CA GLU B 287 25.13 -57.85 -10.14
C GLU B 287 26.13 -57.34 -11.18
N ALA B 288 25.97 -56.11 -11.64
CA ALA B 288 26.93 -55.53 -12.57
C ALA B 288 28.23 -55.14 -11.88
N GLY B 289 28.24 -55.02 -10.56
CA GLY B 289 29.47 -54.74 -9.84
C GLY B 289 29.41 -53.59 -8.85
N ALA B 290 28.23 -53.04 -8.61
CA ALA B 290 28.09 -51.97 -7.64
C ALA B 290 27.87 -52.54 -6.25
N SER B 291 28.48 -51.90 -5.25
CA SER B 291 28.26 -52.27 -3.86
C SER B 291 27.18 -51.45 -3.19
N ILE B 292 26.87 -50.26 -3.72
CA ILE B 292 25.85 -49.38 -3.17
C ILE B 292 25.00 -48.86 -4.32
N VAL B 293 23.68 -48.87 -4.13
CA VAL B 293 22.72 -48.41 -5.13
C VAL B 293 22.09 -47.12 -4.63
N LYS B 294 22.13 -46.08 -5.48
CA LYS B 294 21.56 -44.79 -5.15
C LYS B 294 20.11 -44.75 -5.62
N VAL B 295 19.19 -44.50 -4.68
CA VAL B 295 17.76 -44.64 -4.92
C VAL B 295 17.11 -43.26 -4.93
N GLY B 296 16.29 -43.01 -5.96
CA GLY B 296 15.57 -41.76 -6.06
C GLY B 296 15.41 -41.26 -7.48
N VAL B 297 14.18 -41.26 -7.98
CA VAL B 297 13.86 -40.75 -9.31
C VAL B 297 12.72 -39.75 -9.15
N GLY B 298 13.05 -38.46 -9.15
CA GLY B 298 12.03 -37.45 -9.02
C GLY B 298 12.00 -36.57 -7.76
N PRO B 299 12.37 -37.09 -6.58
CA PRO B 299 12.09 -36.33 -5.35
C PRO B 299 12.98 -35.11 -5.15
N GLY B 300 14.06 -34.95 -5.91
CA GLY B 300 14.95 -33.81 -5.76
C GLY B 300 14.24 -32.47 -5.84
N ALA B 301 14.62 -31.55 -4.95
CA ALA B 301 13.97 -30.24 -4.88
C ALA B 301 14.16 -29.43 -6.16
N MET B 302 15.20 -29.71 -6.94
CA MET B 302 15.43 -29.02 -8.20
C MET B 302 14.87 -29.78 -9.40
N CYS B 303 14.22 -30.93 -9.19
CA CYS B 303 13.83 -31.79 -10.30
C CYS B 303 12.44 -31.44 -10.82
N THR B 304 12.28 -31.54 -12.13
CA THR B 304 10.99 -31.44 -12.79
C THR B 304 10.63 -32.73 -13.52
N THR B 305 11.32 -33.83 -13.20
CA THR B 305 11.10 -35.08 -13.92
C THR B 305 9.66 -35.58 -13.79
N ARG B 306 9.10 -35.51 -12.59
CA ARG B 306 7.71 -35.94 -12.41
C ARG B 306 6.76 -35.14 -13.30
N MET B 307 6.93 -33.81 -13.35
CA MET B 307 6.01 -32.97 -14.12
C MET B 307 6.24 -33.10 -15.61
N MET B 308 7.45 -33.45 -16.04
CA MET B 308 7.72 -33.60 -17.47
C MET B 308 7.32 -34.97 -17.99
N THR B 309 7.44 -36.01 -17.17
CA THR B 309 7.35 -37.38 -17.64
C THR B 309 6.33 -38.24 -16.90
N GLY B 310 5.91 -37.84 -15.70
CA GLY B 310 5.12 -38.74 -14.88
C GLY B 310 5.88 -39.90 -14.30
N VAL B 311 7.20 -39.93 -14.47
CA VAL B 311 8.02 -41.04 -13.99
C VAL B 311 8.56 -40.69 -12.61
N GLY B 312 8.53 -41.67 -11.71
CA GLY B 312 9.00 -41.47 -10.36
C GLY B 312 8.43 -42.55 -9.46
N ARG B 313 8.59 -42.32 -8.16
CA ARG B 313 8.04 -43.20 -7.13
C ARG B 313 8.20 -42.54 -5.77
N PRO B 314 7.15 -42.54 -4.95
CA PRO B 314 7.29 -42.00 -3.58
C PRO B 314 8.52 -42.58 -2.89
N GLN B 315 9.34 -41.68 -2.33
CA GLN B 315 10.71 -42.04 -1.98
C GLN B 315 10.77 -43.07 -0.87
N PHE B 316 9.87 -42.98 0.12
CA PHE B 316 9.91 -43.93 1.22
C PHE B 316 9.70 -45.36 0.72
N SER B 317 8.63 -45.59 -0.05
CA SER B 317 8.37 -46.92 -0.58
C SER B 317 9.51 -47.38 -1.48
N ALA B 318 10.06 -46.48 -2.29
CA ALA B 318 11.19 -46.83 -3.14
C ALA B 318 12.37 -47.31 -2.31
N VAL B 319 12.67 -46.62 -1.20
CA VAL B 319 13.80 -47.00 -0.36
C VAL B 319 13.53 -48.34 0.32
N VAL B 320 12.30 -48.56 0.79
CA VAL B 320 11.97 -49.82 1.46
C VAL B 320 12.20 -50.99 0.52
N GLU B 321 11.70 -50.89 -0.72
CA GLU B 321 11.83 -52.00 -1.66
C GLU B 321 13.28 -52.22 -2.06
N CYS B 322 13.99 -51.14 -2.40
CA CYS B 322 15.35 -51.29 -2.92
C CYS B 322 16.32 -51.72 -1.83
N ALA B 323 16.16 -51.21 -0.61
CA ALA B 323 17.03 -51.62 0.48
C ALA B 323 16.86 -53.10 0.81
N ALA B 324 15.63 -53.61 0.70
CA ALA B 324 15.38 -55.02 0.96
C ALA B 324 16.04 -55.89 -0.11
N ALA B 325 15.94 -55.49 -1.38
CA ALA B 325 16.57 -56.25 -2.45
C ALA B 325 18.09 -56.19 -2.34
N ALA B 326 18.64 -55.06 -1.91
CA ALA B 326 20.09 -54.94 -1.79
C ALA B 326 20.63 -55.81 -0.66
N ARG B 327 19.89 -55.87 0.47
CA ARG B 327 20.37 -56.63 1.61
C ARG B 327 20.39 -58.13 1.35
N GLN B 328 19.51 -58.63 0.46
CA GLN B 328 19.58 -60.03 0.07
C GLN B 328 20.87 -60.36 -0.66
N LEU B 329 21.43 -59.40 -1.41
CA LEU B 329 22.67 -59.58 -2.14
C LEU B 329 23.88 -59.02 -1.39
N GLY B 330 23.72 -58.68 -0.12
CA GLY B 330 24.83 -58.12 0.64
C GLY B 330 25.20 -56.70 0.27
N GLY B 331 24.31 -55.97 -0.40
CA GLY B 331 24.56 -54.61 -0.80
C GLY B 331 23.87 -53.60 0.11
N HIS B 332 24.00 -52.33 -0.28
CA HIS B 332 23.47 -51.22 0.51
C HIS B 332 22.79 -50.23 -0.42
N VAL B 333 22.07 -49.28 0.18
CA VAL B 333 21.24 -48.33 -0.55
C VAL B 333 21.41 -46.95 0.06
N TRP B 334 21.62 -45.95 -0.80
CA TRP B 334 21.61 -44.55 -0.41
C TRP B 334 20.26 -43.94 -0.80
N ALA B 335 19.65 -43.21 0.13
CA ALA B 335 18.41 -42.49 -0.11
C ALA B 335 18.74 -41.10 -0.62
N ASP B 336 18.46 -40.84 -1.90
CA ASP B 336 18.91 -39.64 -2.58
C ASP B 336 17.70 -38.81 -3.03
N GLY B 337 17.52 -37.66 -2.41
CA GLY B 337 16.56 -36.68 -2.88
C GLY B 337 15.40 -36.47 -1.92
N GLY B 338 14.92 -35.23 -1.84
CA GLY B 338 13.71 -34.90 -1.14
C GLY B 338 13.83 -34.68 0.35
N VAL B 339 15.04 -34.51 0.87
CA VAL B 339 15.23 -34.32 2.31
C VAL B 339 15.03 -32.84 2.63
N ARG B 340 14.04 -32.56 3.47
CA ARG B 340 13.74 -31.19 3.91
C ARG B 340 13.87 -30.99 5.40
N HIS B 341 13.69 -32.03 6.20
CA HIS B 341 13.70 -31.96 7.65
C HIS B 341 14.42 -33.18 8.20
N PRO B 342 14.85 -33.14 9.46
CA PRO B 342 15.54 -34.31 10.02
C PRO B 342 14.70 -35.58 10.01
N ARG B 343 13.37 -35.47 10.07
CA ARG B 343 12.54 -36.67 10.03
C ARG B 343 12.73 -37.43 8.72
N ASP B 344 13.02 -36.72 7.63
CA ASP B 344 13.24 -37.39 6.35
C ASP B 344 14.48 -38.27 6.40
N VAL B 345 15.55 -37.78 7.05
CA VAL B 345 16.75 -38.60 7.23
C VAL B 345 16.44 -39.79 8.12
N ALA B 346 15.74 -39.55 9.23
CA ALA B 346 15.45 -40.63 10.16
C ALA B 346 14.59 -41.71 9.51
N LEU B 347 13.59 -41.31 8.72
CA LEU B 347 12.71 -42.29 8.09
C LEU B 347 13.40 -43.05 6.97
N ALA B 348 14.34 -42.40 6.25
CA ALA B 348 15.10 -43.11 5.23
C ALA B 348 15.96 -44.19 5.85
N LEU B 349 16.55 -43.92 7.02
CA LEU B 349 17.33 -44.94 7.72
C LEU B 349 16.44 -46.03 8.29
N ALA B 350 15.27 -45.66 8.82
CA ALA B 350 14.31 -46.65 9.26
C ALA B 350 13.84 -47.53 8.10
N ALA B 351 13.77 -46.96 6.89
CA ALA B 351 13.33 -47.73 5.73
C ALA B 351 14.37 -48.74 5.27
N GLY B 352 15.62 -48.61 5.71
CA GLY B 352 16.67 -49.54 5.36
C GLY B 352 17.87 -48.95 4.64
N ALA B 353 17.89 -47.64 4.37
CA ALA B 353 19.04 -47.05 3.72
C ALA B 353 20.23 -46.99 4.67
N SER B 354 21.42 -47.15 4.11
CA SER B 354 22.65 -47.04 4.88
C SER B 354 23.17 -45.62 5.00
N ASN B 355 22.83 -44.76 4.04
CA ASN B 355 23.24 -43.37 4.02
C ASN B 355 22.17 -42.55 3.34
N VAL B 356 22.14 -41.25 3.63
CA VAL B 356 21.16 -40.34 3.07
C VAL B 356 21.90 -39.21 2.36
N MET B 357 21.55 -38.98 1.10
CA MET B 357 22.19 -37.95 0.30
C MET B 357 21.33 -36.69 0.32
N ILE B 358 21.97 -35.55 0.60
CA ILE B 358 21.29 -34.27 0.74
C ILE B 358 21.91 -33.29 -0.24
N GLY B 359 21.06 -32.58 -0.98
CA GLY B 359 21.55 -31.63 -1.96
C GLY B 359 21.22 -30.18 -1.68
N SER B 360 20.06 -29.73 -2.17
CA SER B 360 19.76 -28.30 -2.20
C SER B 360 19.62 -27.71 -0.80
N TRP B 361 19.26 -28.52 0.20
CA TRP B 361 19.16 -28.01 1.56
C TRP B 361 20.48 -27.40 2.01
N PHE B 362 21.60 -28.03 1.67
CA PHE B 362 22.91 -27.54 2.08
C PHE B 362 23.43 -26.43 1.17
N ALA B 363 22.71 -26.08 0.11
CA ALA B 363 23.13 -24.95 -0.71
C ALA B 363 22.97 -23.64 0.05
N GLY B 364 21.98 -23.55 0.93
CA GLY B 364 21.78 -22.36 1.72
C GLY B 364 22.62 -22.33 2.98
N THR B 365 23.93 -22.42 2.83
CA THR B 365 24.87 -22.33 3.94
C THR B 365 26.06 -21.49 3.51
N TYR B 366 26.87 -21.09 4.50
CA TYR B 366 28.08 -20.33 4.20
C TYR B 366 29.05 -21.14 3.37
N GLU B 367 29.14 -22.45 3.63
CA GLU B 367 30.21 -23.27 3.07
C GLU B 367 29.95 -23.71 1.64
N SER B 368 28.74 -23.50 1.11
CA SER B 368 28.46 -23.93 -0.26
C SER B 368 29.16 -23.01 -1.26
N PRO B 369 29.47 -23.51 -2.45
CA PRO B 369 30.33 -22.76 -3.38
C PRO B 369 29.73 -21.46 -3.89
N GLY B 370 28.43 -21.28 -3.81
CA GLY B 370 27.82 -20.09 -4.39
C GLY B 370 28.08 -18.84 -3.57
N ASP B 371 27.94 -17.69 -4.23
CA ASP B 371 28.07 -16.42 -3.55
C ASP B 371 26.83 -16.15 -2.71
N LEU B 372 27.05 -15.51 -1.55
CA LEU B 372 25.95 -15.15 -0.67
C LEU B 372 25.22 -13.93 -1.21
N LEU B 373 23.89 -14.02 -1.30
CA LEU B 373 23.06 -12.98 -1.87
C LEU B 373 22.04 -12.50 -0.85
N PHE B 374 21.41 -11.37 -1.15
CA PHE B 374 20.38 -10.78 -0.30
C PHE B 374 19.24 -10.27 -1.16
N ASP B 375 18.01 -10.52 -0.71
CA ASP B 375 16.83 -10.03 -1.41
C ASP B 375 16.57 -8.57 -1.04
N ARG B 376 15.42 -8.04 -1.46
CA ARG B 376 15.07 -6.67 -1.12
C ARG B 376 14.82 -6.49 0.37
N ASP B 377 14.47 -7.57 1.08
CA ASP B 377 14.25 -7.53 2.52
C ASP B 377 15.52 -7.82 3.31
N ASP B 378 16.68 -7.86 2.65
CA ASP B 378 17.96 -8.15 3.29
C ASP B 378 17.98 -9.54 3.93
N ARG B 379 17.25 -10.48 3.36
CA ARG B 379 17.33 -11.86 3.83
C ARG B 379 18.48 -12.57 3.12
N PRO B 380 19.32 -13.32 3.84
CA PRO B 380 20.41 -14.03 3.17
C PRO B 380 19.88 -15.26 2.44
N TYR B 381 20.41 -15.49 1.23
CA TYR B 381 20.05 -16.69 0.48
C TYR B 381 21.16 -17.00 -0.51
N LYS B 382 21.13 -18.22 -1.02
CA LYS B 382 22.03 -18.65 -2.09
C LYS B 382 21.25 -19.39 -3.16
N GLU B 383 21.81 -19.39 -4.36
CA GLU B 383 21.18 -20.04 -5.50
C GLU B 383 21.43 -21.55 -5.47
N SER B 384 20.44 -22.29 -5.96
CA SER B 384 20.58 -23.73 -6.20
C SER B 384 19.93 -24.06 -7.53
N TYR B 385 20.40 -25.14 -8.16
CA TYR B 385 19.91 -25.52 -9.47
C TYR B 385 20.26 -26.98 -9.72
N GLY B 386 19.48 -27.61 -10.60
CA GLY B 386 19.68 -29.01 -10.91
C GLY B 386 20.78 -29.24 -11.92
N MET B 387 21.36 -30.43 -11.86
CA MET B 387 22.42 -30.84 -12.77
C MET B 387 21.91 -31.24 -14.15
N ALA B 388 20.60 -31.13 -14.39
CA ALA B 388 20.02 -31.40 -15.71
C ALA B 388 19.22 -30.20 -16.22
N SER B 389 19.45 -29.02 -15.64
CA SER B 389 18.77 -27.81 -16.09
C SER B 389 19.50 -27.20 -17.27
N LYS B 390 18.88 -26.16 -17.86
CA LYS B 390 19.49 -25.48 -18.99
C LYS B 390 20.79 -24.80 -18.59
N ARG B 391 20.89 -24.31 -17.35
CA ARG B 391 22.15 -23.70 -16.90
C ARG B 391 23.25 -24.74 -16.76
N ALA B 392 22.92 -25.93 -16.23
CA ALA B 392 23.95 -26.93 -15.99
C ALA B 392 24.45 -27.54 -17.30
N VAL B 393 23.53 -27.89 -18.22
CA VAL B 393 23.93 -28.49 -19.47
C VAL B 393 24.63 -27.48 -20.38
N ALA B 394 24.44 -26.18 -20.14
CA ALA B 394 25.13 -25.17 -20.93
C ALA B 394 26.62 -25.19 -20.66
N ALA B 395 27.01 -25.26 -19.38
CA ALA B 395 28.42 -25.35 -19.04
C ALA B 395 29.00 -26.73 -19.38
N ARG B 396 28.17 -27.77 -19.28
CA ARG B 396 28.65 -29.13 -19.52
C ARG B 396 28.90 -29.39 -21.00
N THR B 397 28.11 -28.77 -21.89
CA THR B 397 28.22 -28.98 -23.32
C THR B 397 28.63 -27.71 -24.06
N ALA B 398 29.33 -26.80 -23.37
CA ALA B 398 29.72 -25.55 -23.99
C ALA B 398 30.70 -25.73 -25.14
N GLY B 399 31.43 -26.84 -25.18
CA GLY B 399 32.39 -27.10 -26.23
C GLY B 399 31.84 -27.71 -27.49
N ASP B 400 30.54 -27.99 -27.55
CA ASP B 400 29.92 -28.58 -28.72
C ASP B 400 29.53 -27.49 -29.72
N SER B 401 29.18 -27.93 -30.93
CA SER B 401 28.74 -27.00 -31.96
C SER B 401 27.37 -26.40 -31.59
N SER B 402 27.09 -25.24 -32.17
CA SER B 402 25.81 -24.57 -31.90
C SER B 402 24.64 -25.41 -32.40
N PHE B 403 24.86 -26.23 -33.43
CA PHE B 403 23.81 -27.10 -33.93
C PHE B 403 23.44 -28.17 -32.91
N ASP B 404 24.45 -28.81 -32.29
CA ASP B 404 24.17 -29.87 -31.34
C ASP B 404 23.60 -29.31 -30.04
N ARG B 405 24.13 -28.19 -29.56
CA ARG B 405 23.60 -27.59 -28.34
C ARG B 405 22.16 -27.13 -28.53
N ALA B 406 21.78 -26.74 -29.75
CA ALA B 406 20.40 -26.37 -30.01
C ALA B 406 19.49 -27.59 -29.97
N ARG B 407 19.94 -28.70 -30.58
CA ARG B 407 19.15 -29.93 -30.53
C ARG B 407 19.01 -30.45 -29.10
N LYS B 408 20.11 -30.42 -28.33
CA LYS B 408 20.06 -30.89 -26.96
C LYS B 408 19.31 -29.93 -26.04
N GLY B 409 19.06 -28.71 -26.48
CA GLY B 409 18.20 -27.79 -25.73
C GLY B 409 16.76 -28.24 -25.63
N LEU B 410 16.37 -29.27 -26.38
CA LEU B 410 15.02 -29.79 -26.31
C LEU B 410 14.71 -30.37 -24.94
N PHE B 411 15.71 -30.90 -24.25
CA PHE B 411 15.50 -31.62 -23.00
C PHE B 411 15.92 -30.76 -21.81
N GLU B 412 15.03 -30.66 -20.83
CA GLU B 412 15.28 -29.89 -19.61
C GLU B 412 14.47 -30.51 -18.49
N GLU B 413 15.14 -31.20 -17.57
CA GLU B 413 14.49 -31.86 -16.45
C GLU B 413 15.00 -31.34 -15.11
N GLY B 414 15.28 -30.03 -15.05
CA GLY B 414 15.71 -29.40 -13.82
C GLY B 414 15.54 -27.90 -13.91
N ILE B 415 15.38 -27.25 -12.76
CA ILE B 415 15.24 -25.81 -12.71
C ILE B 415 16.62 -25.18 -12.68
N SER B 416 16.74 -23.99 -13.28
CA SER B 416 18.03 -23.33 -13.43
C SER B 416 18.28 -22.24 -12.37
N THR B 417 17.33 -22.00 -11.48
CA THR B 417 17.56 -21.04 -10.40
C THR B 417 16.53 -21.26 -9.30
N SER B 418 17.00 -21.23 -8.05
CA SER B 418 16.15 -21.36 -6.88
C SER B 418 16.81 -20.63 -5.72
N ARG B 419 16.00 -19.99 -4.88
CA ARG B 419 16.50 -19.22 -3.74
C ARG B 419 16.42 -20.08 -2.48
N MET B 420 17.59 -20.47 -1.96
CA MET B 420 17.69 -21.25 -0.73
C MET B 420 18.11 -20.32 0.39
N SER B 421 17.20 -20.03 1.31
CA SER B 421 17.46 -19.07 2.36
C SER B 421 18.38 -19.65 3.43
N LEU B 422 19.26 -18.82 3.97
CA LEU B 422 20.06 -19.18 5.12
C LEU B 422 19.32 -18.81 6.40
N ASP B 423 19.37 -19.69 7.37
CA ASP B 423 18.89 -19.35 8.70
C ASP B 423 19.70 -18.17 9.22
N PRO B 424 19.08 -17.03 9.54
CA PRO B 424 19.87 -15.86 9.95
C PRO B 424 20.70 -16.09 11.20
N ALA B 425 20.31 -17.03 12.05
CA ALA B 425 21.09 -17.36 13.24
C ALA B 425 22.12 -18.45 12.95
N ARG B 426 21.68 -19.58 12.44
CA ARG B 426 22.53 -20.75 12.21
C ARG B 426 22.66 -20.98 10.70
N GLY B 427 23.56 -20.23 10.08
CA GLY B 427 23.77 -20.31 8.65
C GLY B 427 24.86 -21.25 8.18
N GLY B 428 25.50 -21.97 9.08
CA GLY B 428 26.54 -22.91 8.70
C GLY B 428 26.01 -24.30 8.46
N VAL B 429 26.72 -25.06 7.63
CA VAL B 429 26.30 -26.44 7.37
C VAL B 429 26.41 -27.28 8.62
N GLU B 430 27.35 -26.94 9.52
CA GLU B 430 27.49 -27.69 10.76
C GLU B 430 26.29 -27.50 11.68
N ASP B 431 25.63 -26.34 11.58
CA ASP B 431 24.38 -26.14 12.31
C ASP B 431 23.29 -27.08 11.80
N LEU B 432 23.22 -27.26 10.47
CA LEU B 432 22.26 -28.22 9.92
C LEU B 432 22.63 -29.64 10.31
N LEU B 433 23.93 -29.96 10.35
CA LEU B 433 24.37 -31.26 10.82
C LEU B 433 23.96 -31.48 12.27
N ASP B 434 24.07 -30.45 13.10
CA ASP B 434 23.57 -30.56 14.47
C ASP B 434 22.07 -30.83 14.48
N HIS B 435 21.33 -30.09 13.64
CA HIS B 435 19.89 -30.25 13.54
C HIS B 435 19.52 -31.66 13.09
N ILE B 436 20.17 -32.15 12.03
CA ILE B 436 19.82 -33.45 11.48
C ILE B 436 20.19 -34.58 12.46
N THR B 437 21.43 -34.58 12.95
CA THR B 437 21.90 -35.70 13.76
C THR B 437 21.22 -35.74 15.13
N SER B 438 20.86 -34.58 15.70
CA SER B 438 20.12 -34.59 16.95
C SER B 438 18.75 -35.24 16.76
N GLY B 439 18.13 -35.01 15.61
CA GLY B 439 16.86 -35.68 15.33
C GLY B 439 17.03 -37.18 15.18
N VAL B 440 18.06 -37.61 14.44
CA VAL B 440 18.26 -39.04 14.22
C VAL B 440 18.57 -39.75 15.54
N ARG B 441 19.39 -39.13 16.38
CA ARG B 441 19.71 -39.74 17.69
C ARG B 441 18.46 -39.91 18.53
N SER B 442 17.57 -38.91 18.53
CA SER B 442 16.33 -39.03 19.27
C SER B 442 15.44 -40.12 18.68
N THR B 443 15.45 -40.28 17.36
CA THR B 443 14.70 -41.38 16.74
C THR B 443 15.17 -42.73 17.25
N CYS B 444 16.48 -42.90 17.37
CA CYS B 444 17.03 -44.19 17.78
C CYS B 444 16.63 -44.53 19.22
N THR B 445 16.65 -43.53 20.12
CA THR B 445 16.27 -43.81 21.50
C THR B 445 14.77 -44.01 21.66
N TYR B 446 13.95 -43.39 20.80
CA TYR B 446 12.53 -43.67 20.80
C TYR B 446 12.26 -45.11 20.40
N VAL B 447 13.03 -45.63 19.44
CA VAL B 447 12.86 -47.00 18.98
C VAL B 447 13.54 -48.01 19.89
N GLY B 448 14.51 -47.58 20.68
CA GLY B 448 15.28 -48.49 21.50
C GLY B 448 16.57 -48.97 20.86
N ALA B 449 17.09 -48.22 19.88
CA ALA B 449 18.28 -48.62 19.13
C ALA B 449 19.49 -47.84 19.60
N ALA B 450 20.63 -48.52 19.70
CA ALA B 450 21.89 -47.88 20.05
C ALA B 450 22.75 -47.57 18.84
N ASN B 451 22.35 -48.05 17.65
CA ASN B 451 23.10 -47.83 16.42
C ASN B 451 22.13 -47.92 15.25
N LEU B 452 22.63 -47.61 14.06
CA LEU B 452 21.78 -47.57 12.87
C LEU B 452 21.28 -48.94 12.44
N PRO B 453 22.09 -50.02 12.49
CA PRO B 453 21.53 -51.34 12.20
C PRO B 453 20.38 -51.73 13.12
N GLU B 454 20.47 -51.41 14.41
CA GLU B 454 19.36 -51.68 15.32
C GLU B 454 18.14 -50.82 15.01
N LEU B 455 18.36 -49.63 14.45
CA LEU B 455 17.22 -48.78 14.07
C LEU B 455 16.36 -49.47 13.03
N HIS B 456 16.97 -49.93 11.94
CA HIS B 456 16.22 -50.63 10.91
C HIS B 456 15.65 -51.95 11.41
N GLU B 457 16.32 -52.58 12.39
CA GLU B 457 15.90 -53.88 12.88
C GLU B 457 14.72 -53.77 13.85
N LYS B 458 14.65 -52.70 14.64
CA LYS B 458 13.66 -52.60 15.70
C LYS B 458 12.51 -51.67 15.39
N VAL B 459 12.55 -50.93 14.28
CA VAL B 459 11.57 -49.87 14.05
C VAL B 459 10.22 -50.46 13.69
N VAL B 460 9.16 -49.87 14.23
CA VAL B 460 7.79 -50.18 13.85
C VAL B 460 7.18 -48.91 13.26
N LEU B 461 6.58 -49.03 12.09
CA LEU B 461 6.07 -47.88 11.35
C LEU B 461 4.56 -47.92 11.24
N GLY B 462 3.98 -46.74 10.99
CA GLY B 462 2.56 -46.64 10.76
C GLY B 462 2.29 -45.66 9.65
N VAL B 463 1.08 -45.76 9.08
CA VAL B 463 0.62 -44.92 7.99
C VAL B 463 -0.40 -43.93 8.54
N GLN B 464 -0.37 -42.71 8.02
CA GLN B 464 -1.27 -41.66 8.44
C GLN B 464 -1.84 -40.94 7.22
N SER B 465 -2.89 -40.17 7.44
CA SER B 465 -3.46 -39.31 6.42
C SER B 465 -2.78 -37.95 6.47
N ALA B 466 -3.27 -36.99 5.68
CA ALA B 466 -2.71 -35.65 5.71
C ALA B 466 -2.96 -34.98 7.06
N ALA B 467 -4.07 -35.32 7.72
CA ALA B 467 -4.34 -34.77 9.05
C ALA B 467 -3.32 -35.26 10.07
N GLY B 468 -2.86 -36.51 9.93
CA GLY B 468 -1.87 -37.03 10.85
C GLY B 468 -0.54 -36.28 10.76
N PHE B 469 -0.09 -36.02 9.53
CA PHE B 469 1.16 -35.29 9.35
C PHE B 469 1.07 -33.88 9.90
N ALA B 470 -0.14 -33.31 9.95
CA ALA B 470 -0.34 -31.95 10.43
C ALA B 470 -0.29 -31.84 11.96
N GLU B 471 -0.35 -32.95 12.68
CA GLU B 471 -0.29 -32.91 14.15
C GLU B 471 1.10 -32.44 14.60
N GLY B 472 1.11 -31.46 15.50
CA GLY B 472 2.35 -30.86 15.98
C GLY B 472 2.60 -29.50 15.34
N HIS B 473 3.70 -28.88 15.78
CA HIS B 473 4.05 -27.56 15.26
C HIS B 473 4.97 -27.70 14.05
N PRO B 474 4.72 -26.95 12.97
CA PRO B 474 5.61 -26.89 11.80
C PRO B 474 7.04 -26.50 12.17
N VAL C 2 -14.63 -49.29 21.48
CA VAL C 2 -15.44 -48.40 20.64
C VAL C 2 -15.90 -49.13 19.39
N ARG C 3 -17.04 -48.71 18.86
CA ARG C 3 -17.63 -49.33 17.68
C ARG C 3 -17.58 -48.34 16.52
N PHE C 4 -17.14 -48.83 15.36
CA PHE C 4 -17.14 -48.06 14.13
C PHE C 4 -18.22 -48.59 13.20
N LEU C 5 -18.65 -47.73 12.27
CA LEU C 5 -19.60 -48.14 11.24
C LEU C 5 -19.02 -49.29 10.43
N ASP C 6 -19.90 -50.11 9.86
CA ASP C 6 -19.47 -51.28 9.10
C ASP C 6 -18.61 -50.87 7.92
N GLY C 7 -17.44 -51.48 7.80
CA GLY C 7 -16.52 -51.22 6.72
C GLY C 7 -15.53 -50.09 6.96
N HIS C 8 -15.66 -49.36 8.06
CA HIS C 8 -14.76 -48.23 8.36
C HIS C 8 -13.53 -48.76 9.11
N THR C 9 -12.69 -49.47 8.36
CA THR C 9 -11.45 -50.04 8.87
C THR C 9 -10.31 -49.58 7.97
N PRO C 10 -9.88 -48.33 8.10
CA PRO C 10 -8.87 -47.79 7.19
C PRO C 10 -7.49 -48.39 7.45
N ALA C 11 -6.66 -48.34 6.41
CA ALA C 11 -5.28 -48.84 6.47
C ALA C 11 -4.31 -47.81 7.02
N TYR C 12 -4.73 -47.03 8.01
CA TYR C 12 -3.90 -45.99 8.59
C TYR C 12 -4.51 -45.60 9.94
N ASP C 13 -3.72 -44.88 10.74
CA ASP C 13 -4.16 -44.41 12.04
C ASP C 13 -4.84 -43.04 11.93
N LEU C 14 -5.69 -42.75 12.90
CA LEU C 14 -6.65 -41.66 12.81
C LEU C 14 -6.34 -40.56 13.82
N THR C 15 -6.53 -39.31 13.38
CA THR C 15 -6.54 -38.16 14.27
C THR C 15 -7.98 -37.75 14.57
N TYR C 16 -8.13 -36.76 15.45
CA TYR C 16 -9.46 -36.22 15.74
C TYR C 16 -10.16 -35.73 14.48
N ASN C 17 -9.40 -35.17 13.53
CA ASN C 17 -9.99 -34.67 12.29
C ASN C 17 -10.52 -35.77 11.39
N ASP C 18 -10.04 -37.00 11.57
CA ASP C 18 -10.39 -38.10 10.68
C ASP C 18 -11.69 -38.81 11.05
N VAL C 19 -12.29 -38.51 12.20
CA VAL C 19 -13.41 -39.29 12.71
C VAL C 19 -14.61 -38.39 13.00
N PHE C 20 -15.78 -39.03 13.13
CA PHE C 20 -17.01 -38.35 13.52
C PHE C 20 -17.84 -39.31 14.36
N VAL C 21 -18.82 -38.75 15.07
CA VAL C 21 -19.71 -39.51 15.94
C VAL C 21 -21.10 -39.54 15.31
N VAL C 22 -21.68 -40.74 15.23
CA VAL C 22 -23.04 -40.91 14.72
C VAL C 22 -24.00 -40.85 15.90
N PRO C 23 -25.05 -40.02 15.85
CA PRO C 23 -26.00 -39.98 16.97
C PRO C 23 -26.74 -41.30 17.13
N GLY C 24 -27.19 -41.55 18.36
CA GLY C 24 -28.03 -42.68 18.67
C GLY C 24 -29.33 -42.23 19.31
N ARG C 25 -30.18 -43.23 19.58
CA ARG C 25 -31.44 -42.96 20.28
C ARG C 25 -31.13 -42.44 21.68
N SER C 26 -31.83 -41.38 22.08
CA SER C 26 -31.49 -40.69 23.33
C SER C 26 -32.73 -40.46 24.16
N ASP C 27 -32.56 -40.57 25.49
CA ASP C 27 -33.60 -40.24 26.45
C ASP C 27 -33.15 -39.15 27.42
N VAL C 28 -31.98 -38.56 27.22
CA VAL C 28 -31.50 -37.47 28.07
C VAL C 28 -32.27 -36.22 27.68
N ALA C 29 -33.09 -35.72 28.60
CA ALA C 29 -34.02 -34.63 28.27
C ALA C 29 -33.29 -33.31 28.07
N SER C 30 -32.23 -33.06 28.85
CA SER C 30 -31.49 -31.81 28.75
C SER C 30 -30.01 -32.06 28.84
N ARG C 31 -29.23 -31.23 28.14
CA ARG C 31 -27.78 -31.32 28.23
C ARG C 31 -27.25 -30.96 29.60
N PHE C 32 -28.07 -30.30 30.44
CA PHE C 32 -27.69 -30.05 31.83
C PHE C 32 -27.82 -31.29 32.71
N ASP C 33 -28.49 -32.33 32.23
CA ASP C 33 -28.62 -33.57 33.00
C ASP C 33 -27.41 -34.47 32.89
N VAL C 34 -26.46 -34.16 32.00
CA VAL C 34 -25.28 -35.00 31.86
C VAL C 34 -24.34 -34.79 33.04
N ASP C 35 -23.83 -35.89 33.58
CA ASP C 35 -22.81 -35.85 34.62
C ASP C 35 -21.44 -35.96 33.97
N LEU C 36 -20.62 -34.93 34.14
CA LEU C 36 -19.29 -34.87 33.53
C LEU C 36 -18.17 -35.33 34.46
N SER C 37 -18.52 -35.88 35.63
CA SER C 37 -17.51 -36.29 36.60
C SER C 37 -16.68 -37.45 36.06
N THR C 38 -15.39 -37.45 36.41
CA THR C 38 -14.48 -38.51 36.01
C THR C 38 -14.42 -39.60 37.07
N VAL C 39 -13.94 -40.77 36.66
CA VAL C 39 -13.89 -41.94 37.54
C VAL C 39 -12.47 -42.48 37.68
N ASP C 40 -11.47 -41.67 37.37
CA ASP C 40 -10.09 -42.13 37.37
C ASP C 40 -9.35 -41.85 38.67
N GLY C 41 -10.02 -41.29 39.68
CA GLY C 41 -9.38 -40.95 40.93
C GLY C 41 -8.77 -39.57 40.98
N SER C 42 -8.82 -38.81 39.89
CA SER C 42 -8.27 -37.45 39.92
C SER C 42 -9.12 -36.52 40.76
N GLY C 43 -10.42 -36.81 40.89
CA GLY C 43 -11.31 -35.94 41.62
C GLY C 43 -11.88 -34.80 40.83
N THR C 44 -11.62 -34.74 39.52
CA THR C 44 -12.19 -33.69 38.68
C THR C 44 -13.66 -33.99 38.40
N THR C 45 -14.48 -32.94 38.41
CA THR C 45 -15.88 -33.06 38.08
C THR C 45 -16.18 -32.70 36.63
N ILE C 46 -15.18 -32.20 35.90
CA ILE C 46 -15.24 -32.06 34.44
C ILE C 46 -13.97 -32.67 33.88
N PRO C 47 -13.99 -33.23 32.65
CA PRO C 47 -12.83 -33.95 32.10
C PRO C 47 -11.75 -33.05 31.52
N VAL C 48 -11.27 -32.09 32.31
CA VAL C 48 -10.28 -31.12 31.85
C VAL C 48 -9.14 -31.06 32.86
N VAL C 49 -7.92 -31.29 32.39
CA VAL C 49 -6.70 -31.14 33.18
C VAL C 49 -5.79 -30.16 32.46
N VAL C 50 -5.20 -29.22 33.20
CA VAL C 50 -4.31 -28.23 32.63
C VAL C 50 -2.88 -28.76 32.65
N ALA C 51 -2.19 -28.68 31.51
CA ALA C 51 -0.88 -29.29 31.36
C ALA C 51 0.15 -28.66 32.29
N ASN C 52 1.14 -29.46 32.67
CA ASN C 52 2.25 -29.00 33.50
C ASN C 52 3.26 -28.25 32.63
N MET C 53 2.84 -27.08 32.16
CA MET C 53 3.68 -26.19 31.36
C MET C 53 3.78 -24.85 32.06
N THR C 54 4.99 -24.31 32.14
CA THR C 54 5.21 -23.04 32.84
C THR C 54 4.44 -21.89 32.22
N ALA C 55 4.09 -21.99 30.93
CA ALA C 55 3.33 -20.93 30.29
C ALA C 55 1.84 -20.97 30.62
N VAL C 56 1.37 -22.01 31.31
CA VAL C 56 -0.07 -22.20 31.52
C VAL C 56 -0.40 -22.41 32.99
N ALA C 57 0.42 -23.20 33.69
CA ALA C 57 0.08 -23.73 35.01
C ALA C 57 0.65 -22.84 36.11
N GLY C 58 -0.12 -21.81 36.49
CA GLY C 58 0.22 -20.96 37.61
C GLY C 58 -0.85 -21.01 38.69
N ARG C 59 -0.65 -20.17 39.72
CA ARG C 59 -1.56 -20.21 40.85
C ARG C 59 -2.93 -19.65 40.49
N ARG C 60 -2.98 -18.59 39.69
CA ARG C 60 -4.28 -18.04 39.28
C ARG C 60 -5.04 -19.04 38.43
N MET C 61 -4.34 -19.74 37.53
CA MET C 61 -4.96 -20.81 36.76
C MET C 61 -5.42 -21.95 37.66
N ALA C 62 -4.61 -22.31 38.66
CA ALA C 62 -4.93 -23.43 39.54
C ALA C 62 -6.19 -23.16 40.35
N GLU C 63 -6.29 -21.97 40.94
CA GLU C 63 -7.50 -21.61 41.68
C GLU C 63 -8.72 -21.59 40.77
N THR C 64 -8.61 -20.93 39.62
CA THR C 64 -9.76 -20.68 38.76
C THR C 64 -10.32 -21.98 38.18
N VAL C 65 -9.44 -22.88 37.73
CA VAL C 65 -9.89 -24.11 37.09
C VAL C 65 -10.44 -25.11 38.11
N ALA C 66 -9.78 -25.21 39.27
CA ALA C 66 -10.24 -26.17 40.28
C ALA C 66 -11.61 -25.82 40.83
N ARG C 67 -11.94 -24.52 40.88
CA ARG C 67 -13.27 -24.12 41.32
C ARG C 67 -14.34 -24.58 40.35
N ARG C 68 -14.01 -24.70 39.06
CA ARG C 68 -14.98 -25.13 38.06
C ARG C 68 -14.92 -26.63 37.77
N GLY C 69 -14.11 -27.39 38.50
CA GLY C 69 -14.12 -28.83 38.42
C GLY C 69 -12.87 -29.46 37.84
N GLY C 70 -12.01 -28.68 37.19
CA GLY C 70 -10.79 -29.22 36.63
C GLY C 70 -9.69 -29.33 37.66
N ILE C 71 -8.47 -29.53 37.16
CA ILE C 71 -7.30 -29.57 38.03
C ILE C 71 -6.08 -29.15 37.21
N VAL C 72 -5.16 -28.45 37.88
CA VAL C 72 -3.95 -27.93 37.26
C VAL C 72 -2.76 -28.71 37.80
N VAL C 73 -1.89 -29.17 36.92
CA VAL C 73 -0.66 -29.86 37.29
C VAL C 73 0.47 -28.83 37.28
N LEU C 74 1.06 -28.59 38.44
CA LEU C 74 2.17 -27.64 38.52
C LEU C 74 3.39 -28.21 37.79
N PRO C 75 4.13 -27.39 37.08
CA PRO C 75 5.27 -27.91 36.30
C PRO C 75 6.39 -28.43 37.19
N GLN C 76 7.17 -29.36 36.63
CA GLN C 76 8.24 -30.00 37.37
C GLN C 76 9.43 -29.09 37.62
N ASP C 77 9.53 -27.96 36.92
CA ASP C 77 10.62 -27.01 37.15
C ASP C 77 10.38 -26.10 38.34
N LEU C 78 9.26 -26.27 39.06
CA LEU C 78 8.92 -25.35 40.13
C LEU C 78 9.65 -25.73 41.42
N PRO C 79 10.35 -24.79 42.06
CA PRO C 79 11.00 -25.10 43.33
C PRO C 79 9.98 -25.48 44.40
N ILE C 80 10.41 -26.33 45.33
CA ILE C 80 9.49 -26.90 46.31
C ILE C 80 8.90 -25.80 47.21
N THR C 81 9.65 -24.74 47.46
CA THR C 81 9.13 -23.63 48.25
C THR C 81 8.01 -22.91 47.51
N ALA C 82 8.23 -22.63 46.22
CA ALA C 82 7.17 -22.03 45.42
C ALA C 82 5.98 -22.97 45.25
N VAL C 83 6.23 -24.29 45.18
CA VAL C 83 5.14 -25.26 45.17
C VAL C 83 4.31 -25.13 46.44
N SER C 84 4.98 -25.14 47.59
CA SER C 84 4.28 -25.04 48.87
C SER C 84 3.48 -23.75 48.97
N GLU C 85 4.04 -22.65 48.49
CA GLU C 85 3.32 -21.37 48.54
C GLU C 85 2.11 -21.39 47.62
N THR C 86 2.24 -22.01 46.44
CA THR C 86 1.11 -22.08 45.52
C THR C 86 0.01 -22.98 46.07
N VAL C 87 0.37 -24.13 46.63
CA VAL C 87 -0.63 -25.05 47.15
C VAL C 87 -1.36 -24.43 48.33
N ASP C 88 -0.63 -23.77 49.23
CA ASP C 88 -1.27 -23.14 50.38
C ASP C 88 -2.23 -22.04 49.94
N PHE C 89 -1.88 -21.31 48.87
CA PHE C 89 -2.79 -20.29 48.34
C PHE C 89 -4.06 -20.92 47.76
N VAL C 90 -3.89 -21.97 46.95
CA VAL C 90 -5.03 -22.61 46.31
C VAL C 90 -5.95 -23.24 47.35
N LYS C 91 -5.37 -23.90 48.36
CA LYS C 91 -6.17 -24.61 49.35
C LYS C 91 -6.76 -23.68 50.40
N SER C 92 -6.46 -22.40 50.36
CA SER C 92 -7.12 -21.42 51.21
C SER C 92 -8.18 -20.60 50.46
N ARG C 93 -8.43 -20.93 49.19
CA ARG C 93 -9.41 -20.18 48.40
C ARG C 93 -10.83 -20.62 48.75
N ASP C 94 -11.76 -19.68 48.61
CA ASP C 94 -13.17 -19.99 48.81
C ASP C 94 -13.69 -20.79 47.62
N LEU C 95 -14.75 -21.56 47.86
CA LEU C 95 -15.25 -22.49 46.85
C LEU C 95 -16.19 -21.84 45.84
N VAL C 96 -16.80 -20.70 46.16
CA VAL C 96 -17.73 -20.06 45.24
C VAL C 96 -17.28 -18.65 44.93
N VAL C 97 -16.55 -18.04 45.86
CA VAL C 97 -16.14 -16.64 45.75
C VAL C 97 -14.71 -16.59 45.22
N ASP C 98 -14.47 -15.73 44.24
CA ASP C 98 -13.20 -15.68 43.54
C ASP C 98 -12.28 -14.63 44.15
N THR C 99 -10.97 -14.81 43.91
CA THR C 99 -9.98 -13.88 44.41
C THR C 99 -9.79 -12.74 43.41
N PRO C 100 -10.07 -11.50 43.79
CA PRO C 100 -9.93 -10.38 42.86
C PRO C 100 -8.51 -9.84 42.84
N VAL C 101 -8.24 -8.99 41.84
CA VAL C 101 -7.06 -8.14 41.88
C VAL C 101 -7.28 -7.08 42.95
N THR C 102 -6.32 -6.95 43.86
CA THR C 102 -6.39 -5.98 44.94
C THR C 102 -5.37 -4.88 44.70
N LEU C 103 -5.75 -3.64 45.03
CA LEU C 103 -4.90 -2.49 44.82
C LEU C 103 -4.82 -1.67 46.11
N SER C 104 -3.64 -1.15 46.38
CA SER C 104 -3.51 -0.14 47.41
C SER C 104 -3.85 1.23 46.83
N PRO C 105 -4.45 2.11 47.63
CA PRO C 105 -4.72 3.48 47.14
C PRO C 105 -3.45 4.24 46.79
N GLU C 106 -2.29 3.78 47.27
CA GLU C 106 -1.00 4.40 46.97
C GLU C 106 -0.36 3.83 45.71
N ASP C 107 -0.97 2.83 45.07
CA ASP C 107 -0.43 2.30 43.84
C ASP C 107 -0.63 3.28 42.69
N SER C 108 0.25 3.17 41.69
CA SER C 108 0.14 4.02 40.51
C SER C 108 -0.96 3.53 39.58
N VAL C 109 -1.54 4.47 38.83
CA VAL C 109 -2.51 4.11 37.80
C VAL C 109 -1.88 3.19 36.76
N SER C 110 -0.58 3.34 36.53
CA SER C 110 0.12 2.46 35.59
C SER C 110 0.05 1.02 36.05
N ASP C 111 0.31 0.76 37.33
CA ASP C 111 0.21 -0.59 37.85
C ASP C 111 -1.22 -1.10 37.84
N ALA C 112 -2.18 -0.23 38.18
CA ALA C 112 -3.57 -0.66 38.23
C ALA C 112 -4.06 -1.12 36.86
N ASN C 113 -3.66 -0.42 35.80
CA ASN C 113 -4.12 -0.76 34.47
C ASN C 113 -3.56 -2.10 34.01
N ALA C 114 -2.33 -2.41 34.40
CA ALA C 114 -1.70 -3.66 33.97
C ALA C 114 -2.16 -4.85 34.83
N LEU C 115 -2.27 -4.66 36.15
CA LEU C 115 -2.72 -5.73 37.03
C LEU C 115 -4.16 -6.14 36.77
N LEU C 116 -4.95 -5.28 36.13
CA LEU C 116 -6.38 -5.55 35.97
C LEU C 116 -6.63 -6.82 35.17
N HIS C 117 -5.73 -7.17 34.26
CA HIS C 117 -5.92 -8.27 33.34
C HIS C 117 -5.38 -9.60 33.85
N LYS C 118 -4.97 -9.66 35.12
CA LYS C 118 -4.63 -10.94 35.72
C LYS C 118 -5.85 -11.73 36.15
N ARG C 119 -7.03 -11.11 36.12
CA ARG C 119 -8.31 -11.78 36.34
C ARG C 119 -9.28 -11.30 35.27
N ALA C 120 -10.43 -11.99 35.17
CA ALA C 120 -11.44 -11.67 34.17
C ALA C 120 -12.64 -10.92 34.74
N HIS C 121 -12.48 -10.29 35.91
CA HIS C 121 -13.60 -9.64 36.57
C HIS C 121 -13.90 -8.25 36.00
N GLY C 122 -12.97 -7.64 35.29
CA GLY C 122 -13.19 -6.31 34.79
C GLY C 122 -13.12 -5.21 35.83
N ALA C 123 -12.70 -5.55 37.05
CA ALA C 123 -12.60 -4.57 38.13
C ALA C 123 -11.65 -5.10 39.18
N ALA C 124 -10.87 -4.20 39.77
CA ALA C 124 -10.04 -4.52 40.92
C ALA C 124 -10.59 -3.83 42.16
N VAL C 125 -10.31 -4.41 43.32
CA VAL C 125 -10.80 -3.89 44.59
C VAL C 125 -9.68 -3.10 45.25
N VAL C 126 -9.99 -1.85 45.62
CA VAL C 126 -9.05 -1.05 46.40
C VAL C 126 -9.18 -1.45 47.86
N VAL C 127 -8.05 -1.81 48.47
CA VAL C 127 -8.02 -2.39 49.80
C VAL C 127 -7.15 -1.53 50.72
N PHE C 128 -7.60 -1.36 51.96
CA PHE C 128 -6.80 -0.69 52.99
C PHE C 128 -7.00 -1.47 54.29
N GLU C 129 -5.89 -2.00 54.83
CA GLU C 129 -5.93 -2.82 56.03
C GLU C 129 -6.89 -4.00 55.86
N GLY C 130 -6.85 -4.63 54.69
CA GLY C 130 -7.65 -5.80 54.40
C GLY C 130 -9.10 -5.53 54.09
N ARG C 131 -9.54 -4.28 54.06
CA ARG C 131 -10.95 -4.00 53.87
C ARG C 131 -11.18 -3.22 52.57
N PRO C 132 -12.25 -3.54 51.84
CA PRO C 132 -12.48 -2.86 50.55
C PRO C 132 -12.96 -1.43 50.75
N ILE C 133 -12.38 -0.52 49.96
CA ILE C 133 -12.75 0.89 50.00
C ILE C 133 -13.10 1.47 48.65
N GLY C 134 -13.00 0.69 47.57
CA GLY C 134 -13.33 1.20 46.26
C GLY C 134 -13.10 0.17 45.18
N LEU C 135 -13.50 0.53 43.96
CA LEU C 135 -13.29 -0.28 42.77
C LEU C 135 -12.52 0.52 41.73
N VAL C 136 -11.77 -0.20 40.88
CA VAL C 136 -11.04 0.40 39.77
C VAL C 136 -11.29 -0.46 38.54
N THR C 137 -11.83 0.15 37.49
CA THR C 137 -12.03 -0.48 36.20
C THR C 137 -11.09 0.15 35.19
N GLU C 138 -11.08 -0.41 33.97
CA GLU C 138 -10.19 0.12 32.94
C GLU C 138 -10.67 1.48 32.44
N ALA C 139 -11.97 1.75 32.52
CA ALA C 139 -12.48 3.07 32.15
C ALA C 139 -11.98 4.15 33.11
N ASN C 140 -11.67 3.78 34.35
CA ASN C 140 -11.13 4.73 35.31
C ASN C 140 -9.67 5.07 35.05
N CYS C 141 -8.97 4.25 34.26
CA CYS C 141 -7.56 4.48 33.95
C CYS C 141 -7.35 5.06 32.55
N ALA C 142 -8.43 5.46 31.87
CA ALA C 142 -8.35 5.94 30.50
C ALA C 142 -8.03 7.43 30.50
N GLY C 143 -6.85 7.78 30.02
CA GLY C 143 -6.42 9.16 29.92
C GLY C 143 -5.74 9.73 31.15
N VAL C 144 -5.77 9.00 32.27
CA VAL C 144 -5.16 9.50 33.49
C VAL C 144 -3.65 9.40 33.39
N ASP C 145 -2.96 10.32 34.08
CA ASP C 145 -1.51 10.25 34.17
C ASP C 145 -1.08 8.90 34.73
N ARG C 146 0.00 8.35 34.15
CA ARG C 146 0.42 7.01 34.52
C ARG C 146 0.85 6.95 35.98
N PHE C 147 1.33 8.06 36.54
CA PHE C 147 1.83 8.08 37.90
C PHE C 147 0.88 8.78 38.86
N ALA C 148 -0.36 9.02 38.45
CA ALA C 148 -1.37 9.39 39.42
C ALA C 148 -1.68 8.20 40.31
N ARG C 149 -2.29 8.47 41.46
CA ARG C 149 -2.53 7.40 42.42
C ARG C 149 -3.91 6.79 42.24
N VAL C 150 -4.05 5.55 42.71
CA VAL C 150 -5.33 4.84 42.62
C VAL C 150 -6.41 5.59 43.40
N ARG C 151 -6.02 6.30 44.48
CA ARG C 151 -6.97 7.11 45.22
C ARG C 151 -7.71 8.10 44.33
N ASP C 152 -7.06 8.61 43.28
CA ASP C 152 -7.63 9.68 42.48
C ASP C 152 -8.72 9.21 41.52
N ILE C 153 -8.79 7.91 41.25
CA ILE C 153 -9.65 7.38 40.20
C ILE C 153 -10.63 6.32 40.69
N ALA C 154 -10.53 5.87 41.93
CA ALA C 154 -11.34 4.76 42.39
C ALA C 154 -12.79 5.17 42.57
N LEU C 155 -13.70 4.26 42.21
CA LEU C 155 -15.13 4.46 42.46
C LEU C 155 -15.44 4.10 43.91
N SER C 156 -16.06 5.04 44.62
CA SER C 156 -16.23 4.91 46.06
C SER C 156 -17.44 4.06 46.46
N ASP C 157 -18.43 3.93 45.58
CA ASP C 157 -19.65 3.19 45.89
C ASP C 157 -19.68 1.89 45.10
N PHE C 158 -19.96 0.78 45.79
CA PHE C 158 -19.97 -0.53 45.15
C PHE C 158 -20.89 -1.46 45.93
N VAL C 159 -21.33 -2.52 45.27
CA VAL C 159 -22.22 -3.49 45.88
C VAL C 159 -21.41 -4.41 46.78
N THR C 160 -21.86 -4.56 48.02
CA THR C 160 -21.22 -5.44 48.99
C THR C 160 -22.24 -6.41 49.55
N ALA C 161 -21.77 -7.58 49.98
CA ALA C 161 -22.65 -8.63 50.46
C ALA C 161 -21.85 -9.56 51.35
N PRO C 162 -22.48 -10.22 52.32
CA PRO C 162 -21.74 -11.11 53.21
C PRO C 162 -21.36 -12.42 52.51
N VAL C 163 -20.18 -12.94 52.85
CA VAL C 163 -19.77 -14.23 52.34
C VAL C 163 -20.73 -15.30 52.84
N GLY C 164 -21.16 -16.19 51.95
CA GLY C 164 -22.18 -17.17 52.25
C GLY C 164 -23.55 -16.84 51.72
N THR C 165 -23.74 -15.65 51.15
CA THR C 165 -24.98 -15.33 50.49
C THR C 165 -25.21 -16.28 49.32
N ASP C 166 -26.47 -16.65 49.10
CA ASP C 166 -26.79 -17.50 47.97
C ASP C 166 -26.39 -16.82 46.67
N PRO C 167 -25.67 -17.51 45.77
CA PRO C 167 -25.31 -16.88 44.49
C PRO C 167 -26.50 -16.41 43.69
N ARG C 168 -27.68 -17.03 43.87
CA ARG C 168 -28.87 -16.58 43.18
C ARG C 168 -29.23 -15.15 43.56
N GLU C 169 -29.10 -14.80 44.84
CA GLU C 169 -29.39 -13.44 45.27
C GLU C 169 -28.37 -12.46 44.73
N VAL C 170 -27.08 -12.79 44.85
CA VAL C 170 -26.02 -11.92 44.33
C VAL C 170 -26.25 -11.62 42.86
N PHE C 171 -26.73 -12.61 42.11
CA PHE C 171 -27.06 -12.38 40.70
C PHE C 171 -28.13 -11.30 40.56
N ASP C 172 -29.13 -11.31 41.45
CA ASP C 172 -30.17 -10.30 41.39
C ASP C 172 -29.70 -8.95 41.94
N LEU C 173 -28.78 -8.97 42.92
CA LEU C 173 -28.25 -7.72 43.46
C LEU C 173 -27.53 -6.91 42.39
N LEU C 174 -26.95 -7.58 41.41
CA LEU C 174 -26.12 -6.93 40.39
C LEU C 174 -26.91 -6.68 39.11
N GLU C 175 -28.24 -6.78 39.17
CA GLU C 175 -29.08 -6.63 37.99
C GLU C 175 -28.86 -5.27 37.33
N HIS C 176 -28.82 -4.21 38.13
CA HIS C 176 -28.79 -2.84 37.63
C HIS C 176 -27.60 -2.05 38.14
N ALA C 177 -26.61 -2.72 38.73
CA ALA C 177 -25.43 -2.03 39.23
C ALA C 177 -24.56 -1.55 38.07
N PRO C 178 -23.90 -0.40 38.21
CA PRO C 178 -23.01 0.07 37.14
C PRO C 178 -21.85 -0.88 36.87
N ILE C 179 -21.36 -1.58 37.88
CA ILE C 179 -20.25 -2.53 37.72
C ILE C 179 -20.77 -3.92 38.07
N ASP C 180 -20.43 -4.90 37.23
CA ASP C 180 -20.91 -6.27 37.41
C ASP C 180 -20.00 -7.04 38.36
N VAL C 181 -19.91 -6.55 39.60
CA VAL C 181 -19.13 -7.24 40.62
C VAL C 181 -19.72 -6.93 41.99
N ALA C 182 -19.88 -7.97 42.81
CA ALA C 182 -20.28 -7.84 44.20
C ALA C 182 -19.09 -8.16 45.08
N VAL C 183 -18.72 -7.22 45.93
CA VAL C 183 -17.58 -7.40 46.84
C VAL C 183 -18.06 -8.16 48.07
N MET C 184 -17.62 -9.40 48.21
CA MET C 184 -18.05 -10.25 49.31
C MET C 184 -17.19 -9.99 50.53
N THR C 185 -17.83 -9.82 51.68
CA THR C 185 -17.15 -9.37 52.89
C THR C 185 -17.30 -10.39 54.01
N ALA C 186 -16.30 -10.43 54.89
CA ALA C 186 -16.33 -11.24 56.09
C ALA C 186 -17.09 -10.51 57.19
N PRO C 187 -17.52 -11.22 58.24
CA PRO C 187 -18.26 -10.56 59.33
C PRO C 187 -17.56 -9.34 59.92
N ASP C 188 -16.25 -9.33 60.00
CA ASP C 188 -15.53 -8.17 60.52
C ASP C 188 -15.37 -7.06 59.48
N GLY C 189 -15.86 -7.25 58.26
CA GLY C 189 -15.75 -6.26 57.21
C GLY C 189 -14.59 -6.45 56.26
N THR C 190 -13.69 -7.40 56.52
CA THR C 190 -12.55 -7.60 55.67
C THR C 190 -12.96 -8.21 54.32
N LEU C 191 -12.11 -8.04 53.33
CA LEU C 191 -12.38 -8.55 51.99
C LEU C 191 -12.29 -10.07 51.98
N ALA C 192 -13.35 -10.72 51.53
CA ALA C 192 -13.36 -12.17 51.32
C ALA C 192 -13.20 -12.56 49.85
N GLY C 193 -13.53 -11.66 48.94
CA GLY C 193 -13.42 -11.91 47.51
C GLY C 193 -14.55 -11.22 46.77
N VAL C 194 -14.77 -11.64 45.52
CA VAL C 194 -15.74 -11.02 44.65
C VAL C 194 -16.59 -12.10 43.98
N LEU C 195 -17.70 -11.67 43.38
CA LEU C 195 -18.60 -12.57 42.67
C LEU C 195 -19.33 -11.76 41.61
N THR C 196 -19.19 -12.15 40.35
CA THR C 196 -19.86 -11.50 39.24
C THR C 196 -21.18 -12.20 38.94
N ARG C 197 -21.94 -11.63 38.01
CA ARG C 197 -23.18 -12.27 37.57
C ARG C 197 -22.89 -13.61 36.91
N THR C 198 -21.92 -13.65 36.00
CA THR C 198 -21.56 -14.91 35.36
C THR C 198 -20.93 -15.87 36.36
N GLY C 199 -20.15 -15.35 37.32
CA GLY C 199 -19.58 -16.20 38.34
C GLY C 199 -20.64 -16.88 39.20
N ALA C 200 -21.73 -16.16 39.49
CA ALA C 200 -22.81 -16.76 40.26
C ALA C 200 -23.52 -17.85 39.45
N ILE C 201 -23.69 -17.62 38.15
CA ILE C 201 -24.32 -18.64 37.29
C ILE C 201 -23.47 -19.90 37.25
N ARG C 202 -22.15 -19.73 37.07
CA ARG C 202 -21.25 -20.87 37.03
C ARG C 202 -21.21 -21.65 38.34
N ALA C 203 -21.55 -21.01 39.46
CA ALA C 203 -21.59 -21.72 40.73
C ALA C 203 -22.69 -22.77 40.75
N GLY C 204 -23.77 -22.55 40.00
CA GLY C 204 -24.82 -23.54 39.87
C GLY C 204 -24.67 -24.51 38.73
N ILE C 205 -23.57 -24.42 37.98
CA ILE C 205 -23.31 -25.30 36.85
C ILE C 205 -22.13 -26.21 37.10
N TYR C 206 -21.06 -25.69 37.69
CA TYR C 206 -19.84 -26.44 37.92
C TYR C 206 -19.70 -26.79 39.40
N THR C 207 -19.22 -28.01 39.66
CA THR C 207 -18.93 -28.40 41.03
C THR C 207 -17.43 -28.31 41.29
N PRO C 208 -17.00 -27.64 42.34
CA PRO C 208 -15.55 -27.53 42.61
C PRO C 208 -14.92 -28.89 42.86
N ALA C 209 -13.68 -29.04 42.41
CA ALA C 209 -12.89 -30.24 42.67
C ALA C 209 -12.15 -30.04 43.99
N VAL C 210 -12.52 -30.80 45.00
CA VAL C 210 -12.02 -30.59 46.36
C VAL C 210 -11.43 -31.89 46.89
N ASP C 211 -10.55 -31.75 47.88
CA ASP C 211 -9.93 -32.88 48.53
C ASP C 211 -10.82 -33.35 49.69
N ALA C 212 -10.28 -34.18 50.57
CA ALA C 212 -11.05 -34.70 51.70
C ALA C 212 -11.41 -33.61 52.71
N LYS C 213 -10.65 -32.53 52.77
CA LYS C 213 -10.93 -31.42 53.69
C LYS C 213 -11.78 -30.33 53.06
N GLY C 214 -12.30 -30.55 51.86
CA GLY C 214 -13.12 -29.54 51.21
C GLY C 214 -12.36 -28.40 50.59
N ARG C 215 -11.07 -28.56 50.34
CA ARG C 215 -10.23 -27.54 49.76
C ARG C 215 -9.93 -27.87 48.30
N LEU C 216 -9.74 -26.83 47.48
CA LEU C 216 -9.56 -27.02 46.05
C LEU C 216 -8.35 -27.91 45.75
N ARG C 217 -8.51 -28.76 44.74
CA ARG C 217 -7.48 -29.72 44.37
C ARG C 217 -6.41 -29.07 43.49
N ILE C 218 -5.22 -29.68 43.52
CA ILE C 218 -4.10 -29.23 42.72
C ILE C 218 -3.13 -30.41 42.62
N ALA C 219 -2.43 -30.49 41.49
CA ALA C 219 -1.50 -31.58 41.23
C ALA C 219 -0.10 -31.01 40.99
N ALA C 220 0.87 -31.92 40.97
CA ALA C 220 2.26 -31.51 40.77
C ALA C 220 2.97 -32.57 39.93
N ALA C 221 3.85 -32.09 39.04
CA ALA C 221 4.60 -32.97 38.15
C ALA C 221 6.03 -33.15 38.65
N VAL C 222 6.62 -34.27 38.28
CA VAL C 222 7.99 -34.61 38.67
C VAL C 222 8.68 -35.27 37.47
N GLY C 223 9.98 -34.98 37.31
CA GLY C 223 10.74 -35.59 36.25
C GLY C 223 11.37 -36.91 36.68
N ILE C 224 12.01 -37.58 35.72
CA ILE C 224 12.63 -38.87 35.97
C ILE C 224 14.12 -38.78 36.30
N ASN C 225 14.71 -37.60 36.19
CA ASN C 225 16.11 -37.43 36.56
C ASN C 225 16.23 -37.04 38.02
N GLY C 226 17.41 -37.29 38.59
CA GLY C 226 17.65 -37.01 39.98
C GLY C 226 17.00 -38.04 40.90
N ASP C 227 16.73 -37.61 42.13
CA ASP C 227 16.13 -38.48 43.14
C ASP C 227 14.62 -38.34 43.04
N VAL C 228 14.01 -39.21 42.21
CA VAL C 228 12.59 -39.10 41.92
C VAL C 228 11.76 -39.37 43.17
N GLY C 229 12.18 -40.34 43.99
CA GLY C 229 11.42 -40.67 45.19
C GLY C 229 11.36 -39.52 46.18
N ALA C 230 12.49 -38.85 46.41
CA ALA C 230 12.52 -37.74 47.35
C ALA C 230 11.68 -36.58 46.86
N LYS C 231 11.74 -36.28 45.56
CA LYS C 231 10.95 -35.17 45.02
C LYS C 231 9.46 -35.48 45.10
N ALA C 232 9.07 -36.74 44.86
CA ALA C 232 7.66 -37.11 44.92
C ALA C 232 7.13 -36.97 46.35
N GLN C 233 7.92 -37.36 47.34
CA GLN C 233 7.45 -37.27 48.73
C GLN C 233 7.40 -35.82 49.20
N ALA C 234 8.33 -34.98 48.74
CA ALA C 234 8.28 -33.56 49.07
C ALA C 234 7.03 -32.92 48.47
N LEU C 235 6.65 -33.31 47.26
CA LEU C 235 5.42 -32.79 46.66
C LEU C 235 4.19 -33.32 47.37
N ALA C 236 4.24 -34.57 47.83
CA ALA C 236 3.10 -35.12 48.57
C ALA C 236 2.90 -34.40 49.90
N GLU C 237 4.00 -34.18 50.64
CA GLU C 237 3.89 -33.50 51.92
C GLU C 237 3.53 -32.03 51.78
N ALA C 238 3.81 -31.41 50.63
CA ALA C 238 3.42 -30.03 50.40
C ALA C 238 1.94 -29.87 50.14
N GLY C 239 1.21 -30.95 49.85
CA GLY C 239 -0.22 -30.89 49.71
C GLY C 239 -0.77 -31.34 48.37
N ALA C 240 0.09 -31.85 47.50
CA ALA C 240 -0.37 -32.27 46.17
C ALA C 240 -1.37 -33.40 46.27
N ASP C 241 -2.44 -33.31 45.50
CA ASP C 241 -3.49 -34.33 45.47
C ASP C 241 -3.24 -35.41 44.43
N LEU C 242 -2.31 -35.18 43.50
CA LEU C 242 -2.04 -36.13 42.43
C LEU C 242 -0.64 -35.85 41.90
N LEU C 243 0.08 -36.92 41.56
CA LEU C 243 1.45 -36.83 41.08
C LEU C 243 1.54 -37.28 39.64
N VAL C 244 2.27 -36.53 38.83
CA VAL C 244 2.47 -36.83 37.41
C VAL C 244 3.95 -37.03 37.18
N ILE C 245 4.36 -38.28 36.92
CA ILE C 245 5.71 -38.59 36.50
C ILE C 245 5.73 -38.46 34.98
N ASP C 246 6.46 -37.47 34.48
CA ASP C 246 6.32 -37.02 33.10
C ASP C 246 7.66 -36.95 32.39
N THR C 247 7.68 -37.47 31.15
CA THR C 247 8.85 -37.38 30.29
C THR C 247 8.40 -37.61 28.84
N ALA C 248 9.26 -37.23 27.90
CA ALA C 248 8.91 -37.35 26.48
C ALA C 248 8.74 -38.80 26.07
N HIS C 249 9.77 -39.61 26.30
CA HIS C 249 9.74 -41.03 25.95
C HIS C 249 9.49 -41.81 27.23
N GLY C 250 8.21 -42.01 27.54
CA GLY C 250 7.84 -42.71 28.77
C GLY C 250 8.07 -44.20 28.74
N HIS C 251 8.29 -44.79 27.56
CA HIS C 251 8.52 -46.23 27.48
C HIS C 251 10.01 -46.56 27.53
N GLN C 252 10.69 -46.03 28.54
CA GLN C 252 12.11 -46.25 28.71
C GLN C 252 12.37 -46.76 30.12
N ALA C 253 13.56 -47.36 30.31
CA ALA C 253 13.85 -48.06 31.56
C ALA C 253 13.88 -47.09 32.74
N LYS C 254 14.41 -45.88 32.54
CA LYS C 254 14.50 -44.92 33.64
C LYS C 254 13.12 -44.52 34.14
N MET C 255 12.14 -44.40 33.23
CA MET C 255 10.77 -44.11 33.67
C MET C 255 10.19 -45.25 34.48
N LEU C 256 10.40 -46.49 34.03
CA LEU C 256 9.90 -47.64 34.80
C LEU C 256 10.50 -47.67 36.19
N ASP C 257 11.77 -47.31 36.32
CA ASP C 257 12.40 -47.27 37.65
C ASP C 257 11.83 -46.13 38.49
N ALA C 258 11.55 -44.98 37.86
CA ALA C 258 11.00 -43.86 38.60
C ALA C 258 9.61 -44.16 39.13
N ILE C 259 8.81 -44.91 38.36
CA ILE C 259 7.48 -45.28 38.82
C ILE C 259 7.57 -46.22 40.02
N LYS C 260 8.48 -47.20 39.96
CA LYS C 260 8.64 -48.14 41.07
C LYS C 260 9.11 -47.42 42.32
N ALA C 261 9.95 -46.40 42.16
CA ALA C 261 10.49 -45.68 43.32
C ALA C 261 9.42 -44.83 44.00
N VAL C 262 8.50 -44.27 43.22
CA VAL C 262 7.43 -43.48 43.81
C VAL C 262 6.33 -44.39 44.35
N ALA C 263 6.07 -45.51 43.68
CA ALA C 263 5.02 -46.42 44.13
C ALA C 263 5.40 -47.09 45.45
N SER C 264 6.67 -47.46 45.62
CA SER C 264 7.10 -48.13 46.83
C SER C 264 6.97 -47.24 48.07
N LEU C 265 6.92 -45.92 47.89
CA LEU C 265 6.80 -45.02 49.04
C LEU C 265 5.40 -45.02 49.64
N ASP C 266 4.39 -45.46 48.90
CA ASP C 266 3.00 -45.53 49.37
C ASP C 266 2.53 -44.17 49.90
N LEU C 267 2.40 -43.22 48.97
CA LEU C 267 1.91 -41.90 49.33
C LEU C 267 0.38 -41.81 49.37
N GLY C 268 -0.32 -42.82 48.85
CA GLY C 268 -1.78 -42.77 48.84
C GLY C 268 -2.37 -41.84 47.83
N LEU C 269 -1.60 -41.42 46.82
CA LEU C 269 -2.05 -40.50 45.80
C LEU C 269 -2.12 -41.19 44.44
N PRO C 270 -3.01 -40.74 43.55
CA PRO C 270 -2.98 -41.23 42.17
C PRO C 270 -1.65 -40.90 41.52
N LEU C 271 -1.11 -41.87 40.77
CA LEU C 271 0.16 -41.73 40.09
C LEU C 271 -0.07 -41.77 38.58
N VAL C 272 0.23 -40.67 37.91
CA VAL C 272 0.14 -40.57 36.45
C VAL C 272 1.54 -40.68 35.88
N ALA C 273 1.67 -41.39 34.77
CA ALA C 273 2.96 -41.55 34.09
C ALA C 273 2.76 -41.50 32.58
N GLY C 274 3.63 -40.77 31.91
CA GLY C 274 3.62 -40.69 30.46
C GLY C 274 4.93 -40.12 29.96
N ASN C 275 5.05 -40.04 28.63
CA ASN C 275 3.97 -40.37 27.71
C ASN C 275 4.29 -41.58 26.85
N VAL C 276 3.26 -42.32 26.47
CA VAL C 276 3.36 -43.45 25.55
C VAL C 276 2.23 -43.34 24.54
N VAL C 277 2.32 -44.15 23.48
CA VAL C 277 1.28 -44.20 22.45
C VAL C 277 1.03 -45.64 22.02
N SER C 278 1.50 -46.60 22.79
CA SER C 278 1.33 -48.01 22.46
C SER C 278 0.68 -48.77 23.61
N ALA C 279 0.02 -49.87 23.26
CA ALA C 279 -0.56 -50.74 24.29
C ALA C 279 0.52 -51.35 25.18
N GLU C 280 1.66 -51.71 24.60
CA GLU C 280 2.74 -52.28 25.40
C GLU C 280 3.27 -51.27 26.41
N GLY C 281 3.47 -50.03 25.99
CA GLY C 281 3.92 -49.01 26.91
C GLY C 281 2.92 -48.73 28.02
N THR C 282 1.62 -48.78 27.69
CA THR C 282 0.59 -48.60 28.70
C THR C 282 0.64 -49.72 29.74
N ARG C 283 0.80 -50.96 29.28
CA ARG C 283 0.85 -52.09 30.21
C ARG C 283 2.08 -52.01 31.11
N ASP C 284 3.22 -51.62 30.54
CA ASP C 284 4.46 -51.56 31.32
C ASP C 284 4.39 -50.49 32.39
N LEU C 285 3.83 -49.33 32.08
CA LEU C 285 3.75 -48.25 33.07
C LEU C 285 2.81 -48.61 34.19
N ILE C 286 1.70 -49.29 33.87
CA ILE C 286 0.75 -49.71 34.89
C ILE C 286 1.36 -50.77 35.79
N GLU C 287 1.98 -51.79 35.19
CA GLU C 287 2.63 -52.84 35.97
C GLU C 287 3.77 -52.29 36.82
N ALA C 288 4.35 -51.15 36.44
CA ALA C 288 5.37 -50.51 37.27
C ALA C 288 4.78 -49.77 38.46
N GLY C 289 3.46 -49.57 38.51
CA GLY C 289 2.84 -48.93 39.66
C GLY C 289 1.99 -47.72 39.37
N ALA C 290 1.87 -47.33 38.10
CA ALA C 290 1.06 -46.19 37.74
C ALA C 290 -0.40 -46.60 37.58
N SER C 291 -1.31 -45.75 38.05
CA SER C 291 -2.74 -45.99 37.88
C SER C 291 -3.33 -45.26 36.68
N ILE C 292 -2.64 -44.25 36.16
CA ILE C 292 -3.10 -43.46 35.03
C ILE C 292 -1.92 -43.28 34.08
N VAL C 293 -2.16 -43.51 32.79
CA VAL C 293 -1.12 -43.43 31.78
C VAL C 293 -1.42 -42.23 30.89
N LYS C 294 -0.45 -41.33 30.76
CA LYS C 294 -0.58 -40.15 29.91
C LYS C 294 -0.19 -40.52 28.49
N VAL C 295 -1.08 -40.25 27.54
CA VAL C 295 -0.93 -40.71 26.16
C VAL C 295 -0.74 -39.50 25.25
N GLY C 296 0.30 -39.55 24.42
CA GLY C 296 0.55 -38.50 23.46
C GLY C 296 2.03 -38.23 23.22
N VAL C 297 2.52 -38.55 22.02
CA VAL C 297 3.91 -38.29 21.64
C VAL C 297 3.85 -37.48 20.36
N GLY C 298 4.04 -36.15 20.48
CA GLY C 298 4.09 -35.30 19.31
C GLY C 298 2.94 -34.34 19.02
N PRO C 299 1.70 -34.61 19.46
CA PRO C 299 0.58 -33.77 19.00
C PRO C 299 0.54 -32.39 19.64
N GLY C 300 1.36 -32.12 20.65
CA GLY C 300 1.29 -30.84 21.34
C GLY C 300 1.56 -29.68 20.39
N ALA C 301 0.85 -28.57 20.62
CA ALA C 301 0.95 -27.41 19.74
C ALA C 301 2.36 -26.82 19.70
N MET C 302 3.15 -27.04 20.74
CA MET C 302 4.50 -26.50 20.82
C MET C 302 5.58 -27.52 20.46
N CYS C 303 5.19 -28.72 20.04
CA CYS C 303 6.14 -29.81 19.82
C CYS C 303 6.67 -29.79 18.39
N THR C 304 7.95 -30.08 18.24
CA THR C 304 8.56 -30.32 16.94
C THR C 304 9.08 -31.74 16.82
N THR C 305 8.69 -32.64 17.74
CA THR C 305 9.20 -34.00 17.75
C THR C 305 8.95 -34.71 16.42
N ARG C 306 7.75 -34.54 15.84
CA ARG C 306 7.41 -35.22 14.60
C ARG C 306 8.36 -34.82 13.48
N MET C 307 8.62 -33.52 13.34
CA MET C 307 9.48 -33.04 12.27
C MET C 307 10.95 -33.32 12.52
N MET C 308 11.34 -33.44 13.80
CA MET C 308 12.74 -33.73 14.11
C MET C 308 13.05 -35.22 14.03
N THR C 309 12.09 -36.08 14.36
CA THR C 309 12.37 -37.50 14.54
C THR C 309 11.50 -38.42 13.71
N GLY C 310 10.34 -37.97 13.22
CA GLY C 310 9.36 -38.86 12.64
C GLY C 310 8.61 -39.71 13.64
N VAL C 311 8.90 -39.58 14.93
CA VAL C 311 8.27 -40.39 15.97
C VAL C 311 6.97 -39.73 16.40
N GLY C 312 5.93 -40.53 16.55
CA GLY C 312 4.64 -40.02 16.97
C GLY C 312 3.57 -41.04 16.65
N ARG C 313 2.33 -40.60 16.81
CA ARG C 313 1.18 -41.43 16.45
C ARG C 313 -0.06 -40.56 16.42
N PRO C 314 -0.90 -40.69 15.40
CA PRO C 314 -2.17 -39.96 15.38
C PRO C 314 -2.93 -40.18 16.68
N GLN C 315 -3.33 -39.07 17.31
CA GLN C 315 -3.68 -39.10 18.72
C GLN C 315 -4.95 -39.91 18.97
N PHE C 316 -5.92 -39.85 18.05
CA PHE C 316 -7.16 -40.60 18.27
C PHE C 316 -6.89 -42.10 18.32
N SER C 317 -6.11 -42.60 17.34
CA SER C 317 -5.78 -44.03 17.34
C SER C 317 -4.95 -44.40 18.56
N ALA C 318 -4.06 -43.50 18.99
CA ALA C 318 -3.24 -43.78 20.17
C ALA C 318 -4.09 -43.91 21.43
N VAL C 319 -5.07 -43.01 21.60
CA VAL C 319 -5.93 -43.07 22.78
C VAL C 319 -6.80 -44.33 22.76
N VAL C 320 -7.33 -44.69 21.59
CA VAL C 320 -8.19 -45.87 21.49
C VAL C 320 -7.43 -47.12 21.96
N GLU C 321 -6.22 -47.32 21.43
CA GLU C 321 -5.45 -48.51 21.79
C GLU C 321 -5.01 -48.48 23.24
N CYS C 322 -4.50 -47.34 23.71
CA CYS C 322 -3.96 -47.28 25.07
C CYS C 322 -5.07 -47.36 26.12
N ALA C 323 -6.22 -46.74 25.85
CA ALA C 323 -7.32 -46.81 26.81
C ALA C 323 -7.83 -48.23 26.97
N ALA C 324 -7.88 -48.99 25.88
CA ALA C 324 -8.33 -50.37 25.96
C ALA C 324 -7.36 -51.23 26.76
N ALA C 325 -6.05 -51.03 26.56
CA ALA C 325 -5.06 -51.78 27.31
C ALA C 325 -5.10 -51.44 28.80
N ALA C 326 -5.32 -50.17 29.14
CA ALA C 326 -5.40 -49.77 30.54
C ALA C 326 -6.62 -50.39 31.22
N ARG C 327 -7.75 -50.45 30.51
CA ARG C 327 -8.97 -50.97 31.11
C ARG C 327 -8.85 -52.44 31.48
N GLN C 328 -8.22 -53.23 30.62
CA GLN C 328 -7.97 -54.64 30.94
C GLN C 328 -7.22 -54.79 32.26
N LEU C 329 -6.39 -53.81 32.60
CA LEU C 329 -5.63 -53.82 33.85
C LEU C 329 -6.28 -52.95 34.93
N GLY C 330 -7.50 -52.47 34.70
CA GLY C 330 -8.16 -51.62 35.67
C GLY C 330 -7.59 -50.22 35.77
N GLY C 331 -6.86 -49.76 34.75
CA GLY C 331 -6.26 -48.45 34.77
C GLY C 331 -7.00 -47.44 33.91
N HIS C 332 -6.40 -46.27 33.77
CA HIS C 332 -7.02 -45.15 33.06
C HIS C 332 -5.98 -44.45 32.21
N VAL C 333 -6.46 -43.58 31.32
CA VAL C 333 -5.62 -42.94 30.31
C VAL C 333 -6.03 -41.48 30.17
N TRP C 334 -5.04 -40.59 30.20
CA TRP C 334 -5.23 -39.17 29.89
C TRP C 334 -4.81 -38.90 28.46
N ALA C 335 -5.66 -38.23 27.70
CA ALA C 335 -5.34 -37.81 26.33
C ALA C 335 -4.63 -36.46 26.38
N ASP C 336 -3.33 -36.46 26.09
CA ASP C 336 -2.48 -35.30 26.30
C ASP C 336 -1.99 -34.75 24.96
N GLY C 337 -2.50 -33.59 24.60
CA GLY C 337 -1.94 -32.85 23.48
C GLY C 337 -2.90 -32.76 22.30
N GLY C 338 -2.78 -31.67 21.56
CA GLY C 338 -3.49 -31.52 20.30
C GLY C 338 -4.89 -30.98 20.39
N VAL C 339 -5.34 -30.57 21.58
CA VAL C 339 -6.70 -30.07 21.74
C VAL C 339 -6.79 -28.64 21.21
N ARG C 340 -7.63 -28.43 20.20
CA ARG C 340 -7.86 -27.11 19.62
C ARG C 340 -9.32 -26.67 19.70
N HIS C 341 -10.26 -27.60 19.72
CA HIS C 341 -11.69 -27.32 19.68
C HIS C 341 -12.39 -28.30 20.61
N PRO C 342 -13.62 -27.99 21.03
CA PRO C 342 -14.33 -28.91 21.94
C PRO C 342 -14.53 -30.30 21.37
N ARG C 343 -14.59 -30.45 20.04
CA ARG C 343 -14.72 -31.79 19.46
C ARG C 343 -13.53 -32.66 19.83
N ASP C 344 -12.34 -32.08 19.95
CA ASP C 344 -11.17 -32.86 20.33
C ASP C 344 -11.32 -33.44 21.73
N VAL C 345 -11.86 -32.65 22.66
CA VAL C 345 -12.12 -33.16 24.00
C VAL C 345 -13.16 -34.28 23.96
N ALA C 346 -14.25 -34.06 23.23
CA ALA C 346 -15.31 -35.05 23.15
C ALA C 346 -14.82 -36.33 22.50
N LEU C 347 -14.04 -36.21 21.42
CA LEU C 347 -13.59 -37.40 20.70
C LEU C 347 -12.58 -38.18 21.52
N ALA C 348 -11.76 -37.50 22.34
CA ALA C 348 -10.84 -38.21 23.21
C ALA C 348 -11.58 -39.03 24.26
N LEU C 349 -12.66 -38.46 24.83
CA LEU C 349 -13.46 -39.22 25.79
C LEU C 349 -14.18 -40.38 25.12
N ALA C 350 -14.71 -40.16 23.90
CA ALA C 350 -15.33 -41.25 23.17
C ALA C 350 -14.32 -42.35 22.86
N ALA C 351 -13.05 -41.99 22.64
CA ALA C 351 -12.01 -42.98 22.41
C ALA C 351 -11.69 -43.78 23.67
N GLY C 352 -12.09 -43.31 24.84
CA GLY C 352 -11.88 -44.04 26.09
C GLY C 352 -11.02 -43.34 27.12
N ALA C 353 -10.48 -42.15 26.84
CA ALA C 353 -9.72 -41.45 27.85
C ALA C 353 -10.63 -41.01 29.00
N SER C 354 -10.09 -41.03 30.22
CA SER C 354 -10.84 -40.60 31.39
C SER C 354 -10.72 -39.10 31.64
N ASN C 355 -9.64 -38.48 31.19
CA ASN C 355 -9.43 -37.04 31.33
C ASN C 355 -8.66 -36.55 30.12
N VAL C 356 -8.76 -35.25 29.85
CA VAL C 356 -8.15 -34.63 28.68
C VAL C 356 -7.24 -33.50 29.17
N MET C 357 -5.97 -33.54 28.76
CA MET C 357 -4.99 -32.55 29.19
C MET C 357 -4.85 -31.48 28.12
N ILE C 358 -4.99 -30.23 28.53
CA ILE C 358 -4.96 -29.09 27.62
C ILE C 358 -3.86 -28.14 28.07
N GLY C 359 -3.06 -27.69 27.13
CA GLY C 359 -1.94 -26.81 27.44
C GLY C 359 -2.02 -25.44 26.80
N SER C 360 -1.50 -25.32 25.57
CA SER C 360 -1.28 -24.02 24.97
C SER C 360 -2.57 -23.25 24.73
N TRP C 361 -3.69 -23.96 24.53
CA TRP C 361 -4.97 -23.28 24.36
C TRP C 361 -5.26 -22.34 25.52
N PHE C 362 -4.95 -22.78 26.75
CA PHE C 362 -5.24 -21.97 27.93
C PHE C 362 -4.19 -20.91 28.20
N ALA C 363 -3.12 -20.86 27.41
CA ALA C 363 -2.15 -19.78 27.56
C ALA C 363 -2.73 -18.44 27.15
N GLY C 364 -3.62 -18.44 26.16
CA GLY C 364 -4.27 -17.22 25.73
C GLY C 364 -5.49 -16.87 26.56
N THR C 365 -5.31 -16.81 27.87
CA THR C 365 -6.37 -16.41 28.80
C THR C 365 -5.80 -15.44 29.81
N TYR C 366 -6.70 -14.72 30.49
CA TYR C 366 -6.27 -13.76 31.51
C TYR C 366 -5.52 -14.45 32.65
N GLU C 367 -5.90 -15.68 32.98
CA GLU C 367 -5.41 -16.34 34.19
C GLU C 367 -4.06 -17.03 34.01
N SER C 368 -3.56 -17.16 32.78
CA SER C 368 -2.28 -17.81 32.59
C SER C 368 -1.16 -16.91 33.13
N PRO C 369 -0.02 -17.50 33.51
CA PRO C 369 1.01 -16.71 34.22
C PRO C 369 1.67 -15.62 33.39
N GLY C 370 1.62 -15.69 32.07
CA GLY C 370 2.32 -14.71 31.26
C GLY C 370 1.62 -13.36 31.26
N ASP C 371 2.40 -12.32 30.94
CA ASP C 371 1.83 -10.99 30.82
C ASP C 371 1.03 -10.87 29.53
N LEU C 372 0.02 -9.99 29.57
CA LEU C 372 -0.80 -9.74 28.40
C LEU C 372 -0.08 -8.77 27.45
N LEU C 373 0.00 -9.15 26.17
CA LEU C 373 0.70 -8.39 25.16
C LEU C 373 -0.27 -7.99 24.05
N PHE C 374 0.17 -7.06 23.20
CA PHE C 374 -0.64 -6.57 22.10
C PHE C 374 0.23 -6.43 20.85
N ASP C 375 -0.29 -6.89 19.71
CA ASP C 375 0.43 -6.79 18.45
C ASP C 375 0.26 -5.39 17.87
N ARG C 376 0.75 -5.20 16.63
CA ARG C 376 0.63 -3.90 15.97
C ARG C 376 -0.82 -3.52 15.69
N ASP C 377 -1.72 -4.50 15.66
CA ASP C 377 -3.15 -4.25 15.46
C ASP C 377 -3.91 -4.15 16.78
N ASP C 378 -3.20 -4.07 17.91
CA ASP C 378 -3.81 -3.97 19.24
C ASP C 378 -4.64 -5.22 19.58
N ARG C 379 -4.26 -6.37 19.02
CA ARG C 379 -5.01 -7.53 19.47
C ARG C 379 -4.32 -8.17 20.68
N PRO C 380 -5.09 -8.62 21.67
CA PRO C 380 -4.47 -9.24 22.86
C PRO C 380 -3.96 -10.62 22.57
N TYR C 381 -2.79 -10.94 23.14
CA TYR C 381 -2.23 -12.27 23.01
C TYR C 381 -1.26 -12.52 24.16
N LYS C 382 -0.92 -13.79 24.37
CA LYS C 382 0.08 -14.18 25.34
C LYS C 382 1.03 -15.20 24.71
N GLU C 383 2.24 -15.26 25.26
CA GLU C 383 3.25 -16.18 24.77
C GLU C 383 2.99 -17.60 25.26
N SER C 384 3.37 -18.57 24.43
CA SER C 384 3.38 -19.97 24.81
C SER C 384 4.62 -20.62 24.23
N TYR C 385 5.09 -21.67 24.89
CA TYR C 385 6.33 -22.32 24.50
C TYR C 385 6.37 -23.72 25.09
N GLY C 386 7.17 -24.59 24.47
CA GLY C 386 7.27 -25.96 24.93
C GLY C 386 8.25 -26.13 26.07
N MET C 387 8.04 -27.19 26.84
CA MET C 387 8.90 -27.50 27.98
C MET C 387 10.20 -28.17 27.57
N ALA C 388 10.43 -28.40 26.27
CA ALA C 388 11.69 -28.94 25.78
C ALA C 388 12.34 -28.01 24.75
N SER C 389 11.98 -26.73 24.76
CA SER C 389 12.60 -25.75 23.89
C SER C 389 13.87 -25.20 24.54
N LYS C 390 14.64 -24.44 23.74
CA LYS C 390 15.83 -23.80 24.28
C LYS C 390 15.48 -22.81 25.38
N ARG C 391 14.33 -22.15 25.27
CA ARG C 391 13.89 -21.23 26.31
C ARG C 391 13.64 -21.95 27.63
N ALA C 392 12.95 -23.10 27.58
CA ALA C 392 12.65 -23.85 28.79
C ALA C 392 13.90 -24.55 29.33
N VAL C 393 14.71 -25.12 28.43
CA VAL C 393 15.92 -25.82 28.85
C VAL C 393 16.92 -24.84 29.46
N ALA C 394 16.88 -23.57 29.03
CA ALA C 394 17.78 -22.56 29.57
C ALA C 394 17.63 -22.44 31.09
N ALA C 395 16.42 -22.08 31.56
CA ALA C 395 16.21 -21.88 32.99
C ALA C 395 16.49 -23.15 33.78
N ARG C 396 15.98 -24.29 33.29
CA ARG C 396 16.14 -25.57 33.99
C ARG C 396 17.60 -25.99 34.11
N THR C 397 18.49 -25.48 33.25
CA THR C 397 19.89 -25.87 33.26
C THR C 397 20.82 -24.69 33.51
N ALA C 398 20.29 -23.57 34.01
CA ALA C 398 21.11 -22.37 34.20
C ALA C 398 22.18 -22.58 35.27
N GLY C 399 22.06 -23.62 36.10
CA GLY C 399 23.02 -23.91 37.13
C GLY C 399 24.15 -24.84 36.74
N ASP C 400 24.16 -25.32 35.50
CA ASP C 400 25.22 -26.20 35.04
C ASP C 400 26.37 -25.41 34.44
N SER C 401 27.46 -26.10 34.15
CA SER C 401 28.62 -25.46 33.54
C SER C 401 28.30 -25.06 32.10
N SER C 402 29.01 -24.04 31.62
CA SER C 402 28.80 -23.58 30.25
C SER C 402 29.15 -24.66 29.24
N PHE C 403 30.04 -25.59 29.61
CA PHE C 403 30.39 -26.67 28.70
C PHE C 403 29.24 -27.65 28.54
N ASP C 404 28.60 -28.03 29.65
CA ASP C 404 27.51 -29.00 29.56
C ASP C 404 26.29 -28.41 28.87
N ARG C 405 25.99 -27.14 29.15
CA ARG C 405 24.86 -26.49 28.49
C ARG C 405 25.07 -26.41 26.99
N ALA C 406 26.32 -26.19 26.55
CA ALA C 406 26.62 -26.14 25.13
C ALA C 406 26.41 -27.50 24.46
N ARG C 407 26.92 -28.56 25.08
CA ARG C 407 26.70 -29.91 24.55
C ARG C 407 25.21 -30.25 24.56
N LYS C 408 24.53 -29.98 25.66
CA LYS C 408 23.11 -30.28 25.80
C LYS C 408 22.25 -29.36 24.92
N GLY C 409 22.82 -28.28 24.39
CA GLY C 409 22.11 -27.44 23.44
C GLY C 409 21.89 -28.09 22.08
N LEU C 410 22.46 -29.28 21.86
CA LEU C 410 22.27 -29.97 20.59
C LEU C 410 20.81 -30.34 20.37
N PHE C 411 20.06 -30.59 21.45
CA PHE C 411 18.70 -31.11 21.36
C PHE C 411 17.69 -30.00 21.64
N GLU C 412 16.69 -29.89 20.77
CA GLU C 412 15.57 -28.99 20.97
C GLU C 412 14.38 -29.59 20.23
N GLU C 413 13.36 -30.01 20.97
CA GLU C 413 12.16 -30.59 20.39
C GLU C 413 10.92 -29.83 20.83
N GLY C 414 11.05 -28.51 20.91
CA GLY C 414 9.96 -27.63 21.27
C GLY C 414 10.24 -26.24 20.77
N ILE C 415 9.18 -25.51 20.43
CA ILE C 415 9.35 -24.15 19.95
C ILE C 415 9.46 -23.22 21.16
N SER C 416 10.17 -22.11 20.99
CA SER C 416 10.53 -21.24 22.11
C SER C 416 9.60 -20.06 22.30
N THR C 417 8.78 -19.72 21.32
CA THR C 417 7.80 -18.64 21.48
C THR C 417 6.70 -18.80 20.46
N SER C 418 5.47 -18.46 20.88
CA SER C 418 4.29 -18.54 20.03
C SER C 418 3.25 -17.57 20.56
N ARG C 419 2.47 -17.00 19.64
CA ARG C 419 1.47 -15.99 19.99
C ARG C 419 0.10 -16.66 20.09
N MET C 420 -0.44 -16.67 21.31
CA MET C 420 -1.74 -17.28 21.60
C MET C 420 -2.75 -16.15 21.82
N SER C 421 -3.58 -15.91 20.81
CA SER C 421 -4.49 -14.77 20.85
C SER C 421 -5.60 -15.00 21.88
N LEU C 422 -5.98 -13.93 22.57
CA LEU C 422 -7.16 -13.93 23.42
C LEU C 422 -8.38 -13.53 22.61
N ASP C 423 -9.48 -14.24 22.81
CA ASP C 423 -10.74 -13.82 22.24
C ASP C 423 -11.09 -12.44 22.78
N PRO C 424 -11.22 -11.42 21.92
CA PRO C 424 -11.50 -10.07 22.44
C PRO C 424 -12.77 -9.97 23.27
N ALA C 425 -13.69 -10.93 23.14
CA ALA C 425 -14.94 -10.92 23.91
C ALA C 425 -14.77 -11.70 25.21
N ARG C 426 -14.55 -13.01 25.10
CA ARG C 426 -14.46 -13.90 26.25
C ARG C 426 -13.02 -14.41 26.38
N GLY C 427 -12.19 -13.64 27.08
CA GLY C 427 -10.79 -13.97 27.25
C GLY C 427 -10.42 -14.74 28.49
N GLY C 428 -11.39 -15.13 29.32
CA GLY C 428 -11.09 -15.89 30.52
C GLY C 428 -11.07 -17.38 30.27
N VAL C 429 -10.35 -18.10 31.14
CA VAL C 429 -10.28 -19.55 30.99
C VAL C 429 -11.62 -20.19 31.28
N GLU C 430 -12.44 -19.56 32.14
CA GLU C 430 -13.77 -20.10 32.40
C GLU C 430 -14.68 -20.00 31.18
N ASP C 431 -14.45 -19.00 30.32
CA ASP C 431 -15.18 -18.93 29.07
C ASP C 431 -14.84 -20.10 28.17
N LEU C 432 -13.57 -20.51 28.13
CA LEU C 432 -13.19 -21.68 27.37
C LEU C 432 -13.75 -22.95 28.00
N LEU C 433 -13.83 -22.99 29.33
CA LEU C 433 -14.44 -24.13 29.99
C LEU C 433 -15.92 -24.24 29.63
N ASP C 434 -16.62 -23.10 29.56
CA ASP C 434 -17.99 -23.10 29.08
C ASP C 434 -18.07 -23.63 27.65
N HIS C 435 -17.16 -23.16 26.79
CA HIS C 435 -17.11 -23.62 25.41
C HIS C 435 -16.85 -25.12 25.33
N ILE C 436 -15.89 -25.61 26.12
CA ILE C 436 -15.51 -27.02 26.06
C ILE C 436 -16.63 -27.90 26.64
N THR C 437 -17.09 -27.58 27.84
CA THR C 437 -18.05 -28.46 28.51
C THR C 437 -19.42 -28.44 27.82
N SER C 438 -19.81 -27.32 27.23
CA SER C 438 -21.08 -27.30 26.50
C SER C 438 -21.02 -28.21 25.27
N GLY C 439 -19.85 -28.35 24.66
CA GLY C 439 -19.71 -29.28 23.55
C GLY C 439 -19.77 -30.73 24.00
N VAL C 440 -19.04 -31.07 25.07
CA VAL C 440 -19.03 -32.43 25.56
C VAL C 440 -20.43 -32.85 26.02
N ARG C 441 -21.15 -31.94 26.68
CA ARG C 441 -22.51 -32.24 27.10
C ARG C 441 -23.41 -32.52 25.90
N SER C 442 -23.25 -31.72 24.83
CA SER C 442 -24.04 -31.94 23.64
C SER C 442 -23.68 -33.25 22.96
N THR C 443 -22.39 -33.60 22.95
CA THR C 443 -21.98 -34.91 22.42
C THR C 443 -22.66 -36.04 23.17
N CYS C 444 -22.78 -35.90 24.50
CA CYS C 444 -23.34 -36.98 25.30
C CYS C 444 -24.82 -37.19 25.01
N THR C 445 -25.58 -36.11 24.79
CA THR C 445 -26.99 -36.28 24.48
C THR C 445 -27.21 -36.76 23.06
N TYR C 446 -26.30 -36.43 22.13
CA TYR C 446 -26.38 -36.96 20.78
C TYR C 446 -26.21 -38.48 20.77
N VAL C 447 -25.34 -39.00 21.63
CA VAL C 447 -25.11 -40.44 21.69
C VAL C 447 -26.13 -41.12 22.60
N GLY C 448 -26.77 -40.39 23.51
CA GLY C 448 -27.69 -40.96 24.45
C GLY C 448 -27.10 -41.28 25.80
N ALA C 449 -25.96 -40.69 26.14
CA ALA C 449 -25.26 -40.98 27.39
C ALA C 449 -25.52 -39.87 28.41
N ALA C 450 -25.78 -40.29 29.65
CA ALA C 450 -25.97 -39.35 30.74
C ALA C 450 -24.68 -39.10 31.53
N ASN C 451 -23.61 -39.82 31.23
CA ASN C 451 -22.34 -39.64 31.92
C ASN C 451 -21.22 -40.10 31.01
N LEU C 452 -19.98 -39.90 31.45
CA LEU C 452 -18.80 -40.20 30.64
C LEU C 452 -18.60 -41.70 30.42
N PRO C 453 -18.77 -42.57 31.44
CA PRO C 453 -18.69 -44.01 31.16
C PRO C 453 -19.68 -44.47 30.10
N GLU C 454 -20.91 -43.95 30.11
CA GLU C 454 -21.87 -44.30 29.07
C GLU C 454 -21.47 -43.74 27.71
N LEU C 455 -20.78 -42.60 27.70
CA LEU C 455 -20.32 -42.03 26.43
C LEU C 455 -19.40 -43.01 25.70
N HIS C 456 -18.38 -43.51 26.40
CA HIS C 456 -17.48 -44.50 25.80
C HIS C 456 -18.19 -45.80 25.49
N GLU C 457 -19.27 -46.10 26.22
CA GLU C 457 -19.99 -47.35 26.04
C GLU C 457 -20.91 -47.32 24.82
N LYS C 458 -21.58 -46.20 24.58
CA LYS C 458 -22.65 -46.13 23.59
C LYS C 458 -22.22 -45.48 22.28
N VAL C 459 -20.99 -44.99 22.18
CA VAL C 459 -20.60 -44.16 21.03
C VAL C 459 -20.41 -45.04 19.81
N VAL C 460 -20.92 -44.56 18.67
CA VAL C 460 -20.67 -45.16 17.36
C VAL C 460 -19.89 -44.14 16.54
N LEU C 461 -18.80 -44.57 15.93
CA LEU C 461 -17.89 -43.67 15.23
C LEU C 461 -17.83 -44.03 13.75
N GLY C 462 -17.36 -43.07 12.96
CA GLY C 462 -17.12 -43.30 11.55
C GLY C 462 -15.85 -42.58 11.11
N VAL C 463 -15.34 -43.01 9.96
CA VAL C 463 -14.17 -42.40 9.36
C VAL C 463 -14.62 -41.56 8.17
N GLN C 464 -13.98 -40.41 7.98
CA GLN C 464 -14.30 -39.49 6.90
C GLN C 464 -13.01 -39.06 6.22
N SER C 465 -13.15 -38.57 4.99
CA SER C 465 -12.05 -37.92 4.32
C SER C 465 -11.97 -36.46 4.76
N ALA C 466 -11.02 -35.72 4.18
CA ALA C 466 -10.88 -34.31 4.53
C ALA C 466 -12.11 -33.51 4.10
N ALA C 467 -12.76 -33.92 3.02
CA ALA C 467 -14.01 -33.29 2.62
C ALA C 467 -15.09 -33.45 3.68
N GLY C 468 -15.10 -34.58 4.39
CA GLY C 468 -16.06 -34.76 5.47
C GLY C 468 -15.81 -33.80 6.62
N PHE C 469 -14.54 -33.62 7.00
CA PHE C 469 -14.22 -32.69 8.08
C PHE C 469 -14.58 -31.26 7.71
N ALA C 470 -14.52 -30.93 6.41
CA ALA C 470 -14.81 -29.57 5.97
C ALA C 470 -16.31 -29.24 5.98
N GLU C 471 -17.18 -30.24 6.05
CA GLU C 471 -18.62 -29.98 6.10
C GLU C 471 -18.99 -29.23 7.37
N GLY C 472 -19.72 -28.13 7.20
CA GLY C 472 -20.08 -27.26 8.30
C GLY C 472 -19.34 -25.94 8.24
N HIS C 473 -19.51 -25.14 9.28
CA HIS C 473 -18.82 -23.87 9.36
C HIS C 473 -17.64 -23.96 10.32
N PRO C 474 -16.49 -23.33 9.97
CA PRO C 474 -15.33 -23.26 10.87
C PRO C 474 -15.61 -22.43 12.13
N VAL D 2 -28.48 -47.82 -4.63
CA VAL D 2 -27.63 -47.13 -5.60
C VAL D 2 -26.49 -48.04 -6.03
N ARG D 3 -26.07 -47.90 -7.28
CA ARG D 3 -24.99 -48.70 -7.83
C ARG D 3 -23.71 -47.87 -7.89
N PHE D 4 -22.62 -48.45 -7.39
CA PHE D 4 -21.30 -47.86 -7.52
C PHE D 4 -20.44 -48.68 -8.46
N LEU D 5 -19.44 -48.03 -9.05
CA LEU D 5 -18.49 -48.73 -9.90
C LEU D 5 -17.81 -49.86 -9.13
N ASP D 6 -17.33 -50.86 -9.87
CA ASP D 6 -16.69 -52.02 -9.26
C ASP D 6 -15.49 -51.60 -8.42
N GLY D 7 -15.42 -52.13 -7.19
CA GLY D 7 -14.32 -51.87 -6.30
C GLY D 7 -14.40 -50.57 -5.52
N HIS D 8 -15.38 -49.71 -5.80
CA HIS D 8 -15.52 -48.44 -5.11
C HIS D 8 -16.29 -48.66 -3.81
N THR D 9 -15.61 -49.25 -2.83
CA THR D 9 -16.15 -49.49 -1.50
C THR D 9 -15.18 -48.92 -0.48
N PRO D 10 -15.19 -47.62 -0.28
CA PRO D 10 -14.20 -46.99 0.59
C PRO D 10 -14.44 -47.33 2.06
N ALA D 11 -13.36 -47.24 2.83
CA ALA D 11 -13.40 -47.47 4.28
C ALA D 11 -13.77 -46.22 5.05
N TYR D 12 -14.63 -45.38 4.49
CA TYR D 12 -15.04 -44.13 5.11
C TYR D 12 -16.35 -43.68 4.45
N ASP D 13 -17.00 -42.71 5.09
CA ASP D 13 -18.24 -42.15 4.56
C ASP D 13 -17.95 -40.97 3.62
N LEU D 14 -18.92 -40.69 2.76
CA LEU D 14 -18.71 -39.82 1.60
C LEU D 14 -19.54 -38.54 1.72
N THR D 15 -18.94 -37.42 1.33
CA THR D 15 -19.67 -36.17 1.10
C THR D 15 -19.96 -36.02 -0.39
N TYR D 16 -20.68 -34.94 -0.73
CA TYR D 16 -20.96 -34.65 -2.13
C TYR D 16 -19.68 -34.48 -2.93
N ASN D 17 -18.62 -33.96 -2.31
CA ASN D 17 -17.35 -33.76 -3.01
C ASN D 17 -16.64 -35.08 -3.31
N ASP D 18 -16.96 -36.15 -2.58
CA ASP D 18 -16.24 -37.41 -2.73
C ASP D 18 -16.74 -38.28 -3.87
N VAL D 19 -17.85 -37.93 -4.52
CA VAL D 19 -18.50 -38.83 -5.47
C VAL D 19 -18.72 -38.13 -6.81
N PHE D 20 -19.02 -38.93 -7.83
CA PHE D 20 -19.35 -38.44 -9.16
C PHE D 20 -20.34 -39.40 -9.81
N VAL D 21 -21.04 -38.90 -10.81
CA VAL D 21 -21.99 -39.68 -11.60
C VAL D 21 -21.34 -40.00 -12.94
N VAL D 22 -21.39 -41.27 -13.33
CA VAL D 22 -20.93 -41.68 -14.66
C VAL D 22 -22.14 -41.71 -15.59
N PRO D 23 -22.05 -41.06 -16.76
CA PRO D 23 -23.21 -41.06 -17.67
C PRO D 23 -23.52 -42.45 -18.19
N GLY D 24 -24.78 -42.63 -18.58
CA GLY D 24 -25.25 -43.87 -19.16
C GLY D 24 -25.93 -43.61 -20.49
N ARG D 25 -26.46 -44.71 -21.06
CA ARG D 25 -27.12 -44.62 -22.35
C ARG D 25 -28.43 -43.86 -22.18
N SER D 26 -28.69 -42.90 -23.07
CA SER D 26 -29.81 -41.98 -22.91
C SER D 26 -30.63 -41.89 -24.18
N ASP D 27 -31.95 -41.82 -24.01
CA ASP D 27 -32.86 -41.56 -25.10
C ASP D 27 -33.59 -40.24 -24.93
N VAL D 28 -33.36 -39.52 -23.83
CA VAL D 28 -34.01 -38.24 -23.61
C VAL D 28 -33.37 -37.22 -24.56
N ALA D 29 -34.17 -36.73 -25.52
CA ALA D 29 -33.62 -35.91 -26.59
C ALA D 29 -33.26 -34.51 -26.10
N SER D 30 -34.05 -33.95 -25.19
CA SER D 30 -33.85 -32.59 -24.70
C SER D 30 -33.94 -32.55 -23.19
N ARG D 31 -33.13 -31.67 -22.60
CA ARG D 31 -33.19 -31.46 -21.15
C ARG D 31 -34.50 -30.85 -20.70
N PHE D 32 -35.26 -30.23 -21.62
CA PHE D 32 -36.59 -29.76 -21.29
C PHE D 32 -37.62 -30.88 -21.21
N ASP D 33 -37.29 -32.08 -21.67
CA ASP D 33 -38.20 -33.21 -21.57
C ASP D 33 -38.22 -33.86 -20.20
N VAL D 34 -37.28 -33.51 -19.32
CA VAL D 34 -37.22 -34.12 -18.00
C VAL D 34 -38.35 -33.58 -17.13
N ASP D 35 -39.01 -34.47 -16.39
CA ASP D 35 -40.03 -34.10 -15.42
C ASP D 35 -39.37 -34.04 -14.04
N LEU D 36 -39.36 -32.85 -13.43
CA LEU D 36 -38.69 -32.62 -12.15
C LEU D 36 -39.63 -32.74 -10.96
N SER D 37 -40.87 -33.17 -11.17
CA SER D 37 -41.85 -33.23 -10.09
C SER D 37 -41.45 -34.27 -9.04
N THR D 38 -41.76 -33.96 -7.79
CA THR D 38 -41.45 -34.85 -6.68
C THR D 38 -42.62 -35.77 -6.37
N VAL D 39 -42.33 -36.83 -5.61
CA VAL D 39 -43.30 -37.89 -5.37
C VAL D 39 -43.48 -38.15 -3.89
N ASP D 40 -43.14 -37.18 -3.05
CA ASP D 40 -43.18 -37.37 -1.61
C ASP D 40 -44.41 -36.74 -0.96
N GLY D 41 -45.34 -36.20 -1.75
CA GLY D 41 -46.51 -35.57 -1.20
C GLY D 41 -46.35 -34.10 -0.88
N SER D 42 -45.17 -33.52 -1.10
CA SER D 42 -44.97 -32.11 -0.81
C SER D 42 -45.71 -31.22 -1.81
N GLY D 43 -45.93 -31.72 -3.02
CA GLY D 43 -46.58 -30.94 -4.06
C GLY D 43 -45.65 -30.09 -4.89
N THR D 44 -44.35 -30.15 -4.66
CA THR D 44 -43.41 -29.34 -5.42
C THR D 44 -43.20 -29.95 -6.81
N THR D 45 -43.04 -29.08 -7.80
CA THR D 45 -42.76 -29.52 -9.15
C THR D 45 -41.28 -29.42 -9.50
N ILE D 46 -40.47 -28.86 -8.61
CA ILE D 46 -39.01 -28.94 -8.67
C ILE D 46 -38.54 -29.47 -7.32
N PRO D 47 -37.41 -30.18 -7.24
CA PRO D 47 -36.94 -30.76 -5.98
C PRO D 47 -36.19 -29.77 -5.07
N VAL D 48 -36.83 -28.64 -4.78
CA VAL D 48 -36.22 -27.56 -4.01
C VAL D 48 -37.16 -27.15 -2.89
N VAL D 49 -36.67 -27.22 -1.65
CA VAL D 49 -37.38 -26.73 -0.48
C VAL D 49 -36.51 -25.69 0.21
N VAL D 50 -37.11 -24.60 0.64
CA VAL D 50 -36.40 -23.53 1.33
C VAL D 50 -36.48 -23.75 2.83
N ALA D 51 -35.32 -23.72 3.49
CA ALA D 51 -35.22 -24.09 4.90
C ALA D 51 -35.99 -23.12 5.79
N ASN D 52 -36.43 -23.63 6.94
CA ASN D 52 -37.15 -22.84 7.93
C ASN D 52 -36.16 -22.01 8.76
N MET D 53 -35.56 -21.03 8.10
CA MET D 53 -34.61 -20.12 8.72
C MET D 53 -35.10 -18.70 8.56
N THR D 54 -35.05 -17.94 9.66
CA THR D 54 -35.59 -16.58 9.65
C THR D 54 -34.87 -15.66 8.69
N ALA D 55 -33.62 -15.96 8.36
CA ALA D 55 -32.87 -15.14 7.41
C ALA D 55 -33.22 -15.44 5.96
N VAL D 56 -34.06 -16.44 5.69
CA VAL D 56 -34.33 -16.87 4.33
C VAL D 56 -35.82 -16.96 4.04
N ALA D 57 -36.60 -17.47 4.99
CA ALA D 57 -37.98 -17.88 4.74
C ALA D 57 -38.95 -16.77 5.13
N GLY D 58 -39.14 -15.82 4.20
CA GLY D 58 -40.12 -14.77 4.34
C GLY D 58 -41.22 -14.88 3.29
N ARG D 59 -42.13 -13.91 3.33
CA ARG D 59 -43.30 -13.96 2.45
C ARG D 59 -42.93 -13.72 1.00
N ARG D 60 -41.98 -12.83 0.73
CA ARG D 60 -41.53 -12.62 -0.65
C ARG D 60 -40.85 -13.88 -1.20
N MET D 61 -40.04 -14.54 -0.38
CA MET D 61 -39.45 -15.81 -0.79
C MET D 61 -40.52 -16.87 -1.01
N ALA D 62 -41.51 -16.94 -0.11
CA ALA D 62 -42.55 -17.96 -0.21
C ALA D 62 -43.35 -17.81 -1.48
N GLU D 63 -43.71 -16.58 -1.84
CA GLU D 63 -44.44 -16.35 -3.09
C GLU D 63 -43.60 -16.71 -4.31
N THR D 64 -42.35 -16.24 -4.32
CA THR D 64 -41.53 -16.35 -5.53
C THR D 64 -41.15 -17.79 -5.81
N VAL D 65 -40.77 -18.55 -4.78
CA VAL D 65 -40.35 -19.93 -4.98
C VAL D 65 -41.53 -20.81 -5.34
N ALA D 66 -42.67 -20.64 -4.66
CA ALA D 66 -43.82 -21.49 -4.92
C ALA D 66 -44.39 -21.29 -6.32
N ARG D 67 -44.27 -20.07 -6.88
CA ARG D 67 -44.71 -19.86 -8.25
C ARG D 67 -43.88 -20.67 -9.24
N ARG D 68 -42.60 -20.89 -8.92
CA ARG D 68 -41.72 -21.66 -9.79
C ARG D 68 -41.66 -23.14 -9.43
N GLY D 69 -42.45 -23.58 -8.46
CA GLY D 69 -42.61 -25.00 -8.20
C GLY D 69 -42.03 -25.49 -6.89
N GLY D 70 -41.29 -24.68 -6.15
CA GLY D 70 -40.76 -25.06 -4.86
C GLY D 70 -41.75 -24.78 -3.73
N ILE D 71 -41.23 -24.83 -2.51
CA ILE D 71 -42.04 -24.55 -1.33
C ILE D 71 -41.13 -24.00 -0.24
N VAL D 72 -41.68 -23.10 0.58
CA VAL D 72 -40.95 -22.47 1.67
C VAL D 72 -41.55 -22.94 3.00
N VAL D 73 -40.68 -23.28 3.93
CA VAL D 73 -41.11 -23.67 5.28
C VAL D 73 -40.92 -22.46 6.20
N LEU D 74 -42.03 -21.93 6.71
CA LEU D 74 -41.95 -20.81 7.62
C LEU D 74 -41.26 -21.24 8.93
N PRO D 75 -40.38 -20.40 9.48
CA PRO D 75 -39.66 -20.79 10.70
C PRO D 75 -40.61 -20.98 11.88
N GLN D 76 -40.16 -21.79 12.84
CA GLN D 76 -40.99 -22.12 14.00
C GLN D 76 -41.13 -20.95 14.98
N ASP D 77 -40.24 -19.96 14.91
CA ASP D 77 -40.32 -18.81 15.80
C ASP D 77 -41.38 -17.80 15.39
N LEU D 78 -42.09 -18.03 14.30
CA LEU D 78 -43.03 -17.04 13.79
C LEU D 78 -44.32 -17.08 14.59
N PRO D 79 -44.82 -15.94 15.08
CA PRO D 79 -46.10 -15.93 15.79
C PRO D 79 -47.24 -16.35 14.86
N ILE D 80 -48.28 -16.94 15.47
CA ILE D 80 -49.36 -17.53 14.68
C ILE D 80 -50.10 -16.48 13.87
N THR D 81 -50.22 -15.26 14.37
CA THR D 81 -50.86 -14.20 13.60
C THR D 81 -50.00 -13.80 12.41
N ALA D 82 -48.69 -13.68 12.60
CA ALA D 82 -47.80 -13.41 11.48
C ALA D 82 -47.80 -14.55 10.47
N VAL D 83 -47.92 -15.80 10.96
CA VAL D 83 -48.04 -16.94 10.07
C VAL D 83 -49.31 -16.81 9.23
N SER D 84 -50.44 -16.51 9.88
CA SER D 84 -51.71 -16.42 9.17
C SER D 84 -51.70 -15.30 8.14
N GLU D 85 -51.05 -14.18 8.46
CA GLU D 85 -50.97 -13.08 7.50
C GLU D 85 -50.10 -13.44 6.31
N THR D 86 -48.99 -14.16 6.56
CA THR D 86 -48.12 -14.57 5.46
C THR D 86 -48.81 -15.58 4.57
N VAL D 87 -49.53 -16.55 5.16
CA VAL D 87 -50.21 -17.56 4.36
C VAL D 87 -51.31 -16.92 3.52
N ASP D 88 -52.09 -16.01 4.10
CA ASP D 88 -53.14 -15.35 3.34
C ASP D 88 -52.57 -14.53 2.20
N PHE D 89 -51.40 -13.94 2.39
CA PHE D 89 -50.75 -13.19 1.31
C PHE D 89 -50.32 -14.12 0.19
N VAL D 90 -49.66 -15.23 0.54
CA VAL D 90 -49.15 -16.15 -0.48
C VAL D 90 -50.31 -16.77 -1.26
N LYS D 91 -51.37 -17.18 -0.58
CA LYS D 91 -52.47 -17.88 -1.23
C LYS D 91 -53.40 -16.96 -2.00
N SER D 92 -53.18 -15.65 -1.95
CA SER D 92 -53.91 -14.71 -2.79
C SER D 92 -53.09 -14.24 -3.98
N ARG D 93 -51.89 -14.78 -4.17
CA ARG D 93 -51.04 -14.35 -5.27
C ARG D 93 -51.47 -15.00 -6.58
N ASP D 94 -51.20 -14.31 -7.67
CA ASP D 94 -51.47 -14.86 -9.00
C ASP D 94 -50.40 -15.87 -9.38
N LEU D 95 -50.79 -16.85 -10.20
CA LEU D 95 -49.91 -17.96 -10.54
C LEU D 95 -48.88 -17.61 -11.60
N VAL D 96 -49.10 -16.55 -12.37
CA VAL D 96 -48.21 -16.16 -13.45
C VAL D 96 -47.64 -14.77 -13.22
N VAL D 97 -48.44 -13.85 -12.71
CA VAL D 97 -48.07 -12.46 -12.57
C VAL D 97 -47.52 -12.25 -11.16
N ASP D 98 -46.39 -11.53 -11.06
CA ASP D 98 -45.68 -11.37 -9.81
C ASP D 98 -46.10 -10.09 -9.09
N THR D 99 -45.89 -10.08 -7.77
CA THR D 99 -46.20 -8.90 -6.96
C THR D 99 -45.05 -7.92 -7.02
N PRO D 100 -45.24 -6.72 -7.55
CA PRO D 100 -44.14 -5.76 -7.62
C PRO D 100 -44.03 -4.93 -6.35
N VAL D 101 -42.90 -4.23 -6.25
CA VAL D 101 -42.78 -3.16 -5.26
C VAL D 101 -43.71 -2.02 -5.69
N THR D 102 -44.54 -1.56 -4.77
CA THR D 102 -45.46 -0.46 -5.03
C THR D 102 -45.06 0.76 -4.21
N LEU D 103 -45.25 1.94 -4.78
CA LEU D 103 -44.86 3.19 -4.15
C LEU D 103 -46.01 4.19 -4.25
N SER D 104 -46.20 4.94 -3.19
CA SER D 104 -47.09 6.10 -3.27
C SER D 104 -46.33 7.27 -3.89
N PRO D 105 -47.00 8.12 -4.67
CA PRO D 105 -46.32 9.30 -5.22
C PRO D 105 -45.81 10.25 -4.13
N GLU D 106 -46.30 10.14 -2.91
CA GLU D 106 -45.84 10.93 -1.78
C GLU D 106 -44.67 10.30 -1.05
N ASP D 107 -44.23 9.11 -1.45
CA ASP D 107 -43.07 8.50 -0.83
C ASP D 107 -41.80 9.24 -1.24
N SER D 108 -40.79 9.15 -0.38
CA SER D 108 -39.52 9.80 -0.63
C SER D 108 -38.67 8.96 -1.56
N VAL D 109 -37.80 9.64 -2.32
CA VAL D 109 -36.85 8.94 -3.20
C VAL D 109 -35.94 8.03 -2.37
N SER D 110 -35.65 8.42 -1.12
CA SER D 110 -34.87 7.57 -0.24
C SER D 110 -35.54 6.22 -0.03
N ASP D 111 -36.85 6.24 0.24
CA ASP D 111 -37.58 4.98 0.38
C ASP D 111 -37.64 4.23 -0.94
N ALA D 112 -37.83 4.95 -2.05
CA ALA D 112 -37.96 4.29 -3.35
C ALA D 112 -36.68 3.58 -3.76
N ASN D 113 -35.53 4.14 -3.39
CA ASN D 113 -34.26 3.52 -3.76
C ASN D 113 -34.04 2.22 -2.99
N ALA D 114 -34.40 2.21 -1.70
CA ALA D 114 -34.18 1.03 -0.87
C ALA D 114 -35.21 -0.06 -1.12
N LEU D 115 -36.48 0.33 -1.31
CA LEU D 115 -37.54 -0.65 -1.56
C LEU D 115 -37.38 -1.37 -2.89
N LEU D 116 -36.63 -0.79 -3.83
CA LEU D 116 -36.51 -1.37 -5.16
C LEU D 116 -35.91 -2.77 -5.13
N HIS D 117 -35.02 -3.04 -4.17
CA HIS D 117 -34.28 -4.28 -4.15
C HIS D 117 -34.96 -5.39 -3.34
N LYS D 118 -36.21 -5.18 -2.91
CA LYS D 118 -36.97 -6.27 -2.31
C LYS D 118 -37.52 -7.23 -3.36
N ARG D 119 -37.46 -6.86 -4.63
CA ARG D 119 -37.81 -7.74 -5.75
C ARG D 119 -36.72 -7.65 -6.80
N ALA D 120 -36.80 -8.53 -7.79
CA ALA D 120 -35.81 -8.59 -8.86
C ALA D 120 -36.28 -7.97 -10.16
N HIS D 121 -37.38 -7.20 -10.13
CA HIS D 121 -37.95 -6.66 -11.35
C HIS D 121 -37.18 -5.48 -11.90
N GLY D 122 -36.36 -4.82 -11.08
CA GLY D 122 -35.65 -3.64 -11.51
C GLY D 122 -36.49 -2.39 -11.62
N ALA D 123 -37.76 -2.45 -11.21
CA ALA D 123 -38.65 -1.30 -11.29
C ALA D 123 -39.77 -1.47 -10.28
N ALA D 124 -40.24 -0.34 -9.76
CA ALA D 124 -41.40 -0.30 -8.88
C ALA D 124 -42.55 0.42 -9.58
N VAL D 125 -43.78 0.08 -9.19
CA VAL D 125 -44.98 0.66 -9.76
C VAL D 125 -45.50 1.73 -8.83
N VAL D 126 -45.63 2.96 -9.32
CA VAL D 126 -46.28 4.03 -8.57
C VAL D 126 -47.79 3.81 -8.64
N VAL D 127 -48.43 3.70 -7.48
CA VAL D 127 -49.85 3.41 -7.41
C VAL D 127 -50.57 4.55 -6.70
N PHE D 128 -51.81 4.78 -7.13
CA PHE D 128 -52.69 5.75 -6.47
C PHE D 128 -54.09 5.15 -6.45
N GLU D 129 -54.60 4.88 -5.25
CA GLU D 129 -55.91 4.24 -5.07
C GLU D 129 -55.98 2.92 -5.83
N GLY D 130 -54.91 2.13 -5.73
CA GLY D 130 -54.87 0.81 -6.32
C GLY D 130 -54.60 0.77 -7.81
N ARG D 131 -54.32 1.90 -8.44
CA ARG D 131 -54.16 1.90 -9.89
C ARG D 131 -52.78 2.42 -10.28
N PRO D 132 -52.14 1.81 -11.27
CA PRO D 132 -50.78 2.21 -11.63
C PRO D 132 -50.77 3.55 -12.35
N ILE D 133 -49.83 4.41 -11.96
CA ILE D 133 -49.68 5.73 -12.57
C ILE D 133 -48.26 6.01 -13.02
N GLY D 134 -47.31 5.11 -12.77
CA GLY D 134 -45.95 5.35 -13.21
C GLY D 134 -45.03 4.23 -12.79
N LEU D 135 -43.77 4.35 -13.21
CA LEU D 135 -42.71 3.43 -12.85
C LEU D 135 -41.54 4.20 -12.27
N VAL D 136 -40.78 3.54 -11.40
CA VAL D 136 -39.56 4.08 -10.82
C VAL D 136 -38.47 3.03 -10.91
N THR D 137 -37.35 3.39 -11.52
CA THR D 137 -36.17 2.54 -11.60
C THR D 137 -35.02 3.17 -10.82
N GLU D 138 -33.92 2.43 -10.73
CA GLU D 138 -32.74 2.94 -10.03
C GLU D 138 -32.16 4.16 -10.74
N ALA D 139 -32.22 4.19 -12.07
CA ALA D 139 -31.69 5.34 -12.81
C ALA D 139 -32.46 6.61 -12.48
N ASN D 140 -33.75 6.50 -12.16
CA ASN D 140 -34.54 7.68 -11.82
C ASN D 140 -34.20 8.23 -10.44
N CYS D 141 -33.58 7.43 -9.57
CA CYS D 141 -33.18 7.87 -8.24
C CYS D 141 -31.73 8.30 -8.17
N ALA D 142 -31.01 8.27 -9.29
CA ALA D 142 -29.59 8.58 -9.29
C ALA D 142 -29.38 10.10 -9.32
N GLY D 143 -28.78 10.64 -8.25
CA GLY D 143 -28.50 12.04 -8.15
C GLY D 143 -29.58 12.88 -7.50
N VAL D 144 -30.79 12.35 -7.39
CA VAL D 144 -31.89 13.10 -6.80
C VAL D 144 -31.72 13.14 -5.29
N ASP D 145 -32.14 14.25 -4.67
CA ASP D 145 -32.13 14.35 -3.23
C ASP D 145 -33.02 13.27 -2.62
N ARG D 146 -32.59 12.75 -1.47
CA ARG D 146 -33.29 11.64 -0.85
C ARG D 146 -34.73 12.00 -0.49
N PHE D 147 -34.99 13.28 -0.24
CA PHE D 147 -36.28 13.70 0.27
C PHE D 147 -37.15 14.39 -0.78
N ALA D 148 -36.77 14.29 -2.06
CA ALA D 148 -37.72 14.56 -3.11
C ALA D 148 -38.77 13.45 -3.12
N ARG D 149 -39.89 13.72 -3.78
CA ARG D 149 -40.97 12.75 -3.81
C ARG D 149 -40.90 11.90 -5.08
N VAL D 150 -41.55 10.73 -5.01
CA VAL D 150 -41.53 9.80 -6.13
C VAL D 150 -42.15 10.44 -7.37
N ARG D 151 -43.16 11.29 -7.18
CA ARG D 151 -43.86 11.91 -8.30
C ARG D 151 -42.94 12.76 -9.17
N ASP D 152 -41.82 13.24 -8.62
CA ASP D 152 -40.91 14.08 -9.40
C ASP D 152 -40.01 13.27 -10.32
N ILE D 153 -39.88 11.97 -10.10
CA ILE D 153 -38.94 11.14 -10.85
C ILE D 153 -39.61 10.01 -11.62
N ALA D 154 -40.90 9.76 -11.41
CA ALA D 154 -41.55 8.60 -11.99
C ALA D 154 -41.73 8.76 -13.49
N LEU D 155 -41.43 7.69 -14.23
CA LEU D 155 -41.75 7.65 -15.65
C LEU D 155 -43.25 7.49 -15.82
N SER D 156 -43.84 8.35 -16.66
CA SER D 156 -45.29 8.40 -16.77
C SER D 156 -45.87 7.43 -17.79
N ASP D 157 -45.09 6.95 -18.75
CA ASP D 157 -45.56 6.03 -19.77
C ASP D 157 -44.96 4.65 -19.56
N PHE D 158 -45.81 3.62 -19.68
CA PHE D 158 -45.36 2.26 -19.44
C PHE D 158 -46.30 1.29 -20.15
N VAL D 159 -45.81 0.08 -20.40
CA VAL D 159 -46.58 -0.94 -21.09
C VAL D 159 -47.61 -1.52 -20.13
N THR D 160 -48.85 -1.65 -20.60
CA THR D 160 -49.93 -2.21 -19.80
C THR D 160 -50.63 -3.30 -20.61
N ALA D 161 -51.13 -4.31 -19.90
CA ALA D 161 -51.79 -5.44 -20.52
C ALA D 161 -52.76 -6.04 -19.50
N PRO D 162 -53.87 -6.61 -19.95
CA PRO D 162 -54.84 -7.18 -19.01
C PRO D 162 -54.35 -8.49 -18.42
N VAL D 163 -54.72 -8.72 -17.16
CA VAL D 163 -54.39 -9.98 -16.50
C VAL D 163 -55.07 -11.12 -17.24
N GLY D 164 -54.31 -12.18 -17.50
CA GLY D 164 -54.78 -13.28 -18.30
C GLY D 164 -54.21 -13.32 -19.71
N THR D 165 -53.50 -12.27 -20.13
CA THR D 165 -52.88 -12.26 -21.44
C THR D 165 -51.85 -13.39 -21.53
N ASP D 166 -51.73 -13.96 -22.72
CA ASP D 166 -50.73 -14.99 -22.97
C ASP D 166 -49.34 -14.46 -22.60
N PRO D 167 -48.59 -15.16 -21.75
CA PRO D 167 -47.23 -14.70 -21.43
C PRO D 167 -46.33 -14.62 -22.65
N ARG D 168 -46.58 -15.45 -23.67
CA ARG D 168 -45.81 -15.37 -24.90
C ARG D 168 -46.04 -14.02 -25.59
N GLU D 169 -47.28 -13.54 -25.58
CA GLU D 169 -47.57 -12.24 -26.17
C GLU D 169 -46.90 -11.11 -25.38
N VAL D 170 -47.02 -11.15 -24.04
CA VAL D 170 -46.36 -10.16 -23.20
C VAL D 170 -44.87 -10.12 -23.47
N PHE D 171 -44.27 -11.28 -23.76
CA PHE D 171 -42.85 -11.31 -24.11
C PHE D 171 -42.58 -10.47 -25.35
N ASP D 172 -43.45 -10.55 -26.36
CA ASP D 172 -43.24 -9.78 -27.58
C ASP D 172 -43.61 -8.31 -27.41
N LEU D 173 -44.55 -7.99 -26.52
CA LEU D 173 -44.88 -6.59 -26.26
C LEU D 173 -43.69 -5.83 -25.69
N LEU D 174 -42.80 -6.51 -24.97
CA LEU D 174 -41.71 -5.86 -24.26
C LEU D 174 -40.38 -5.95 -24.99
N GLU D 175 -40.39 -6.30 -26.27
CA GLU D 175 -39.13 -6.46 -26.98
C GLU D 175 -38.40 -5.13 -27.15
N HIS D 176 -39.13 -4.07 -27.51
CA HIS D 176 -38.53 -2.77 -27.75
C HIS D 176 -38.99 -1.71 -26.75
N ALA D 177 -39.56 -2.15 -25.62
CA ALA D 177 -39.94 -1.20 -24.58
C ALA D 177 -38.69 -0.77 -23.80
N PRO D 178 -38.63 0.51 -23.39
CA PRO D 178 -37.47 0.96 -22.62
C PRO D 178 -37.31 0.26 -21.28
N ILE D 179 -38.42 -0.12 -20.64
CA ILE D 179 -38.40 -0.83 -19.36
C ILE D 179 -38.95 -2.22 -19.58
N ASP D 180 -38.22 -3.23 -19.10
CA ASP D 180 -38.59 -4.63 -19.27
C ASP D 180 -39.60 -5.05 -18.18
N VAL D 181 -40.72 -4.32 -18.15
CA VAL D 181 -41.80 -4.58 -17.20
C VAL D 181 -43.13 -4.30 -17.90
N ALA D 182 -44.04 -5.26 -17.86
CA ALA D 182 -45.42 -5.07 -18.30
C ALA D 182 -46.32 -5.01 -17.08
N VAL D 183 -46.98 -3.89 -16.87
CA VAL D 183 -47.87 -3.71 -15.72
C VAL D 183 -49.20 -4.38 -16.05
N MET D 184 -49.49 -5.48 -15.36
CA MET D 184 -50.70 -6.25 -15.60
C MET D 184 -51.85 -5.66 -14.80
N THR D 185 -52.98 -5.42 -15.45
CA THR D 185 -54.07 -4.69 -14.86
C THR D 185 -55.34 -5.54 -14.85
N ALA D 186 -56.20 -5.27 -13.86
CA ALA D 186 -57.50 -5.89 -13.77
C ALA D 186 -58.49 -5.18 -14.67
N PRO D 187 -59.62 -5.81 -15.00
CA PRO D 187 -60.62 -5.17 -15.87
C PRO D 187 -61.02 -3.76 -15.43
N ASP D 188 -61.06 -3.48 -14.13
CA ASP D 188 -61.38 -2.14 -13.67
C ASP D 188 -60.19 -1.19 -13.69
N GLY D 189 -59.03 -1.64 -14.17
CA GLY D 189 -57.85 -0.80 -14.22
C GLY D 189 -56.92 -0.89 -13.02
N THR D 190 -57.34 -1.56 -11.94
CA THR D 190 -56.49 -1.66 -10.77
C THR D 190 -55.29 -2.56 -11.05
N LEU D 191 -54.22 -2.33 -10.28
CA LEU D 191 -52.99 -3.08 -10.44
C LEU D 191 -53.20 -4.55 -10.05
N ALA D 192 -52.84 -5.45 -10.97
CA ALA D 192 -52.84 -6.87 -10.69
C ALA D 192 -51.44 -7.43 -10.45
N GLY D 193 -50.42 -6.75 -10.94
CA GLY D 193 -49.04 -7.18 -10.78
C GLY D 193 -48.23 -6.80 -12.00
N VAL D 194 -47.08 -7.46 -12.15
CA VAL D 194 -46.16 -7.18 -13.24
C VAL D 194 -45.68 -8.50 -13.83
N LEU D 195 -45.07 -8.42 -15.02
CA LEU D 195 -44.53 -9.58 -15.70
C LEU D 195 -43.40 -9.11 -16.61
N THR D 196 -42.18 -9.60 -16.35
CA THR D 196 -41.04 -9.24 -17.16
C THR D 196 -40.88 -10.22 -18.32
N ARG D 197 -39.91 -9.94 -19.20
CA ARG D 197 -39.63 -10.87 -20.30
C ARG D 197 -39.13 -12.20 -19.76
N THR D 198 -38.22 -12.18 -18.78
CA THR D 198 -37.76 -13.42 -18.17
C THR D 198 -38.87 -14.10 -17.38
N GLY D 199 -39.70 -13.30 -16.69
CA GLY D 199 -40.85 -13.88 -16.00
C GLY D 199 -41.79 -14.61 -16.94
N ALA D 200 -41.96 -14.09 -18.15
CA ALA D 200 -42.81 -14.77 -19.13
C ALA D 200 -42.16 -16.06 -19.61
N ILE D 201 -40.84 -16.07 -19.77
CA ILE D 201 -40.14 -17.29 -20.17
C ILE D 201 -40.29 -18.36 -19.10
N ARG D 202 -40.14 -17.97 -17.84
CA ARG D 202 -40.25 -18.94 -16.74
C ARG D 202 -41.66 -19.48 -16.59
N ALA D 203 -42.67 -18.76 -17.09
CA ALA D 203 -44.04 -19.26 -17.01
C ALA D 203 -44.23 -20.52 -17.83
N GLY D 204 -43.53 -20.65 -18.95
CA GLY D 204 -43.58 -21.84 -19.77
C GLY D 204 -42.52 -22.87 -19.44
N ILE D 205 -41.75 -22.68 -18.36
CA ILE D 205 -40.72 -23.62 -17.96
C ILE D 205 -41.04 -24.25 -16.61
N TYR D 206 -41.54 -23.46 -15.67
CA TYR D 206 -41.85 -23.92 -14.32
C TYR D 206 -43.35 -24.04 -14.12
N THR D 207 -43.75 -25.08 -13.39
CA THR D 207 -45.15 -25.26 -13.03
C THR D 207 -45.35 -24.86 -11.57
N PRO D 208 -46.29 -23.97 -11.27
CA PRO D 208 -46.48 -23.54 -9.88
C PRO D 208 -46.91 -24.70 -8.99
N ALA D 209 -46.42 -24.67 -7.75
CA ALA D 209 -46.84 -25.62 -6.72
C ALA D 209 -48.09 -25.06 -6.05
N VAL D 210 -49.21 -25.74 -6.24
CA VAL D 210 -50.51 -25.23 -5.81
C VAL D 210 -51.24 -26.27 -4.96
N ASP D 211 -52.12 -25.79 -4.09
CA ASP D 211 -52.95 -26.65 -3.26
C ASP D 211 -54.14 -27.14 -4.07
N ALA D 212 -55.11 -27.76 -3.39
CA ALA D 212 -56.30 -28.28 -4.08
C ALA D 212 -57.19 -27.17 -4.62
N LYS D 213 -57.08 -25.95 -4.09
CA LYS D 213 -57.87 -24.82 -4.55
C LYS D 213 -57.14 -23.98 -5.61
N GLY D 214 -55.97 -24.41 -6.07
CA GLY D 214 -55.24 -23.66 -7.06
C GLY D 214 -54.42 -22.50 -6.54
N ARG D 215 -54.21 -22.43 -5.22
CA ARG D 215 -53.43 -21.37 -4.60
C ARG D 215 -52.03 -21.87 -4.27
N LEU D 216 -51.07 -20.95 -4.28
CA LEU D 216 -49.67 -21.31 -4.06
C LEU D 216 -49.47 -22.01 -2.72
N ARG D 217 -48.62 -23.04 -2.72
CA ARG D 217 -48.36 -23.84 -1.54
C ARG D 217 -47.36 -23.15 -0.62
N ILE D 218 -47.44 -23.50 0.67
CA ILE D 218 -46.56 -22.96 1.69
C ILE D 218 -46.58 -23.92 2.86
N ALA D 219 -45.44 -24.05 3.55
CA ALA D 219 -45.30 -24.96 4.68
C ALA D 219 -44.93 -24.17 5.93
N ALA D 220 -44.98 -24.85 7.08
CA ALA D 220 -44.67 -24.23 8.35
C ALA D 220 -44.00 -25.24 9.26
N ALA D 221 -43.09 -24.75 10.09
CA ALA D 221 -42.31 -25.58 11.01
C ALA D 221 -42.81 -25.40 12.44
N VAL D 222 -42.52 -26.40 13.27
CA VAL D 222 -42.88 -26.39 14.68
C VAL D 222 -41.76 -27.07 15.47
N GLY D 223 -41.53 -26.58 16.69
CA GLY D 223 -40.55 -27.18 17.58
C GLY D 223 -41.15 -28.30 18.41
N ILE D 224 -40.27 -28.96 19.18
CA ILE D 224 -40.68 -30.09 20.00
C ILE D 224 -40.93 -29.71 21.45
N ASN D 225 -40.77 -28.44 21.80
CA ASN D 225 -41.07 -27.97 23.14
C ASN D 225 -42.45 -27.31 23.17
N GLY D 226 -43.02 -27.23 24.37
CA GLY D 226 -44.35 -26.68 24.51
C GLY D 226 -45.44 -27.66 24.08
N ASP D 227 -46.58 -27.11 23.68
CA ASP D 227 -47.72 -27.93 23.27
C ASP D 227 -47.65 -28.11 21.76
N VAL D 228 -46.91 -29.14 21.33
CA VAL D 228 -46.66 -29.36 19.91
C VAL D 228 -47.96 -29.60 19.16
N GLY D 229 -48.86 -30.39 19.75
CA GLY D 229 -50.11 -30.70 19.08
C GLY D 229 -50.96 -29.46 18.83
N ALA D 230 -51.10 -28.63 19.85
CA ALA D 230 -51.91 -27.41 19.70
C ALA D 230 -51.27 -26.46 18.69
N LYS D 231 -49.94 -26.37 18.68
CA LYS D 231 -49.26 -25.53 17.71
C LYS D 231 -49.42 -26.06 16.29
N ALA D 232 -49.33 -27.39 16.12
CA ALA D 232 -49.48 -27.97 14.80
C ALA D 232 -50.89 -27.76 14.26
N GLN D 233 -51.91 -27.92 15.11
CA GLN D 233 -53.28 -27.75 14.67
C GLN D 233 -53.56 -26.30 14.28
N ALA D 234 -52.96 -25.35 15.01
CA ALA D 234 -53.12 -23.94 14.65
C ALA D 234 -52.45 -23.63 13.31
N LEU D 235 -51.31 -24.26 13.03
CA LEU D 235 -50.66 -24.07 11.73
C LEU D 235 -51.49 -24.68 10.62
N ALA D 236 -52.12 -25.83 10.87
CA ALA D 236 -52.98 -26.45 9.87
C ALA D 236 -54.20 -25.58 9.58
N GLU D 237 -54.83 -25.05 10.63
CA GLU D 237 -55.99 -24.19 10.44
C GLU D 237 -55.63 -22.85 9.83
N ALA D 238 -54.35 -22.45 9.91
CA ALA D 238 -53.91 -21.22 9.26
C ALA D 238 -53.73 -21.41 7.75
N GLY D 239 -53.71 -22.64 7.26
CA GLY D 239 -53.61 -22.91 5.84
C GLY D 239 -52.32 -23.55 5.37
N ALA D 240 -51.44 -23.97 6.29
CA ALA D 240 -50.20 -24.63 5.88
C ALA D 240 -50.51 -25.92 5.15
N ASP D 241 -49.77 -26.16 4.07
CA ASP D 241 -49.95 -27.36 3.26
C ASP D 241 -49.05 -28.51 3.70
N LEU D 242 -48.12 -28.27 4.62
CA LEU D 242 -47.18 -29.28 5.07
C LEU D 242 -46.58 -28.82 6.39
N LEU D 243 -46.30 -29.77 7.27
CA LEU D 243 -45.78 -29.48 8.61
C LEU D 243 -44.40 -30.09 8.77
N VAL D 244 -43.48 -29.31 9.34
CA VAL D 244 -42.12 -29.75 9.62
C VAL D 244 -41.90 -29.68 11.12
N ILE D 245 -41.70 -30.82 11.75
CA ILE D 245 -41.31 -30.89 13.16
C ILE D 245 -39.79 -30.98 13.18
N ASP D 246 -39.13 -29.92 13.61
CA ASP D 246 -37.69 -29.75 13.41
C ASP D 246 -36.97 -29.59 14.73
N THR D 247 -35.81 -30.26 14.84
CA THR D 247 -34.91 -30.12 15.97
C THR D 247 -33.55 -30.64 15.57
N ALA D 248 -32.52 -30.24 16.33
CA ALA D 248 -31.14 -30.62 15.99
C ALA D 248 -30.94 -32.12 16.12
N HIS D 249 -31.26 -32.67 17.29
CA HIS D 249 -31.12 -34.11 17.55
C HIS D 249 -32.51 -34.74 17.42
N GLY D 250 -32.85 -35.13 16.20
CA GLY D 250 -34.17 -35.69 15.93
C GLY D 250 -34.39 -37.09 16.47
N HIS D 251 -33.34 -37.77 16.92
CA HIS D 251 -33.47 -39.14 17.41
C HIS D 251 -33.56 -39.19 18.93
N GLN D 252 -34.36 -38.33 19.54
CA GLN D 252 -34.56 -38.34 20.97
C GLN D 252 -36.02 -38.59 21.29
N ALA D 253 -36.28 -39.01 22.53
CA ALA D 253 -37.62 -39.44 22.91
C ALA D 253 -38.62 -38.30 22.79
N LYS D 254 -38.21 -37.08 23.09
CA LYS D 254 -39.13 -35.94 23.01
C LYS D 254 -39.61 -35.71 21.58
N MET D 255 -38.74 -35.97 20.58
CA MET D 255 -39.18 -35.87 19.19
C MET D 255 -40.17 -36.97 18.84
N LEU D 256 -39.92 -38.20 19.30
CA LEU D 256 -40.84 -39.30 19.04
C LEU D 256 -42.22 -39.00 19.61
N ASP D 257 -42.28 -38.43 20.83
CA ASP D 257 -43.56 -38.07 21.41
C ASP D 257 -44.21 -36.91 20.66
N ALA D 258 -43.40 -35.98 20.15
CA ALA D 258 -43.95 -34.86 19.39
C ALA D 258 -44.60 -35.34 18.10
N ILE D 259 -43.96 -36.28 17.40
CA ILE D 259 -44.53 -36.81 16.16
C ILE D 259 -45.86 -37.50 16.43
N LYS D 260 -45.93 -38.31 17.50
CA LYS D 260 -47.17 -39.01 17.80
C LYS D 260 -48.30 -38.03 18.12
N ALA D 261 -47.98 -36.97 18.86
CA ALA D 261 -49.00 -36.00 19.25
C ALA D 261 -49.60 -35.31 18.03
N VAL D 262 -48.78 -35.04 17.01
CA VAL D 262 -49.29 -34.40 15.81
C VAL D 262 -50.01 -35.40 14.91
N ALA D 263 -49.47 -36.61 14.78
CA ALA D 263 -50.09 -37.62 13.93
C ALA D 263 -51.45 -38.03 14.47
N SER D 264 -51.59 -38.11 15.79
CA SER D 264 -52.87 -38.51 16.38
C SER D 264 -53.97 -37.48 16.14
N LEU D 265 -53.62 -36.22 15.86
CA LEU D 265 -54.63 -35.21 15.57
C LEU D 265 -55.24 -35.39 14.20
N ASP D 266 -54.55 -36.09 13.29
CA ASP D 266 -55.05 -36.41 11.96
C ASP D 266 -55.43 -35.14 11.18
N LEU D 267 -54.40 -34.36 10.87
CA LEU D 267 -54.59 -33.13 10.12
C LEU D 267 -54.70 -33.36 8.61
N GLY D 268 -54.35 -34.54 8.13
CA GLY D 268 -54.40 -34.79 6.70
C GLY D 268 -53.29 -34.13 5.91
N LEU D 269 -52.21 -33.72 6.55
CA LEU D 269 -51.09 -33.05 5.90
C LEU D 269 -49.84 -33.93 5.94
N PRO D 270 -48.94 -33.78 4.96
CA PRO D 270 -47.65 -34.47 5.06
C PRO D 270 -46.88 -34.00 6.28
N LEU D 271 -46.27 -34.96 6.98
CA LEU D 271 -45.54 -34.68 8.21
C LEU D 271 -44.06 -34.95 8.00
N VAL D 272 -43.25 -33.90 8.12
CA VAL D 272 -41.79 -33.99 8.01
C VAL D 272 -41.22 -33.91 9.42
N ALA D 273 -40.23 -34.76 9.70
CA ALA D 273 -39.56 -34.75 11.00
C ALA D 273 -38.05 -34.98 10.80
N GLY D 274 -37.25 -34.22 11.54
CA GLY D 274 -35.81 -34.35 11.50
C GLY D 274 -35.21 -33.65 12.71
N ASN D 275 -33.89 -33.73 12.82
CA ASN D 275 -33.01 -34.33 11.82
C ASN D 275 -32.27 -35.56 12.36
N VAL D 276 -32.06 -36.55 11.50
CA VAL D 276 -31.30 -37.75 11.83
C VAL D 276 -30.33 -38.01 10.69
N VAL D 277 -29.38 -38.93 10.93
CA VAL D 277 -28.42 -39.34 9.91
C VAL D 277 -28.18 -40.85 9.96
N SER D 278 -29.08 -41.59 10.62
CA SER D 278 -28.93 -43.04 10.75
C SER D 278 -30.17 -43.75 10.23
N ALA D 279 -29.98 -45.01 9.84
CA ALA D 279 -31.10 -45.85 9.43
C ALA D 279 -32.05 -46.11 10.59
N GLU D 280 -31.51 -46.30 11.79
CA GLU D 280 -32.36 -46.54 12.95
C GLU D 280 -33.24 -45.33 13.24
N GLY D 281 -32.65 -44.13 13.18
CA GLY D 281 -33.44 -42.93 13.43
C GLY D 281 -34.50 -42.69 12.35
N THR D 282 -34.17 -43.02 11.10
CA THR D 282 -35.15 -42.87 10.03
C THR D 282 -36.36 -43.78 10.24
N ARG D 283 -36.11 -45.02 10.68
CA ARG D 283 -37.23 -45.93 10.94
C ARG D 283 -38.05 -45.47 12.14
N ASP D 284 -37.39 -45.00 13.19
CA ASP D 284 -38.10 -44.62 14.42
C ASP D 284 -39.01 -43.41 14.19
N LEU D 285 -38.56 -42.44 13.38
CA LEU D 285 -39.41 -41.28 13.11
C LEU D 285 -40.60 -41.65 12.24
N ILE D 286 -40.39 -42.53 11.25
CA ILE D 286 -41.49 -42.98 10.41
C ILE D 286 -42.49 -43.79 11.23
N GLU D 287 -41.99 -44.69 12.09
CA GLU D 287 -42.89 -45.48 12.93
C GLU D 287 -43.67 -44.59 13.90
N ALA D 288 -43.09 -43.44 14.27
CA ALA D 288 -43.81 -42.51 15.14
C ALA D 288 -44.94 -41.80 14.40
N GLY D 289 -44.92 -41.78 13.08
CA GLY D 289 -46.00 -41.18 12.31
C GLY D 289 -45.57 -40.17 11.26
N ALA D 290 -44.26 -40.03 11.03
CA ALA D 290 -43.78 -39.14 9.99
C ALA D 290 -43.80 -39.86 8.65
N SER D 291 -44.12 -39.11 7.60
CA SER D 291 -44.04 -39.64 6.24
C SER D 291 -42.79 -39.20 5.50
N ILE D 292 -42.11 -38.16 5.97
CA ILE D 292 -40.87 -37.68 5.39
C ILE D 292 -39.88 -37.42 6.52
N VAL D 293 -38.64 -37.86 6.33
CA VAL D 293 -37.58 -37.69 7.31
C VAL D 293 -36.57 -36.69 6.78
N LYS D 294 -36.23 -35.69 7.59
CA LYS D 294 -35.24 -34.69 7.22
C LYS D 294 -33.87 -35.16 7.69
N VAL D 295 -32.92 -35.25 6.76
CA VAL D 295 -31.62 -35.84 7.00
C VAL D 295 -30.56 -34.75 6.96
N GLY D 296 -29.70 -34.73 7.99
CA GLY D 296 -28.59 -33.80 8.05
C GLY D 296 -28.29 -33.33 9.46
N VAL D 297 -27.09 -33.63 9.97
CA VAL D 297 -26.64 -33.20 11.28
C VAL D 297 -25.22 -32.68 11.09
N GLY D 298 -25.07 -31.35 11.02
CA GLY D 298 -23.76 -30.78 10.81
C GLY D 298 -23.47 -30.02 9.51
N PRO D 299 -24.05 -30.42 8.37
CA PRO D 299 -23.57 -29.85 7.09
C PRO D 299 -24.01 -28.43 6.81
N GLY D 300 -24.94 -27.87 7.59
CA GLY D 300 -25.43 -26.53 7.30
C GLY D 300 -24.32 -25.50 7.33
N ALA D 301 -24.36 -24.56 6.37
CA ALA D 301 -23.33 -23.54 6.26
C ALA D 301 -23.21 -22.68 7.51
N MET D 302 -24.27 -22.62 8.33
CA MET D 302 -24.25 -21.83 9.55
C MET D 302 -23.97 -22.68 10.80
N CYS D 303 -23.72 -23.97 10.64
CA CYS D 303 -23.61 -24.87 11.78
C CYS D 303 -22.17 -24.99 12.29
N THR D 304 -22.03 -25.04 13.61
CA THR D 304 -20.76 -25.34 14.26
C THR D 304 -20.84 -26.64 15.05
N THR D 305 -21.86 -27.47 14.78
CA THR D 305 -22.06 -28.69 15.55
C THR D 305 -20.86 -29.64 15.45
N ARG D 306 -20.27 -29.75 14.25
CA ARG D 306 -19.15 -30.66 14.07
C ARG D 306 -17.97 -30.26 14.94
N MET D 307 -17.60 -28.97 14.93
CA MET D 307 -16.46 -28.50 15.71
C MET D 307 -16.77 -28.48 17.20
N MET D 308 -18.04 -28.33 17.59
CA MET D 308 -18.38 -28.28 19.00
C MET D 308 -18.50 -29.66 19.61
N THR D 309 -18.92 -30.67 18.85
CA THR D 309 -19.28 -31.96 19.41
C THR D 309 -18.62 -33.15 18.73
N GLY D 310 -18.06 -32.99 17.54
CA GLY D 310 -17.65 -34.14 16.77
C GLY D 310 -18.80 -34.97 16.22
N VAL D 311 -20.04 -34.52 16.39
CA VAL D 311 -21.21 -35.30 15.97
C VAL D 311 -21.63 -34.84 14.58
N GLY D 312 -21.86 -35.80 13.70
CA GLY D 312 -22.28 -35.50 12.35
C GLY D 312 -22.08 -36.72 11.48
N ARG D 313 -22.31 -36.52 10.19
CA ARG D 313 -22.10 -37.59 9.22
C ARG D 313 -21.96 -36.97 7.84
N PRO D 314 -20.96 -37.40 7.06
CA PRO D 314 -20.90 -36.97 5.66
C PRO D 314 -22.24 -37.13 4.97
N GLN D 315 -22.71 -36.03 4.37
CA GLN D 315 -24.12 -35.89 4.01
C GLN D 315 -24.54 -36.86 2.91
N PHE D 316 -23.65 -37.16 1.96
CA PHE D 316 -24.04 -38.09 0.90
C PHE D 316 -24.30 -39.48 1.46
N SER D 317 -23.38 -39.99 2.28
CA SER D 317 -23.57 -41.31 2.87
C SER D 317 -24.77 -41.34 3.80
N ALA D 318 -25.02 -40.24 4.50
CA ALA D 318 -26.19 -40.18 5.38
C ALA D 318 -27.49 -40.28 4.59
N VAL D 319 -27.56 -39.58 3.45
CA VAL D 319 -28.76 -39.61 2.64
C VAL D 319 -28.95 -40.99 2.01
N VAL D 320 -27.86 -41.62 1.56
CA VAL D 320 -27.95 -42.95 0.95
C VAL D 320 -28.54 -43.95 1.95
N GLU D 321 -28.01 -43.97 3.17
CA GLU D 321 -28.49 -44.93 4.16
C GLU D 321 -29.92 -44.61 4.61
N CYS D 322 -30.22 -43.33 4.81
CA CYS D 322 -31.53 -42.96 5.31
C CYS D 322 -32.62 -43.12 4.25
N ALA D 323 -32.30 -42.77 3.00
CA ALA D 323 -33.29 -42.93 1.93
C ALA D 323 -33.63 -44.39 1.70
N ALA D 324 -32.64 -45.28 1.83
CA ALA D 324 -32.90 -46.71 1.68
C ALA D 324 -33.77 -47.23 2.82
N ALA D 325 -33.56 -46.75 4.04
CA ALA D 325 -34.37 -47.20 5.16
C ALA D 325 -35.81 -46.70 5.05
N ALA D 326 -36.00 -45.44 4.64
CA ALA D 326 -37.35 -44.92 4.46
C ALA D 326 -38.06 -45.58 3.29
N ARG D 327 -37.32 -45.93 2.24
CA ARG D 327 -37.91 -46.60 1.09
C ARG D 327 -38.52 -47.94 1.48
N GLN D 328 -37.88 -48.64 2.42
CA GLN D 328 -38.41 -49.92 2.88
C GLN D 328 -39.78 -49.76 3.53
N LEU D 329 -40.01 -48.65 4.23
CA LEU D 329 -41.25 -48.41 4.95
C LEU D 329 -42.23 -47.53 4.18
N GLY D 330 -41.99 -47.30 2.89
CA GLY D 330 -42.86 -46.41 2.14
C GLY D 330 -42.72 -44.95 2.47
N GLY D 331 -41.59 -44.53 3.06
CA GLY D 331 -41.36 -43.14 3.40
C GLY D 331 -40.40 -42.47 2.43
N HIS D 332 -40.10 -41.20 2.73
CA HIS D 332 -39.24 -40.38 1.89
C HIS D 332 -38.27 -39.60 2.77
N VAL D 333 -37.26 -39.02 2.13
CA VAL D 333 -36.15 -38.37 2.82
C VAL D 333 -35.88 -37.02 2.16
N TRP D 334 -35.72 -35.98 2.98
CA TRP D 334 -35.27 -34.68 2.53
C TRP D 334 -33.80 -34.50 2.90
N ALA D 335 -32.98 -34.17 1.89
CA ALA D 335 -31.56 -33.87 2.13
C ALA D 335 -31.44 -32.41 2.55
N ASP D 336 -31.05 -32.18 3.81
CA ASP D 336 -31.08 -30.85 4.42
C ASP D 336 -29.68 -30.44 4.82
N GLY D 337 -29.14 -29.44 4.13
CA GLY D 337 -27.91 -28.80 4.56
C GLY D 337 -26.75 -29.07 3.63
N GLY D 338 -25.87 -28.08 3.51
CA GLY D 338 -24.62 -28.24 2.78
C GLY D 338 -24.67 -28.03 1.30
N VAL D 339 -25.77 -27.48 0.78
CA VAL D 339 -25.91 -27.28 -0.66
C VAL D 339 -25.20 -25.99 -1.06
N ARG D 340 -24.17 -26.12 -1.92
CA ARG D 340 -23.43 -24.98 -2.41
C ARG D 340 -23.50 -24.81 -3.92
N HIS D 341 -23.62 -25.89 -4.68
CA HIS D 341 -23.64 -25.87 -6.13
C HIS D 341 -24.74 -26.82 -6.60
N PRO D 342 -25.19 -26.69 -7.85
CA PRO D 342 -26.24 -27.59 -8.34
C PRO D 342 -25.86 -29.06 -8.29
N ARG D 343 -24.56 -29.40 -8.32
CA ARG D 343 -24.18 -30.80 -8.22
C ARG D 343 -24.61 -31.40 -6.88
N ASP D 344 -24.65 -30.59 -5.82
CA ASP D 344 -25.09 -31.10 -4.52
C ASP D 344 -26.56 -31.47 -4.55
N VAL D 345 -27.38 -30.70 -5.28
CA VAL D 345 -28.78 -31.04 -5.47
C VAL D 345 -28.90 -32.33 -6.27
N ALA D 346 -28.19 -32.41 -7.40
CA ALA D 346 -28.27 -33.59 -8.24
C ALA D 346 -27.79 -34.83 -7.50
N LEU D 347 -26.71 -34.72 -6.73
CA LEU D 347 -26.15 -35.89 -6.07
C LEU D 347 -27.03 -36.35 -4.91
N ALA D 348 -27.69 -35.43 -4.21
CA ALA D 348 -28.63 -35.80 -3.17
C ALA D 348 -29.82 -36.56 -3.74
N LEU D 349 -30.35 -36.09 -4.87
CA LEU D 349 -31.45 -36.79 -5.52
C LEU D 349 -31.02 -38.15 -6.03
N ALA D 350 -29.80 -38.24 -6.57
CA ALA D 350 -29.27 -39.53 -6.99
C ALA D 350 -29.06 -40.45 -5.79
N ALA D 351 -28.80 -39.90 -4.62
CA ALA D 351 -28.63 -40.71 -3.43
C ALA D 351 -29.94 -41.28 -2.89
N GLY D 352 -31.08 -40.79 -3.37
CA GLY D 352 -32.38 -41.29 -2.94
C GLY D 352 -33.28 -40.26 -2.27
N ALA D 353 -32.84 -39.02 -2.07
CA ALA D 353 -33.70 -38.02 -1.47
C ALA D 353 -34.80 -37.62 -2.45
N SER D 354 -36.00 -37.35 -1.93
CA SER D 354 -37.11 -36.89 -2.75
C SER D 354 -37.15 -35.39 -2.88
N ASN D 355 -36.52 -34.65 -1.97
CA ASN D 355 -36.45 -33.20 -2.03
C ASN D 355 -35.15 -32.75 -1.37
N VAL D 356 -34.73 -31.53 -1.69
CA VAL D 356 -33.49 -30.98 -1.17
C VAL D 356 -33.79 -29.64 -0.50
N MET D 357 -33.40 -29.50 0.75
CA MET D 357 -33.65 -28.28 1.53
C MET D 357 -32.42 -27.38 1.48
N ILE D 358 -32.62 -26.14 1.05
CA ILE D 358 -31.55 -25.18 0.86
C ILE D 358 -31.79 -23.99 1.78
N GLY D 359 -30.73 -23.55 2.47
CA GLY D 359 -30.86 -22.46 3.41
C GLY D 359 -30.03 -21.23 3.07
N SER D 360 -28.76 -21.23 3.51
CA SER D 360 -27.94 -20.02 3.44
C SER D 360 -27.76 -19.52 2.03
N TRP D 361 -27.72 -20.43 1.04
CA TRP D 361 -27.51 -20.02 -0.35
C TRP D 361 -28.54 -19.00 -0.79
N PHE D 362 -29.79 -19.16 -0.36
CA PHE D 362 -30.87 -18.28 -0.80
C PHE D 362 -30.97 -17.00 0.02
N ALA D 363 -30.17 -16.85 1.06
CA ALA D 363 -30.16 -15.59 1.81
C ALA D 363 -29.58 -14.46 0.97
N GLY D 364 -28.62 -14.77 0.10
CA GLY D 364 -28.02 -13.76 -0.76
C GLY D 364 -28.82 -13.50 -2.02
N THR D 365 -30.10 -13.18 -1.86
CA THR D 365 -30.98 -12.86 -2.96
C THR D 365 -31.84 -11.66 -2.59
N TYR D 366 -32.43 -11.04 -3.61
CA TYR D 366 -33.32 -9.91 -3.36
C TYR D 366 -34.53 -10.31 -2.53
N GLU D 367 -35.03 -11.53 -2.71
CA GLU D 367 -36.29 -11.93 -2.11
C GLU D 367 -36.18 -12.36 -0.66
N SER D 368 -34.97 -12.56 -0.14
CA SER D 368 -34.82 -12.97 1.25
C SER D 368 -35.19 -11.82 2.19
N PRO D 369 -35.62 -12.13 3.41
CA PRO D 369 -36.16 -11.07 4.29
C PRO D 369 -35.15 -10.02 4.71
N GLY D 370 -33.86 -10.33 4.68
CA GLY D 370 -32.87 -9.40 5.19
C GLY D 370 -32.73 -8.16 4.33
N ASP D 371 -32.18 -7.11 4.93
CA ASP D 371 -31.89 -5.89 4.20
C ASP D 371 -30.65 -6.09 3.33
N LEU D 372 -30.65 -5.44 2.17
CA LEU D 372 -29.50 -5.52 1.28
C LEU D 372 -28.41 -4.57 1.78
N LEU D 373 -27.19 -5.10 1.90
CA LEU D 373 -26.05 -4.36 2.41
C LEU D 373 -24.96 -4.30 1.36
N PHE D 374 -23.96 -3.45 1.60
CA PHE D 374 -22.82 -3.28 0.72
C PHE D 374 -21.55 -3.17 1.55
N ASP D 375 -20.47 -3.79 1.10
CA ASP D 375 -19.20 -3.74 1.79
C ASP D 375 -18.42 -2.50 1.35
N ARG D 376 -17.13 -2.44 1.71
CA ARG D 376 -16.31 -1.29 1.33
C ARG D 376 -16.07 -1.24 -0.17
N ASP D 377 -16.10 -2.39 -0.85
CA ASP D 377 -15.94 -2.45 -2.30
C ASP D 377 -17.27 -2.33 -3.04
N ASP D 378 -18.35 -1.95 -2.36
CA ASP D 378 -19.68 -1.81 -2.93
C ASP D 378 -20.19 -3.13 -3.52
N ARG D 379 -19.77 -4.25 -2.93
CA ARG D 379 -20.32 -5.54 -3.36
C ARG D 379 -21.60 -5.84 -2.57
N PRO D 380 -22.69 -6.20 -3.23
CA PRO D 380 -23.94 -6.45 -2.50
C PRO D 380 -23.88 -7.77 -1.75
N TYR D 381 -24.46 -7.77 -0.54
CA TYR D 381 -24.52 -8.98 0.26
C TYR D 381 -25.67 -8.86 1.26
N LYS D 382 -26.03 -10.00 1.83
CA LYS D 382 -27.02 -10.05 2.90
C LYS D 382 -26.51 -10.97 3.99
N GLU D 383 -27.04 -10.76 5.20
CA GLU D 383 -26.64 -11.55 6.35
C GLU D 383 -27.38 -12.89 6.39
N SER D 384 -26.72 -13.89 6.94
CA SER D 384 -27.35 -15.16 7.28
C SER D 384 -26.83 -15.62 8.63
N TYR D 385 -27.63 -16.44 9.31
CA TYR D 385 -27.31 -16.87 10.66
C TYR D 385 -28.09 -18.15 10.97
N GLY D 386 -27.55 -18.93 11.88
CA GLY D 386 -28.20 -20.18 12.26
C GLY D 386 -29.32 -19.97 13.25
N MET D 387 -30.28 -20.89 13.22
CA MET D 387 -31.42 -20.84 14.12
C MET D 387 -31.07 -21.28 15.54
N ALA D 388 -29.84 -21.73 15.79
CA ALA D 388 -29.39 -22.09 17.12
C ALA D 388 -28.22 -21.22 17.57
N SER D 389 -28.04 -20.05 16.95
CA SER D 389 -26.98 -19.14 17.34
C SER D 389 -27.44 -18.25 18.49
N LYS D 390 -26.49 -17.51 19.07
CA LYS D 390 -26.82 -16.62 20.17
C LYS D 390 -27.78 -15.51 19.73
N ARG D 391 -27.76 -15.15 18.46
CA ARG D 391 -28.71 -14.15 17.95
C ARG D 391 -30.12 -14.73 17.88
N ALA D 392 -30.25 -15.94 17.33
CA ALA D 392 -31.56 -16.55 17.19
C ALA D 392 -32.15 -16.95 18.54
N VAL D 393 -31.31 -17.48 19.44
CA VAL D 393 -31.78 -17.85 20.77
C VAL D 393 -32.21 -16.62 21.56
N ALA D 394 -31.55 -15.48 21.33
CA ALA D 394 -31.94 -14.25 22.02
C ALA D 394 -33.34 -13.81 21.62
N ALA D 395 -33.64 -13.80 20.33
CA ALA D 395 -34.96 -13.39 19.86
C ALA D 395 -36.04 -14.42 20.20
N ARG D 396 -35.66 -15.69 20.36
CA ARG D 396 -36.62 -16.75 20.64
C ARG D 396 -36.94 -16.86 22.14
N THR D 397 -36.01 -16.48 23.00
CA THR D 397 -36.17 -16.61 24.45
C THR D 397 -36.22 -15.26 25.15
N ALA D 398 -36.58 -14.20 24.43
CA ALA D 398 -36.59 -12.86 25.02
C ALA D 398 -37.58 -12.74 26.17
N GLY D 399 -38.57 -13.62 26.26
CA GLY D 399 -39.56 -13.57 27.31
C GLY D 399 -39.16 -14.21 28.62
N ASP D 400 -37.97 -14.80 28.70
CA ASP D 400 -37.54 -15.49 29.89
C ASP D 400 -36.84 -14.54 30.86
N SER D 401 -36.60 -15.02 32.08
CA SER D 401 -35.87 -14.24 33.07
C SER D 401 -34.40 -14.13 32.68
N SER D 402 -33.75 -13.09 33.21
CA SER D 402 -32.33 -12.91 32.95
C SER D 402 -31.49 -14.04 33.53
N PHE D 403 -32.00 -14.75 34.54
CA PHE D 403 -31.27 -15.89 35.09
C PHE D 403 -31.29 -17.07 34.11
N ASP D 404 -32.47 -17.38 33.57
CA ASP D 404 -32.56 -18.51 32.64
C ASP D 404 -31.86 -18.22 31.32
N ARG D 405 -31.98 -16.98 30.82
CA ARG D 405 -31.27 -16.62 29.59
C ARG D 405 -29.77 -16.72 29.76
N ALA D 406 -29.25 -16.44 30.97
CA ALA D 406 -27.82 -16.57 31.20
C ALA D 406 -27.39 -18.03 31.23
N ARG D 407 -28.15 -18.88 31.92
CA ARG D 407 -27.83 -20.30 31.97
C ARG D 407 -27.93 -20.93 30.58
N LYS D 408 -28.99 -20.61 29.83
CA LYS D 408 -29.14 -21.17 28.49
C LYS D 408 -28.06 -20.67 27.54
N GLY D 409 -27.49 -19.50 27.81
CA GLY D 409 -26.43 -18.96 26.98
C GLY D 409 -25.17 -19.81 26.93
N LEU D 410 -25.10 -20.88 27.73
CA LEU D 410 -23.97 -21.79 27.69
C LEU D 410 -23.84 -22.47 26.33
N PHE D 411 -24.97 -22.72 25.66
CA PHE D 411 -25.00 -23.50 24.43
C PHE D 411 -25.16 -22.58 23.22
N GLU D 412 -24.31 -22.81 22.21
CA GLU D 412 -24.43 -22.12 20.93
C GLU D 412 -23.77 -23.00 19.87
N GLU D 413 -24.58 -23.53 18.94
CA GLU D 413 -24.10 -24.40 17.89
C GLU D 413 -24.43 -23.82 16.51
N GLY D 414 -24.32 -22.51 16.38
CA GLY D 414 -24.55 -21.83 15.12
C GLY D 414 -23.90 -20.47 15.11
N ILE D 415 -23.68 -19.95 13.91
CA ILE D 415 -23.07 -18.64 13.70
C ILE D 415 -24.14 -17.56 13.78
N SER D 416 -23.81 -16.43 14.38
CA SER D 416 -24.77 -15.34 14.56
C SER D 416 -24.71 -14.31 13.44
N THR D 417 -23.72 -14.37 12.55
CA THR D 417 -23.68 -13.46 11.41
C THR D 417 -22.73 -14.02 10.35
N SER D 418 -23.15 -13.89 9.09
CA SER D 418 -22.34 -14.33 7.96
C SER D 418 -22.71 -13.47 6.75
N ARG D 419 -21.76 -13.26 5.86
CA ARG D 419 -21.96 -12.43 4.68
C ARG D 419 -22.19 -13.32 3.47
N MET D 420 -23.41 -13.28 2.93
CA MET D 420 -23.78 -14.02 1.73
C MET D 420 -23.90 -13.03 0.58
N SER D 421 -22.98 -13.12 -0.37
CA SER D 421 -22.93 -12.16 -1.46
C SER D 421 -23.98 -12.47 -2.52
N LEU D 422 -24.49 -11.41 -3.14
CA LEU D 422 -25.36 -11.54 -4.31
C LEU D 422 -24.52 -11.52 -5.57
N ASP D 423 -24.86 -12.39 -6.51
CA ASP D 423 -24.26 -12.31 -7.84
C ASP D 423 -24.57 -10.94 -8.44
N PRO D 424 -23.56 -10.16 -8.84
CA PRO D 424 -23.83 -8.80 -9.32
C PRO D 424 -24.77 -8.75 -10.51
N ALA D 425 -24.89 -9.83 -11.28
CA ALA D 425 -25.80 -9.89 -12.42
C ALA D 425 -27.11 -10.57 -12.06
N ARG D 426 -27.05 -11.82 -11.61
CA ARG D 426 -28.23 -12.63 -11.34
C ARG D 426 -28.42 -12.73 -9.82
N GLY D 427 -29.02 -11.69 -9.25
CA GLY D 427 -29.21 -11.61 -7.81
C GLY D 427 -30.53 -12.09 -7.28
N GLY D 428 -31.42 -12.62 -8.13
CA GLY D 428 -32.70 -13.10 -7.67
C GLY D 428 -32.71 -14.59 -7.37
N VAL D 429 -33.64 -15.00 -6.51
CA VAL D 429 -33.75 -16.42 -6.19
C VAL D 429 -34.17 -17.22 -7.42
N GLU D 430 -34.93 -16.63 -8.33
CA GLU D 430 -35.32 -17.32 -9.55
C GLU D 430 -34.13 -17.57 -10.46
N ASP D 431 -33.11 -16.71 -10.39
CA ASP D 431 -31.87 -16.96 -11.11
C ASP D 431 -31.15 -18.18 -10.55
N LEU D 432 -31.17 -18.35 -9.23
CA LEU D 432 -30.55 -19.53 -8.63
C LEU D 432 -31.35 -20.78 -8.95
N LEU D 433 -32.68 -20.68 -8.97
CA LEU D 433 -33.50 -21.82 -9.37
C LEU D 433 -33.20 -22.24 -10.81
N ASP D 434 -33.02 -21.26 -11.71
CA ASP D 434 -32.58 -21.58 -13.06
C ASP D 434 -31.25 -22.32 -13.03
N HIS D 435 -30.31 -21.83 -12.22
CA HIS D 435 -29.00 -22.45 -12.10
C HIS D 435 -29.10 -23.89 -11.59
N ILE D 436 -29.90 -24.09 -10.54
CA ILE D 436 -30.01 -25.42 -9.94
C ILE D 436 -30.74 -26.38 -10.86
N THR D 437 -31.90 -25.98 -11.38
CA THR D 437 -32.73 -26.90 -12.16
C THR D 437 -32.10 -27.23 -13.52
N SER D 438 -31.37 -26.29 -14.12
CA SER D 438 -30.68 -26.61 -15.37
C SER D 438 -29.62 -27.68 -15.14
N GLY D 439 -28.95 -27.65 -13.99
CA GLY D 439 -27.97 -28.67 -13.68
C GLY D 439 -28.61 -30.03 -13.41
N VAL D 440 -29.69 -30.05 -12.64
CA VAL D 440 -30.38 -31.30 -12.36
C VAL D 440 -30.96 -31.90 -13.64
N ARG D 441 -31.52 -31.06 -14.52
CA ARG D 441 -32.04 -31.55 -15.80
C ARG D 441 -30.94 -32.17 -16.63
N SER D 442 -29.73 -31.59 -16.60
CA SER D 442 -28.63 -32.15 -17.35
C SER D 442 -28.12 -33.45 -16.73
N THR D 443 -28.16 -33.55 -15.40
CA THR D 443 -27.79 -34.82 -14.77
C THR D 443 -28.70 -35.95 -15.23
N CYS D 444 -30.01 -35.68 -15.33
CA CYS D 444 -30.95 -36.72 -15.71
C CYS D 444 -30.68 -37.23 -17.12
N THR D 445 -30.46 -36.31 -18.07
CA THR D 445 -30.20 -36.76 -19.44
C THR D 445 -28.84 -37.44 -19.56
N TYR D 446 -27.88 -37.09 -18.69
CA TYR D 446 -26.61 -37.79 -18.68
C TYR D 446 -26.77 -39.24 -18.23
N VAL D 447 -27.68 -39.49 -17.28
CA VAL D 447 -27.93 -40.87 -16.83
C VAL D 447 -29.01 -41.56 -17.64
N GLY D 448 -29.74 -40.83 -18.48
CA GLY D 448 -30.81 -41.44 -19.26
C GLY D 448 -32.16 -41.44 -18.60
N ALA D 449 -32.37 -40.61 -17.58
CA ALA D 449 -33.62 -40.55 -16.84
C ALA D 449 -34.49 -39.42 -17.37
N ALA D 450 -35.80 -39.68 -17.42
CA ALA D 450 -36.79 -38.68 -17.80
C ALA D 450 -37.50 -38.08 -16.61
N ASN D 451 -37.25 -38.58 -15.40
CA ASN D 451 -37.84 -38.03 -14.19
C ASN D 451 -36.94 -38.40 -13.01
N LEU D 452 -37.32 -37.92 -11.82
CA LEU D 452 -36.51 -38.11 -10.61
C LEU D 452 -36.51 -39.55 -10.11
N PRO D 453 -37.64 -40.28 -10.14
CA PRO D 453 -37.56 -41.72 -9.80
C PRO D 453 -36.60 -42.48 -10.70
N GLU D 454 -36.60 -42.20 -12.00
CA GLU D 454 -35.67 -42.88 -12.90
C GLU D 454 -34.23 -42.47 -12.62
N LEU D 455 -34.01 -41.27 -12.10
CA LEU D 455 -32.65 -40.84 -11.75
C LEU D 455 -32.07 -41.74 -10.66
N HIS D 456 -32.80 -41.92 -9.57
CA HIS D 456 -32.31 -42.78 -8.49
C HIS D 456 -32.21 -44.23 -8.94
N GLU D 457 -33.05 -44.64 -9.88
CA GLU D 457 -33.07 -46.02 -10.34
C GLU D 457 -31.91 -46.32 -11.28
N LYS D 458 -31.53 -45.36 -12.13
CA LYS D 458 -30.57 -45.62 -13.21
C LYS D 458 -29.18 -45.09 -12.94
N VAL D 459 -28.98 -44.30 -11.88
CA VAL D 459 -27.70 -43.63 -11.69
C VAL D 459 -26.63 -44.64 -11.28
N VAL D 460 -25.44 -44.48 -11.83
CA VAL D 460 -24.25 -45.22 -11.42
C VAL D 460 -23.24 -44.20 -10.90
N LEU D 461 -22.67 -44.47 -9.73
CA LEU D 461 -21.83 -43.50 -9.05
C LEU D 461 -20.41 -44.05 -8.89
N GLY D 462 -19.48 -43.13 -8.67
CA GLY D 462 -18.11 -43.49 -8.41
C GLY D 462 -17.54 -42.65 -7.29
N VAL D 463 -16.44 -43.15 -6.72
CA VAL D 463 -15.70 -42.45 -5.68
C VAL D 463 -14.43 -41.88 -6.29
N GLN D 464 -14.06 -40.68 -5.85
CA GLN D 464 -12.87 -40.00 -6.35
C GLN D 464 -12.05 -39.47 -5.17
N SER D 465 -10.80 -39.15 -5.45
CA SER D 465 -9.98 -38.44 -4.48
C SER D 465 -10.22 -36.94 -4.62
N ALA D 466 -9.52 -36.15 -3.81
CA ALA D 466 -9.62 -34.71 -3.90
C ALA D 466 -9.14 -34.20 -5.25
N ALA D 467 -8.16 -34.88 -5.85
CA ALA D 467 -7.71 -34.52 -7.19
C ALA D 467 -8.81 -34.71 -8.22
N GLY D 468 -9.67 -35.72 -8.03
CA GLY D 468 -10.78 -35.92 -8.94
C GLY D 468 -11.77 -34.76 -8.92
N PHE D 469 -12.13 -34.32 -7.72
CA PHE D 469 -13.03 -33.17 -7.58
C PHE D 469 -12.43 -31.93 -8.22
N ALA D 470 -11.11 -31.81 -8.23
CA ALA D 470 -10.47 -30.62 -8.80
C ALA D 470 -10.51 -30.59 -10.32
N GLU D 471 -10.75 -31.74 -10.97
CA GLU D 471 -10.83 -31.78 -12.43
C GLU D 471 -11.98 -30.90 -12.93
N GLY D 472 -11.68 -30.04 -13.89
CA GLY D 472 -12.64 -29.08 -14.40
C GLY D 472 -12.37 -27.68 -13.89
N HIS D 473 -13.31 -26.78 -14.18
CA HIS D 473 -13.19 -25.42 -13.70
C HIS D 473 -14.21 -25.15 -12.60
N PRO D 474 -13.82 -24.45 -11.52
CA PRO D 474 -14.74 -24.10 -10.44
C PRO D 474 -15.85 -23.14 -10.88
N VAL E 2 -9.39 54.30 8.32
CA VAL E 2 -8.69 53.55 9.34
C VAL E 2 -7.24 54.01 9.47
N ARG E 3 -6.65 53.78 10.63
CA ARG E 3 -5.28 54.18 10.90
C ARG E 3 -4.34 52.99 10.73
N PHE E 4 -3.30 53.17 9.94
CA PHE E 4 -2.23 52.19 9.76
C PHE E 4 -0.97 52.67 10.47
N LEU E 5 -0.13 51.70 10.86
CA LEU E 5 1.14 52.02 11.49
C LEU E 5 2.00 52.87 10.58
N ASP E 6 2.88 53.67 11.18
CA ASP E 6 3.72 54.59 10.42
C ASP E 6 4.60 53.82 9.44
N GLY E 7 4.62 54.28 8.19
CA GLY E 7 5.44 53.65 7.16
C GLY E 7 4.80 52.46 6.48
N HIS E 8 3.66 51.99 6.95
CA HIS E 8 2.98 50.83 6.35
C HIS E 8 2.09 51.31 5.19
N THR E 9 2.75 51.70 4.11
CA THR E 9 2.09 52.19 2.90
C THR E 9 2.60 51.36 1.73
N PRO E 10 2.11 50.13 1.58
CA PRO E 10 2.64 49.23 0.55
C PRO E 10 2.22 49.65 -0.85
N ALA E 11 3.01 49.21 -1.82
CA ALA E 11 2.75 49.48 -3.24
C ALA E 11 1.85 48.42 -3.86
N TYR E 12 0.85 47.94 -3.13
CA TYR E 12 -0.05 46.91 -3.61
C TYR E 12 -1.28 46.89 -2.71
N ASP E 13 -2.35 46.27 -3.22
CA ASP E 13 -3.58 46.12 -2.46
C ASP E 13 -3.53 44.86 -1.59
N LEU E 14 -4.26 44.91 -0.48
CA LEU E 14 -4.10 43.97 0.62
C LEU E 14 -5.33 43.06 0.75
N THR E 15 -5.08 41.81 1.14
CA THR E 15 -6.13 40.89 1.52
C THR E 15 -6.16 40.79 3.05
N TYR E 16 -7.08 39.96 3.55
CA TYR E 16 -7.18 39.73 4.99
C TYR E 16 -5.90 39.12 5.53
N ASN E 17 -5.19 38.32 4.73
CA ASN E 17 -3.95 37.69 5.17
C ASN E 17 -2.80 38.69 5.28
N ASP E 18 -2.89 39.83 4.60
CA ASP E 18 -1.80 40.79 4.52
C ASP E 18 -1.73 41.74 5.71
N VAL E 19 -2.76 41.79 6.56
CA VAL E 19 -2.86 42.82 7.58
C VAL E 19 -3.01 42.18 8.96
N PHE E 20 -2.84 43.02 9.99
CA PHE E 20 -3.02 42.60 11.37
C PHE E 20 -3.47 43.81 12.18
N VAL E 21 -4.00 43.53 13.37
CA VAL E 21 -4.49 44.54 14.29
C VAL E 21 -3.57 44.59 15.51
N VAL E 22 -3.05 45.78 15.81
CA VAL E 22 -2.25 45.97 17.02
C VAL E 22 -3.19 46.43 18.14
N PRO E 23 -3.18 45.77 19.29
CA PRO E 23 -4.13 46.14 20.35
C PRO E 23 -3.82 47.50 20.94
N GLY E 24 -4.88 48.15 21.45
CA GLY E 24 -4.77 49.43 22.10
C GLY E 24 -5.26 49.36 23.54
N ARG E 25 -5.22 50.52 24.19
CA ARG E 25 -5.68 50.62 25.57
C ARG E 25 -7.16 50.28 25.65
N SER E 26 -7.53 49.50 26.66
CA SER E 26 -8.90 48.99 26.74
C SER E 26 -9.40 49.04 28.18
N ASP E 27 -10.66 49.44 28.33
CA ASP E 27 -11.37 49.36 29.60
C ASP E 27 -12.59 48.46 29.52
N VAL E 28 -12.76 47.73 28.42
CA VAL E 28 -13.82 46.74 28.30
C VAL E 28 -13.47 45.55 29.18
N ALA E 29 -14.22 45.37 30.27
CA ALA E 29 -13.82 44.38 31.28
C ALA E 29 -14.00 42.96 30.79
N SER E 30 -15.04 42.70 29.99
CA SER E 30 -15.33 41.35 29.53
C SER E 30 -15.71 41.37 28.06
N ARG E 31 -15.39 40.29 27.36
CA ARG E 31 -15.80 40.14 25.97
C ARG E 31 -17.30 40.02 25.82
N PHE E 32 -18.02 39.68 26.90
CA PHE E 32 -19.47 39.68 26.87
C PHE E 32 -20.07 41.08 26.92
N ASP E 33 -19.29 42.09 27.35
CA ASP E 33 -19.80 43.44 27.42
C ASP E 33 -19.89 44.10 26.04
N VAL E 34 -19.34 43.49 25.01
CA VAL E 34 -19.31 44.09 23.68
C VAL E 34 -20.69 43.95 23.03
N ASP E 35 -21.13 45.01 22.37
CA ASP E 35 -22.38 45.03 21.62
C ASP E 35 -22.07 44.79 20.14
N LEU E 36 -22.50 43.65 19.62
CA LEU E 36 -22.22 43.27 18.24
C LEU E 36 -23.32 43.71 17.26
N SER E 37 -24.24 44.55 17.70
CA SER E 37 -25.33 44.98 16.83
C SER E 37 -24.80 45.84 15.68
N THR E 38 -25.48 45.75 14.55
CA THR E 38 -25.14 46.51 13.35
C THR E 38 -26.00 47.75 13.26
N VAL E 39 -25.54 48.72 12.45
CA VAL E 39 -26.18 50.02 12.35
C VAL E 39 -26.55 50.36 10.90
N ASP E 40 -26.67 49.36 10.03
CA ASP E 40 -26.98 49.60 8.63
C ASP E 40 -28.46 49.45 8.31
N GLY E 41 -29.30 49.21 9.31
CA GLY E 41 -30.72 49.02 9.10
C GLY E 41 -31.14 47.61 8.77
N SER E 42 -30.20 46.66 8.74
CA SER E 42 -30.56 45.28 8.44
C SER E 42 -31.29 44.63 9.60
N GLY E 43 -31.02 45.08 10.82
CA GLY E 43 -31.65 44.51 12.00
C GLY E 43 -30.89 43.38 12.64
N THR E 44 -29.69 43.05 12.17
CA THR E 44 -28.92 41.96 12.75
C THR E 44 -28.24 42.40 14.03
N THR E 45 -28.26 41.52 15.03
CA THR E 45 -27.57 41.77 16.29
C THR E 45 -26.17 41.18 16.31
N ILE E 46 -25.78 40.45 15.27
CA ILE E 46 -24.39 40.05 15.03
C ILE E 46 -24.09 40.41 13.58
N PRO E 47 -22.83 40.68 13.23
CA PRO E 47 -22.50 41.13 11.87
C PRO E 47 -22.32 40.00 10.86
N VAL E 48 -23.27 39.07 10.82
CA VAL E 48 -23.22 37.90 9.95
C VAL E 48 -24.46 37.89 9.06
N VAL E 49 -24.24 37.89 7.74
CA VAL E 49 -25.30 37.72 6.75
C VAL E 49 -24.96 36.47 5.94
N VAL E 50 -25.96 35.62 5.72
CA VAL E 50 -25.77 34.39 4.95
C VAL E 50 -26.03 34.68 3.47
N ALA E 51 -25.12 34.24 2.62
CA ALA E 51 -25.16 34.58 1.21
C ALA E 51 -26.37 33.97 0.52
N ASN E 52 -26.79 34.62 -0.57
CA ASN E 52 -27.92 34.15 -1.37
C ASN E 52 -27.44 33.11 -2.38
N MET E 53 -27.07 31.95 -1.84
CA MET E 53 -26.63 30.82 -2.64
C MET E 53 -27.53 29.64 -2.34
N THR E 54 -27.96 28.94 -3.40
CA THR E 54 -28.89 27.83 -3.23
C THR E 54 -28.30 26.72 -2.37
N ALA E 55 -26.97 26.60 -2.33
CA ALA E 55 -26.35 25.57 -1.51
C ALA E 55 -26.30 25.92 -0.04
N VAL E 56 -26.66 27.15 0.34
CA VAL E 56 -26.50 27.64 1.71
C VAL E 56 -27.82 28.13 2.29
N ALA E 57 -28.56 28.92 1.52
CA ALA E 57 -29.69 29.69 2.06
C ALA E 57 -30.98 28.91 1.92
N GLY E 58 -31.32 28.16 2.97
CA GLY E 58 -32.59 27.46 3.05
C GLY E 58 -33.40 27.92 4.25
N ARG E 59 -34.55 27.26 4.43
CA ARG E 59 -35.45 27.69 5.50
C ARG E 59 -34.93 27.27 6.87
N ARG E 60 -34.27 26.11 6.97
CA ARG E 60 -33.66 25.73 8.24
C ARG E 60 -32.48 26.63 8.57
N MET E 61 -31.70 27.03 7.57
CA MET E 61 -30.65 28.01 7.78
C MET E 61 -31.22 29.37 8.18
N ALA E 62 -32.37 29.73 7.61
CA ALA E 62 -32.95 31.04 7.89
C ALA E 62 -33.42 31.13 9.34
N GLU E 63 -34.14 30.11 9.82
CA GLU E 63 -34.62 30.13 11.20
C GLU E 63 -33.46 30.10 12.19
N THR E 64 -32.48 29.23 11.94
CA THR E 64 -31.40 29.02 12.90
C THR E 64 -30.53 30.27 13.04
N VAL E 65 -30.20 30.91 11.91
CA VAL E 65 -29.31 32.07 11.96
C VAL E 65 -30.04 33.28 12.53
N ALA E 66 -31.30 33.46 12.15
CA ALA E 66 -32.04 34.63 12.62
C ALA E 66 -32.29 34.59 14.12
N ARG E 67 -32.43 33.39 14.69
CA ARG E 67 -32.62 33.28 16.14
C ARG E 67 -31.38 33.74 16.89
N ARG E 68 -30.20 33.57 16.29
CA ARG E 68 -28.95 33.99 16.93
C ARG E 68 -28.56 35.42 16.57
N GLY E 69 -29.36 36.11 15.75
CA GLY E 69 -29.12 37.51 15.46
C GLY E 69 -28.63 37.82 14.07
N GLY E 70 -28.43 36.81 13.22
CA GLY E 70 -28.07 37.04 11.84
C GLY E 70 -29.30 37.15 10.96
N ILE E 71 -29.07 37.14 9.64
CA ILE E 71 -30.15 37.13 8.66
C ILE E 71 -29.68 36.37 7.44
N VAL E 72 -30.61 35.68 6.78
CA VAL E 72 -30.33 34.86 5.60
C VAL E 72 -31.03 35.49 4.41
N VAL E 73 -30.30 35.64 3.30
CA VAL E 73 -30.84 36.19 2.07
C VAL E 73 -31.23 35.05 1.16
N LEU E 74 -32.52 34.94 0.85
CA LEU E 74 -32.99 33.86 0.00
C LEU E 74 -32.51 34.08 -1.43
N PRO E 75 -32.12 33.01 -2.13
CA PRO E 75 -31.61 33.18 -3.50
C PRO E 75 -32.66 33.72 -4.45
N GLN E 76 -32.20 34.46 -5.47
CA GLN E 76 -33.07 35.10 -6.44
C GLN E 76 -33.74 34.10 -7.40
N ASP E 77 -33.26 32.86 -7.43
CA ASP E 77 -33.85 31.83 -8.28
C ASP E 77 -35.10 31.21 -7.67
N LEU E 78 -35.39 31.49 -6.41
CA LEU E 78 -36.50 30.84 -5.72
C LEU E 78 -37.83 31.38 -6.25
N PRO E 79 -38.75 30.53 -6.66
CA PRO E 79 -40.06 31.01 -7.12
C PRO E 79 -40.80 31.72 -5.99
N ILE E 80 -41.69 32.65 -6.39
CA ILE E 80 -42.34 33.51 -5.41
C ILE E 80 -43.22 32.71 -4.46
N THR E 81 -43.73 31.56 -4.92
CA THR E 81 -44.58 30.74 -4.05
C THR E 81 -43.77 30.06 -2.95
N ALA E 82 -42.57 29.58 -3.29
CA ALA E 82 -41.72 28.98 -2.26
C ALA E 82 -41.16 30.02 -1.32
N VAL E 83 -40.92 31.24 -1.81
CA VAL E 83 -40.47 32.32 -0.94
C VAL E 83 -41.52 32.60 0.13
N SER E 84 -42.79 32.71 -0.27
CA SER E 84 -43.86 33.02 0.67
C SER E 84 -43.97 31.94 1.75
N GLU E 85 -43.88 30.66 1.36
CA GLU E 85 -43.96 29.59 2.34
C GLU E 85 -42.76 29.60 3.27
N THR E 86 -41.58 29.96 2.75
CA THR E 86 -40.39 30.02 3.60
C THR E 86 -40.50 31.15 4.62
N VAL E 87 -40.94 32.33 4.18
CA VAL E 87 -41.09 33.46 5.10
C VAL E 87 -42.14 33.15 6.17
N ASP E 88 -43.26 32.55 5.76
CA ASP E 88 -44.31 32.20 6.72
C ASP E 88 -43.81 31.19 7.74
N PHE E 89 -42.94 30.28 7.33
CA PHE E 89 -42.36 29.32 8.28
C PHE E 89 -41.44 30.02 9.27
N VAL E 90 -40.55 30.88 8.77
CA VAL E 90 -39.58 31.55 9.64
C VAL E 90 -40.29 32.53 10.57
N LYS E 91 -41.26 33.28 10.05
CA LYS E 91 -41.94 34.28 10.86
C LYS E 91 -42.95 33.68 11.84
N SER E 92 -43.10 32.35 11.86
CA SER E 92 -43.92 31.68 12.86
C SER E 92 -43.09 30.90 13.86
N ARG E 93 -41.77 31.04 13.83
CA ARG E 93 -40.90 30.30 14.72
C ARG E 93 -40.80 30.99 16.08
N ASP E 94 -40.47 30.19 17.09
CA ASP E 94 -40.25 30.72 18.44
C ASP E 94 -38.89 31.39 18.52
N LEU E 95 -38.80 32.40 19.38
CA LEU E 95 -37.58 33.20 19.50
C LEU E 95 -36.50 32.50 20.30
N VAL E 96 -36.87 31.58 21.19
CA VAL E 96 -35.91 30.84 22.01
C VAL E 96 -35.92 29.36 21.72
N VAL E 97 -37.10 28.79 21.47
CA VAL E 97 -37.26 27.36 21.29
C VAL E 97 -37.07 27.03 19.81
N ASP E 98 -36.29 25.99 19.53
CA ASP E 98 -35.94 25.61 18.18
C ASP E 98 -36.92 24.57 17.64
N THR E 99 -36.96 24.47 16.31
CA THR E 99 -37.85 23.52 15.63
C THR E 99 -37.13 22.20 15.43
N PRO E 100 -37.61 21.11 16.00
CA PRO E 100 -36.92 19.82 15.85
C PRO E 100 -37.36 19.07 14.59
N VAL E 101 -36.65 17.99 14.32
CA VAL E 101 -37.11 17.02 13.32
C VAL E 101 -38.31 16.27 13.89
N THR E 102 -39.41 16.30 13.17
CA THR E 102 -40.64 15.65 13.61
C THR E 102 -40.87 14.38 12.80
N LEU E 103 -41.35 13.34 13.48
CA LEU E 103 -41.59 12.04 12.86
C LEU E 103 -42.98 11.55 13.24
N SER E 104 -43.64 10.93 12.28
CA SER E 104 -44.87 10.20 12.55
C SER E 104 -44.55 8.77 13.01
N PRO E 105 -45.36 8.19 13.89
CA PRO E 105 -45.15 6.79 14.28
C PRO E 105 -45.24 5.81 13.11
N GLU E 106 -45.78 6.24 11.97
CA GLU E 106 -45.88 5.39 10.79
C GLU E 106 -44.69 5.55 9.84
N ASP E 107 -43.78 6.48 10.11
CA ASP E 107 -42.61 6.66 9.25
C ASP E 107 -41.68 5.47 9.36
N SER E 108 -40.88 5.27 8.31
CA SER E 108 -39.90 4.20 8.28
C SER E 108 -38.66 4.60 9.07
N VAL E 109 -37.95 3.59 9.58
CA VAL E 109 -36.66 3.83 10.23
C VAL E 109 -35.67 4.42 9.25
N SER E 110 -35.78 4.04 7.97
CA SER E 110 -34.89 4.59 6.94
C SER E 110 -35.06 6.10 6.82
N ASP E 111 -36.32 6.56 6.79
CA ASP E 111 -36.58 8.00 6.75
C ASP E 111 -36.14 8.67 8.05
N ALA E 112 -36.38 8.00 9.19
CA ALA E 112 -36.01 8.59 10.47
C ALA E 112 -34.51 8.76 10.59
N ASN E 113 -33.73 7.76 10.17
CA ASN E 113 -32.28 7.85 10.28
C ASN E 113 -31.73 8.97 9.40
N ALA E 114 -32.35 9.20 8.26
CA ALA E 114 -31.86 10.22 7.32
C ALA E 114 -32.27 11.63 7.73
N LEU E 115 -33.45 11.79 8.34
CA LEU E 115 -33.93 13.11 8.71
C LEU E 115 -33.21 13.70 9.91
N LEU E 116 -32.55 12.87 10.72
CA LEU E 116 -31.94 13.36 11.96
C LEU E 116 -30.91 14.44 11.71
N HIS E 117 -30.25 14.43 10.55
CA HIS E 117 -29.13 15.31 10.27
C HIS E 117 -29.56 16.64 9.65
N LYS E 118 -30.86 16.92 9.58
CA LYS E 118 -31.31 18.24 9.17
C LYS E 118 -31.29 19.25 10.30
N ARG E 119 -31.09 18.81 11.53
CA ARG E 119 -30.89 19.68 12.68
C ARG E 119 -29.70 19.17 13.48
N ALA E 120 -29.20 20.01 14.38
CA ALA E 120 -28.06 19.68 15.22
C ALA E 120 -28.48 19.15 16.59
N HIS E 121 -29.76 18.81 16.77
CA HIS E 121 -30.25 18.41 18.08
C HIS E 121 -29.82 17.00 18.46
N GLY E 122 -29.58 16.14 17.48
CA GLY E 122 -29.21 14.76 17.77
C GLY E 122 -30.38 13.83 18.07
N ALA E 123 -31.61 14.31 17.94
CA ALA E 123 -32.78 13.49 18.21
C ALA E 123 -33.99 14.09 17.51
N ALA E 124 -34.92 13.24 17.13
CA ALA E 124 -36.17 13.66 16.51
C ALA E 124 -37.33 13.39 17.46
N VAL E 125 -38.38 14.22 17.34
CA VAL E 125 -39.54 14.14 18.20
C VAL E 125 -40.65 13.41 17.46
N VAL E 126 -41.09 12.29 18.02
CA VAL E 126 -42.23 11.57 17.48
C VAL E 126 -43.50 12.29 17.90
N VAL E 127 -44.34 12.64 16.93
CA VAL E 127 -45.51 13.47 17.17
C VAL E 127 -46.75 12.68 16.77
N PHE E 128 -47.73 12.64 17.67
CA PHE E 128 -49.03 12.03 17.42
C PHE E 128 -50.09 13.00 17.91
N GLU E 129 -50.92 13.51 16.99
CA GLU E 129 -51.95 14.48 17.31
C GLU E 129 -51.33 15.79 17.81
N GLY E 130 -50.23 16.20 17.17
CA GLY E 130 -49.54 17.42 17.54
C GLY E 130 -48.88 17.39 18.91
N ARG E 131 -48.88 16.22 19.58
CA ARG E 131 -48.38 16.08 20.93
C ARG E 131 -47.13 15.21 20.95
N PRO E 132 -46.11 15.60 21.72
CA PRO E 132 -44.88 14.78 21.82
C PRO E 132 -45.13 13.47 22.53
N ILE E 133 -44.70 12.37 21.90
CA ILE E 133 -44.86 11.04 22.48
C ILE E 133 -43.55 10.28 22.61
N GLY E 134 -42.50 10.66 21.91
CA GLY E 134 -41.25 9.93 22.04
C GLY E 134 -40.12 10.62 21.29
N LEU E 135 -38.90 10.15 21.56
CA LEU E 135 -37.69 10.65 20.93
C LEU E 135 -37.03 9.53 20.14
N VAL E 136 -36.43 9.89 19.01
CA VAL E 136 -35.70 8.96 18.15
C VAL E 136 -34.30 9.50 17.96
N THR E 137 -33.30 8.72 18.37
CA THR E 137 -31.90 9.08 18.21
C THR E 137 -31.24 8.14 17.21
N GLU E 138 -29.99 8.46 16.86
CA GLU E 138 -29.24 7.59 15.97
C GLU E 138 -28.95 6.25 16.62
N ALA E 139 -28.86 6.22 17.96
CA ALA E 139 -28.65 4.96 18.66
C ALA E 139 -29.88 4.05 18.59
N ASN E 140 -31.08 4.65 18.50
CA ASN E 140 -32.30 3.85 18.40
C ASN E 140 -32.45 3.19 17.05
N CYS E 141 -31.78 3.70 16.01
CA CYS E 141 -31.87 3.15 14.67
C CYS E 141 -30.69 2.26 14.32
N ALA E 142 -29.74 2.09 15.24
CA ALA E 142 -28.53 1.31 14.95
C ALA E 142 -28.86 -0.18 14.96
N GLY E 143 -28.74 -0.82 13.80
CA GLY E 143 -28.99 -2.24 13.68
C GLY E 143 -30.43 -2.62 13.41
N VAL E 144 -31.36 -1.68 13.52
CA VAL E 144 -32.78 -1.97 13.33
C VAL E 144 -33.08 -2.08 11.84
N ASP E 145 -34.10 -2.88 11.52
CA ASP E 145 -34.59 -2.99 10.15
C ASP E 145 -34.82 -1.61 9.55
N ARG E 146 -34.37 -1.43 8.31
CA ARG E 146 -34.53 -0.14 7.65
C ARG E 146 -36.00 0.23 7.45
N PHE E 147 -36.87 -0.76 7.32
CA PHE E 147 -38.28 -0.50 7.05
C PHE E 147 -39.19 -0.93 8.19
N ALA E 148 -38.65 -1.08 9.38
CA ALA E 148 -39.50 -1.09 10.56
C ALA E 148 -40.08 0.31 10.79
N ARG E 149 -41.11 0.38 11.60
CA ARG E 149 -41.78 1.65 11.85
C ARG E 149 -41.14 2.38 13.02
N VAL E 150 -41.28 3.71 13.01
CA VAL E 150 -40.71 4.54 14.06
C VAL E 150 -41.25 4.14 15.44
N ARG E 151 -42.51 3.66 15.49
CA ARG E 151 -43.10 3.26 16.76
C ARG E 151 -42.32 2.14 17.45
N ASP E 152 -41.45 1.44 16.73
CA ASP E 152 -40.74 0.29 17.29
C ASP E 152 -39.46 0.66 18.03
N ILE E 153 -38.90 1.85 17.80
CA ILE E 153 -37.61 2.20 18.36
C ILE E 153 -37.66 3.51 19.14
N ALA E 154 -38.86 4.02 19.39
CA ALA E 154 -39.01 5.31 20.04
C ALA E 154 -38.81 5.20 21.55
N LEU E 155 -38.16 6.20 22.13
CA LEU E 155 -38.02 6.33 23.57
C LEU E 155 -39.17 7.18 24.10
N SER E 156 -40.06 6.58 24.89
CA SER E 156 -41.24 7.28 25.38
C SER E 156 -40.93 8.19 26.56
N ASP E 157 -39.73 8.12 27.13
CA ASP E 157 -39.35 8.92 28.29
C ASP E 157 -38.39 10.02 27.85
N PHE E 158 -38.73 11.25 28.19
CA PHE E 158 -37.91 12.40 27.81
C PHE E 158 -38.18 13.54 28.78
N VAL E 159 -37.26 14.50 28.81
CA VAL E 159 -37.41 15.70 29.63
C VAL E 159 -38.33 16.68 28.91
N THR E 160 -39.32 17.21 29.63
CA THR E 160 -40.27 18.15 29.07
C THR E 160 -40.40 19.36 29.99
N ALA E 161 -40.85 20.47 29.41
CA ALA E 161 -41.04 21.72 30.14
C ALA E 161 -41.92 22.64 29.30
N PRO E 162 -42.71 23.50 29.93
CA PRO E 162 -43.60 24.38 29.16
C PRO E 162 -42.84 25.47 28.43
N VAL E 163 -43.40 25.90 27.30
CA VAL E 163 -42.82 27.02 26.56
C VAL E 163 -42.87 28.26 27.44
N GLY E 164 -41.75 28.98 27.49
CA GLY E 164 -41.62 30.13 28.37
C GLY E 164 -40.87 29.86 29.65
N THR E 165 -40.46 28.61 29.88
CA THR E 165 -39.67 28.30 31.07
C THR E 165 -38.30 28.96 30.97
N ASP E 166 -37.78 29.38 32.12
CA ASP E 166 -36.49 30.04 32.19
C ASP E 166 -35.41 29.13 31.62
N PRO E 167 -34.65 29.58 30.61
CA PRO E 167 -33.63 28.70 30.02
C PRO E 167 -32.62 28.18 31.02
N ARG E 168 -32.38 28.92 32.09
CA ARG E 168 -31.42 28.48 33.10
C ARG E 168 -31.90 27.21 33.79
N GLU E 169 -33.21 27.13 34.09
CA GLU E 169 -33.73 25.91 34.70
C GLU E 169 -33.72 24.75 33.73
N VAL E 170 -34.14 25.00 32.48
CA VAL E 170 -34.13 23.95 31.46
C VAL E 170 -32.72 23.41 31.30
N PHE E 171 -31.72 24.29 31.35
CA PHE E 171 -30.34 23.84 31.32
C PHE E 171 -30.03 22.92 32.49
N ASP E 172 -30.60 23.21 33.67
CA ASP E 172 -30.34 22.38 34.84
C ASP E 172 -31.17 21.11 34.84
N LEU E 173 -32.35 21.12 34.20
CA LEU E 173 -33.15 19.90 34.08
C LEU E 173 -32.45 18.85 33.24
N LEU E 174 -31.55 19.25 32.35
CA LEU E 174 -30.91 18.37 31.39
C LEU E 174 -29.52 17.93 31.82
N GLU E 175 -29.11 18.24 33.06
CA GLU E 175 -27.74 17.97 33.48
C GLU E 175 -27.38 16.49 33.36
N HIS E 176 -28.26 15.61 33.83
CA HIS E 176 -27.99 14.19 33.83
C HIS E 176 -28.89 13.42 32.88
N ALA E 177 -29.65 14.12 32.05
CA ALA E 177 -30.51 13.47 31.07
C ALA E 177 -29.65 12.70 30.07
N PRO E 178 -29.97 11.44 29.79
CA PRO E 178 -29.21 10.70 28.76
C PRO E 178 -29.31 11.34 27.39
N ILE E 179 -30.41 12.02 27.08
CA ILE E 179 -30.59 12.73 25.82
C ILE E 179 -30.58 14.22 26.14
N ASP E 180 -29.66 14.95 25.49
CA ASP E 180 -29.53 16.38 25.73
C ASP E 180 -30.56 17.16 24.92
N VAL E 181 -31.83 16.80 25.08
CA VAL E 181 -32.93 17.47 24.39
C VAL E 181 -34.10 17.59 25.36
N ALA E 182 -34.62 18.80 25.51
CA ALA E 182 -35.81 19.06 26.33
C ALA E 182 -36.95 19.44 25.41
N VAL E 183 -38.06 18.71 25.52
CA VAL E 183 -39.22 18.97 24.67
C VAL E 183 -40.06 20.07 25.30
N MET E 184 -40.20 21.18 24.58
CA MET E 184 -40.99 22.31 25.05
C MET E 184 -42.41 22.19 24.52
N THR E 185 -43.39 22.32 25.42
CA THR E 185 -44.79 22.05 25.09
C THR E 185 -45.62 23.32 25.23
N ALA E 186 -46.60 23.46 24.35
CA ALA E 186 -47.57 24.54 24.46
C ALA E 186 -48.51 24.27 25.64
N PRO E 187 -49.24 25.29 26.10
CA PRO E 187 -50.16 25.08 27.23
C PRO E 187 -51.20 23.99 27.00
N ASP E 188 -51.67 23.82 25.77
CA ASP E 188 -52.62 22.75 25.47
C ASP E 188 -51.93 21.39 25.29
N GLY E 189 -50.62 21.30 25.53
CA GLY E 189 -49.89 20.06 25.47
C GLY E 189 -49.16 19.81 24.16
N THR E 190 -49.50 20.55 23.11
CA THR E 190 -48.89 20.31 21.80
C THR E 190 -47.41 20.69 21.81
N LEU E 191 -46.69 20.19 20.80
CA LEU E 191 -45.26 20.42 20.70
C LEU E 191 -44.98 21.85 20.27
N ALA E 192 -44.17 22.56 21.07
CA ALA E 192 -43.71 23.89 20.73
C ALA E 192 -42.30 23.89 20.15
N GLY E 193 -41.55 22.82 20.33
CA GLY E 193 -40.20 22.70 19.82
C GLY E 193 -39.30 22.06 20.87
N VAL E 194 -37.99 22.28 20.72
CA VAL E 194 -37.01 21.67 21.60
C VAL E 194 -35.99 22.71 22.05
N LEU E 195 -35.19 22.33 23.04
CA LEU E 195 -34.14 23.20 23.57
C LEU E 195 -33.07 22.32 24.18
N THR E 196 -31.84 22.47 23.71
CA THR E 196 -30.71 21.73 24.25
C THR E 196 -30.03 22.53 25.36
N ARG E 197 -29.05 21.90 26.01
CA ARG E 197 -28.26 22.61 27.02
C ARG E 197 -27.46 23.74 26.38
N THR E 198 -26.87 23.48 25.21
CA THR E 198 -26.16 24.55 24.51
C THR E 198 -27.13 25.59 23.95
N GLY E 199 -28.33 25.16 23.53
CA GLY E 199 -29.33 26.12 23.11
C GLY E 199 -29.80 27.02 24.24
N ALA E 200 -29.86 26.50 25.47
CA ALA E 200 -30.23 27.33 26.61
C ALA E 200 -29.16 28.37 26.90
N ILE E 201 -27.89 27.98 26.78
CA ILE E 201 -26.80 28.94 26.96
C ILE E 201 -26.88 30.02 25.89
N ARG E 202 -27.14 29.62 24.63
CA ARG E 202 -27.20 30.59 23.54
C ARG E 202 -28.37 31.55 23.68
N ALA E 203 -29.41 31.17 24.43
CA ALA E 203 -30.53 32.09 24.65
C ALA E 203 -30.07 33.32 25.44
N GLY E 204 -29.14 33.15 26.37
CA GLY E 204 -28.61 34.24 27.15
C GLY E 204 -27.40 34.94 26.56
N ILE E 205 -27.06 34.65 25.31
CA ILE E 205 -25.90 35.24 24.65
C ILE E 205 -26.30 35.98 23.38
N TYR E 206 -27.14 35.37 22.56
CA TYR E 206 -27.55 35.96 21.29
C TYR E 206 -28.94 36.57 21.39
N THR E 207 -29.10 37.75 20.80
CA THR E 207 -30.39 38.41 20.70
C THR E 207 -31.00 38.13 19.33
N PRO E 208 -32.21 37.58 19.26
CA PRO E 208 -32.81 37.30 17.95
C PRO E 208 -33.05 38.56 17.15
N ALA E 209 -32.85 38.45 15.83
CA ALA E 209 -33.17 39.54 14.90
C ALA E 209 -34.64 39.46 14.56
N VAL E 210 -35.41 40.48 14.97
CA VAL E 210 -36.86 40.47 14.81
C VAL E 210 -37.32 41.74 14.11
N ASP E 211 -38.46 41.64 13.43
CA ASP E 211 -39.05 42.78 12.75
C ASP E 211 -39.91 43.58 13.74
N ALA E 212 -40.70 44.53 13.21
CA ALA E 212 -41.54 45.35 14.07
C ALA E 212 -42.60 44.54 14.81
N LYS E 213 -42.94 43.36 14.28
CA LYS E 213 -43.93 42.50 14.91
C LYS E 213 -43.32 41.46 15.84
N GLY E 214 -42.00 41.47 16.01
CA GLY E 214 -41.35 40.50 16.87
C GLY E 214 -41.11 39.15 16.24
N ARG E 215 -41.21 39.04 14.92
CA ARG E 215 -40.98 37.78 14.21
C ARG E 215 -39.60 37.78 13.58
N LEU E 216 -39.00 36.59 13.46
CA LEU E 216 -37.63 36.47 12.99
C LEU E 216 -37.47 37.09 11.60
N ARG E 217 -36.40 37.84 11.43
CA ARG E 217 -36.15 38.56 10.18
C ARG E 217 -35.68 37.61 9.09
N ILE E 218 -35.92 38.01 7.85
CA ILE E 218 -35.49 37.25 6.68
C ILE E 218 -35.40 38.20 5.51
N ALA E 219 -34.50 37.91 4.58
CA ALA E 219 -34.26 38.74 3.40
C ALA E 219 -34.39 37.89 2.14
N ALA E 220 -34.41 38.56 0.99
CA ALA E 220 -34.51 37.89 -0.29
C ALA E 220 -33.82 38.73 -1.35
N ALA E 221 -33.32 38.07 -2.39
CA ALA E 221 -32.55 38.72 -3.44
C ALA E 221 -33.31 38.71 -4.75
N VAL E 222 -32.92 39.63 -5.64
CA VAL E 222 -33.48 39.76 -6.98
C VAL E 222 -32.35 39.93 -7.97
N GLY E 223 -32.49 39.31 -9.15
CA GLY E 223 -31.57 39.56 -10.24
C GLY E 223 -31.91 40.85 -10.97
N ILE E 224 -31.03 41.23 -11.90
CA ILE E 224 -31.19 42.47 -12.64
C ILE E 224 -31.88 42.28 -13.98
N ASN E 225 -32.23 41.05 -14.34
CA ASN E 225 -32.93 40.77 -15.60
C ASN E 225 -34.43 40.63 -15.35
N GLY E 226 -35.19 40.82 -16.42
CA GLY E 226 -36.63 40.77 -16.33
C GLY E 226 -37.21 42.04 -15.74
N ASP E 227 -38.40 41.90 -15.15
CA ASP E 227 -39.09 43.03 -14.53
C ASP E 227 -38.63 43.13 -13.08
N VAL E 228 -37.56 43.89 -12.87
CA VAL E 228 -36.97 44.02 -11.54
C VAL E 228 -37.97 44.62 -10.56
N GLY E 229 -38.72 45.63 -11.00
CA GLY E 229 -39.67 46.27 -10.11
C GLY E 229 -40.77 45.33 -9.65
N ALA E 230 -41.37 44.60 -10.58
CA ALA E 230 -42.44 43.68 -10.21
C ALA E 230 -41.94 42.56 -9.31
N LYS E 231 -40.74 42.03 -9.60
CA LYS E 231 -40.20 40.98 -8.75
C LYS E 231 -39.91 41.49 -7.34
N ALA E 232 -39.37 42.71 -7.23
CA ALA E 232 -39.07 43.27 -5.91
C ALA E 232 -40.34 43.51 -5.11
N GLN E 233 -41.43 43.91 -5.78
CA GLN E 233 -42.67 44.17 -5.06
C GLN E 233 -43.26 42.87 -4.51
N ALA E 234 -43.22 41.80 -5.31
CA ALA E 234 -43.73 40.51 -4.83
C ALA E 234 -42.95 40.03 -3.62
N LEU E 235 -41.64 40.30 -3.57
CA LEU E 235 -40.85 39.88 -2.42
C LEU E 235 -41.18 40.72 -1.19
N ALA E 236 -41.39 42.03 -1.38
CA ALA E 236 -41.72 42.89 -0.25
C ALA E 236 -43.06 42.50 0.36
N GLU E 237 -44.07 42.27 -0.49
CA GLU E 237 -45.39 41.90 -0.01
C GLU E 237 -45.46 40.45 0.46
N ALA E 238 -44.46 39.63 0.13
CA ALA E 238 -44.37 38.29 0.70
C ALA E 238 -43.83 38.29 2.12
N GLY E 239 -43.25 39.39 2.57
CA GLY E 239 -42.79 39.51 3.95
C GLY E 239 -41.30 39.73 4.10
N ALA E 240 -40.61 40.06 3.01
CA ALA E 240 -39.17 40.30 3.09
C ALA E 240 -38.88 41.57 3.87
N ASP E 241 -37.91 41.49 4.78
CA ASP E 241 -37.48 42.65 5.56
C ASP E 241 -36.35 43.43 4.90
N LEU E 242 -35.79 42.91 3.81
CA LEU E 242 -34.66 43.55 3.14
C LEU E 242 -34.54 42.95 1.75
N LEU E 243 -34.16 43.79 0.78
CA LEU E 243 -34.01 43.37 -0.60
C LEU E 243 -32.55 43.50 -1.03
N VAL E 244 -32.09 42.55 -1.84
CA VAL E 244 -30.73 42.53 -2.36
C VAL E 244 -30.81 42.44 -3.88
N ILE E 245 -30.32 43.48 -4.55
CA ILE E 245 -30.16 43.45 -6.00
C ILE E 245 -28.74 43.00 -6.28
N ASP E 246 -28.58 41.79 -6.82
CA ASP E 246 -27.30 41.10 -6.80
C ASP E 246 -26.91 40.66 -8.20
N THR E 247 -25.67 40.98 -8.60
CA THR E 247 -25.11 40.56 -9.88
C THR E 247 -23.59 40.64 -9.78
N ALA E 248 -22.92 39.98 -10.72
CA ALA E 248 -21.45 39.95 -10.70
C ALA E 248 -20.88 41.34 -10.93
N HIS E 249 -21.16 41.93 -12.08
CA HIS E 249 -20.66 43.26 -12.42
C HIS E 249 -21.75 44.27 -12.03
N GLY E 250 -21.72 44.69 -10.77
CA GLY E 250 -22.70 45.65 -10.29
C GLY E 250 -22.51 47.05 -10.83
N HIS E 251 -21.34 47.35 -11.40
CA HIS E 251 -21.07 48.69 -11.92
C HIS E 251 -21.35 48.76 -13.42
N GLN E 252 -22.58 48.41 -13.78
CA GLN E 252 -23.03 48.48 -15.16
C GLN E 252 -24.40 49.13 -15.22
N ALA E 253 -24.79 49.55 -16.43
CA ALA E 253 -25.99 50.37 -16.59
C ALA E 253 -27.25 49.60 -16.22
N LYS E 254 -27.31 48.29 -16.53
CA LYS E 254 -28.51 47.53 -16.22
C LYS E 254 -28.77 47.48 -14.71
N MET E 255 -27.71 47.43 -13.91
CA MET E 255 -27.89 47.46 -12.45
C MET E 255 -28.43 48.79 -11.99
N LEU E 256 -27.91 49.89 -12.53
CA LEU E 256 -28.40 51.22 -12.13
C LEU E 256 -29.88 51.36 -12.42
N ASP E 257 -30.33 50.90 -13.60
CA ASP E 257 -31.76 50.94 -13.91
C ASP E 257 -32.57 50.05 -12.97
N ALA E 258 -31.98 48.95 -12.52
CA ALA E 258 -32.69 48.06 -11.60
C ALA E 258 -32.81 48.68 -10.22
N ILE E 259 -31.77 49.38 -9.75
CA ILE E 259 -31.85 50.06 -8.45
C ILE E 259 -32.88 51.17 -8.52
N LYS E 260 -32.83 51.97 -9.58
CA LYS E 260 -33.79 53.05 -9.77
C LYS E 260 -35.20 52.51 -9.91
N ALA E 261 -35.36 51.28 -10.40
CA ALA E 261 -36.69 50.70 -10.54
C ALA E 261 -37.27 50.31 -9.18
N VAL E 262 -36.45 49.77 -8.29
CA VAL E 262 -36.94 49.36 -6.98
C VAL E 262 -37.08 50.56 -6.05
N ALA E 263 -36.11 51.49 -6.10
CA ALA E 263 -36.15 52.64 -5.20
C ALA E 263 -37.35 53.52 -5.47
N SER E 264 -37.75 53.64 -6.74
CA SER E 264 -38.92 54.45 -7.08
C SER E 264 -40.22 53.83 -6.59
N LEU E 265 -40.24 52.53 -6.33
CA LEU E 265 -41.44 51.90 -5.79
C LEU E 265 -41.67 52.25 -4.33
N ASP E 266 -40.63 52.67 -3.61
CA ASP E 266 -40.73 53.16 -2.23
C ASP E 266 -41.38 52.12 -1.32
N LEU E 267 -40.70 50.97 -1.20
CA LEU E 267 -41.16 49.85 -0.38
C LEU E 267 -40.89 50.04 1.10
N GLY E 268 -40.03 51.00 1.47
CA GLY E 268 -39.70 51.19 2.86
C GLY E 268 -38.79 50.15 3.46
N LEU E 269 -38.06 49.41 2.62
CA LEU E 269 -37.15 48.37 3.07
C LEU E 269 -35.71 48.74 2.72
N PRO E 270 -34.75 48.31 3.54
CA PRO E 270 -33.34 48.51 3.17
C PRO E 270 -33.03 47.86 1.83
N LEU E 271 -32.28 48.57 0.99
CA LEU E 271 -31.99 48.13 -0.37
C LEU E 271 -30.49 47.92 -0.51
N VAL E 272 -30.09 46.68 -0.79
CA VAL E 272 -28.70 46.29 -0.96
C VAL E 272 -28.44 46.02 -2.44
N ALA E 273 -27.29 46.47 -2.93
CA ALA E 273 -26.95 46.30 -4.34
C ALA E 273 -25.45 46.06 -4.48
N GLY E 274 -25.09 45.15 -5.37
CA GLY E 274 -23.70 44.84 -5.63
C GLY E 274 -23.58 43.95 -6.85
N ASN E 275 -22.35 43.55 -7.15
CA ASN E 275 -21.18 43.88 -6.35
C ASN E 275 -20.22 44.82 -7.08
N VAL E 276 -19.51 45.64 -6.31
CA VAL E 276 -18.46 46.53 -6.82
C VAL E 276 -17.26 46.44 -5.88
N VAL E 277 -16.13 46.97 -6.35
CA VAL E 277 -14.91 46.98 -5.56
C VAL E 277 -14.20 48.32 -5.67
N SER E 278 -14.90 49.33 -6.19
CA SER E 278 -14.33 50.66 -6.37
C SER E 278 -15.16 51.71 -5.65
N ALA E 279 -14.51 52.83 -5.35
CA ALA E 279 -15.21 53.96 -4.75
C ALA E 279 -16.24 54.56 -5.70
N GLU E 280 -15.90 54.63 -7.00
CA GLU E 280 -16.83 55.16 -7.99
C GLU E 280 -18.09 54.31 -8.06
N GLY E 281 -17.93 52.98 -8.12
CA GLY E 281 -19.09 52.12 -8.16
C GLY E 281 -19.95 52.20 -6.92
N THR E 282 -19.33 52.43 -5.75
CA THR E 282 -20.10 52.58 -4.53
C THR E 282 -20.95 53.85 -4.54
N ARG E 283 -20.41 54.95 -5.07
CA ARG E 283 -21.17 56.18 -5.16
C ARG E 283 -22.30 56.08 -6.18
N ASP E 284 -22.02 55.49 -7.34
CA ASP E 284 -23.03 55.40 -8.39
C ASP E 284 -24.22 54.55 -7.95
N LEU E 285 -23.96 53.49 -7.17
CA LEU E 285 -25.06 52.64 -6.71
C LEU E 285 -25.87 53.30 -5.60
N ILE E 286 -25.20 54.04 -4.71
CA ILE E 286 -25.92 54.77 -3.67
C ILE E 286 -26.75 55.89 -4.27
N GLU E 287 -26.16 56.66 -5.20
CA GLU E 287 -26.89 57.73 -5.86
C GLU E 287 -28.05 57.20 -6.69
N ALA E 288 -28.00 55.95 -7.11
CA ALA E 288 -29.12 55.34 -7.83
C ALA E 288 -30.24 54.90 -6.91
N GLY E 289 -30.01 54.82 -5.60
CA GLY E 289 -31.07 54.50 -4.67
C GLY E 289 -30.75 53.43 -3.64
N ALA E 290 -29.52 52.91 -3.67
CA ALA E 290 -29.12 51.86 -2.73
C ALA E 290 -28.64 52.47 -1.42
N SER E 291 -29.07 51.87 -0.31
CA SER E 291 -28.59 52.27 1.00
C SER E 291 -27.39 51.46 1.48
N ILE E 292 -27.24 50.24 0.97
CA ILE E 292 -26.14 49.35 1.35
C ILE E 292 -25.50 48.83 0.07
N VAL E 293 -24.17 48.84 0.02
CA VAL E 293 -23.41 48.41 -1.15
C VAL E 293 -22.69 47.12 -0.81
N LYS E 294 -22.90 46.09 -1.63
CA LYS E 294 -22.25 44.80 -1.45
C LYS E 294 -20.93 44.79 -2.21
N VAL E 295 -19.83 44.54 -1.49
CA VAL E 295 -18.49 44.70 -2.04
C VAL E 295 -17.84 43.33 -2.18
N GLY E 296 -17.23 43.09 -3.35
CA GLY E 296 -16.51 41.85 -3.59
C GLY E 296 -16.67 41.29 -4.99
N VAL E 297 -15.57 41.28 -5.75
CA VAL E 297 -15.54 40.70 -7.10
C VAL E 297 -14.37 39.72 -7.12
N GLY E 298 -14.67 38.42 -7.02
CA GLY E 298 -13.63 37.42 -7.07
C GLY E 298 -13.39 36.54 -5.85
N PRO E 299 -13.45 37.07 -4.62
CA PRO E 299 -12.92 36.31 -3.47
C PRO E 299 -13.79 35.13 -3.05
N GLY E 300 -14.97 34.95 -3.64
CA GLY E 300 -15.82 33.84 -3.22
C GLY E 300 -15.14 32.50 -3.44
N ALA E 301 -15.32 31.59 -2.48
CA ALA E 301 -14.64 30.30 -2.53
C ALA E 301 -15.10 29.45 -3.70
N MET E 302 -16.26 29.73 -4.29
CA MET E 302 -16.76 29.01 -5.45
C MET E 302 -16.49 29.75 -6.75
N CYS E 303 -15.79 30.88 -6.70
CA CYS E 303 -15.61 31.73 -7.88
C CYS E 303 -14.36 31.35 -8.66
N THR E 304 -14.45 31.44 -9.98
CA THR E 304 -13.29 31.33 -10.85
C THR E 304 -13.05 32.62 -11.63
N THR E 305 -13.72 33.71 -11.24
CA THR E 305 -13.66 34.96 -12.01
C THR E 305 -12.23 35.47 -12.13
N ARG E 306 -11.45 35.42 -11.04
CA ARG E 306 -10.08 35.91 -11.09
C ARG E 306 -9.25 35.13 -12.10
N MET E 307 -9.42 33.81 -12.13
CA MET E 307 -8.65 32.98 -13.05
C MET E 307 -9.18 33.05 -14.48
N MET E 308 -10.48 33.33 -14.64
CA MET E 308 -11.05 33.43 -15.98
C MET E 308 -10.74 34.78 -16.63
N THR E 309 -10.77 35.87 -15.84
CA THR E 309 -10.74 37.21 -16.41
C THR E 309 -9.61 38.09 -15.90
N GLY E 310 -8.96 37.74 -14.79
CA GLY E 310 -8.04 38.65 -14.14
C GLY E 310 -8.70 39.81 -13.43
N VAL E 311 -10.03 39.88 -13.43
CA VAL E 311 -10.77 40.96 -12.80
C VAL E 311 -10.99 40.62 -11.34
N GLY E 312 -10.83 41.62 -10.48
CA GLY E 312 -11.01 41.42 -9.06
C GLY E 312 -10.22 42.46 -8.29
N ARG E 313 -10.30 42.35 -6.96
CA ARG E 313 -9.53 43.23 -6.10
C ARG E 313 -9.33 42.56 -4.76
N PRO E 314 -8.12 42.62 -4.19
CA PRO E 314 -7.93 42.12 -2.83
C PRO E 314 -8.97 42.71 -1.88
N GLN E 315 -9.64 41.82 -1.12
CA GLN E 315 -10.90 42.18 -0.51
C GLN E 315 -10.75 43.22 0.59
N PHE E 316 -9.64 43.18 1.35
CA PHE E 316 -9.47 44.17 2.40
C PHE E 316 -9.37 45.57 1.83
N SER E 317 -8.51 45.75 0.82
CA SER E 317 -8.38 47.07 0.19
C SER E 317 -9.68 47.51 -0.47
N ALA E 318 -10.45 46.57 -1.03
CA ALA E 318 -11.71 46.95 -1.64
C ALA E 318 -12.72 47.43 -0.61
N VAL E 319 -12.81 46.74 0.53
CA VAL E 319 -13.76 47.13 1.57
C VAL E 319 -13.35 48.47 2.17
N VAL E 320 -12.05 48.73 2.32
CA VAL E 320 -11.59 49.98 2.90
C VAL E 320 -12.03 51.16 2.03
N GLU E 321 -11.76 51.07 0.72
CA GLU E 321 -12.08 52.17 -0.18
C GLU E 321 -13.58 52.35 -0.34
N CYS E 322 -14.34 51.25 -0.43
CA CYS E 322 -15.77 51.35 -0.66
C CYS E 322 -16.51 51.79 0.61
N ALA E 323 -16.08 51.31 1.78
CA ALA E 323 -16.72 51.76 3.01
C ALA E 323 -16.49 53.24 3.25
N ALA E 324 -15.31 53.75 2.87
CA ALA E 324 -15.04 55.18 3.01
C ALA E 324 -15.92 55.99 2.07
N ALA E 325 -16.09 55.54 0.83
CA ALA E 325 -16.95 56.26 -0.10
C ALA E 325 -18.40 56.22 0.35
N ALA E 326 -18.88 55.05 0.80
CA ALA E 326 -20.26 54.94 1.26
C ALA E 326 -20.50 55.76 2.52
N ARG E 327 -19.50 55.84 3.41
CA ARG E 327 -19.68 56.56 4.66
C ARG E 327 -19.86 58.06 4.43
N GLN E 328 -19.26 58.61 3.37
CA GLN E 328 -19.45 60.03 3.08
C GLN E 328 -20.86 60.33 2.60
N LEU E 329 -21.52 59.37 1.96
CA LEU E 329 -22.87 59.53 1.47
C LEU E 329 -23.91 59.01 2.45
N GLY E 330 -23.52 58.73 3.70
CA GLY E 330 -24.44 58.18 4.66
C GLY E 330 -24.86 56.76 4.40
N GLY E 331 -24.12 56.03 3.56
CA GLY E 331 -24.42 54.65 3.24
C GLY E 331 -23.55 53.67 4.00
N HIS E 332 -23.73 52.39 3.67
CA HIS E 332 -23.05 51.30 4.34
C HIS E 332 -22.50 50.32 3.30
N VAL E 333 -21.71 49.37 3.77
CA VAL E 333 -21.00 48.44 2.90
C VAL E 333 -21.03 47.05 3.51
N TRP E 334 -21.38 46.05 2.69
CA TRP E 334 -21.30 44.64 3.07
C TRP E 334 -20.05 44.03 2.45
N ALA E 335 -19.25 43.36 3.27
CA ALA E 335 -18.09 42.61 2.78
C ALA E 335 -18.56 41.22 2.37
N ASP E 336 -18.49 40.92 1.07
CA ASP E 336 -19.09 39.70 0.52
C ASP E 336 -18.00 38.85 -0.12
N GLY E 337 -17.73 37.70 0.48
CA GLY E 337 -16.89 36.69 -0.12
C GLY E 337 -15.51 36.61 0.54
N GLY E 338 -14.96 35.39 0.55
CA GLY E 338 -13.60 35.18 0.99
C GLY E 338 -13.41 34.94 2.47
N VAL E 339 -14.49 34.77 3.23
CA VAL E 339 -14.38 34.55 4.67
C VAL E 339 -14.07 33.08 4.93
N ARG E 340 -12.93 32.82 5.55
CA ARG E 340 -12.51 31.46 5.90
C ARG E 340 -12.34 31.24 7.39
N HIS E 341 -12.01 32.28 8.14
CA HIS E 341 -11.72 32.19 9.56
C HIS E 341 -12.32 33.39 10.26
N PRO E 342 -12.50 33.33 11.58
CA PRO E 342 -13.08 34.48 12.30
C PRO E 342 -12.33 35.78 12.09
N ARG E 343 -11.01 35.73 11.89
CA ARG E 343 -10.25 36.95 11.70
C ARG E 343 -10.72 37.72 10.46
N ASP E 344 -11.22 37.01 9.45
CA ASP E 344 -11.70 37.68 8.24
C ASP E 344 -12.93 38.54 8.53
N VAL E 345 -13.83 38.05 9.39
CA VAL E 345 -15.00 38.83 9.78
C VAL E 345 -14.56 40.07 10.55
N ALA E 346 -13.65 39.89 11.51
CA ALA E 346 -13.20 41.01 12.33
C ALA E 346 -12.44 42.04 11.50
N LEU E 347 -11.64 41.59 10.53
CA LEU E 347 -10.89 42.54 9.71
C LEU E 347 -11.78 43.28 8.73
N ALA E 348 -12.83 42.62 8.23
CA ALA E 348 -13.78 43.31 7.36
C ALA E 348 -14.53 44.41 8.12
N LEU E 349 -14.90 44.13 9.37
CA LEU E 349 -15.54 45.16 10.20
C LEU E 349 -14.56 46.29 10.52
N ALA E 350 -13.32 45.94 10.87
CA ALA E 350 -12.31 46.97 11.10
C ALA E 350 -12.09 47.83 9.88
N ALA E 351 -12.19 47.24 8.68
CA ALA E 351 -12.04 47.99 7.44
C ALA E 351 -13.20 48.95 7.19
N GLY E 352 -14.29 48.84 7.94
CA GLY E 352 -15.41 49.76 7.80
C GLY E 352 -16.70 49.14 7.32
N ALA E 353 -16.74 47.86 6.98
CA ALA E 353 -17.99 47.23 6.56
C ALA E 353 -18.95 47.12 7.74
N SER E 354 -20.24 47.29 7.46
CA SER E 354 -21.25 47.18 8.50
C SER E 354 -21.74 45.75 8.70
N ASN E 355 -21.57 44.89 7.69
CA ASN E 355 -21.98 43.50 7.78
C ASN E 355 -21.07 42.67 6.88
N VAL E 356 -20.95 41.39 7.22
CA VAL E 356 -20.10 40.46 6.49
C VAL E 356 -20.98 39.33 5.97
N MET E 357 -20.93 39.09 4.66
CA MET E 357 -21.69 38.04 4.01
C MET E 357 -20.84 36.78 3.89
N ILE E 358 -21.38 35.66 4.36
CA ILE E 358 -20.68 34.38 4.38
C ILE E 358 -21.48 33.36 3.56
N GLY E 359 -20.80 32.61 2.71
CA GLY E 359 -21.45 31.65 1.86
C GLY E 359 -21.02 30.20 2.06
N SER E 360 -19.96 29.80 1.37
CA SER E 360 -19.61 28.37 1.29
C SER E 360 -19.22 27.80 2.64
N TRP E 361 -18.71 28.63 3.56
CA TRP E 361 -18.35 28.14 4.88
C TRP E 361 -19.54 27.49 5.58
N PHE E 362 -20.73 28.07 5.44
CA PHE E 362 -21.91 27.54 6.08
C PHE E 362 -22.59 26.42 5.30
N ALA E 363 -22.07 26.06 4.12
CA ALA E 363 -22.62 24.91 3.41
C ALA E 363 -22.31 23.60 4.13
N GLY E 364 -21.14 23.51 4.77
CA GLY E 364 -20.77 22.32 5.52
C GLY E 364 -21.34 22.32 6.93
N THR E 365 -22.66 22.47 7.06
CA THR E 365 -23.33 22.42 8.35
C THR E 365 -24.60 21.59 8.19
N TYR E 366 -25.16 21.17 9.34
CA TYR E 366 -26.39 20.38 9.31
C TYR E 366 -27.54 21.18 8.72
N GLU E 367 -27.60 22.48 8.97
CA GLU E 367 -28.77 23.29 8.65
C GLU E 367 -28.80 23.77 7.21
N SER E 368 -27.79 23.47 6.40
CA SER E 368 -27.80 23.88 5.01
C SER E 368 -28.72 22.97 4.19
N PRO E 369 -29.20 23.42 3.03
CA PRO E 369 -30.21 22.64 2.30
C PRO E 369 -29.72 21.31 1.76
N GLY E 370 -28.45 21.20 1.40
CA GLY E 370 -27.96 19.98 0.78
C GLY E 370 -28.00 18.79 1.71
N ASP E 371 -28.02 17.61 1.09
CA ASP E 371 -27.99 16.36 1.85
C ASP E 371 -26.61 16.10 2.42
N LEU E 372 -26.57 15.53 3.62
CA LEU E 372 -25.31 15.17 4.24
C LEU E 372 -24.72 13.93 3.56
N LEU E 373 -23.44 14.01 3.19
CA LEU E 373 -22.76 12.93 2.48
C LEU E 373 -21.56 12.45 3.27
N PHE E 374 -21.00 11.33 2.83
CA PHE E 374 -19.82 10.74 3.45
C PHE E 374 -18.87 10.25 2.37
N ASP E 375 -17.59 10.54 2.54
CA ASP E 375 -16.57 10.06 1.61
C ASP E 375 -16.22 8.61 1.96
N ARG E 376 -15.15 8.09 1.34
CA ARG E 376 -14.74 6.72 1.61
C ARG E 376 -14.29 6.51 3.05
N ASP E 377 -13.85 7.57 3.73
CA ASP E 377 -13.42 7.48 5.12
C ASP E 377 -14.53 7.79 6.11
N ASP E 378 -15.79 7.87 5.64
CA ASP E 378 -16.95 8.16 6.47
C ASP E 378 -16.86 9.54 7.12
N ARG E 379 -16.16 10.47 6.48
CA ARG E 379 -16.15 11.84 6.95
C ARG E 379 -17.37 12.57 6.40
N PRO E 380 -18.12 13.28 7.24
CA PRO E 380 -19.31 13.98 6.75
C PRO E 380 -18.94 15.24 5.98
N TYR E 381 -19.64 15.46 4.87
CA TYR E 381 -19.43 16.65 4.06
C TYR E 381 -20.72 16.99 3.32
N LYS E 382 -20.75 18.18 2.75
CA LYS E 382 -21.86 18.61 1.91
C LYS E 382 -21.33 19.33 0.69
N GLU E 383 -22.14 19.33 -0.37
CA GLU E 383 -21.77 19.97 -1.62
C GLU E 383 -21.99 21.48 -1.54
N SER E 384 -21.14 22.21 -2.25
CA SER E 384 -21.32 23.65 -2.47
C SER E 384 -20.95 23.96 -3.91
N TYR E 385 -21.57 25.01 -4.45
CA TYR E 385 -21.35 25.37 -5.84
C TYR E 385 -21.68 26.84 -6.02
N GLY E 386 -21.11 27.42 -7.08
CA GLY E 386 -21.34 28.83 -7.35
C GLY E 386 -22.66 29.08 -8.05
N MET E 387 -23.20 30.28 -7.82
CA MET E 387 -24.45 30.70 -8.45
C MET E 387 -24.27 31.10 -9.91
N ALA E 388 -23.04 31.05 -10.44
CA ALA E 388 -22.77 31.29 -11.85
C ALA E 388 -22.12 30.09 -12.52
N SER E 389 -22.18 28.92 -11.89
CA SER E 389 -21.65 27.70 -12.47
C SER E 389 -22.63 27.11 -13.46
N LYS E 390 -22.13 26.21 -14.31
CA LYS E 390 -22.98 25.52 -15.27
C LYS E 390 -24.12 24.78 -14.57
N ARG E 391 -23.87 24.27 -13.37
CA ARG E 391 -24.92 23.61 -12.60
C ARG E 391 -26.02 24.58 -12.21
N ALA E 392 -25.65 25.75 -11.69
CA ALA E 392 -26.66 26.72 -11.26
C ALA E 392 -27.37 27.35 -12.44
N VAL E 393 -26.64 27.65 -13.51
CA VAL E 393 -27.27 28.25 -14.69
C VAL E 393 -28.22 27.28 -15.35
N ALA E 394 -27.93 25.98 -15.30
CA ALA E 394 -28.82 24.99 -15.90
C ALA E 394 -30.18 24.99 -15.21
N ALA E 395 -30.20 25.04 -13.88
CA ALA E 395 -31.47 25.10 -13.16
C ALA E 395 -32.16 26.44 -13.36
N ARG E 396 -31.39 27.51 -13.56
CA ARG E 396 -31.96 28.84 -13.73
C ARG E 396 -32.50 29.08 -15.13
N THR E 397 -32.01 28.35 -16.13
CA THR E 397 -32.38 28.55 -17.53
C THR E 397 -33.05 27.31 -18.12
N ALA E 398 -33.61 26.44 -17.30
CA ALA E 398 -34.22 25.20 -17.79
C ALA E 398 -35.34 25.49 -18.78
N GLY E 399 -36.14 26.52 -18.51
CA GLY E 399 -37.28 26.84 -19.36
C GLY E 399 -36.93 27.36 -20.74
N ASP E 400 -35.65 27.63 -21.01
CA ASP E 400 -35.26 28.16 -22.30
C ASP E 400 -35.09 27.03 -23.32
N SER E 401 -34.97 27.42 -24.58
CA SER E 401 -34.72 26.45 -25.64
C SER E 401 -33.30 25.92 -25.56
N SER E 402 -33.09 24.74 -26.14
CA SER E 402 -31.76 24.12 -26.13
C SER E 402 -30.74 24.97 -26.86
N PHE E 403 -31.16 25.68 -27.91
CA PHE E 403 -30.22 26.54 -28.63
C PHE E 403 -29.73 27.68 -27.74
N ASP E 404 -30.62 28.28 -26.95
CA ASP E 404 -30.21 29.38 -26.09
C ASP E 404 -29.40 28.88 -24.90
N ARG E 405 -29.73 27.70 -24.37
CA ARG E 405 -28.96 27.14 -23.27
C ARG E 405 -27.54 26.78 -23.70
N ALA E 406 -27.39 26.26 -24.91
CA ALA E 406 -26.06 25.90 -25.41
C ALA E 406 -25.19 27.13 -25.60
N ARG E 407 -25.78 28.22 -26.12
CA ARG E 407 -25.02 29.46 -26.29
C ARG E 407 -24.57 30.02 -24.94
N LYS E 408 -25.50 30.10 -23.98
CA LYS E 408 -25.18 30.68 -22.67
C LYS E 408 -24.20 29.82 -21.89
N GLY E 409 -24.08 28.53 -22.22
CA GLY E 409 -23.09 27.67 -21.61
C GLY E 409 -21.66 28.06 -21.91
N LEU E 410 -21.46 29.05 -22.80
CA LEU E 410 -20.11 29.55 -23.07
C LEU E 410 -19.50 30.20 -21.83
N PHE E 411 -20.32 30.76 -20.96
CA PHE E 411 -19.86 31.52 -19.81
C PHE E 411 -20.06 30.70 -18.54
N GLU E 412 -18.97 30.49 -17.81
CA GLU E 412 -19.02 29.87 -16.48
C GLU E 412 -17.99 30.57 -15.61
N GLU E 413 -18.44 31.11 -14.47
CA GLU E 413 -17.55 31.82 -13.56
C GLU E 413 -17.70 31.28 -12.14
N GLY E 414 -18.05 30.00 -12.02
CA GLY E 414 -18.18 29.34 -10.74
C GLY E 414 -18.04 27.85 -10.92
N ILE E 415 -17.64 27.19 -9.83
CA ILE E 415 -17.46 25.74 -9.86
C ILE E 415 -18.79 25.08 -9.52
N SER E 416 -19.00 23.88 -10.06
CA SER E 416 -20.28 23.19 -9.97
C SER E 416 -20.34 22.18 -8.85
N THR E 417 -19.21 21.84 -8.23
CA THR E 417 -19.22 20.89 -7.12
C THR E 417 -17.98 21.11 -6.27
N SER E 418 -18.18 21.15 -4.95
CA SER E 418 -17.09 21.31 -3.99
C SER E 418 -17.50 20.61 -2.71
N ARG E 419 -16.56 19.88 -2.11
CA ARG E 419 -16.82 19.13 -0.88
C ARG E 419 -16.51 20.02 0.31
N MET E 420 -17.53 20.41 1.07
CA MET E 420 -17.37 21.20 2.30
C MET E 420 -17.51 20.26 3.49
N SER E 421 -16.41 20.05 4.21
CA SER E 421 -16.41 19.12 5.31
C SER E 421 -17.14 19.70 6.52
N LEU E 422 -17.86 18.84 7.23
CA LEU E 422 -18.46 19.19 8.51
C LEU E 422 -17.47 18.89 9.63
N ASP E 423 -17.32 19.82 10.55
CA ASP E 423 -16.56 19.54 11.76
C ASP E 423 -17.21 18.34 12.44
N PRO E 424 -16.52 17.20 12.52
CA PRO E 424 -17.17 15.98 13.01
C PRO E 424 -17.76 16.11 14.39
N ALA E 425 -17.25 17.03 15.22
CA ALA E 425 -17.82 17.29 16.52
C ALA E 425 -18.81 18.45 16.49
N ARG E 426 -18.45 19.53 15.81
CA ARG E 426 -19.19 20.80 15.84
C ARG E 426 -19.77 21.09 14.46
N GLY E 427 -20.78 20.31 14.07
CA GLY E 427 -21.31 20.40 12.73
C GLY E 427 -22.46 21.36 12.51
N GLY E 428 -22.90 22.07 13.55
CA GLY E 428 -23.99 23.01 13.40
C GLY E 428 -23.53 24.41 13.04
N VAL E 429 -24.40 25.15 12.38
CA VAL E 429 -24.08 26.53 12.00
C VAL E 429 -23.96 27.40 13.24
N GLU E 430 -24.68 27.08 14.32
CA GLU E 430 -24.56 27.85 15.54
C GLU E 430 -23.18 27.67 16.19
N ASP E 431 -22.55 26.52 15.97
CA ASP E 431 -21.18 26.33 16.41
C ASP E 431 -20.22 27.24 15.66
N LEU E 432 -20.46 27.44 14.36
CA LEU E 432 -19.66 28.38 13.60
C LEU E 432 -19.95 29.81 14.02
N LEU E 433 -21.22 30.12 14.35
CA LEU E 433 -21.53 31.45 14.84
C LEU E 433 -20.85 31.73 16.17
N ASP E 434 -20.76 30.72 17.04
CA ASP E 434 -19.98 30.88 18.27
C ASP E 434 -18.52 31.13 17.95
N HIS E 435 -17.96 30.40 16.98
CA HIS E 435 -16.57 30.58 16.58
C HIS E 435 -16.34 32.00 16.07
N ILE E 436 -17.24 32.48 15.21
CA ILE E 436 -17.06 33.78 14.58
C ILE E 436 -17.23 34.91 15.60
N THR E 437 -18.33 34.88 16.36
CA THR E 437 -18.64 35.99 17.26
C THR E 437 -17.67 36.06 18.44
N SER E 438 -17.19 34.92 18.93
CA SER E 438 -16.21 34.95 20.02
C SER E 438 -14.91 35.62 19.58
N GLY E 439 -14.53 35.44 18.32
CA GLY E 439 -13.34 36.11 17.82
C GLY E 439 -13.54 37.60 17.61
N VAL E 440 -14.72 37.99 17.12
CA VAL E 440 -15.01 39.40 16.91
C VAL E 440 -15.09 40.14 18.25
N ARG E 441 -15.73 39.52 19.25
CA ARG E 441 -15.77 40.12 20.57
C ARG E 441 -14.37 40.30 21.15
N SER E 442 -13.48 39.32 20.90
CA SER E 442 -12.13 39.43 21.40
C SER E 442 -11.35 40.51 20.66
N THR E 443 -11.62 40.68 19.36
CA THR E 443 -10.98 41.77 18.61
C THR E 443 -11.36 43.12 19.18
N CYS E 444 -12.62 43.29 19.57
CA CYS E 444 -13.07 44.58 20.09
C CYS E 444 -12.38 44.92 21.40
N THR E 445 -12.25 43.95 22.31
CA THR E 445 -11.60 44.25 23.58
C THR E 445 -10.10 44.47 23.41
N TYR E 446 -9.47 43.77 22.47
CA TYR E 446 -8.08 44.06 22.14
C TYR E 446 -7.91 45.50 21.66
N VAL E 447 -8.87 45.98 20.85
CA VAL E 447 -8.83 47.35 20.35
C VAL E 447 -9.32 48.34 21.39
N GLY E 448 -10.13 47.90 22.35
CA GLY E 448 -10.72 48.80 23.32
C GLY E 448 -12.09 49.33 22.95
N ALA E 449 -12.80 48.63 22.07
CA ALA E 449 -14.11 49.06 21.59
C ALA E 449 -15.22 48.28 22.29
N ALA E 450 -16.31 48.97 22.62
CA ALA E 450 -17.47 48.37 23.23
C ALA E 450 -18.55 48.02 22.22
N ASN E 451 -18.35 48.38 20.95
CA ASN E 451 -19.32 48.11 19.90
C ASN E 451 -18.60 48.20 18.56
N LEU E 452 -19.34 47.95 17.48
CA LEU E 452 -18.77 47.90 16.15
C LEU E 452 -18.39 49.28 15.60
N PRO E 453 -19.20 50.34 15.81
CA PRO E 453 -18.73 51.67 15.41
C PRO E 453 -17.43 52.08 16.06
N GLU E 454 -17.24 51.75 17.34
CA GLU E 454 -15.98 52.05 18.00
C GLU E 454 -14.84 51.19 17.48
N LEU E 455 -15.15 49.98 16.99
CA LEU E 455 -14.12 49.13 16.42
C LEU E 455 -13.50 49.77 15.19
N HIS E 456 -14.33 50.21 14.25
CA HIS E 456 -13.83 50.89 13.06
C HIS E 456 -13.12 52.20 13.41
N GLU E 457 -13.54 52.84 14.51
CA GLU E 457 -13.00 54.15 14.88
C GLU E 457 -11.64 54.03 15.56
N LYS E 458 -11.46 53.02 16.42
CA LYS E 458 -10.28 52.93 17.28
C LYS E 458 -9.21 51.97 16.76
N VAL E 459 -9.49 51.19 15.71
CA VAL E 459 -8.58 50.14 15.31
C VAL E 459 -7.32 50.75 14.69
N VAL E 460 -6.18 50.15 15.01
CA VAL E 460 -4.91 50.46 14.37
C VAL E 460 -4.45 49.21 13.62
N LEU E 461 -4.07 49.37 12.36
CA LEU E 461 -3.74 48.24 11.51
C LEU E 461 -2.27 48.29 11.10
N GLY E 462 -1.75 47.13 10.70
CA GLY E 462 -0.41 47.04 10.16
C GLY E 462 -0.37 46.07 9.00
N VAL E 463 0.70 46.16 8.21
CA VAL E 463 0.93 45.27 7.09
C VAL E 463 2.03 44.29 7.46
N GLN E 464 1.89 43.04 7.01
CA GLN E 464 2.86 42.00 7.30
C GLN E 464 3.17 41.22 6.03
N SER E 465 4.31 40.52 6.05
CA SER E 465 4.64 39.60 4.97
C SER E 465 3.96 38.25 5.23
N ALA E 466 4.20 37.29 4.33
CA ALA E 466 3.62 35.96 4.50
C ALA E 466 4.19 35.26 5.73
N ALA E 467 5.42 35.60 6.12
CA ALA E 467 5.96 35.06 7.37
C ALA E 467 5.19 35.56 8.58
N GLY E 468 4.72 36.80 8.53
CA GLY E 468 3.93 37.33 9.64
C GLY E 468 2.60 36.60 9.80
N PHE E 469 1.93 36.31 8.68
CA PHE E 469 0.68 35.57 8.74
C PHE E 469 0.87 34.16 9.27
N ALA E 470 2.01 33.54 8.97
CA ALA E 470 2.28 32.18 9.41
C ALA E 470 2.61 32.08 10.90
N GLU E 471 2.88 33.20 11.56
CA GLU E 471 3.20 33.18 12.98
C GLU E 471 1.97 32.74 13.78
N GLY E 472 2.13 31.69 14.58
CA GLY E 472 1.04 31.06 15.30
C GLY E 472 0.69 29.70 14.70
N HIS E 473 -0.31 29.06 15.33
CA HIS E 473 -0.75 27.76 14.82
C HIS E 473 -2.06 27.92 14.04
N PRO E 474 -2.27 27.10 12.99
CA PRO E 474 -3.49 27.17 12.18
C PRO E 474 -4.74 26.72 12.92
N VAL F 2 18.11 49.92 16.96
CA VAL F 2 18.99 49.05 16.21
C VAL F 2 19.30 49.67 14.86
N ARG F 3 20.39 49.22 14.23
CA ARG F 3 20.83 49.73 12.94
C ARG F 3 20.57 48.69 11.86
N PHE F 4 19.90 49.12 10.78
CA PHE F 4 19.67 48.30 9.61
C PHE F 4 20.57 48.78 8.47
N LEU F 5 20.76 47.89 7.48
CA LEU F 5 21.48 48.26 6.28
C LEU F 5 20.77 49.41 5.57
N ASP F 6 21.54 50.18 4.80
CA ASP F 6 21.00 51.34 4.11
C ASP F 6 19.87 50.94 3.16
N GLY F 7 18.77 51.69 3.21
CA GLY F 7 17.63 51.44 2.35
C GLY F 7 16.69 50.35 2.82
N HIS F 8 17.05 49.59 3.85
CA HIS F 8 16.20 48.51 4.35
C HIS F 8 15.16 49.12 5.30
N THR F 9 14.17 49.77 4.69
CA THR F 9 13.04 50.36 5.40
C THR F 9 11.77 49.82 4.79
N PRO F 10 11.36 48.61 5.16
CA PRO F 10 10.19 47.98 4.55
C PRO F 10 8.90 48.67 4.97
N ALA F 11 7.88 48.50 4.12
CA ALA F 11 6.53 49.02 4.39
C ALA F 11 5.66 48.01 5.11
N TYR F 12 6.25 47.24 6.03
CA TYR F 12 5.53 46.21 6.77
C TYR F 12 6.36 45.85 7.99
N ASP F 13 5.73 45.18 8.95
CA ASP F 13 6.42 44.72 10.15
C ASP F 13 7.05 43.35 9.92
N LEU F 14 8.08 43.06 10.70
CA LEU F 14 9.01 41.96 10.45
C LEU F 14 8.90 40.89 11.52
N THR F 15 9.00 39.63 11.09
CA THR F 15 9.19 38.50 11.98
C THR F 15 10.67 38.09 11.95
N TYR F 16 11.01 37.10 12.78
CA TYR F 16 12.39 36.61 12.81
C TYR F 16 12.83 36.08 11.46
N ASN F 17 11.90 35.52 10.66
CA ASN F 17 12.25 35.01 9.35
C ASN F 17 12.57 36.10 8.35
N ASP F 18 12.14 37.34 8.60
CA ASP F 18 12.30 38.43 7.65
C ASP F 18 13.64 39.14 7.74
N VAL F 19 14.47 38.81 8.73
CA VAL F 19 15.68 39.59 8.99
C VAL F 19 16.89 38.67 9.07
N PHE F 20 18.06 39.29 8.92
CA PHE F 20 19.34 38.61 9.05
C PHE F 20 20.33 39.55 9.71
N VAL F 21 21.37 38.96 10.30
CA VAL F 21 22.45 39.69 10.95
C VAL F 21 23.68 39.65 10.04
N VAL F 22 24.24 40.81 9.74
CA VAL F 22 25.47 40.92 8.97
C VAL F 22 26.62 41.02 9.97
N PRO F 23 27.67 40.21 9.82
CA PRO F 23 28.76 40.22 10.81
C PRO F 23 29.66 41.43 10.66
N GLY F 24 30.36 41.75 11.76
CA GLY F 24 31.27 42.87 11.79
C GLY F 24 32.65 42.44 12.28
N ARG F 25 33.53 43.44 12.38
CA ARG F 25 34.89 43.19 12.87
C ARG F 25 34.83 42.64 14.29
N SER F 26 35.63 41.61 14.56
CA SER F 26 35.58 40.94 15.83
C SER F 26 36.98 40.63 16.35
N ASP F 27 37.15 40.77 17.67
CA ASP F 27 38.36 40.31 18.35
C ASP F 27 38.07 39.21 19.36
N VAL F 28 36.82 38.80 19.50
CA VAL F 28 36.44 37.73 20.42
C VAL F 28 37.08 36.44 19.92
N ALA F 29 38.12 35.97 20.63
CA ALA F 29 38.91 34.85 20.15
C ALA F 29 38.09 33.57 20.07
N SER F 30 37.26 33.29 21.09
CA SER F 30 36.51 32.05 21.18
C SER F 30 35.08 32.35 21.56
N ARG F 31 34.17 31.48 21.10
CA ARG F 31 32.77 31.59 21.48
C ARG F 31 32.55 31.29 22.97
N PHE F 32 33.53 30.67 23.63
CA PHE F 32 33.46 30.47 25.08
C PHE F 32 33.74 31.76 25.86
N ASP F 33 34.33 32.76 25.22
CA ASP F 33 34.65 34.03 25.89
C ASP F 33 33.44 34.93 26.06
N VAL F 34 32.30 34.61 25.45
CA VAL F 34 31.12 35.45 25.52
C VAL F 34 30.45 35.27 26.87
N ASP F 35 29.98 36.38 27.46
CA ASP F 35 29.23 36.36 28.70
C ASP F 35 27.74 36.46 28.38
N LEU F 36 27.02 35.36 28.61
CA LEU F 36 25.60 35.28 28.29
C LEU F 36 24.70 35.74 29.43
N SER F 37 25.26 36.34 30.48
CA SER F 37 24.47 36.78 31.62
C SER F 37 23.54 37.91 31.22
N THR F 38 22.38 37.95 31.87
CA THR F 38 21.36 38.96 31.62
C THR F 38 21.47 40.09 32.65
N VAL F 39 20.89 41.23 32.30
CA VAL F 39 21.02 42.45 33.09
C VAL F 39 19.66 43.02 33.49
N ASP F 40 18.61 42.19 33.49
CA ASP F 40 17.27 42.65 33.80
C ASP F 40 16.85 42.39 35.23
N GLY F 41 17.73 41.85 36.06
CA GLY F 41 17.40 41.52 37.42
C GLY F 41 16.84 40.13 37.63
N SER F 42 16.67 39.34 36.57
CA SER F 42 16.17 37.98 36.71
C SER F 42 17.20 37.07 37.38
N GLY F 43 18.48 37.36 37.18
CA GLY F 43 19.54 36.53 37.73
C GLY F 43 19.94 35.37 36.85
N THR F 44 19.43 35.28 35.63
CA THR F 44 19.79 34.18 34.74
C THR F 44 21.16 34.42 34.13
N THR F 45 21.94 33.35 33.99
CA THR F 45 23.24 33.43 33.34
C THR F 45 23.18 33.08 31.86
N ILE F 46 22.03 32.63 31.38
CA ILE F 46 21.76 32.51 29.95
C ILE F 46 20.43 33.21 29.68
N PRO F 47 20.22 33.74 28.47
CA PRO F 47 18.96 34.46 28.18
C PRO F 47 17.81 33.53 27.79
N VAL F 48 17.49 32.59 28.68
CA VAL F 48 16.41 31.63 28.45
C VAL F 48 15.49 31.63 29.65
N VAL F 49 14.19 31.79 29.41
CA VAL F 49 13.15 31.72 30.44
C VAL F 49 12.10 30.72 29.96
N VAL F 50 11.72 29.79 30.82
CA VAL F 50 10.73 28.77 30.49
C VAL F 50 9.33 29.32 30.79
N ALA F 51 8.44 29.21 29.80
CA ALA F 51 7.12 29.82 29.90
C ALA F 51 6.31 29.19 31.02
N ASN F 52 5.36 29.98 31.55
CA ASN F 52 4.46 29.52 32.60
C ASN F 52 3.28 28.78 31.98
N MET F 53 3.59 27.62 31.39
CA MET F 53 2.60 26.74 30.80
C MET F 53 2.64 25.41 31.53
N THR F 54 1.46 24.88 31.88
CA THR F 54 1.41 23.66 32.69
C THR F 54 2.02 22.47 31.96
N ALA F 55 2.05 22.49 30.63
CA ALA F 55 2.65 21.39 29.90
C ALA F 55 4.17 21.46 29.85
N VAL F 56 4.79 22.50 30.41
CA VAL F 56 6.22 22.71 30.28
C VAL F 56 6.88 22.91 31.63
N ALA F 57 6.24 23.71 32.50
CA ALA F 57 6.91 24.25 33.70
C ALA F 57 6.62 23.37 34.90
N GLY F 58 7.47 22.37 35.11
CA GLY F 58 7.40 21.50 36.27
C GLY F 58 8.67 21.56 37.11
N ARG F 59 8.65 20.78 38.19
CA ARG F 59 9.77 20.84 39.14
C ARG F 59 11.04 20.26 38.53
N ARG F 60 10.92 19.20 37.74
CA ARG F 60 12.11 18.67 37.06
C ARG F 60 12.66 19.66 36.04
N MET F 61 11.76 20.34 35.33
CA MET F 61 12.19 21.41 34.43
C MET F 61 12.80 22.57 35.20
N ALA F 62 12.25 22.88 36.37
CA ALA F 62 12.75 23.99 37.17
C ALA F 62 14.18 23.73 37.64
N GLU F 63 14.45 22.55 38.20
CA GLU F 63 15.79 22.23 38.68
C GLU F 63 16.79 22.18 37.54
N THR F 64 16.40 21.55 36.42
CA THR F 64 17.34 21.31 35.33
C THR F 64 17.76 22.62 34.66
N VAL F 65 16.80 23.50 34.39
CA VAL F 65 17.12 24.72 33.66
C VAL F 65 17.86 25.71 34.56
N ALA F 66 17.48 25.79 35.83
CA ALA F 66 18.16 26.71 36.75
C ALA F 66 19.62 26.32 36.94
N ARG F 67 19.91 25.02 36.97
CA ARG F 67 21.30 24.59 37.13
C ARG F 67 22.18 25.05 35.97
N ARG F 68 21.61 25.15 34.77
CA ARG F 68 22.36 25.60 33.61
C ARG F 68 22.28 27.11 33.40
N GLY F 69 21.58 27.83 34.27
CA GLY F 69 21.58 29.27 34.24
C GLY F 69 20.29 29.93 33.81
N GLY F 70 19.27 29.18 33.44
CA GLY F 70 17.97 29.73 33.13
C GLY F 70 17.10 29.83 34.36
N ILE F 71 15.83 30.16 34.13
CA ILE F 71 14.84 30.20 35.20
C ILE F 71 13.50 29.75 34.63
N VAL F 72 12.70 29.10 35.47
CA VAL F 72 11.39 28.57 35.09
C VAL F 72 10.33 29.33 35.86
N VAL F 73 9.28 29.75 35.16
CA VAL F 73 8.14 30.42 35.77
C VAL F 73 7.04 29.39 36.00
N LEU F 74 6.71 29.14 37.25
CA LEU F 74 5.64 28.21 37.56
C LEU F 74 4.29 28.79 37.10
N PRO F 75 3.41 27.97 36.55
CA PRO F 75 2.13 28.49 36.03
C PRO F 75 1.26 29.04 37.16
N GLN F 76 0.37 29.96 36.77
CA GLN F 76 -0.51 30.61 37.73
C GLN F 76 -1.61 29.69 38.25
N ASP F 77 -1.78 28.50 37.67
CA ASP F 77 -2.82 27.57 38.08
C ASP F 77 -2.40 26.69 39.25
N LEU F 78 -1.16 26.78 39.70
CA LEU F 78 -0.67 25.90 40.76
C LEU F 78 -1.18 26.38 42.11
N PRO F 79 -1.75 25.49 42.92
CA PRO F 79 -2.11 25.87 44.30
C PRO F 79 -0.87 26.24 45.10
N ILE F 80 -1.07 27.07 46.12
CA ILE F 80 0.06 27.63 46.86
C ILE F 80 0.84 26.55 47.58
N THR F 81 0.19 25.46 48.01
CA THR F 81 0.89 24.39 48.67
C THR F 81 1.83 23.67 47.72
N ALA F 82 1.36 23.38 46.50
CA ALA F 82 2.24 22.77 45.50
C ALA F 82 3.35 23.71 45.08
N VAL F 83 3.09 25.03 45.08
CA VAL F 83 4.14 26.00 44.81
C VAL F 83 5.25 25.89 45.86
N SER F 84 4.87 25.87 47.14
CA SER F 84 5.86 25.83 48.21
C SER F 84 6.73 24.58 48.12
N GLU F 85 6.11 23.43 47.89
CA GLU F 85 6.84 22.18 47.81
C GLU F 85 7.75 22.16 46.59
N THR F 86 7.28 22.71 45.47
CA THR F 86 8.12 22.80 44.28
C THR F 86 9.33 23.70 44.54
N VAL F 87 9.10 24.85 45.19
CA VAL F 87 10.19 25.75 45.54
C VAL F 87 11.17 25.08 46.48
N ASP F 88 10.66 24.41 47.51
CA ASP F 88 11.54 23.76 48.48
C ASP F 88 12.34 22.64 47.85
N PHE F 89 11.77 21.95 46.87
CA PHE F 89 12.53 20.93 46.13
C PHE F 89 13.66 21.58 45.33
N VAL F 90 13.36 22.64 44.60
CA VAL F 90 14.35 23.27 43.73
C VAL F 90 15.47 23.91 44.55
N LYS F 91 15.11 24.57 45.65
CA LYS F 91 16.12 25.28 46.44
C LYS F 91 16.92 24.37 47.35
N SER F 92 16.71 23.05 47.30
CA SER F 92 17.52 22.10 48.02
C SER F 92 18.36 21.23 47.10
N ARG F 93 18.43 21.55 45.80
CA ARG F 93 19.17 20.76 44.84
C ARG F 93 20.62 21.19 44.79
N ASP F 94 21.50 20.24 44.50
CA ASP F 94 22.91 20.54 44.33
C ASP F 94 23.16 21.31 43.04
N LEU F 95 24.14 22.21 43.08
CA LEU F 95 24.40 23.08 41.95
C LEU F 95 25.15 22.38 40.82
N VAL F 96 25.80 21.26 41.10
CA VAL F 96 26.55 20.51 40.09
C VAL F 96 25.96 19.12 39.88
N VAL F 97 25.52 18.47 40.94
CA VAL F 97 25.05 17.10 40.89
C VAL F 97 23.54 17.10 40.66
N ASP F 98 23.09 16.30 39.69
CA ASP F 98 21.69 16.26 39.30
C ASP F 98 20.94 15.18 40.10
N THR F 99 19.61 15.36 40.18
CA THR F 99 18.76 14.42 40.90
C THR F 99 18.31 13.30 39.97
N PRO F 100 18.64 12.04 40.25
CA PRO F 100 18.23 10.94 39.38
C PRO F 100 16.85 10.41 39.74
N VAL F 101 16.38 9.49 38.91
CA VAL F 101 15.21 8.68 39.27
C VAL F 101 15.62 7.67 40.32
N THR F 102 14.89 7.63 41.43
CA THR F 102 15.20 6.74 42.53
C THR F 102 14.13 5.65 42.63
N LEU F 103 14.58 4.43 42.92
CA LEU F 103 13.70 3.28 43.00
C LEU F 103 13.94 2.54 44.31
N SER F 104 12.86 2.01 44.88
CA SER F 104 12.99 1.07 45.96
C SER F 104 13.21 -0.34 45.41
N PRO F 105 13.97 -1.18 46.11
CA PRO F 105 14.15 -2.56 45.64
C PRO F 105 12.85 -3.35 45.57
N GLU F 106 11.77 -2.86 46.19
CA GLU F 106 10.48 -3.51 46.15
C GLU F 106 9.57 -2.97 45.06
N ASP F 107 10.01 -1.97 44.29
CA ASP F 107 9.23 -1.44 43.19
C ASP F 107 9.13 -2.47 42.07
N SER F 108 8.08 -2.33 41.26
CA SER F 108 7.87 -3.23 40.14
C SER F 108 8.72 -2.81 38.94
N VAL F 109 9.01 -3.78 38.08
CA VAL F 109 9.71 -3.47 36.83
C VAL F 109 8.86 -2.55 35.96
N SER F 110 7.52 -2.67 36.06
CA SER F 110 6.65 -1.80 35.28
C SER F 110 6.82 -0.34 35.70
N ASP F 111 6.93 -0.09 37.00
CA ASP F 111 7.18 1.27 37.46
C ASP F 111 8.57 1.75 37.07
N ALA F 112 9.57 0.86 37.18
CA ALA F 112 10.94 1.25 36.84
C ALA F 112 11.05 1.62 35.36
N ASN F 113 10.41 0.85 34.49
CA ASN F 113 10.53 1.11 33.06
C ASN F 113 9.85 2.41 32.65
N ALA F 114 8.77 2.78 33.33
CA ALA F 114 8.07 4.02 33.02
C ALA F 114 8.77 5.24 33.64
N LEU F 115 9.39 5.08 34.81
CA LEU F 115 10.01 6.21 35.48
C LEU F 115 11.31 6.66 34.84
N LEU F 116 11.96 5.79 34.05
CA LEU F 116 13.28 6.11 33.52
C LEU F 116 13.28 7.38 32.66
N HIS F 117 12.15 7.68 32.02
CA HIS F 117 12.10 8.77 31.05
C HIS F 117 11.78 10.11 31.67
N LYS F 118 11.65 10.19 32.99
CA LYS F 118 11.47 11.49 33.65
C LYS F 118 12.79 12.24 33.80
N ARG F 119 13.91 11.59 33.53
CA ARG F 119 15.21 12.24 33.50
C ARG F 119 15.94 11.80 32.24
N ALA F 120 17.01 12.52 31.90
CA ALA F 120 17.81 12.22 30.72
C ALA F 120 19.02 11.36 31.03
N HIS F 121 19.10 10.81 32.24
CA HIS F 121 20.29 10.08 32.69
C HIS F 121 20.40 8.69 32.06
N GLY F 122 19.28 8.09 31.65
CA GLY F 122 19.31 6.75 31.11
C GLY F 122 19.45 5.65 32.14
N ALA F 123 19.39 5.97 33.43
CA ALA F 123 19.51 4.97 34.48
C ALA F 123 18.89 5.52 35.76
N ALA F 124 18.37 4.60 36.58
CA ALA F 124 17.81 4.94 37.88
C ALA F 124 18.63 4.31 39.00
N VAL F 125 18.65 4.98 40.15
CA VAL F 125 19.45 4.56 41.29
C VAL F 125 18.54 3.86 42.29
N VAL F 126 18.83 2.58 42.56
CA VAL F 126 18.14 1.85 43.61
C VAL F 126 18.68 2.29 44.96
N VAL F 127 17.79 2.65 45.87
CA VAL F 127 18.18 3.23 47.15
C VAL F 127 17.59 2.38 48.29
N PHE F 128 18.46 2.02 49.24
CA PHE F 128 18.08 1.34 50.48
C PHE F 128 18.60 2.18 51.63
N GLU F 129 17.69 2.71 52.46
CA GLU F 129 18.07 3.55 53.59
C GLU F 129 18.87 4.77 53.13
N GLY F 130 18.37 5.40 52.06
CA GLY F 130 19.00 6.59 51.52
C GLY F 130 20.37 6.31 50.93
N ARG F 131 20.69 5.03 50.72
CA ARG F 131 22.00 4.63 50.24
C ARG F 131 21.89 3.91 48.91
N PRO F 132 22.76 4.22 47.94
CA PRO F 132 22.68 3.58 46.63
C PRO F 132 23.24 2.17 46.65
N ILE F 133 22.51 1.25 46.02
CA ILE F 133 22.89 -0.17 46.03
C ILE F 133 22.95 -0.74 44.62
N GLY F 134 22.42 -0.02 43.64
CA GLY F 134 22.44 -0.53 42.28
C GLY F 134 21.81 0.43 41.29
N LEU F 135 21.93 0.09 40.02
CA LEU F 135 21.41 0.88 38.92
C LEU F 135 20.44 0.05 38.09
N VAL F 136 19.45 0.73 37.51
CA VAL F 136 18.46 0.11 36.63
C VAL F 136 18.46 0.88 35.32
N THR F 137 18.67 0.17 34.21
CA THR F 137 18.67 0.77 32.88
C THR F 137 17.54 0.19 32.05
N GLU F 138 17.40 0.72 30.83
CA GLU F 138 16.41 0.17 29.91
C GLU F 138 16.75 -1.26 29.51
N ALA F 139 18.04 -1.60 29.50
CA ALA F 139 18.44 -2.96 29.14
C ALA F 139 18.11 -3.95 30.25
N ASN F 140 18.09 -3.50 31.52
CA ASN F 140 17.77 -4.38 32.63
C ASN F 140 16.30 -4.78 32.65
N CYS F 141 15.43 -3.97 32.04
CA CYS F 141 14.00 -4.26 32.01
C CYS F 141 13.57 -4.95 30.72
N ALA F 142 14.45 -5.06 29.73
CA ALA F 142 14.09 -5.62 28.43
C ALA F 142 13.90 -7.12 28.56
N GLY F 143 12.65 -7.57 28.52
CA GLY F 143 12.30 -8.98 28.59
C GLY F 143 11.85 -9.45 29.95
N VAL F 144 12.18 -8.72 31.02
CA VAL F 144 11.79 -9.12 32.36
C VAL F 144 10.28 -8.95 32.54
N ASP F 145 9.70 -9.83 33.35
CA ASP F 145 8.29 -9.76 33.68
C ASP F 145 7.94 -8.38 34.24
N ARG F 146 6.77 -7.88 33.85
CA ARG F 146 6.39 -6.52 34.21
C ARG F 146 6.27 -6.33 35.72
N PHE F 147 5.87 -7.38 36.44
CA PHE F 147 5.64 -7.27 37.87
C PHE F 147 6.66 -8.04 38.69
N ALA F 148 7.84 -8.30 38.12
CA ALA F 148 8.99 -8.66 38.94
C ALA F 148 9.42 -7.44 39.77
N ARG F 149 10.30 -7.68 40.74
CA ARG F 149 10.76 -6.60 41.59
C ARG F 149 12.06 -6.01 41.06
N VAL F 150 12.33 -4.76 41.46
CA VAL F 150 13.53 -4.06 41.01
C VAL F 150 14.78 -4.80 41.45
N ARG F 151 14.74 -5.46 42.62
CA ARG F 151 15.91 -6.17 43.11
C ARG F 151 16.39 -7.27 42.16
N ASP F 152 15.53 -7.74 41.26
CA ASP F 152 15.88 -8.85 40.38
C ASP F 152 16.68 -8.40 39.16
N ILE F 153 16.63 -7.11 38.81
CA ILE F 153 17.28 -6.61 37.60
C ILE F 153 18.36 -5.59 37.89
N ALA F 154 18.62 -5.29 39.16
CA ALA F 154 19.58 -4.25 39.49
C ALA F 154 21.02 -4.71 39.25
N LEU F 155 21.86 -3.77 38.82
CA LEU F 155 23.30 -3.99 38.66
C LEU F 155 23.99 -3.39 39.87
N SER F 156 24.54 -4.25 40.73
CA SER F 156 25.14 -3.78 41.98
C SER F 156 26.43 -3.01 41.76
N ASP F 157 27.07 -3.16 40.59
CA ASP F 157 28.32 -2.50 40.29
C ASP F 157 28.06 -1.19 39.55
N PHE F 158 28.65 -0.10 40.03
CA PHE F 158 28.51 1.20 39.40
C PHE F 158 29.65 2.09 39.86
N VAL F 159 29.96 3.09 39.04
CA VAL F 159 30.98 4.07 39.38
C VAL F 159 30.41 5.07 40.37
N THR F 160 31.16 5.33 41.45
CA THR F 160 30.72 6.23 42.51
C THR F 160 31.84 7.21 42.83
N ALA F 161 31.46 8.31 43.48
CA ALA F 161 32.40 9.36 43.86
C ALA F 161 31.75 10.25 44.90
N PRO F 162 32.52 10.85 45.79
CA PRO F 162 31.94 11.76 46.78
C PRO F 162 31.58 13.11 46.17
N VAL F 163 30.50 13.71 46.69
CA VAL F 163 30.07 15.01 46.19
C VAL F 163 31.16 16.03 46.48
N GLY F 164 31.37 16.93 45.52
CA GLY F 164 32.46 17.88 45.59
C GLY F 164 33.70 17.48 44.82
N THR F 165 33.71 16.29 44.24
CA THR F 165 34.84 15.84 43.43
C THR F 165 34.92 16.69 42.15
N ASP F 166 36.14 16.84 41.64
CA ASP F 166 36.36 17.62 40.43
C ASP F 166 35.55 17.02 39.28
N PRO F 167 34.77 17.83 38.55
CA PRO F 167 33.99 17.27 37.44
C PRO F 167 34.83 16.63 36.37
N ARG F 168 36.01 17.19 36.06
CA ARG F 168 36.85 16.58 35.03
C ARG F 168 37.38 15.22 35.45
N GLU F 169 37.61 15.03 36.75
CA GLU F 169 38.04 13.71 37.21
C GLU F 169 36.89 12.70 37.13
N VAL F 170 35.67 13.14 37.41
CA VAL F 170 34.50 12.28 37.21
C VAL F 170 34.33 11.97 35.73
N PHE F 171 34.56 12.96 34.87
CA PHE F 171 34.52 12.73 33.43
C PHE F 171 35.49 11.63 33.02
N ASP F 172 36.69 11.62 33.61
CA ASP F 172 37.66 10.58 33.31
C ASP F 172 37.28 9.26 33.96
N LEU F 173 36.65 9.30 35.14
CA LEU F 173 36.24 8.07 35.81
C LEU F 173 35.24 7.28 34.97
N LEU F 174 34.43 7.95 34.16
CA LEU F 174 33.38 7.32 33.37
C LEU F 174 33.84 7.02 31.94
N GLU F 175 35.12 7.17 31.64
CA GLU F 175 35.60 7.04 30.27
C GLU F 175 35.33 5.65 29.72
N HIS F 176 35.54 4.61 30.53
CA HIS F 176 35.36 3.24 30.10
C HIS F 176 34.22 2.53 30.84
N ALA F 177 33.41 3.28 31.58
CA ALA F 177 32.34 2.67 32.35
C ALA F 177 31.25 2.14 31.42
N PRO F 178 30.65 0.99 31.72
CA PRO F 178 29.53 0.52 30.89
C PRO F 178 28.33 1.44 30.93
N ILE F 179 28.03 2.02 32.10
CA ILE F 179 26.93 2.96 32.27
C ILE F 179 27.53 4.34 32.48
N ASP F 180 27.13 5.30 31.65
CA ASP F 180 27.64 6.67 31.73
C ASP F 180 26.89 7.45 32.81
N VAL F 181 26.90 6.90 34.02
CA VAL F 181 26.28 7.52 35.19
C VAL F 181 27.19 7.28 36.39
N ALA F 182 27.64 8.35 37.02
CA ALA F 182 28.45 8.28 38.22
C ALA F 182 27.58 8.64 39.42
N VAL F 183 27.49 7.72 40.39
CA VAL F 183 26.67 7.95 41.57
C VAL F 183 27.45 8.81 42.56
N MET F 184 26.88 9.96 42.91
CA MET F 184 27.52 10.88 43.85
C MET F 184 26.98 10.61 45.26
N THR F 185 27.90 10.51 46.21
CA THR F 185 27.57 10.14 47.58
C THR F 185 27.88 11.28 48.53
N ALA F 186 27.03 11.44 49.54
CA ALA F 186 27.30 12.37 50.63
C ALA F 186 28.38 11.78 51.54
N PRO F 187 29.04 12.62 52.35
CA PRO F 187 30.11 12.09 53.22
C PRO F 187 29.66 10.96 54.14
N ASP F 188 28.39 10.92 54.54
CA ASP F 188 27.89 9.81 55.34
C ASP F 188 27.49 8.60 54.52
N GLY F 189 27.76 8.60 53.21
CA GLY F 189 27.47 7.48 52.36
C GLY F 189 26.13 7.54 51.63
N THR F 190 25.25 8.45 52.02
CA THR F 190 23.93 8.53 51.40
C THR F 190 24.04 9.09 49.98
N LEU F 191 23.00 8.84 49.19
CA LEU F 191 22.96 9.28 47.80
C LEU F 191 22.87 10.80 47.73
N ALA F 192 23.77 11.42 46.95
CA ALA F 192 23.73 12.85 46.69
C ALA F 192 23.17 13.19 45.32
N GLY F 193 23.12 12.22 44.41
CA GLY F 193 22.64 12.39 43.06
C GLY F 193 23.57 11.72 42.08
N VAL F 194 23.52 12.17 40.83
CA VAL F 194 24.30 11.56 39.75
C VAL F 194 24.97 12.66 38.93
N LEU F 195 25.90 12.24 38.08
CA LEU F 195 26.61 13.16 37.20
C LEU F 195 27.13 12.35 36.02
N THR F 196 26.66 12.68 34.81
CA THR F 196 27.09 11.99 33.60
C THR F 196 28.33 12.67 33.03
N ARG F 197 28.87 12.09 31.95
CA ARG F 197 30.02 12.69 31.30
C ARG F 197 29.65 14.02 30.65
N THR F 198 28.46 14.10 30.04
CA THR F 198 28.01 15.37 29.49
C THR F 198 27.65 16.36 30.59
N GLY F 199 27.12 15.87 31.71
CA GLY F 199 26.85 16.74 32.84
C GLY F 199 28.11 17.30 33.47
N ALA F 200 29.21 16.54 33.42
CA ALA F 200 30.48 17.05 33.92
C ALA F 200 31.03 18.13 32.99
N ILE F 201 30.84 17.96 31.68
CA ILE F 201 31.22 19.00 30.73
C ILE F 201 30.40 20.27 30.97
N ARG F 202 29.09 20.11 31.20
CA ARG F 202 28.22 21.26 31.38
C ARG F 202 28.50 22.02 32.67
N ALA F 203 29.11 21.36 33.66
CA ALA F 203 29.46 22.07 34.89
C ALA F 203 30.50 23.16 34.64
N GLY F 204 31.39 22.95 33.67
CA GLY F 204 32.39 23.93 33.32
C GLY F 204 32.00 24.87 32.21
N ILE F 205 30.73 24.85 31.78
CA ILE F 205 30.24 25.71 30.72
C ILE F 205 29.14 26.64 31.21
N TYR F 206 28.20 26.13 32.00
CA TYR F 206 27.07 26.90 32.48
C TYR F 206 27.26 27.29 33.93
N THR F 207 26.87 28.52 34.26
CA THR F 207 26.85 28.99 35.64
C THR F 207 25.44 28.88 36.17
N PRO F 208 25.21 28.20 37.29
CA PRO F 208 23.84 28.07 37.81
C PRO F 208 23.26 29.42 38.23
N ALA F 209 21.97 29.60 37.98
CA ALA F 209 21.25 30.79 38.42
C ALA F 209 20.80 30.58 39.87
N VAL F 210 21.41 31.32 40.79
CA VAL F 210 21.17 31.12 42.22
C VAL F 210 20.76 32.44 42.86
N ASP F 211 20.11 32.33 44.02
CA ASP F 211 19.66 33.49 44.78
C ASP F 211 20.77 33.93 45.74
N ALA F 212 20.44 34.77 46.72
CA ALA F 212 21.44 35.29 47.64
C ALA F 212 22.06 34.19 48.50
N LYS F 213 21.30 33.14 48.81
CA LYS F 213 21.79 32.04 49.63
C LYS F 213 22.43 30.92 48.82
N GLY F 214 22.68 31.15 47.53
CA GLY F 214 23.31 30.13 46.71
C GLY F 214 22.40 29.00 46.29
N ARG F 215 21.10 29.17 46.39
CA ARG F 215 20.13 28.15 46.01
C ARG F 215 19.53 28.47 44.65
N LEU F 216 19.16 27.41 43.92
CA LEU F 216 18.69 27.57 42.54
C LEU F 216 17.49 28.51 42.47
N ARG F 217 17.49 29.38 41.47
CA ARG F 217 16.43 30.37 41.29
C ARG F 217 15.17 29.74 40.69
N ILE F 218 14.04 30.35 41.00
CA ILE F 218 12.75 29.91 40.45
C ILE F 218 11.79 31.09 40.51
N ALA F 219 10.87 31.15 39.56
CA ALA F 219 9.89 32.21 39.46
C ALA F 219 8.48 31.63 39.49
N ALA F 220 7.50 32.49 39.70
CA ALA F 220 6.10 32.09 39.74
C ALA F 220 5.23 33.14 39.08
N ALA F 221 4.17 32.69 38.43
CA ALA F 221 3.25 33.57 37.72
C ALA F 221 1.96 33.76 38.53
N VAL F 222 1.22 34.80 38.16
CA VAL F 222 -0.05 35.12 38.81
C VAL F 222 -0.95 35.81 37.80
N GLY F 223 -2.24 35.44 37.82
CA GLY F 223 -3.22 36.06 36.96
C GLY F 223 -3.75 37.37 37.51
N ILE F 224 -4.62 38.02 36.73
CA ILE F 224 -5.13 39.34 37.06
C ILE F 224 -6.52 39.29 37.69
N ASN F 225 -7.11 38.11 37.81
CA ASN F 225 -8.40 37.99 38.48
C ASN F 225 -8.22 37.61 39.94
N GLY F 226 -9.25 37.88 40.73
CA GLY F 226 -9.18 37.60 42.16
C GLY F 226 -8.40 38.67 42.91
N ASP F 227 -7.78 38.25 44.01
CA ASP F 227 -6.97 39.15 44.84
C ASP F 227 -5.52 38.99 44.40
N VAL F 228 -5.10 39.83 43.46
CA VAL F 228 -3.76 39.72 42.91
C VAL F 228 -2.71 40.03 43.97
N GLY F 229 -3.01 40.96 44.87
CA GLY F 229 -2.06 41.29 45.92
C GLY F 229 -1.81 40.14 46.87
N ALA F 230 -2.90 39.52 47.35
CA ALA F 230 -2.75 38.41 48.29
C ALA F 230 -2.02 37.23 47.66
N LYS F 231 -2.34 36.92 46.40
CA LYS F 231 -1.66 35.81 45.73
C LYS F 231 -0.19 36.12 45.49
N ALA F 232 0.12 37.37 45.14
CA ALA F 232 1.52 37.72 44.92
C ALA F 232 2.33 37.66 46.20
N GLN F 233 1.73 38.02 47.34
CA GLN F 233 2.44 37.96 48.60
C GLN F 233 2.74 36.53 49.01
N ALA F 234 1.78 35.63 48.83
CA ALA F 234 2.00 34.23 49.16
C ALA F 234 3.10 33.63 48.31
N LEU F 235 3.16 34.02 47.03
CA LEU F 235 4.22 33.53 46.15
C LEU F 235 5.58 34.03 46.61
N ALA F 236 5.66 35.29 47.06
CA ALA F 236 6.91 35.81 47.58
C ALA F 236 7.30 35.10 48.88
N GLU F 237 6.32 34.85 49.76
CA GLU F 237 6.61 34.16 51.01
C GLU F 237 6.95 32.69 50.78
N ALA F 238 6.52 32.11 49.67
CA ALA F 238 6.88 30.74 49.36
C ALA F 238 8.33 30.62 48.89
N GLY F 239 8.94 31.72 48.46
CA GLY F 239 10.34 31.70 48.07
C GLY F 239 10.61 32.02 46.62
N ALA F 240 9.63 32.59 45.93
CA ALA F 240 9.82 32.94 44.52
C ALA F 240 10.82 34.08 44.37
N ASP F 241 11.72 33.93 43.41
CA ASP F 241 12.74 34.95 43.13
C ASP F 241 12.26 36.02 42.16
N LEU F 242 11.12 35.82 41.52
CA LEU F 242 10.61 36.75 40.51
C LEU F 242 9.14 36.45 40.30
N LEU F 243 8.35 37.50 40.09
CA LEU F 243 6.92 37.38 39.88
C LEU F 243 6.54 37.83 38.47
N VAL F 244 5.58 37.13 37.87
CA VAL F 244 5.06 37.45 36.54
C VAL F 244 3.56 37.63 36.65
N ILE F 245 3.07 38.82 36.29
CA ILE F 245 1.65 39.10 36.16
C ILE F 245 1.31 38.92 34.69
N ASP F 246 0.49 37.92 34.37
CA ASP F 246 0.37 37.43 33.01
C ASP F 246 -1.08 37.40 32.55
N THR F 247 -1.31 37.88 31.33
CA THR F 247 -2.62 37.82 30.69
C THR F 247 -2.41 38.03 29.20
N ALA F 248 -3.43 37.68 28.41
CA ALA F 248 -3.31 37.82 26.95
C ALA F 248 -3.29 39.28 26.54
N HIS F 249 -4.31 40.04 26.96
CA HIS F 249 -4.41 41.46 26.63
C HIS F 249 -3.85 42.25 27.81
N GLY F 250 -2.53 42.44 27.79
CA GLY F 250 -1.88 43.16 28.89
C GLY F 250 -2.20 44.64 28.93
N HIS F 251 -2.72 45.19 27.84
CA HIS F 251 -2.98 46.63 27.76
C HIS F 251 -4.43 46.96 28.12
N GLN F 252 -4.92 46.39 29.22
CA GLN F 252 -6.27 46.66 29.70
C GLN F 252 -6.21 47.19 31.12
N ALA F 253 -7.32 47.78 31.56
CA ALA F 253 -7.34 48.47 32.86
C ALA F 253 -7.09 47.51 34.01
N LYS F 254 -7.68 46.31 33.95
CA LYS F 254 -7.52 45.35 35.03
C LYS F 254 -6.05 44.98 35.25
N MET F 255 -5.26 44.94 34.19
CA MET F 255 -3.83 44.65 34.34
C MET F 255 -3.11 45.80 35.02
N LEU F 256 -3.46 47.05 34.67
CA LEU F 256 -2.85 48.20 35.33
C LEU F 256 -3.13 48.21 36.83
N ASP F 257 -4.36 47.85 37.21
CA ASP F 257 -4.69 47.81 38.63
C ASP F 257 -3.98 46.66 39.34
N ALA F 258 -3.77 45.53 38.65
CA ALA F 258 -3.08 44.42 39.27
C ALA F 258 -1.60 44.71 39.50
N ILE F 259 -0.98 45.47 38.59
CA ILE F 259 0.43 45.83 38.77
C ILE F 259 0.60 46.75 39.98
N LYS F 260 -0.26 47.76 40.09
CA LYS F 260 -0.16 48.69 41.20
C LYS F 260 -0.36 47.98 42.54
N ALA F 261 -1.29 47.02 42.56
CA ALA F 261 -1.57 46.30 43.80
C ALA F 261 -0.35 45.51 44.26
N VAL F 262 0.34 44.85 43.33
CA VAL F 262 1.53 44.09 43.70
C VAL F 262 2.69 45.03 43.99
N ALA F 263 2.81 46.11 43.21
CA ALA F 263 3.91 47.06 43.43
C ALA F 263 3.76 47.78 44.76
N SER F 264 2.53 48.09 45.17
CA SER F 264 2.31 48.76 46.44
C SER F 264 2.64 47.87 47.63
N LEU F 265 2.72 46.56 47.43
CA LEU F 265 3.10 45.66 48.51
C LEU F 265 4.58 45.72 48.81
N ASP F 266 5.39 46.18 47.85
CA ASP F 266 6.83 46.36 48.01
C ASP F 266 7.50 45.06 48.47
N LEU F 267 7.44 44.07 47.58
CA LEU F 267 7.99 42.75 47.87
C LEU F 267 9.49 42.66 47.59
N GLY F 268 10.07 43.64 46.92
CA GLY F 268 11.49 43.62 46.66
C GLY F 268 11.93 42.63 45.60
N LEU F 269 11.00 42.16 44.77
CA LEU F 269 11.32 41.20 43.72
C LEU F 269 11.02 41.80 42.35
N PRO F 270 11.79 41.42 41.32
CA PRO F 270 11.49 41.89 39.97
C PRO F 270 10.06 41.53 39.57
N LEU F 271 9.38 42.47 38.94
CA LEU F 271 7.97 42.34 38.60
C LEU F 271 7.82 42.35 37.09
N VAL F 272 7.36 41.24 36.52
CA VAL F 272 7.16 41.10 35.08
C VAL F 272 5.66 41.19 34.79
N ALA F 273 5.30 41.86 33.70
CA ALA F 273 3.91 41.99 33.29
C ALA F 273 3.80 41.96 31.78
N GLY F 274 2.73 41.33 31.29
CA GLY F 274 2.46 41.23 29.86
C GLY F 274 1.07 40.68 29.63
N ASN F 275 0.71 40.55 28.35
CA ASN F 275 1.58 40.85 27.23
C ASN F 275 1.06 42.03 26.40
N VAL F 276 1.99 42.79 25.82
CA VAL F 276 1.69 43.87 24.89
C VAL F 276 2.64 43.78 23.71
N VAL F 277 2.36 44.56 22.67
CA VAL F 277 3.21 44.61 21.48
C VAL F 277 3.33 46.04 20.97
N SER F 278 3.08 47.03 21.84
CA SER F 278 3.14 48.43 21.44
C SER F 278 4.00 49.21 22.42
N ALA F 279 4.52 50.34 21.95
CA ALA F 279 5.28 51.22 22.82
C ALA F 279 4.40 51.81 23.91
N GLU F 280 3.15 52.15 23.58
CA GLU F 280 2.23 52.72 24.56
C GLU F 280 1.94 51.72 25.68
N GLY F 281 1.69 50.46 25.33
CA GLY F 281 1.46 49.45 26.35
C GLY F 281 2.68 49.23 27.23
N THR F 282 3.87 49.28 26.64
CA THR F 282 5.10 49.12 27.40
C THR F 282 5.28 50.25 28.41
N ARG F 283 4.98 51.48 27.99
CA ARG F 283 5.10 52.61 28.90
C ARG F 283 4.07 52.55 30.02
N ASP F 284 2.84 52.12 29.69
CA ASP F 284 1.77 52.07 30.68
C ASP F 284 2.05 51.02 31.76
N LEU F 285 2.60 49.86 31.38
CA LEU F 285 2.89 48.84 32.37
C LEU F 285 4.07 49.23 33.25
N ILE F 286 5.10 49.83 32.66
CA ILE F 286 6.26 50.26 33.43
C ILE F 286 5.87 51.33 34.43
N GLU F 287 5.07 52.31 33.99
CA GLU F 287 4.64 53.36 34.90
C GLU F 287 3.66 52.86 35.95
N ALA F 288 3.00 51.72 35.70
CA ALA F 288 2.17 51.11 36.72
C ALA F 288 2.98 50.41 37.80
N GLY F 289 4.25 50.14 37.55
CA GLY F 289 5.11 49.55 38.56
C GLY F 289 5.89 48.33 38.10
N ALA F 290 5.84 48.01 36.80
CA ALA F 290 6.56 46.87 36.28
C ALA F 290 8.00 47.25 35.93
N SER F 291 8.91 46.33 36.22
CA SER F 291 10.30 46.50 35.81
C SER F 291 10.62 45.77 34.51
N ILE F 292 9.83 44.77 34.14
CA ILE F 292 10.04 44.01 32.92
C ILE F 292 8.69 43.84 32.23
N VAL F 293 8.66 44.08 30.92
CA VAL F 293 7.44 43.95 30.13
C VAL F 293 7.59 42.73 29.22
N LYS F 294 6.59 41.84 29.26
CA LYS F 294 6.59 40.63 28.45
C LYS F 294 5.89 40.92 27.13
N VAL F 295 6.60 40.74 26.03
CA VAL F 295 6.15 41.19 24.71
C VAL F 295 5.77 39.98 23.87
N GLY F 296 4.56 40.02 23.30
CA GLY F 296 4.12 38.98 22.39
C GLY F 296 2.64 38.68 22.45
N VAL F 297 1.92 38.95 21.36
CA VAL F 297 0.49 38.65 21.24
C VAL F 297 0.32 37.89 19.93
N GLY F 298 0.19 36.56 20.01
CA GLY F 298 -0.03 35.77 18.82
C GLY F 298 1.02 34.74 18.40
N PRO F 299 2.33 34.98 18.62
CA PRO F 299 3.33 34.10 18.00
C PRO F 299 3.47 32.73 18.66
N GLY F 300 2.83 32.49 19.80
CA GLY F 300 3.00 31.22 20.48
C GLY F 300 2.52 30.05 19.62
N ALA F 301 3.27 28.96 19.66
CA ALA F 301 2.97 27.80 18.83
C ALA F 301 1.64 27.14 19.20
N MET F 302 1.12 27.40 20.39
CA MET F 302 -0.18 26.89 20.80
C MET F 302 -1.30 27.90 20.62
N CYS F 303 -1.01 29.07 20.06
CA CYS F 303 -1.99 30.16 20.00
C CYS F 303 -2.78 30.13 18.70
N THR F 304 -4.06 30.46 18.80
CA THR F 304 -4.91 30.71 17.64
C THR F 304 -5.43 32.14 17.64
N THR F 305 -4.85 33.02 18.47
CA THR F 305 -5.36 34.37 18.62
C THR F 305 -5.37 35.13 17.29
N ARG F 306 -4.29 34.98 16.50
CA ARG F 306 -4.24 35.62 15.19
C ARG F 306 -5.39 35.15 14.29
N MET F 307 -5.67 33.85 14.28
CA MET F 307 -6.71 33.32 13.40
C MET F 307 -8.11 33.63 13.92
N MET F 308 -8.26 33.79 15.23
CA MET F 308 -9.59 34.07 15.78
C MET F 308 -9.94 35.55 15.71
N THR F 309 -8.96 36.44 15.82
CA THR F 309 -9.22 37.86 16.01
C THR F 309 -8.53 38.77 15.00
N GLY F 310 -7.49 38.31 14.31
CA GLY F 310 -6.66 39.21 13.53
C GLY F 310 -5.74 40.09 14.37
N VAL F 311 -5.76 39.95 15.67
CA VAL F 311 -4.94 40.77 16.56
C VAL F 311 -3.58 40.10 16.75
N GLY F 312 -2.54 40.91 16.72
CA GLY F 312 -1.19 40.42 16.87
C GLY F 312 -0.22 41.35 16.19
N ARG F 313 1.06 41.03 16.33
CA ARG F 313 2.10 41.82 15.69
C ARG F 313 3.29 40.93 15.38
N PRO F 314 3.88 41.04 14.20
CA PRO F 314 5.13 40.32 13.93
C PRO F 314 6.15 40.55 15.03
N GLN F 315 6.68 39.45 15.57
CA GLN F 315 7.32 39.48 16.88
C GLN F 315 8.63 40.28 16.86
N PHE F 316 9.38 40.26 15.76
CA PHE F 316 10.64 41.00 15.73
C PHE F 316 10.38 42.51 15.84
N SER F 317 9.47 43.03 15.01
CA SER F 317 9.15 44.45 15.09
C SER F 317 8.53 44.81 16.43
N ALA F 318 7.75 43.90 17.02
CA ALA F 318 7.17 44.17 18.33
C ALA F 318 8.24 44.30 19.41
N VAL F 319 9.25 43.41 19.37
CA VAL F 319 10.31 43.48 20.37
C VAL F 319 11.15 44.74 20.18
N VAL F 320 11.44 45.10 18.92
CA VAL F 320 12.25 46.29 18.66
C VAL F 320 11.57 47.53 19.22
N GLU F 321 10.28 47.70 18.93
CA GLU F 321 9.57 48.89 19.38
C GLU F 321 9.38 48.91 20.89
N CYS F 322 9.04 47.77 21.48
CA CYS F 322 8.79 47.73 22.92
C CYS F 322 10.10 47.84 23.71
N ALA F 323 11.18 47.21 23.23
CA ALA F 323 12.46 47.33 23.94
C ALA F 323 12.98 48.76 23.90
N ALA F 324 12.71 49.50 22.83
CA ALA F 324 13.14 50.90 22.77
C ALA F 324 12.35 51.75 23.76
N ALA F 325 11.05 51.52 23.88
CA ALA F 325 10.25 52.28 24.83
C ALA F 325 10.63 51.95 26.27
N ALA F 326 10.93 50.69 26.55
CA ALA F 326 11.33 50.30 27.91
C ALA F 326 12.72 50.83 28.25
N ARG F 327 13.61 50.86 27.25
CA ARG F 327 14.97 51.34 27.49
C ARG F 327 14.98 52.80 27.91
N GLN F 328 14.08 53.62 27.36
CA GLN F 328 14.02 55.02 27.75
C GLN F 328 13.59 55.20 29.20
N LEU F 329 12.78 54.28 29.71
CA LEU F 329 12.29 54.36 31.08
C LEU F 329 13.11 53.51 32.05
N GLY F 330 14.23 52.96 31.60
CA GLY F 330 15.05 52.12 32.45
C GLY F 330 14.50 50.73 32.69
N GLY F 331 13.52 50.29 31.89
CA GLY F 331 12.96 48.96 32.02
C GLY F 331 13.54 47.99 31.01
N HIS F 332 12.99 46.77 31.03
CA HIS F 332 13.48 45.68 30.20
C HIS F 332 12.29 44.96 29.57
N VAL F 333 12.58 44.15 28.54
CA VAL F 333 11.57 43.49 27.74
C VAL F 333 11.93 42.02 27.58
N TRP F 334 10.94 41.15 27.78
CA TRP F 334 11.06 39.73 27.51
C TRP F 334 10.37 39.39 26.20
N ALA F 335 11.09 38.77 25.27
CA ALA F 335 10.52 38.33 24.00
C ALA F 335 9.85 36.97 24.22
N ASP F 336 8.52 36.95 24.22
CA ASP F 336 7.75 35.77 24.63
C ASP F 336 6.98 35.22 23.43
N GLY F 337 7.36 34.04 22.99
CA GLY F 337 6.55 33.33 22.02
C GLY F 337 7.18 33.27 20.64
N GLY F 338 6.92 32.17 19.93
CA GLY F 338 7.34 32.02 18.56
C GLY F 338 8.76 31.57 18.33
N VAL F 339 9.43 31.05 19.36
CA VAL F 339 10.81 30.61 19.23
C VAL F 339 10.82 29.16 18.75
N ARG F 340 11.40 28.93 17.57
CA ARG F 340 11.52 27.60 16.98
C ARG F 340 12.96 27.15 16.80
N HIS F 341 13.90 28.06 16.65
CA HIS F 341 15.29 27.75 16.37
C HIS F 341 16.18 28.72 17.13
N PRO F 342 17.47 28.39 17.30
CA PRO F 342 18.36 29.31 18.03
C PRO F 342 18.44 30.70 17.42
N ARG F 343 18.29 30.83 16.10
CA ARG F 343 18.30 32.15 15.49
C ARG F 343 17.20 33.05 16.05
N ASP F 344 16.07 32.46 16.45
CA ASP F 344 14.99 33.27 17.02
C ASP F 344 15.40 33.86 18.36
N VAL F 345 16.18 33.13 19.15
CA VAL F 345 16.67 33.65 20.41
C VAL F 345 17.67 34.78 20.17
N ALA F 346 18.62 34.55 19.26
CA ALA F 346 19.65 35.55 19.00
C ALA F 346 19.07 36.80 18.37
N LEU F 347 18.08 36.64 17.49
CA LEU F 347 17.47 37.81 16.86
C LEU F 347 16.63 38.60 17.85
N ALA F 348 15.97 37.92 18.78
CA ALA F 348 15.22 38.63 19.81
C ALA F 348 16.16 39.43 20.72
N LEU F 349 17.34 38.87 21.01
CA LEU F 349 18.33 39.61 21.81
C LEU F 349 18.90 40.77 21.03
N ALA F 350 19.19 40.59 19.74
CA ALA F 350 19.65 41.70 18.92
C ALA F 350 18.59 42.78 18.78
N ALA F 351 17.31 42.40 18.88
CA ALA F 351 16.23 43.37 18.80
C ALA F 351 16.12 44.24 20.04
N GLY F 352 16.77 43.87 21.14
CA GLY F 352 16.74 44.65 22.37
C GLY F 352 16.15 43.95 23.56
N ALA F 353 15.65 42.72 23.44
CA ALA F 353 15.10 42.02 24.60
C ALA F 353 16.22 41.57 25.53
N SER F 354 15.91 41.59 26.83
CA SER F 354 16.87 41.14 27.83
C SER F 354 16.79 39.64 28.08
N ASN F 355 15.64 39.04 27.81
CA ASN F 355 15.43 37.61 28.01
C ASN F 355 14.44 37.12 26.96
N VAL F 356 14.46 35.81 26.71
CA VAL F 356 13.61 35.18 25.72
C VAL F 356 12.84 34.05 26.38
N MET F 357 11.51 34.12 26.34
CA MET F 357 10.67 33.10 26.95
C MET F 357 10.30 32.03 25.92
N ILE F 358 10.55 30.78 26.26
CA ILE F 358 10.34 29.65 25.36
C ILE F 358 9.33 28.70 26.02
N GLY F 359 8.36 28.25 25.23
CA GLY F 359 7.32 27.38 25.75
C GLY F 359 7.26 25.99 25.13
N SER F 360 6.51 25.85 24.03
CA SER F 360 6.18 24.53 23.51
C SER F 360 7.41 23.76 23.01
N TRP F 361 8.49 24.47 22.65
CA TRP F 361 9.72 23.81 22.23
C TRP F 361 10.24 22.87 23.33
N PHE F 362 10.13 23.30 24.58
CA PHE F 362 10.64 22.51 25.69
C PHE F 362 9.67 21.45 26.18
N ALA F 363 8.44 21.40 25.64
CA ALA F 363 7.51 20.36 26.04
C ALA F 363 8.00 18.98 25.59
N GLY F 364 8.59 18.90 24.41
CA GLY F 364 9.11 17.65 23.90
C GLY F 364 10.48 17.30 24.45
N THR F 365 10.58 17.19 25.77
CA THR F 365 11.81 16.79 26.44
C THR F 365 11.46 15.84 27.57
N TYR F 366 12.47 15.11 28.05
CA TYR F 366 12.26 14.19 29.17
C TYR F 366 11.81 14.91 30.43
N GLU F 367 12.29 16.14 30.64
CA GLU F 367 12.09 16.84 31.91
C GLU F 367 10.75 17.56 32.01
N SER F 368 9.99 17.66 30.92
CA SER F 368 8.69 18.33 30.99
C SER F 368 7.70 17.45 31.75
N PRO F 369 6.65 18.07 32.32
CA PRO F 369 5.74 17.31 33.19
C PRO F 369 4.96 16.21 32.49
N GLY F 370 4.67 16.34 31.19
CA GLY F 370 3.81 15.38 30.52
C GLY F 370 4.43 14.00 30.42
N ASP F 371 3.56 13.01 30.22
CA ASP F 371 4.02 11.65 30.04
C ASP F 371 4.63 11.48 28.65
N LEU F 372 5.68 10.67 28.57
CA LEU F 372 6.27 10.35 27.28
C LEU F 372 5.37 9.38 26.52
N LEU F 373 5.08 9.70 25.26
CA LEU F 373 4.19 8.91 24.44
C LEU F 373 4.91 8.46 23.18
N PHE F 374 4.29 7.51 22.48
CA PHE F 374 4.82 6.96 21.24
C PHE F 374 3.70 6.83 20.22
N ASP F 375 3.98 7.23 18.99
CA ASP F 375 3.01 7.09 17.91
C ASP F 375 3.05 5.66 17.37
N ARG F 376 2.39 5.43 16.24
CA ARG F 376 2.41 4.10 15.63
C ARG F 376 3.81 3.72 15.15
N ASP F 377 4.65 4.70 14.84
CA ASP F 377 6.01 4.46 14.41
C ASP F 377 7.01 4.38 15.57
N ASP F 378 6.51 4.31 16.82
CA ASP F 378 7.37 4.26 18.01
C ASP F 378 8.27 5.49 18.11
N ARG F 379 7.80 6.62 17.60
CA ARG F 379 8.56 7.85 17.75
C ARG F 379 8.16 8.55 19.05
N PRO F 380 9.12 8.97 19.86
CA PRO F 380 8.77 9.60 21.15
C PRO F 380 8.23 11.01 20.95
N TYR F 381 7.22 11.36 21.73
CA TYR F 381 6.64 12.69 21.68
C TYR F 381 5.92 12.95 22.99
N LYS F 382 5.60 14.21 23.23
CA LYS F 382 4.80 14.61 24.37
C LYS F 382 3.76 15.63 23.94
N GLU F 383 2.70 15.73 24.73
CA GLU F 383 1.62 16.66 24.45
C GLU F 383 1.98 18.07 24.89
N SER F 384 1.49 19.05 24.14
CA SER F 384 1.57 20.45 24.52
C SER F 384 0.22 21.10 24.21
N TYR F 385 -0.13 22.12 25.00
CA TYR F 385 -1.40 22.78 24.83
C TYR F 385 -1.32 24.18 25.41
N GLY F 386 -2.17 25.07 24.89
CA GLY F 386 -2.15 26.45 25.31
C GLY F 386 -2.88 26.66 26.62
N MET F 387 -2.46 27.69 27.35
CA MET F 387 -3.08 28.04 28.63
C MET F 387 -4.45 28.68 28.47
N ALA F 388 -4.92 28.89 27.24
CA ALA F 388 -6.26 29.43 26.98
C ALA F 388 -7.12 28.46 26.20
N SER F 389 -6.71 27.19 26.13
CA SER F 389 -7.50 26.18 25.43
C SER F 389 -8.60 25.64 26.34
N LYS F 390 -9.52 24.88 25.74
CA LYS F 390 -10.61 24.30 26.52
C LYS F 390 -10.09 23.34 27.57
N ARG F 391 -8.99 22.63 27.28
CA ARG F 391 -8.38 21.76 28.28
C ARG F 391 -7.86 22.57 29.46
N ALA F 392 -7.17 23.68 29.19
CA ALA F 392 -6.56 24.46 30.26
C ALA F 392 -7.60 25.21 31.08
N VAL F 393 -8.63 25.75 30.43
CA VAL F 393 -9.65 26.48 31.17
C VAL F 393 -10.57 25.55 31.95
N ALA F 394 -10.68 24.27 31.52
CA ALA F 394 -11.52 23.33 32.24
C ALA F 394 -10.92 23.00 33.62
N ALA F 395 -9.62 22.75 33.67
CA ALA F 395 -8.96 22.50 34.94
C ALA F 395 -8.86 23.77 35.77
N ARG F 396 -8.80 24.94 35.12
CA ARG F 396 -8.69 26.20 35.84
C ARG F 396 -10.02 26.63 36.46
N THR F 397 -11.14 26.21 35.87
CA THR F 397 -12.46 26.61 36.32
C THR F 397 -13.29 25.43 36.82
N ALA F 398 -12.63 24.31 37.16
CA ALA F 398 -13.33 23.11 37.61
C ALA F 398 -14.29 23.39 38.76
N GLY F 399 -13.97 24.38 39.60
CA GLY F 399 -14.79 24.72 40.74
C GLY F 399 -16.03 25.52 40.44
N ASP F 400 -16.23 25.93 39.19
CA ASP F 400 -17.39 26.74 38.84
C ASP F 400 -18.61 25.86 38.56
N SER F 401 -19.77 26.50 38.49
CA SER F 401 -21.00 25.79 38.17
C SER F 401 -20.98 25.30 36.72
N SER F 402 -21.88 24.37 36.41
CA SER F 402 -21.99 23.87 35.05
C SER F 402 -22.46 24.96 34.09
N PHE F 403 -23.33 25.85 34.56
CA PHE F 403 -23.81 26.94 33.71
C PHE F 403 -22.70 27.93 33.39
N ASP F 404 -21.87 28.27 34.39
CA ASP F 404 -20.81 29.24 34.17
C ASP F 404 -19.71 28.69 33.27
N ARG F 405 -19.36 27.41 33.44
CA ARG F 405 -18.34 26.82 32.59
C ARG F 405 -18.81 26.70 31.15
N ALA F 406 -20.12 26.53 30.93
CA ALA F 406 -20.64 26.46 29.56
C ALA F 406 -20.57 27.83 28.89
N ARG F 407 -20.99 28.88 29.60
CA ARG F 407 -20.92 30.23 29.03
C ARG F 407 -19.50 30.62 28.70
N LYS F 408 -18.56 30.37 29.62
CA LYS F 408 -17.18 30.75 29.40
C LYS F 408 -16.50 29.89 28.34
N GLY F 409 -17.08 28.74 28.00
CA GLY F 409 -16.56 27.92 26.93
C GLY F 409 -16.66 28.55 25.56
N LEU F 410 -17.40 29.65 25.43
CA LEU F 410 -17.51 30.34 24.15
C LEU F 410 -16.15 30.81 23.65
N PHE F 411 -15.22 31.12 24.55
CA PHE F 411 -13.93 31.67 24.19
C PHE F 411 -12.85 30.60 24.30
N GLU F 412 -12.12 30.39 23.21
CA GLU F 412 -10.93 29.54 23.21
C GLU F 412 -9.95 30.10 22.20
N GLU F 413 -8.76 30.49 22.67
CA GLU F 413 -7.71 31.03 21.83
C GLU F 413 -6.42 30.24 21.97
N GLY F 414 -6.55 28.94 22.19
CA GLY F 414 -5.41 28.05 22.29
C GLY F 414 -5.84 26.66 21.88
N ILE F 415 -4.88 25.88 21.42
CA ILE F 415 -5.17 24.51 21.01
C ILE F 415 -5.01 23.60 22.22
N SER F 416 -5.80 22.53 22.25
CA SER F 416 -5.85 21.64 23.41
C SER F 416 -4.93 20.43 23.29
N THR F 417 -4.45 20.12 22.08
CA THR F 417 -3.59 18.96 21.88
C THR F 417 -2.64 19.22 20.73
N SER F 418 -1.37 18.93 20.95
CA SER F 418 -0.35 18.96 19.90
C SER F 418 0.73 17.96 20.25
N ARG F 419 1.37 17.42 19.23
CA ARG F 419 2.42 16.43 19.40
C ARG F 419 3.77 17.10 19.19
N MET F 420 4.54 17.23 20.27
CA MET F 420 5.90 17.75 20.21
C MET F 420 6.86 16.57 20.28
N SER F 421 7.55 16.30 19.18
CA SER F 421 8.44 15.14 19.11
C SER F 421 9.73 15.40 19.86
N LEU F 422 10.25 14.35 20.49
CA LEU F 422 11.57 14.39 21.12
C LEU F 422 12.62 13.97 20.12
N ASP F 423 13.75 14.66 20.12
CA ASP F 423 14.90 14.20 19.36
C ASP F 423 15.31 12.84 19.93
N PRO F 424 15.22 11.76 19.14
CA PRO F 424 15.41 10.42 19.73
C PRO F 424 16.79 10.18 20.31
N ALA F 425 17.81 10.89 19.84
CA ALA F 425 19.16 10.73 20.36
C ALA F 425 19.58 11.84 21.33
N ARG F 426 18.82 12.94 21.39
CA ARG F 426 19.13 14.08 22.25
C ARG F 426 17.82 14.71 22.73
N GLY F 427 17.11 14.00 23.60
CA GLY F 427 15.79 14.41 24.01
C GLY F 427 15.71 15.13 25.34
N GLY F 428 16.85 15.62 25.84
CA GLY F 428 16.88 16.36 27.09
C GLY F 428 16.83 17.85 26.85
N VAL F 429 16.27 18.58 27.82
CA VAL F 429 16.19 20.04 27.69
C VAL F 429 17.60 20.65 27.68
N GLU F 430 18.56 20.01 28.34
CA GLU F 430 19.93 20.53 28.34
C GLU F 430 20.57 20.41 26.95
N ASP F 431 20.14 19.42 26.16
CA ASP F 431 20.60 19.35 24.78
C ASP F 431 20.08 20.55 23.98
N LEU F 432 18.82 20.94 24.21
CA LEU F 432 18.28 22.12 23.55
C LEU F 432 18.98 23.38 24.04
N LEU F 433 19.27 23.47 25.33
CA LEU F 433 20.02 24.61 25.85
C LEU F 433 21.40 24.70 25.19
N ASP F 434 22.08 23.57 25.02
CA ASP F 434 23.32 23.56 24.26
C ASP F 434 23.10 24.07 22.85
N HIS F 435 22.01 23.61 22.21
CA HIS F 435 21.69 24.05 20.86
C HIS F 435 21.46 25.56 20.81
N ILE F 436 20.66 26.08 21.75
CA ILE F 436 20.32 27.50 21.74
C ILE F 436 21.55 28.35 22.06
N THR F 437 22.24 28.04 23.16
CA THR F 437 23.30 28.91 23.63
C THR F 437 24.52 28.89 22.73
N SER F 438 24.83 27.75 22.10
CA SER F 438 25.95 27.72 21.17
C SER F 438 25.68 28.61 19.96
N GLY F 439 24.42 28.67 19.52
CA GLY F 439 24.08 29.56 18.42
C GLY F 439 24.16 31.02 18.81
N VAL F 440 23.70 31.36 20.01
CA VAL F 440 23.78 32.74 20.50
C VAL F 440 25.24 33.15 20.69
N ARG F 441 26.05 32.28 21.29
CA ARG F 441 27.48 32.58 21.46
C ARG F 441 28.14 32.82 20.11
N SER F 442 27.74 32.07 19.09
CA SER F 442 28.28 32.28 17.76
C SER F 442 27.77 33.59 17.14
N THR F 443 26.54 33.99 17.46
CA THR F 443 26.04 35.27 16.98
C THR F 443 26.88 36.42 17.54
N CYS F 444 27.22 36.35 18.82
CA CYS F 444 27.98 37.42 19.46
C CYS F 444 29.35 37.60 18.81
N THR F 445 30.07 36.50 18.60
CA THR F 445 31.40 36.63 18.01
C THR F 445 31.32 37.07 16.55
N TYR F 446 30.25 36.70 15.85
CA TYR F 446 30.06 37.17 14.48
C TYR F 446 29.93 38.68 14.44
N VAL F 447 29.16 39.26 15.36
CA VAL F 447 29.00 40.71 15.39
C VAL F 447 30.12 41.41 16.15
N GLY F 448 31.00 40.65 16.81
CA GLY F 448 32.08 41.23 17.57
C GLY F 448 31.72 41.61 18.99
N ALA F 449 30.69 41.00 19.57
CA ALA F 449 30.22 41.34 20.91
C ALA F 449 30.71 40.31 21.91
N ALA F 450 31.14 40.78 23.09
CA ALA F 450 31.61 39.93 24.16
C ALA F 450 30.54 39.63 25.21
N ASN F 451 29.40 40.30 25.15
CA ASN F 451 28.30 40.05 26.07
C ASN F 451 27.01 40.52 25.40
N LEU F 452 25.89 40.32 26.10
CA LEU F 452 24.57 40.64 25.55
C LEU F 452 24.35 42.13 25.35
N PRO F 453 24.74 43.01 26.29
CA PRO F 453 24.64 44.45 26.02
C PRO F 453 25.39 44.88 24.77
N GLU F 454 26.59 44.34 24.54
CA GLU F 454 27.33 44.67 23.33
C GLU F 454 26.67 44.11 22.09
N LEU F 455 25.92 43.01 22.22
CA LEU F 455 25.23 42.44 21.07
C LEU F 455 24.19 43.40 20.52
N HIS F 456 23.28 43.87 21.39
CA HIS F 456 22.28 44.83 20.97
C HIS F 456 22.90 46.16 20.54
N GLU F 457 24.10 46.48 21.03
CA GLU F 457 24.73 47.75 20.71
C GLU F 457 25.44 47.73 19.37
N LYS F 458 26.07 46.61 19.02
CA LYS F 458 26.94 46.53 17.86
C LYS F 458 26.29 45.88 16.64
N VAL F 459 25.12 45.26 16.80
CA VAL F 459 24.55 44.44 15.73
C VAL F 459 24.07 45.32 14.59
N VAL F 460 24.27 44.86 13.37
CA VAL F 460 23.69 45.46 12.17
C VAL F 460 22.77 44.43 11.53
N LEU F 461 21.56 44.83 11.20
CA LEU F 461 20.55 43.92 10.69
C LEU F 461 20.21 44.26 9.24
N GLY F 462 19.53 43.31 8.58
CA GLY F 462 19.06 43.51 7.22
C GLY F 462 17.77 42.75 7.02
N VAL F 463 17.04 43.15 5.97
CA VAL F 463 15.77 42.54 5.61
C VAL F 463 15.98 41.68 4.38
N GLN F 464 15.30 40.54 4.34
CA GLN F 464 15.41 39.59 3.24
C GLN F 464 14.02 39.15 2.80
N SER F 465 13.94 38.63 1.58
CA SER F 465 12.71 38.03 1.09
C SER F 465 12.63 36.57 1.56
N ALA F 466 11.59 35.87 1.11
CA ALA F 466 11.45 34.46 1.45
C ALA F 466 12.57 33.62 0.85
N ALA F 467 13.10 34.03 -0.30
CA ALA F 467 14.25 33.35 -0.87
C ALA F 467 15.50 33.52 -0.01
N GLY F 468 15.63 34.66 0.68
CA GLY F 468 16.77 34.86 1.56
C GLY F 468 16.75 33.93 2.75
N PHE F 469 15.58 33.74 3.37
CA PHE F 469 15.45 32.82 4.48
C PHE F 469 15.72 31.38 4.06
N ALA F 470 15.35 31.02 2.82
CA ALA F 470 15.56 29.66 2.34
C ALA F 470 17.02 29.35 2.05
N GLU F 471 17.87 30.35 1.91
CA GLU F 471 19.29 30.11 1.66
C GLU F 471 19.91 29.35 2.84
N GLY F 472 20.55 28.23 2.53
CA GLY F 472 21.10 27.34 3.54
C GLY F 472 20.30 26.05 3.64
N HIS F 473 20.76 25.18 4.54
CA HIS F 473 19.98 23.95 4.71
C HIS F 473 19.11 24.04 5.95
N PRO F 474 17.88 23.46 5.91
CA PRO F 474 16.94 23.45 7.03
C PRO F 474 17.54 23.04 8.37
N VAL G 2 26.88 47.51 -10.63
CA VAL G 2 26.01 46.92 -11.64
C VAL G 2 24.77 47.80 -11.83
N ARG G 3 24.17 47.72 -13.01
CA ARG G 3 23.00 48.54 -13.34
C ARG G 3 21.73 47.72 -13.17
N PHE G 4 20.76 48.29 -12.46
CA PHE G 4 19.43 47.72 -12.34
C PHE G 4 18.44 48.55 -13.14
N LEU G 5 17.29 47.93 -13.43
CA LEU G 5 16.22 48.65 -14.12
C LEU G 5 15.72 49.82 -13.27
N ASP G 6 15.09 50.78 -13.92
CA ASP G 6 14.61 51.97 -13.24
C ASP G 6 13.51 51.61 -12.26
N GLY G 7 13.65 52.10 -11.02
CA GLY G 7 12.69 51.83 -9.98
C GLY G 7 12.92 50.56 -9.19
N HIS G 8 13.88 49.73 -9.60
CA HIS G 8 14.14 48.45 -8.92
C HIS G 8 15.15 48.67 -7.80
N THR G 9 14.66 49.30 -6.73
CA THR G 9 15.45 49.59 -5.54
C THR G 9 14.72 48.99 -4.34
N PRO G 10 14.89 47.70 -4.09
CA PRO G 10 14.12 47.05 -3.03
C PRO G 10 14.61 47.44 -1.65
N ALA G 11 13.70 47.36 -0.68
CA ALA G 11 14.03 47.58 0.73
C ALA G 11 14.54 46.32 1.41
N TYR G 12 15.28 45.48 0.68
CA TYR G 12 15.81 44.24 1.22
C TYR G 12 16.97 43.80 0.35
N ASP G 13 17.74 42.84 0.85
CA ASP G 13 18.84 42.26 0.09
C ASP G 13 18.34 41.05 -0.71
N LEU G 14 19.09 40.73 -1.76
CA LEU G 14 18.63 39.83 -2.82
C LEU G 14 19.47 38.57 -2.87
N THR G 15 18.81 37.44 -3.13
CA THR G 15 19.47 36.19 -3.49
C THR G 15 19.46 36.05 -5.00
N TYR G 16 20.05 34.95 -5.49
CA TYR G 16 20.03 34.67 -6.91
C TYR G 16 18.61 34.51 -7.44
N ASN G 17 17.70 33.97 -6.62
CA ASN G 17 16.31 33.79 -7.03
C ASN G 17 15.56 35.11 -7.19
N ASP G 18 16.06 36.19 -6.58
CA ASP G 18 15.37 37.47 -6.56
C ASP G 18 15.58 38.31 -7.81
N VAL G 19 16.58 37.98 -8.64
CA VAL G 19 16.99 38.86 -9.73
C VAL G 19 16.91 38.12 -11.06
N PHE G 20 16.98 38.90 -12.14
CA PHE G 20 17.03 38.37 -13.50
C PHE G 20 17.88 39.31 -14.35
N VAL G 21 18.30 38.81 -15.50
CA VAL G 21 19.15 39.55 -16.43
C VAL G 21 18.31 39.98 -17.62
N VAL G 22 18.33 41.28 -17.92
CA VAL G 22 17.66 41.80 -19.11
C VAL G 22 18.62 41.67 -20.29
N PRO G 23 18.22 41.03 -21.38
CA PRO G 23 19.12 40.92 -22.53
C PRO G 23 19.24 42.25 -23.26
N GLY G 24 20.42 42.47 -23.83
CA GLY G 24 20.71 43.67 -24.58
C GLY G 24 21.06 43.35 -26.03
N ARG G 25 21.28 44.42 -26.78
CA ARG G 25 21.72 44.29 -28.16
C ARG G 25 23.09 43.62 -28.20
N SER G 26 23.22 42.62 -29.09
CA SER G 26 24.40 41.77 -29.12
C SER G 26 24.90 41.58 -30.54
N ASP G 27 26.22 41.53 -30.69
CA ASP G 27 26.85 41.17 -31.95
C ASP G 27 27.64 39.87 -31.86
N VAL G 28 27.62 39.20 -30.71
CA VAL G 28 28.30 37.92 -30.56
C VAL G 28 27.55 36.89 -31.41
N ALA G 29 28.21 36.39 -32.46
CA ALA G 29 27.53 35.54 -33.43
C ALA G 29 27.19 34.18 -32.85
N SER G 30 28.12 33.58 -32.09
CA SER G 30 27.91 32.25 -31.54
C SER G 30 28.35 32.22 -30.08
N ARG G 31 27.73 31.32 -29.31
CA ARG G 31 28.10 31.12 -27.92
C ARG G 31 29.47 30.48 -27.76
N PHE G 32 30.03 29.91 -28.82
CA PHE G 32 31.39 29.39 -28.76
C PHE G 32 32.44 30.48 -28.85
N ASP G 33 32.06 31.68 -29.28
CA ASP G 33 32.99 32.81 -29.39
C ASP G 33 33.24 33.51 -28.06
N VAL G 34 32.60 33.07 -26.99
CA VAL G 34 32.76 33.70 -25.68
C VAL G 34 34.03 33.17 -25.02
N ASP G 35 34.80 34.08 -24.43
CA ASP G 35 36.00 33.72 -23.68
C ASP G 35 35.64 33.66 -22.20
N LEU G 36 35.72 32.47 -21.61
CA LEU G 36 35.35 32.25 -20.22
C LEU G 36 36.53 32.34 -19.26
N SER G 37 37.68 32.81 -19.73
CA SER G 37 38.86 32.90 -18.87
C SER G 37 38.66 33.97 -17.80
N THR G 38 39.29 33.76 -16.65
CA THR G 38 39.20 34.67 -15.52
C THR G 38 40.44 35.56 -15.44
N VAL G 39 40.29 36.70 -14.77
CA VAL G 39 41.34 37.70 -14.70
C VAL G 39 41.79 37.94 -13.26
N ASP G 40 41.54 37.00 -12.35
CA ASP G 40 41.89 37.17 -10.95
C ASP G 40 43.24 36.56 -10.60
N GLY G 41 43.98 36.05 -11.57
CA GLY G 41 45.25 35.42 -11.31
C GLY G 41 45.17 33.96 -10.92
N SER G 42 43.96 33.38 -10.87
CA SER G 42 43.84 31.97 -10.54
C SER G 42 44.33 31.07 -11.65
N GLY G 43 44.24 31.54 -12.90
CA GLY G 43 44.61 30.73 -14.04
C GLY G 43 43.52 29.84 -14.59
N THR G 44 42.31 29.92 -14.05
CA THR G 44 41.22 29.10 -14.54
C THR G 44 40.69 29.66 -15.86
N THR G 45 40.46 28.77 -16.82
CA THR G 45 39.91 29.18 -18.11
C THR G 45 38.38 29.11 -18.13
N ILE G 46 37.76 28.57 -17.08
CA ILE G 46 36.33 28.68 -16.86
C ILE G 46 36.13 29.17 -15.43
N PRO G 47 35.06 29.95 -15.15
CA PRO G 47 34.87 30.54 -13.82
C PRO G 47 34.30 29.58 -12.77
N VAL G 48 34.95 28.42 -12.62
CA VAL G 48 34.50 27.40 -11.67
C VAL G 48 35.67 27.01 -10.78
N VAL G 49 35.45 27.04 -9.47
CA VAL G 49 36.42 26.60 -8.48
C VAL G 49 35.72 25.60 -7.57
N VAL G 50 36.34 24.45 -7.33
CA VAL G 50 35.76 23.41 -6.48
C VAL G 50 36.15 23.69 -5.04
N ALA G 51 35.15 23.66 -4.15
CA ALA G 51 35.34 24.06 -2.76
C ALA G 51 36.27 23.09 -2.02
N ASN G 52 36.90 23.61 -0.97
CA ASN G 52 37.82 22.84 -0.14
C ASN G 52 37.02 22.07 0.91
N MET G 53 36.28 21.08 0.42
CA MET G 53 35.47 20.20 1.26
C MET G 53 35.95 18.77 1.05
N THR G 54 36.12 18.03 2.15
CA THR G 54 36.65 16.68 2.05
C THR G 54 35.73 15.74 1.28
N ALA G 55 34.44 16.09 1.16
CA ALA G 55 33.50 15.26 0.42
C ALA G 55 33.53 15.52 -1.09
N VAL G 56 34.30 16.50 -1.55
CA VAL G 56 34.28 16.89 -2.96
C VAL G 56 35.68 16.91 -3.55
N ALA G 57 36.65 17.43 -2.80
CA ALA G 57 37.97 17.78 -3.34
C ALA G 57 38.93 16.61 -3.17
N GLY G 58 39.07 15.80 -4.21
CA GLY G 58 40.06 14.73 -4.24
C GLY G 58 40.93 14.84 -5.48
N ARG G 59 41.83 13.86 -5.61
CA ARG G 59 42.77 13.89 -6.72
C ARG G 59 42.09 13.59 -8.06
N ARG G 60 41.07 12.73 -8.06
CA ARG G 60 40.34 12.48 -9.31
C ARG G 60 39.54 13.71 -9.72
N MET G 61 38.91 14.38 -8.75
CA MET G 61 38.24 15.64 -9.03
C MET G 61 39.24 16.70 -9.49
N ALA G 62 40.42 16.75 -8.86
CA ALA G 62 41.40 17.78 -9.20
C ALA G 62 41.89 17.63 -10.64
N GLU G 63 42.19 16.40 -11.06
CA GLU G 63 42.63 16.17 -12.44
C GLU G 63 41.51 16.49 -13.43
N THR G 64 40.29 16.05 -13.13
CA THR G 64 39.21 16.17 -14.11
C THR G 64 38.80 17.62 -14.31
N VAL G 65 38.71 18.40 -13.23
CA VAL G 65 38.28 19.78 -13.33
C VAL G 65 39.35 20.63 -14.00
N ALA G 66 40.62 20.43 -13.62
CA ALA G 66 41.70 21.26 -14.15
C ALA G 66 41.90 21.05 -15.65
N ARG G 67 41.66 19.84 -16.14
CA ARG G 67 41.78 19.60 -17.57
C ARG G 67 40.74 20.39 -18.36
N ARG G 68 39.58 20.65 -17.77
CA ARG G 68 38.53 21.41 -18.44
C ARG G 68 38.59 22.90 -18.14
N GLY G 69 39.51 23.34 -17.30
CA GLY G 69 39.73 24.76 -17.08
C GLY G 69 39.43 25.27 -15.69
N GLY G 70 38.92 24.45 -14.78
CA GLY G 70 38.70 24.86 -13.41
C GLY G 70 39.92 24.56 -12.54
N ILE G 71 39.69 24.66 -11.23
CA ILE G 71 40.73 24.34 -10.25
C ILE G 71 40.07 23.84 -8.98
N VAL G 72 40.74 22.91 -8.32
CA VAL G 72 40.25 22.28 -7.08
C VAL G 72 41.10 22.79 -5.92
N VAL G 73 40.44 23.24 -4.86
CA VAL G 73 41.13 23.61 -3.63
C VAL G 73 41.12 22.41 -2.69
N LEU G 74 42.31 21.90 -2.38
CA LEU G 74 42.40 20.78 -1.44
C LEU G 74 42.03 21.24 -0.03
N PRO G 75 41.35 20.40 0.74
CA PRO G 75 40.93 20.82 2.08
C PRO G 75 42.11 20.98 3.03
N GLN G 76 41.90 21.82 4.05
CA GLN G 76 42.94 22.14 5.00
C GLN G 76 43.25 21.02 5.98
N ASP G 77 42.42 19.98 6.04
CA ASP G 77 42.66 18.87 6.96
C ASP G 77 43.63 17.84 6.40
N LEU G 78 44.09 18.01 5.17
CA LEU G 78 44.92 17.00 4.52
C LEU G 78 46.36 17.10 5.02
N PRO G 79 46.97 16.00 5.46
CA PRO G 79 48.37 16.05 5.87
C PRO G 79 49.27 16.44 4.72
N ILE G 80 50.41 17.05 5.06
CA ILE G 80 51.29 17.62 4.04
C ILE G 80 51.83 16.55 3.11
N THR G 81 52.00 15.32 3.60
CA THR G 81 52.47 14.23 2.75
C THR G 81 51.43 13.89 1.69
N ALA G 82 50.16 13.74 2.11
CA ALA G 82 49.10 13.45 1.16
C ALA G 82 48.91 14.57 0.14
N VAL G 83 49.14 15.82 0.57
CA VAL G 83 49.04 16.94 -0.36
C VAL G 83 50.07 16.80 -1.48
N SER G 84 51.32 16.53 -1.10
CA SER G 84 52.39 16.40 -2.09
C SER G 84 52.10 15.28 -3.08
N GLU G 85 51.65 14.12 -2.58
CA GLU G 85 51.34 13.00 -3.45
C GLU G 85 50.22 13.37 -4.42
N THR G 86 49.19 14.07 -3.93
CA THR G 86 48.09 14.48 -4.81
C THR G 86 48.56 15.48 -5.85
N VAL G 87 49.39 16.45 -5.44
CA VAL G 87 49.94 17.41 -6.40
C VAL G 87 50.81 16.69 -7.43
N ASP G 88 51.66 15.77 -6.97
CA ASP G 88 52.52 15.03 -7.90
C ASP G 88 51.69 14.22 -8.89
N PHE G 89 50.52 13.72 -8.47
CA PHE G 89 49.66 12.97 -9.39
C PHE G 89 49.02 13.91 -10.41
N VAL G 90 48.50 15.05 -9.95
CA VAL G 90 47.77 15.95 -10.85
C VAL G 90 48.72 16.57 -11.87
N LYS G 91 49.90 17.00 -11.44
CA LYS G 91 50.82 17.67 -12.34
C LYS G 91 51.54 16.73 -13.29
N SER G 92 51.28 15.42 -13.21
CA SER G 92 51.83 14.44 -14.14
C SER G 92 50.78 13.87 -15.09
N ARG G 93 49.58 14.47 -15.13
CA ARG G 93 48.52 14.00 -16.00
C ARG G 93 48.63 14.63 -17.38
N ASP G 94 48.03 13.96 -18.36
CA ASP G 94 48.00 14.46 -19.74
C ASP G 94 46.95 15.55 -19.88
N LEU G 95 47.22 16.50 -20.77
CA LEU G 95 46.34 17.65 -20.96
C LEU G 95 45.07 17.31 -21.74
N VAL G 96 45.09 16.26 -22.55
CA VAL G 96 43.93 15.85 -23.33
C VAL G 96 43.48 14.43 -22.97
N VAL G 97 44.42 13.54 -22.68
CA VAL G 97 44.13 12.15 -22.38
C VAL G 97 43.83 12.01 -20.90
N ASP G 98 42.74 11.32 -20.57
CA ASP G 98 42.29 11.15 -19.19
C ASP G 98 42.82 9.84 -18.62
N THR G 99 42.89 9.79 -17.28
CA THR G 99 43.41 8.64 -16.57
C THR G 99 42.29 7.64 -16.31
N PRO G 100 42.40 6.40 -16.79
CA PRO G 100 41.33 5.42 -16.58
C PRO G 100 41.51 4.66 -15.27
N VAL G 101 40.49 3.86 -14.95
CA VAL G 101 40.62 2.86 -13.90
C VAL G 101 41.49 1.73 -14.42
N THR G 102 42.56 1.41 -13.69
CA THR G 102 43.49 0.37 -14.08
C THR G 102 43.28 -0.86 -13.20
N LEU G 103 43.40 -2.04 -13.80
CA LEU G 103 43.19 -3.30 -13.11
C LEU G 103 44.31 -4.27 -13.46
N SER G 104 44.77 -5.00 -12.46
CA SER G 104 45.66 -6.11 -12.70
C SER G 104 44.86 -7.36 -13.07
N PRO G 105 45.42 -8.24 -13.91
CA PRO G 105 44.72 -9.51 -14.19
C PRO G 105 44.51 -10.37 -12.97
N GLU G 106 45.18 -10.09 -11.85
CA GLU G 106 45.00 -10.82 -10.61
C GLU G 106 43.95 -10.22 -9.70
N ASP G 107 43.38 -9.07 -10.06
CA ASP G 107 42.35 -8.46 -9.22
C ASP G 107 41.06 -9.28 -9.29
N SER G 108 40.25 -9.15 -8.23
CA SER G 108 38.98 -9.84 -8.16
C SER G 108 37.90 -9.09 -8.94
N VAL G 109 36.90 -9.84 -9.39
CA VAL G 109 35.75 -9.23 -10.05
C VAL G 109 35.02 -8.31 -9.08
N SER G 110 34.99 -8.65 -7.79
CA SER G 110 34.35 -7.80 -6.80
C SER G 110 35.02 -6.43 -6.75
N ASP G 111 36.36 -6.39 -6.71
CA ASP G 111 37.06 -5.12 -6.74
C ASP G 111 36.87 -4.40 -8.07
N ALA G 112 36.93 -5.14 -9.17
CA ALA G 112 36.79 -4.54 -10.50
C ALA G 112 35.43 -3.88 -10.65
N ASN G 113 34.36 -4.53 -10.17
CA ASN G 113 33.02 -3.98 -10.32
C ASN G 113 32.86 -2.69 -9.53
N ALA G 114 33.46 -2.63 -8.34
CA ALA G 114 33.33 -1.43 -7.51
C ALA G 114 34.24 -0.29 -7.97
N LEU G 115 35.38 -0.61 -8.57
CA LEU G 115 36.30 0.43 -9.01
C LEU G 115 35.83 1.16 -10.26
N LEU G 116 34.92 0.56 -11.04
CA LEU G 116 34.50 1.16 -12.30
C LEU G 116 33.88 2.53 -12.11
N HIS G 117 33.28 2.79 -10.95
CA HIS G 117 32.54 4.02 -10.71
C HIS G 117 33.41 5.15 -10.16
N LYS G 118 34.72 4.96 -10.11
CA LYS G 118 35.61 6.06 -9.76
C LYS G 118 35.92 6.96 -10.94
N ARG G 119 35.51 6.58 -12.15
CA ARG G 119 35.62 7.41 -13.34
C ARG G 119 34.32 7.33 -14.12
N ALA G 120 34.15 8.24 -15.07
CA ALA G 120 32.96 8.27 -15.91
C ALA G 120 33.15 7.56 -17.24
N HIS G 121 34.24 6.81 -17.40
CA HIS G 121 34.54 6.20 -18.69
C HIS G 121 33.64 5.00 -18.98
N GLY G 122 33.12 4.35 -17.94
CA GLY G 122 32.33 3.15 -18.13
C GLY G 122 33.14 1.90 -18.42
N ALA G 123 34.46 1.98 -18.37
CA ALA G 123 35.30 0.82 -18.64
C ALA G 123 36.65 1.03 -17.98
N ALA G 124 37.25 -0.07 -17.53
CA ALA G 124 38.57 -0.07 -16.92
C ALA G 124 39.57 -0.78 -17.81
N VAL G 125 40.84 -0.38 -17.70
CA VAL G 125 41.91 -0.91 -18.54
C VAL G 125 42.69 -1.94 -17.75
N VAL G 126 42.77 -3.16 -18.28
CA VAL G 126 43.64 -4.19 -17.71
C VAL G 126 45.06 -3.92 -18.18
N VAL G 127 46.01 -3.97 -17.25
CA VAL G 127 47.40 -3.59 -17.52
C VAL G 127 48.32 -4.68 -17.01
N PHE G 128 49.27 -5.10 -17.85
CA PHE G 128 50.33 -6.04 -17.47
C PHE G 128 51.65 -5.48 -17.99
N GLU G 129 52.55 -5.15 -17.06
CA GLU G 129 53.82 -4.47 -17.39
C GLU G 129 53.56 -3.14 -18.07
N GLY G 130 52.68 -2.34 -17.46
CA GLY G 130 52.37 -1.01 -17.96
C GLY G 130 51.69 -0.96 -19.32
N ARG G 131 51.35 -2.13 -19.87
CA ARG G 131 50.81 -2.18 -21.21
C ARG G 131 49.31 -2.52 -21.20
N PRO G 132 48.51 -1.83 -22.01
CA PRO G 132 47.07 -2.16 -22.08
C PRO G 132 46.85 -3.48 -22.78
N ILE G 133 46.08 -4.37 -22.16
CA ILE G 133 45.86 -5.71 -22.69
C ILE G 133 44.38 -6.00 -22.83
N GLY G 134 43.55 -5.46 -21.93
CA GLY G 134 42.13 -5.76 -21.95
C GLY G 134 41.30 -4.66 -21.33
N LEU G 135 40.00 -4.70 -21.64
CA LEU G 135 39.02 -3.77 -21.10
C LEU G 135 37.99 -4.51 -20.27
N VAL G 136 37.54 -3.87 -19.19
CA VAL G 136 36.52 -4.42 -18.30
C VAL G 136 35.38 -3.43 -18.22
N THR G 137 34.17 -3.89 -18.51
CA THR G 137 32.96 -3.09 -18.39
C THR G 137 32.04 -3.71 -17.35
N GLU G 138 30.99 -2.97 -17.01
CA GLU G 138 30.00 -3.50 -16.07
C GLU G 138 29.29 -4.72 -16.67
N ALA G 139 29.10 -4.74 -17.98
CA ALA G 139 28.48 -5.90 -18.62
C ALA G 139 29.38 -7.13 -18.54
N ASN G 140 30.69 -6.93 -18.45
CA ASN G 140 31.61 -8.06 -18.33
C ASN G 140 31.51 -8.74 -16.97
N CYS G 141 31.16 -7.97 -15.93
CA CYS G 141 31.08 -8.48 -14.57
C CYS G 141 29.68 -8.93 -14.17
N ALA G 142 28.71 -8.83 -15.08
CA ALA G 142 27.33 -9.18 -14.77
C ALA G 142 27.16 -10.69 -14.76
N GLY G 143 26.93 -11.27 -13.58
CA GLY G 143 26.70 -12.68 -13.44
C GLY G 143 27.92 -13.49 -13.06
N VAL G 144 29.11 -12.91 -13.13
CA VAL G 144 30.35 -13.62 -12.84
C VAL G 144 30.54 -13.74 -11.34
N ASP G 145 31.14 -14.85 -10.91
CA ASP G 145 31.50 -15.03 -9.51
C ASP G 145 32.33 -13.86 -9.02
N ARG G 146 31.96 -13.32 -7.86
CA ARG G 146 32.59 -12.09 -7.37
C ARG G 146 34.09 -12.27 -7.17
N PHE G 147 34.56 -13.50 -6.92
CA PHE G 147 35.97 -13.73 -6.64
C PHE G 147 36.68 -14.47 -7.77
N ALA G 148 36.10 -14.47 -8.96
CA ALA G 148 36.87 -14.80 -10.15
C ALA G 148 37.88 -13.68 -10.42
N ARG G 149 38.85 -13.98 -11.28
CA ARG G 149 39.90 -13.01 -11.57
C ARG G 149 39.54 -12.17 -12.78
N VAL G 150 40.15 -10.98 -12.86
CA VAL G 150 39.90 -10.06 -13.97
C VAL G 150 40.29 -10.71 -15.30
N ARG G 151 41.32 -11.56 -15.29
CA ARG G 151 41.78 -12.21 -16.51
C ARG G 151 40.72 -13.09 -17.15
N ASP G 152 39.60 -13.36 -16.47
CA ASP G 152 38.56 -14.22 -17.00
C ASP G 152 37.50 -13.48 -17.80
N ILE G 153 37.31 -12.17 -17.56
CA ILE G 153 36.23 -11.42 -18.17
C ILE G 153 36.73 -10.24 -19.00
N ALA G 154 38.04 -10.13 -19.21
CA ALA G 154 38.58 -9.01 -19.96
C ALA G 154 38.32 -9.16 -21.45
N LEU G 155 37.92 -8.06 -22.09
CA LEU G 155 37.81 -8.00 -23.54
C LEU G 155 39.18 -7.69 -24.12
N SER G 156 39.74 -8.63 -24.88
CA SER G 156 41.08 -8.48 -25.43
C SER G 156 41.14 -7.54 -26.63
N ASP G 157 39.99 -7.14 -27.16
CA ASP G 157 39.92 -6.28 -28.35
C ASP G 157 39.40 -4.90 -27.95
N PHE G 158 40.14 -3.87 -28.32
CA PHE G 158 39.76 -2.49 -28.01
C PHE G 158 40.40 -1.55 -29.03
N VAL G 159 39.80 -0.39 -29.18
CA VAL G 159 40.34 0.65 -30.06
C VAL G 159 41.54 1.29 -29.38
N THR G 160 42.64 1.42 -30.11
CA THR G 160 43.87 2.00 -29.58
C THR G 160 44.39 3.06 -30.56
N ALA G 161 45.22 3.95 -30.03
CA ALA G 161 45.80 5.04 -30.81
C ALA G 161 46.97 5.63 -30.04
N PRO G 162 47.96 6.19 -30.73
CA PRO G 162 49.09 6.80 -30.02
C PRO G 162 48.68 8.13 -29.40
N VAL G 163 49.29 8.44 -28.25
CA VAL G 163 49.00 9.71 -27.59
C VAL G 163 49.52 10.86 -28.44
N GLY G 164 48.79 11.96 -28.45
CA GLY G 164 49.07 13.05 -29.36
C GLY G 164 48.30 13.02 -30.65
N THR G 165 47.54 11.95 -30.90
CA THR G 165 46.69 11.89 -32.07
C THR G 165 45.61 12.98 -31.99
N ASP G 166 45.20 13.47 -33.15
CA ASP G 166 44.20 14.53 -33.19
C ASP G 166 42.89 14.02 -32.60
N PRO G 167 42.26 14.77 -31.69
CA PRO G 167 41.01 14.28 -31.08
C PRO G 167 39.91 14.03 -32.10
N ARG G 168 39.86 14.81 -33.17
CA ARG G 168 38.80 14.64 -34.17
C ARG G 168 38.88 13.27 -34.83
N GLU G 169 40.09 12.77 -35.08
CA GLU G 169 40.24 11.44 -35.66
C GLU G 169 39.89 10.35 -34.65
N VAL G 170 40.35 10.51 -33.40
CA VAL G 170 40.00 9.57 -32.35
C VAL G 170 38.48 9.51 -32.18
N PHE G 171 37.82 10.67 -32.31
CA PHE G 171 36.36 10.70 -32.24
C PHE G 171 35.74 9.85 -33.34
N ASP G 172 36.31 9.88 -34.54
CA ASP G 172 35.77 9.10 -35.65
C ASP G 172 36.08 7.61 -35.51
N LEU G 173 37.23 7.27 -34.91
CA LEU G 173 37.59 5.86 -34.72
C LEU G 173 36.61 5.12 -33.83
N LEU G 174 35.89 5.83 -32.97
CA LEU G 174 35.00 5.22 -31.99
C LEU G 174 33.53 5.24 -32.40
N GLU G 175 33.22 5.72 -33.61
CA GLU G 175 31.82 5.86 -34.00
C GLU G 175 31.10 4.51 -34.03
N HIS G 176 31.76 3.48 -34.56
CA HIS G 176 31.17 2.15 -34.65
C HIS G 176 31.77 1.18 -33.63
N ALA G 177 32.58 1.67 -32.70
CA ALA G 177 33.19 0.79 -31.72
C ALA G 177 32.16 0.33 -30.70
N PRO G 178 32.24 -0.93 -30.25
CA PRO G 178 31.30 -1.39 -29.21
C PRO G 178 31.46 -0.63 -27.90
N ILE G 179 32.69 -0.33 -27.51
CA ILE G 179 32.97 0.42 -26.28
C ILE G 179 33.41 1.82 -26.66
N ASP G 180 32.76 2.83 -26.10
CA ASP G 180 33.11 4.21 -26.38
C ASP G 180 34.32 4.64 -25.56
N VAL G 181 35.39 3.84 -25.61
CA VAL G 181 36.63 4.14 -24.90
C VAL G 181 37.78 3.81 -25.84
N ALA G 182 38.64 4.80 -26.11
CA ALA G 182 39.82 4.62 -26.94
C ALA G 182 41.04 4.61 -26.02
N VAL G 183 41.84 3.56 -26.11
CA VAL G 183 43.05 3.42 -25.30
C VAL G 183 44.19 4.15 -26.00
N MET G 184 44.73 5.17 -25.34
CA MET G 184 45.83 5.95 -25.88
C MET G 184 47.15 5.41 -25.32
N THR G 185 48.13 5.21 -26.20
CA THR G 185 49.38 4.56 -25.85
C THR G 185 50.55 5.49 -26.07
N ALA G 186 51.61 5.28 -25.28
CA ALA G 186 52.86 5.98 -25.45
C ALA G 186 53.69 5.34 -26.55
N PRO G 187 54.70 6.05 -27.08
CA PRO G 187 55.54 5.46 -28.14
C PRO G 187 56.15 4.11 -27.79
N ASP G 188 56.44 3.85 -26.52
CA ASP G 188 56.99 2.54 -26.14
C ASP G 188 55.91 1.49 -25.94
N GLY G 189 54.64 1.82 -26.19
CA GLY G 189 53.55 0.88 -26.05
C GLY G 189 52.82 0.91 -24.72
N THR G 190 53.39 1.56 -23.70
CA THR G 190 52.75 1.60 -22.40
C THR G 190 51.49 2.46 -22.44
N LEU G 191 50.65 2.28 -21.42
CA LEU G 191 49.37 2.98 -21.37
C LEU G 191 49.58 4.46 -21.04
N ALA G 192 49.01 5.33 -21.87
CA ALA G 192 49.01 6.76 -21.59
C ALA G 192 47.69 7.25 -21.01
N GLY G 193 46.62 6.47 -21.15
CA GLY G 193 45.31 6.83 -20.66
C GLY G 193 44.25 6.50 -21.70
N VAL G 194 43.09 7.13 -21.55
CA VAL G 194 41.94 6.86 -22.42
C VAL G 194 41.37 8.17 -22.93
N LEU G 195 40.47 8.05 -23.90
CA LEU G 195 39.83 9.22 -24.50
C LEU G 195 38.51 8.77 -25.12
N THR G 196 37.40 9.24 -24.57
CA THR G 196 36.09 8.91 -25.08
C THR G 196 35.68 9.88 -26.18
N ARG G 197 34.55 9.57 -26.83
CA ARG G 197 34.06 10.44 -27.89
C ARG G 197 33.66 11.81 -27.34
N THR G 198 33.01 11.85 -26.18
CA THR G 198 32.69 13.13 -25.56
C THR G 198 33.95 13.81 -25.04
N GLY G 199 34.93 13.02 -24.56
CA GLY G 199 36.20 13.59 -24.14
C GLY G 199 36.96 14.23 -25.29
N ALA G 200 36.84 13.66 -26.49
CA ALA G 200 37.45 14.27 -27.66
C ALA G 200 36.72 15.55 -28.05
N ILE G 201 35.40 15.58 -27.91
CA ILE G 201 34.64 16.80 -28.14
C ILE G 201 35.06 17.88 -27.15
N ARG G 202 35.26 17.51 -25.89
CA ARG G 202 35.64 18.48 -24.87
C ARG G 202 37.05 19.03 -25.07
N ALA G 203 37.92 18.27 -25.76
CA ALA G 203 39.28 18.77 -25.99
C ALA G 203 39.28 20.02 -26.86
N GLY G 204 38.34 20.12 -27.79
CA GLY G 204 38.18 21.29 -28.63
C GLY G 204 37.26 22.35 -28.08
N ILE G 205 36.85 22.25 -26.82
CA ILE G 205 35.96 23.21 -26.20
C ILE G 205 36.59 23.85 -24.96
N TYR G 206 37.25 23.06 -24.13
CA TYR G 206 37.82 23.53 -22.88
C TYR G 206 39.34 23.66 -22.99
N THR G 207 39.87 24.76 -22.48
CA THR G 207 41.30 24.96 -22.38
C THR G 207 41.76 24.56 -20.99
N PRO G 208 42.72 23.63 -20.87
CA PRO G 208 43.17 23.21 -19.54
C PRO G 208 43.84 24.34 -18.77
N ALA G 209 43.61 24.37 -17.47
CA ALA G 209 44.28 25.32 -16.58
C ALA G 209 45.64 24.77 -16.20
N VAL G 210 46.71 25.43 -16.65
CA VAL G 210 48.08 24.95 -16.50
C VAL G 210 48.95 26.02 -15.86
N ASP G 211 50.07 25.59 -15.29
CA ASP G 211 51.02 26.49 -14.66
C ASP G 211 52.06 26.91 -15.71
N ALA G 212 53.18 27.48 -15.26
CA ALA G 212 54.22 27.93 -16.19
C ALA G 212 54.88 26.75 -16.90
N LYS G 213 55.02 25.61 -16.23
CA LYS G 213 55.60 24.42 -16.83
C LYS G 213 54.60 23.61 -17.67
N GLY G 214 53.37 24.09 -17.81
CA GLY G 214 52.39 23.36 -18.60
C GLY G 214 51.70 22.21 -17.89
N ARG G 215 51.74 22.18 -16.56
CA ARG G 215 51.11 21.13 -15.79
C ARG G 215 49.82 21.62 -15.15
N LEU G 216 48.87 20.70 -14.97
CA LEU G 216 47.54 21.05 -14.50
C LEU G 216 47.60 21.75 -13.14
N ARG G 217 46.87 22.87 -13.03
CA ARG G 217 46.87 23.66 -11.82
C ARG G 217 46.12 22.96 -10.69
N ILE G 218 46.49 23.30 -9.46
CA ILE G 218 45.80 22.80 -8.28
C ILE G 218 46.11 23.75 -7.12
N ALA G 219 45.15 23.91 -6.22
CA ALA G 219 45.28 24.82 -5.08
C ALA G 219 45.15 24.04 -3.77
N ALA G 220 45.43 24.73 -2.67
CA ALA G 220 45.40 24.12 -1.35
C ALA G 220 44.92 25.14 -0.33
N ALA G 221 44.19 24.65 0.68
CA ALA G 221 43.63 25.48 1.72
C ALA G 221 44.40 25.31 3.03
N VAL G 222 44.29 26.30 3.89
CA VAL G 222 44.93 26.30 5.21
C VAL G 222 44.02 27.00 6.20
N GLY G 223 43.91 26.45 7.41
CA GLY G 223 43.15 27.08 8.46
C GLY G 223 43.94 28.15 9.20
N ILE G 224 43.23 28.91 10.03
CA ILE G 224 43.84 30.04 10.74
C ILE G 224 44.41 29.67 12.10
N ASN G 225 44.27 28.41 12.53
CA ASN G 225 44.82 27.97 13.79
C ASN G 225 46.17 27.30 13.57
N GLY G 226 46.96 27.25 14.65
CA GLY G 226 48.31 26.72 14.54
C GLY G 226 49.26 27.73 13.92
N ASP G 227 50.30 27.19 13.26
CA ASP G 227 51.32 28.01 12.61
C ASP G 227 50.93 28.15 11.14
N VAL G 228 50.17 29.19 10.84
CA VAL G 228 49.66 29.38 9.48
C VAL G 228 50.80 29.62 8.51
N GLY G 229 51.82 30.37 8.92
CA GLY G 229 52.93 30.65 8.02
C GLY G 229 53.72 29.41 7.67
N ALA G 230 54.08 28.61 8.68
CA ALA G 230 54.85 27.41 8.41
C ALA G 230 54.07 26.43 7.54
N LYS G 231 52.76 26.33 7.77
CA LYS G 231 51.92 25.50 6.90
C LYS G 231 51.88 26.04 5.48
N ALA G 232 51.51 27.31 5.33
CA ALA G 232 51.40 27.93 4.02
C ALA G 232 52.67 27.76 3.19
N GLN G 233 53.84 27.76 3.84
CA GLN G 233 55.07 27.56 3.10
C GLN G 233 55.21 26.12 2.62
N ALA G 234 54.85 25.15 3.47
CA ALA G 234 54.89 23.75 3.06
C ALA G 234 53.92 23.48 1.91
N LEU G 235 52.75 24.13 1.94
CA LEU G 235 51.82 24.00 0.83
C LEU G 235 52.40 24.56 -0.46
N ALA G 236 53.13 25.68 -0.37
CA ALA G 236 53.79 26.23 -1.55
C ALA G 236 54.95 25.35 -2.00
N GLU G 237 55.71 24.81 -1.06
CA GLU G 237 56.83 23.94 -1.42
C GLU G 237 56.34 22.65 -2.08
N ALA G 238 55.13 22.19 -1.73
CA ALA G 238 54.58 20.99 -2.33
C ALA G 238 54.17 21.21 -3.78
N GLY G 239 53.99 22.45 -4.20
CA GLY G 239 53.63 22.78 -5.56
C GLY G 239 52.26 23.41 -5.76
N ALA G 240 51.62 23.92 -4.71
CA ALA G 240 50.32 24.55 -4.86
C ALA G 240 50.43 25.82 -5.67
N ASP G 241 49.51 26.01 -6.62
CA ASP G 241 49.50 27.19 -7.46
C ASP G 241 48.71 28.34 -6.86
N LEU G 242 48.02 28.11 -5.75
CA LEU G 242 47.20 29.12 -5.10
C LEU G 242 46.89 28.67 -3.68
N LEU G 243 46.83 29.62 -2.76
CA LEU G 243 46.56 29.32 -1.36
C LEU G 243 45.26 29.98 -0.93
N VAL G 244 44.49 29.26 -0.11
CA VAL G 244 43.23 29.74 0.43
C VAL G 244 43.33 29.71 1.95
N ILE G 245 43.22 30.87 2.58
CA ILE G 245 43.10 30.95 4.03
C ILE G 245 41.62 31.04 4.35
N ASP G 246 41.10 30.02 5.03
CA ASP G 246 39.66 29.79 5.08
C ASP G 246 39.17 29.65 6.52
N THR G 247 38.08 30.33 6.83
CA THR G 247 37.40 30.21 8.12
C THR G 247 35.99 30.75 7.95
N ALA G 248 35.11 30.39 8.89
CA ALA G 248 33.71 30.82 8.81
C ALA G 248 33.60 32.33 8.92
N HIS G 249 34.09 32.89 10.04
CA HIS G 249 34.05 34.32 10.28
C HIS G 249 35.39 34.91 9.88
N GLY G 250 35.52 35.28 8.61
CA GLY G 250 36.77 35.84 8.11
C GLY G 250 37.08 37.22 8.63
N HIS G 251 36.09 37.93 9.18
CA HIS G 251 36.29 39.30 9.64
C HIS G 251 36.64 39.35 11.12
N GLN G 252 37.60 38.52 11.53
CA GLN G 252 38.07 38.51 12.91
C GLN G 252 39.57 38.75 12.94
N ALA G 253 40.06 39.18 14.11
CA ALA G 253 41.46 39.57 14.23
C ALA G 253 42.39 38.42 13.90
N LYS G 254 42.04 37.19 14.32
CA LYS G 254 42.90 36.04 14.08
C LYS G 254 43.13 35.81 12.59
N MET G 255 42.11 36.06 11.76
CA MET G 255 42.28 35.91 10.32
C MET G 255 43.20 36.99 9.76
N LEU G 256 43.03 38.23 10.20
CA LEU G 256 43.89 39.31 9.72
C LEU G 256 45.34 39.04 10.06
N ASP G 257 45.61 38.48 11.25
CA ASP G 257 46.98 38.10 11.60
C ASP G 257 47.47 36.97 10.70
N ALA G 258 46.60 36.02 10.36
CA ALA G 258 47.01 34.91 9.50
C ALA G 258 47.33 35.39 8.10
N ILE G 259 46.58 36.37 7.59
CA ILE G 259 46.86 36.91 6.26
C ILE G 259 48.22 37.62 6.25
N LYS G 260 48.46 38.48 7.24
CA LYS G 260 49.77 39.13 7.35
C LYS G 260 50.87 38.09 7.52
N ALA G 261 50.60 37.04 8.31
CA ALA G 261 51.59 35.99 8.50
C ALA G 261 51.99 35.35 7.18
N VAL G 262 51.01 35.06 6.32
CA VAL G 262 51.31 34.40 5.05
C VAL G 262 51.82 35.40 4.03
N ALA G 263 51.28 36.62 4.03
CA ALA G 263 51.70 37.62 3.04
C ALA G 263 53.15 38.02 3.24
N SER G 264 53.62 38.09 4.49
CA SER G 264 55.00 38.43 4.77
C SER G 264 55.98 37.36 4.34
N LEU G 265 55.50 36.15 4.01
CA LEU G 265 56.39 35.10 3.52
C LEU G 265 56.89 35.38 2.11
N ASP G 266 56.12 36.14 1.33
CA ASP G 266 56.43 36.44 -0.07
C ASP G 266 56.64 35.14 -0.86
N LEU G 267 55.54 34.43 -1.05
CA LEU G 267 55.56 33.16 -1.75
C LEU G 267 55.29 33.28 -3.25
N GLY G 268 54.83 34.42 -3.71
CA GLY G 268 54.58 34.61 -5.13
C GLY G 268 53.34 33.94 -5.66
N LEU G 269 52.41 33.54 -4.79
CA LEU G 269 51.20 32.86 -5.19
C LEU G 269 49.97 33.72 -4.89
N PRO G 270 48.91 33.60 -5.69
CA PRO G 270 47.65 34.29 -5.34
C PRO G 270 47.15 33.84 -3.98
N LEU G 271 46.65 34.81 -3.21
CA LEU G 271 46.28 34.60 -1.81
C LEU G 271 44.80 34.89 -1.63
N VAL G 272 44.02 33.85 -1.34
CA VAL G 272 42.57 33.97 -1.14
C VAL G 272 42.29 33.91 0.35
N ALA G 273 41.36 34.76 0.82
CA ALA G 273 40.95 34.76 2.22
C ALA G 273 39.46 34.99 2.31
N GLY G 274 38.83 34.34 3.29
CA GLY G 274 37.40 34.46 3.51
C GLY G 274 37.01 33.71 4.76
N ASN G 275 35.71 33.78 5.10
CA ASN G 275 34.70 34.44 4.28
C ASN G 275 34.13 35.70 4.94
N VAL G 276 33.71 36.66 4.11
CA VAL G 276 33.05 37.88 4.56
C VAL G 276 31.87 38.15 3.65
N VAL G 277 31.01 39.07 4.08
CA VAL G 277 29.85 39.47 3.27
C VAL G 277 29.65 40.98 3.33
N SER G 278 30.68 41.72 3.74
CA SER G 278 30.59 43.17 3.86
C SER G 278 31.72 43.83 3.09
N ALA G 279 31.51 45.10 2.73
CA ALA G 279 32.55 45.86 2.07
C ALA G 279 33.72 46.15 3.02
N GLU G 280 33.40 46.42 4.30
CA GLU G 280 34.46 46.65 5.27
C GLU G 280 35.35 45.41 5.43
N GLY G 281 34.74 44.23 5.52
CA GLY G 281 35.52 43.02 5.64
C GLY G 281 36.37 42.76 4.40
N THR G 282 35.83 43.05 3.22
CA THR G 282 36.59 42.86 2.00
C THR G 282 37.83 43.75 1.96
N ARG G 283 37.69 45.01 2.38
CA ARG G 283 38.84 45.92 2.43
C ARG G 283 39.84 45.48 3.49
N ASP G 284 39.36 45.05 4.65
CA ASP G 284 40.26 44.64 5.72
C ASP G 284 41.11 43.44 5.31
N LEU G 285 40.54 42.50 4.55
CA LEU G 285 41.30 41.32 4.15
C LEU G 285 42.30 41.66 3.06
N ILE G 286 41.91 42.52 2.11
CA ILE G 286 42.83 42.93 1.05
C ILE G 286 43.98 43.74 1.64
N GLU G 287 43.67 44.65 2.57
CA GLU G 287 44.70 45.47 3.20
C GLU G 287 45.69 44.60 3.98
N ALA G 288 45.24 43.46 4.49
CA ALA G 288 46.14 42.57 5.22
C ALA G 288 47.06 41.78 4.30
N GLY G 289 46.76 41.72 3.00
CA GLY G 289 47.63 41.04 2.06
C GLY G 289 46.96 40.11 1.09
N ALA G 290 45.65 39.91 1.22
CA ALA G 290 44.93 39.01 0.32
C ALA G 290 44.65 39.69 -1.01
N SER G 291 44.89 38.95 -2.10
CA SER G 291 44.57 39.44 -3.44
C SER G 291 43.15 39.06 -3.87
N ILE G 292 42.59 38.00 -3.30
CA ILE G 292 41.22 37.57 -3.60
C ILE G 292 40.48 37.37 -2.29
N VAL G 293 39.25 37.87 -2.22
CA VAL G 293 38.40 37.74 -1.05
C VAL G 293 37.30 36.73 -1.36
N LYS G 294 37.12 35.75 -0.47
CA LYS G 294 36.07 34.75 -0.61
C LYS G 294 34.83 35.24 0.13
N VAL G 295 33.70 35.26 -0.57
CA VAL G 295 32.48 35.90 -0.08
C VAL G 295 31.40 34.85 0.11
N GLY G 296 30.81 34.82 1.30
CA GLY G 296 29.71 33.92 1.58
C GLY G 296 29.65 33.45 3.01
N VAL G 297 28.61 33.85 3.74
CA VAL G 297 28.37 33.41 5.11
C VAL G 297 26.95 32.87 5.14
N GLY G 298 26.79 31.55 5.16
CA GLY G 298 25.48 30.96 5.27
C GLY G 298 24.93 30.14 4.11
N PRO G 299 25.14 30.56 2.86
CA PRO G 299 24.35 29.96 1.76
C PRO G 299 24.76 28.55 1.39
N GLY G 300 25.82 27.99 1.97
CA GLY G 300 26.26 26.66 1.60
C GLY G 300 25.18 25.62 1.89
N ALA G 301 25.06 24.64 0.98
CA ALA G 301 24.02 23.63 1.08
C ALA G 301 24.18 22.76 2.32
N MET G 302 25.37 22.69 2.90
CA MET G 302 25.61 21.92 4.12
C MET G 302 25.57 22.77 5.38
N CYS G 303 25.32 24.07 5.26
CA CYS G 303 25.46 24.98 6.39
C CYS G 303 24.15 25.10 7.16
N THR G 304 24.27 25.22 8.47
CA THR G 304 23.16 25.57 9.35
C THR G 304 23.41 26.89 10.07
N THR G 305 24.39 27.68 9.61
CA THR G 305 24.77 28.90 10.29
C THR G 305 23.60 29.88 10.40
N ARG G 306 22.86 30.06 9.30
CA ARG G 306 21.71 30.96 9.32
C ARG G 306 20.69 30.54 10.36
N MET G 307 20.46 29.22 10.50
CA MET G 307 19.45 28.73 11.44
C MET G 307 19.98 28.73 12.88
N MET G 308 21.29 28.59 13.07
CA MET G 308 21.83 28.59 14.43
C MET G 308 21.99 29.99 15.00
N THR G 309 22.38 30.95 14.15
CA THR G 309 22.82 32.25 14.62
C THR G 309 22.02 33.43 14.06
N GLY G 310 21.26 33.24 12.99
CA GLY G 310 20.68 34.36 12.29
C GLY G 310 21.66 35.19 11.49
N VAL G 311 22.93 34.80 11.47
CA VAL G 311 23.98 35.55 10.78
C VAL G 311 24.11 35.04 9.35
N GLY G 312 24.31 35.97 8.43
CA GLY G 312 24.41 35.65 7.03
C GLY G 312 23.82 36.77 6.20
N ARG G 313 24.09 36.72 4.89
CA ARG G 313 23.61 37.75 4.00
C ARG G 313 23.20 37.12 2.68
N PRO G 314 22.06 37.56 2.11
CA PRO G 314 21.67 37.10 0.77
C PRO G 314 22.82 37.23 -0.22
N GLN G 315 23.18 36.10 -0.85
CA GLN G 315 24.48 35.99 -1.48
C GLN G 315 24.65 36.97 -2.64
N PHE G 316 23.59 37.21 -3.40
CA PHE G 316 23.74 38.12 -4.55
C PHE G 316 24.08 39.53 -4.09
N SER G 317 23.33 40.06 -3.12
CA SER G 317 23.65 41.38 -2.58
C SER G 317 25.02 41.40 -1.94
N ALA G 318 25.44 40.29 -1.32
CA ALA G 318 26.76 40.25 -0.70
C ALA G 318 27.87 40.29 -1.75
N VAL G 319 27.68 39.60 -2.87
CA VAL G 319 28.69 39.61 -3.92
C VAL G 319 28.78 40.98 -4.57
N VAL G 320 27.64 41.65 -4.75
CA VAL G 320 27.64 42.97 -5.38
C VAL G 320 28.46 43.95 -4.55
N GLU G 321 28.17 44.04 -3.26
CA GLU G 321 28.86 45.00 -2.40
C GLU G 321 30.34 44.64 -2.24
N CYS G 322 30.65 43.35 -2.08
CA CYS G 322 32.04 42.97 -1.87
C CYS G 322 32.86 43.09 -3.14
N ALA G 323 32.28 42.72 -4.29
CA ALA G 323 33.01 42.86 -5.55
C ALA G 323 33.35 44.33 -5.82
N ALA G 324 32.40 45.23 -5.59
CA ALA G 324 32.66 46.65 -5.80
C ALA G 324 33.76 47.16 -4.88
N ALA G 325 33.77 46.71 -3.61
CA ALA G 325 34.81 47.13 -2.69
C ALA G 325 36.18 46.59 -3.10
N ALA G 326 36.23 45.33 -3.52
CA ALA G 326 37.49 44.74 -3.96
C ALA G 326 37.95 45.34 -5.28
N ARG G 327 37.00 45.64 -6.18
CA ARG G 327 37.37 46.23 -7.46
C ARG G 327 38.08 47.57 -7.28
N GLN G 328 37.72 48.33 -6.24
CA GLN G 328 38.32 49.63 -6.03
C GLN G 328 39.74 49.55 -5.47
N LEU G 329 40.10 48.45 -4.81
CA LEU G 329 41.46 48.22 -4.33
C LEU G 329 42.27 47.34 -5.25
N GLY G 330 41.75 47.03 -6.44
CA GLY G 330 42.45 46.17 -7.36
C GLY G 330 42.43 44.70 -7.01
N GLY G 331 41.53 44.28 -6.12
CA GLY G 331 41.38 42.89 -5.76
C GLY G 331 40.23 42.22 -6.49
N HIS G 332 39.95 40.98 -6.09
CA HIS G 332 38.92 40.18 -6.72
C HIS G 332 38.09 39.47 -5.66
N VAL G 333 36.99 38.85 -6.10
CA VAL G 333 36.00 38.27 -5.21
C VAL G 333 35.56 36.92 -5.75
N TRP G 334 35.54 35.91 -4.89
CA TRP G 334 35.00 34.60 -5.21
C TRP G 334 33.63 34.43 -4.56
N ALA G 335 32.63 34.07 -5.37
CA ALA G 335 31.29 33.81 -4.86
C ALA G 335 31.22 32.37 -4.34
N ASP G 336 31.17 32.21 -3.02
CA ASP G 336 31.31 30.91 -2.37
C ASP G 336 29.98 30.52 -1.71
N GLY G 337 29.30 29.56 -2.28
CA GLY G 337 28.16 28.95 -1.61
C GLY G 337 26.84 29.21 -2.34
N GLY G 338 25.93 28.25 -2.22
CA GLY G 338 24.56 28.41 -2.68
C GLY G 338 24.31 28.18 -4.15
N VAL G 339 25.28 27.63 -4.89
CA VAL G 339 25.08 27.38 -6.31
C VAL G 339 24.31 26.07 -6.48
N ARG G 340 23.15 26.16 -7.14
CA ARG G 340 22.32 24.99 -7.41
C ARG G 340 22.07 24.77 -8.89
N HIS G 341 22.12 25.82 -9.70
CA HIS G 341 21.81 25.76 -11.13
C HIS G 341 22.75 26.69 -11.87
N PRO G 342 22.87 26.54 -13.18
CA PRO G 342 23.79 27.41 -13.94
C PRO G 342 23.51 28.90 -13.77
N ARG G 343 22.24 29.30 -13.61
CA ARG G 343 21.93 30.72 -13.44
C ARG G 343 22.62 31.30 -12.22
N ASP G 344 22.89 30.49 -11.20
CA ASP G 344 23.58 30.98 -10.02
C ASP G 344 25.02 31.36 -10.33
N VAL G 345 25.67 30.62 -11.23
CA VAL G 345 27.03 30.96 -11.64
C VAL G 345 27.04 32.22 -12.47
N ALA G 346 26.09 32.34 -13.41
CA ALA G 346 26.05 33.51 -14.29
C ALA G 346 25.70 34.77 -13.53
N LEU G 347 24.74 34.69 -12.60
CA LEU G 347 24.37 35.86 -11.82
C LEU G 347 25.51 36.31 -10.91
N ALA G 348 26.26 35.35 -10.36
CA ALA G 348 27.39 35.71 -9.51
C ALA G 348 28.48 36.43 -10.30
N LEU G 349 28.70 36.03 -11.55
CA LEU G 349 29.64 36.74 -12.40
C LEU G 349 29.11 38.12 -12.78
N ALA G 350 27.81 38.21 -13.08
CA ALA G 350 27.20 39.51 -13.38
C ALA G 350 27.26 40.44 -12.17
N ALA G 351 27.25 39.87 -10.96
CA ALA G 351 27.35 40.69 -9.76
C ALA G 351 28.75 41.24 -9.53
N GLY G 352 29.76 40.75 -10.26
CA GLY G 352 31.11 41.23 -10.15
C GLY G 352 32.13 40.21 -9.69
N ALA G 353 31.74 38.98 -9.36
CA ALA G 353 32.71 37.99 -8.92
C ALA G 353 33.60 37.54 -10.08
N SER G 354 34.86 37.25 -9.75
CA SER G 354 35.80 36.74 -10.74
C SER G 354 35.75 35.24 -10.87
N ASN G 355 35.34 34.54 -9.82
CA ASN G 355 35.23 33.08 -9.83
C ASN G 355 34.08 32.68 -8.91
N VAL G 356 33.57 31.48 -9.15
CA VAL G 356 32.45 30.94 -8.38
C VAL G 356 32.91 29.63 -7.76
N MET G 357 32.80 29.52 -6.44
CA MET G 357 33.16 28.29 -5.74
C MET G 357 31.92 27.44 -5.55
N ILE G 358 32.00 26.18 -5.98
CA ILE G 358 30.88 25.24 -5.87
C ILE G 358 31.35 24.03 -5.08
N GLY G 359 30.47 23.53 -4.20
CA GLY G 359 30.82 22.41 -3.36
C GLY G 359 29.93 21.19 -3.49
N SER G 360 28.81 21.19 -2.78
CA SER G 360 28.01 19.98 -2.63
C SER G 360 27.43 19.49 -3.95
N TRP G 361 27.17 20.41 -4.89
CA TRP G 361 26.65 20.01 -6.20
C TRP G 361 27.56 18.99 -6.87
N PHE G 362 28.87 19.13 -6.68
CA PHE G 362 29.81 18.24 -7.33
C PHE G 362 30.08 16.95 -6.53
N ALA G 363 29.55 16.85 -5.31
CA ALA G 363 29.71 15.61 -4.55
C ALA G 363 28.95 14.47 -5.21
N GLY G 364 27.82 14.75 -5.84
CA GLY G 364 27.07 13.73 -6.54
C GLY G 364 27.59 13.47 -7.95
N THR G 365 28.88 13.17 -8.06
CA THR G 365 29.51 12.82 -9.33
C THR G 365 30.40 11.60 -9.12
N TYR G 366 30.79 10.98 -10.23
CA TYR G 366 31.68 9.83 -10.16
C TYR G 366 33.05 10.20 -9.59
N GLU G 367 33.53 11.42 -9.88
CA GLU G 367 34.91 11.80 -9.56
C GLU G 367 35.08 12.28 -8.12
N SER G 368 34.01 12.45 -7.35
CA SER G 368 34.16 12.89 -5.97
C SER G 368 34.71 11.75 -5.11
N PRO G 369 35.36 12.08 -3.99
CA PRO G 369 36.07 11.03 -3.23
C PRO G 369 35.16 9.98 -2.60
N GLY G 370 33.91 10.31 -2.30
CA GLY G 370 33.05 9.39 -1.60
C GLY G 370 32.69 8.17 -2.43
N ASP G 371 32.32 7.10 -1.72
CA ASP G 371 31.89 5.88 -2.40
C ASP G 371 30.49 6.05 -2.96
N LEU G 372 30.26 5.42 -4.11
CA LEU G 372 28.95 5.44 -4.75
C LEU G 372 28.01 4.51 -4.01
N LEU G 373 26.86 5.04 -3.57
CA LEU G 373 25.88 4.29 -2.82
C LEU G 373 24.56 4.28 -3.57
N PHE G 374 23.66 3.39 -3.12
CA PHE G 374 22.34 3.24 -3.74
C PHE G 374 21.29 3.12 -2.65
N ASP G 375 20.17 3.81 -2.83
CA ASP G 375 19.06 3.70 -1.91
C ASP G 375 18.27 2.42 -2.20
N ARG G 376 17.11 2.27 -1.57
CA ARG G 376 16.29 1.07 -1.79
C ARG G 376 15.78 0.97 -3.23
N ASP G 377 15.69 2.09 -3.95
CA ASP G 377 15.22 2.10 -5.31
C ASP G 377 16.34 1.98 -6.33
N ASP G 378 17.55 1.62 -5.90
CA ASP G 378 18.72 1.49 -6.76
C ASP G 378 19.06 2.81 -7.46
N ARG G 379 18.80 3.93 -6.79
CA ARG G 379 19.21 5.23 -7.35
C ARG G 379 20.59 5.60 -6.83
N PRO G 380 21.52 5.97 -7.69
CA PRO G 380 22.87 6.29 -7.24
C PRO G 380 22.93 7.63 -6.52
N TYR G 381 23.76 7.69 -5.47
CA TYR G 381 23.94 8.93 -4.72
C TYR G 381 25.27 8.84 -3.97
N LYS G 382 25.70 9.98 -3.43
CA LYS G 382 26.90 10.05 -2.62
C LYS G 382 26.65 10.95 -1.42
N GLU G 383 27.45 10.74 -0.38
CA GLU G 383 27.34 11.53 0.85
C GLU G 383 28.04 12.87 0.70
N SER G 384 27.43 13.90 1.27
CA SER G 384 28.06 15.21 1.43
C SER G 384 27.85 15.67 2.86
N TYR G 385 28.79 16.47 3.35
CA TYR G 385 28.71 16.95 4.73
C TYR G 385 29.55 18.22 4.86
N GLY G 386 29.18 19.04 5.84
CA GLY G 386 29.87 20.30 6.04
C GLY G 386 31.17 20.13 6.80
N MET G 387 32.11 21.06 6.53
CA MET G 387 33.42 21.04 7.17
C MET G 387 33.38 21.50 8.63
N ALA G 388 32.22 21.89 9.15
CA ALA G 388 32.06 22.26 10.55
C ALA G 388 31.03 21.40 11.27
N SER G 389 30.76 20.20 10.76
CA SER G 389 29.83 19.28 11.38
C SER G 389 30.55 18.38 12.37
N LYS G 390 29.77 17.58 13.11
CA LYS G 390 30.35 16.62 14.04
C LYS G 390 31.27 15.64 13.31
N ARG G 391 30.86 15.16 12.15
CA ARG G 391 31.67 14.20 11.40
C ARG G 391 32.99 14.82 10.96
N ALA G 392 32.97 16.07 10.49
CA ALA G 392 34.19 16.69 10.00
C ALA G 392 35.11 17.10 11.14
N VAL G 393 34.55 17.64 12.23
CA VAL G 393 35.37 18.08 13.35
C VAL G 393 36.00 16.88 14.06
N ALA G 394 35.28 15.76 14.12
CA ALA G 394 35.80 14.57 14.80
C ALA G 394 37.08 14.07 14.13
N ALA G 395 37.11 14.04 12.80
CA ALA G 395 38.31 13.63 12.09
C ALA G 395 39.42 14.68 12.20
N ARG G 396 39.05 15.95 12.28
CA ARG G 396 40.03 17.03 12.35
C ARG G 396 40.64 17.18 13.74
N THR G 397 39.94 16.73 14.79
CA THR G 397 40.40 16.86 16.16
C THR G 397 40.67 15.51 16.81
N ALA G 398 40.82 14.45 16.02
CA ALA G 398 41.01 13.10 16.55
C ALA G 398 42.13 13.02 17.58
N GLY G 399 43.19 13.84 17.41
CA GLY G 399 44.34 13.76 18.28
C GLY G 399 44.17 14.39 19.65
N ASP G 400 43.10 15.16 19.86
CA ASP G 400 42.91 15.84 21.13
C ASP G 400 42.40 14.86 22.20
N SER G 401 42.43 15.32 23.45
CA SER G 401 41.89 14.53 24.54
C SER G 401 40.36 14.44 24.42
N SER G 402 39.80 13.44 25.10
CA SER G 402 38.35 13.25 25.08
C SER G 402 37.63 14.40 25.76
N PHE G 403 38.28 15.07 26.72
CA PHE G 403 37.64 16.20 27.40
C PHE G 403 37.53 17.41 26.48
N ASP G 404 38.57 17.70 25.71
CA ASP G 404 38.52 18.83 24.80
C ASP G 404 37.57 18.56 23.64
N ARG G 405 37.57 17.33 23.11
CA ARG G 405 36.66 17.00 22.02
C ARG G 405 35.20 17.06 22.49
N ALA G 406 34.95 16.82 23.78
CA ALA G 406 33.60 16.95 24.31
C ALA G 406 33.16 18.41 24.38
N ARG G 407 34.04 19.28 24.92
CA ARG G 407 33.69 20.70 25.02
C ARG G 407 33.49 21.32 23.64
N LYS G 408 34.37 20.99 22.69
CA LYS G 408 34.26 21.54 21.35
C LYS G 408 33.03 21.05 20.61
N GLY G 409 32.44 19.93 21.04
CA GLY G 409 31.22 19.44 20.45
C GLY G 409 30.00 20.30 20.72
N LEU G 410 30.13 21.32 21.58
CA LEU G 410 29.03 22.25 21.81
C LEU G 410 28.65 22.99 20.54
N PHE G 411 29.61 23.19 19.63
CA PHE G 411 29.41 23.99 18.43
C PHE G 411 29.32 23.09 17.21
N GLU G 412 28.25 23.25 16.43
CA GLU G 412 28.10 22.55 15.16
C GLU G 412 27.28 23.43 14.23
N GLU G 413 27.89 23.87 13.13
CA GLU G 413 27.21 24.72 12.17
C GLU G 413 27.20 24.10 10.77
N GLY G 414 27.13 22.77 10.72
CA GLY G 414 27.11 22.04 9.47
C GLY G 414 26.47 20.69 9.67
N ILE G 415 25.86 20.16 8.61
CA ILE G 415 25.20 18.87 8.72
C ILE G 415 26.22 17.76 8.52
N SER G 416 25.99 16.62 9.16
CA SER G 416 26.96 15.54 9.15
C SER G 416 26.73 14.53 8.03
N THR G 417 25.56 14.54 7.40
CA THR G 417 25.29 13.62 6.30
C THR G 417 24.18 14.16 5.42
N SER G 418 24.32 13.96 4.11
CA SER G 418 23.32 14.37 3.13
C SER G 418 23.46 13.46 1.91
N ARG G 419 22.34 13.23 1.23
CA ARG G 419 22.32 12.38 0.04
C ARG G 419 22.27 13.27 -1.20
N MET G 420 23.37 13.30 -1.96
CA MET G 420 23.47 14.04 -3.21
C MET G 420 23.34 13.04 -4.35
N SER G 421 22.26 13.15 -5.12
CA SER G 421 21.96 12.16 -6.15
C SER G 421 22.77 12.43 -7.41
N LEU G 422 23.16 11.35 -8.08
CA LEU G 422 23.84 11.43 -9.37
C LEU G 422 22.81 11.40 -10.49
N ASP G 423 23.02 12.26 -11.49
CA ASP G 423 22.22 12.20 -12.69
C ASP G 423 22.43 10.82 -13.33
N PRO G 424 21.40 9.98 -13.43
CA PRO G 424 21.62 8.60 -13.88
C PRO G 424 22.24 8.48 -15.26
N ALA G 425 22.02 9.48 -16.13
CA ALA G 425 22.64 9.49 -17.45
C ALA G 425 23.95 10.27 -17.46
N ARG G 426 23.94 11.46 -16.86
CA ARG G 426 25.10 12.36 -16.87
C ARG G 426 25.67 12.48 -15.47
N GLY G 427 26.30 11.41 -15.00
CA GLY G 427 26.81 11.35 -13.65
C GLY G 427 28.22 11.87 -13.45
N GLY G 428 28.88 12.36 -14.48
CA GLY G 428 30.23 12.88 -14.35
C GLY G 428 30.26 14.38 -14.10
N VAL G 429 31.33 14.82 -13.44
CA VAL G 429 31.46 16.25 -13.14
C VAL G 429 31.63 17.06 -14.42
N GLU G 430 32.21 16.45 -15.47
CA GLU G 430 32.34 17.15 -16.75
C GLU G 430 30.98 17.42 -17.38
N ASP G 431 29.99 16.58 -17.08
CA ASP G 431 28.63 16.85 -17.56
C ASP G 431 28.05 18.07 -16.86
N LEU G 432 28.36 18.24 -15.56
CA LEU G 432 27.93 19.45 -14.88
C LEU G 432 28.67 20.67 -15.38
N LEU G 433 29.96 20.52 -15.71
CA LEU G 433 30.71 21.63 -16.29
C LEU G 433 30.11 22.06 -17.62
N ASP G 434 29.75 21.09 -18.47
CA ASP G 434 29.02 21.40 -19.70
C ASP G 434 27.73 22.14 -19.38
N HIS G 435 26.99 21.66 -18.38
CA HIS G 435 25.73 22.29 -17.99
C HIS G 435 25.95 23.72 -17.53
N ILE G 436 27.01 23.96 -16.75
CA ILE G 436 27.25 25.28 -16.18
C ILE G 436 27.79 26.25 -17.25
N THR G 437 28.83 25.83 -17.97
CA THR G 437 29.47 26.74 -18.91
C THR G 437 28.59 27.06 -20.10
N SER G 438 27.76 26.11 -20.55
CA SER G 438 26.84 26.41 -21.65
C SER G 438 25.82 27.47 -21.26
N GLY G 439 25.43 27.50 -19.98
CA GLY G 439 24.54 28.54 -19.52
C GLY G 439 25.21 29.90 -19.44
N VAL G 440 26.46 29.93 -18.93
CA VAL G 440 27.18 31.19 -18.83
C VAL G 440 27.47 31.76 -20.21
N ARG G 441 27.88 30.90 -21.15
CA ARG G 441 28.11 31.37 -22.52
C ARG G 441 26.84 31.95 -23.13
N SER G 442 25.69 31.36 -22.82
CA SER G 442 24.43 31.89 -23.32
C SER G 442 24.08 33.20 -22.64
N THR G 443 24.37 33.32 -21.35
CA THR G 443 24.17 34.60 -20.66
C THR G 443 24.97 35.72 -21.32
N CYS G 444 26.22 35.43 -21.69
CA CYS G 444 27.09 36.45 -22.26
C CYS G 444 26.55 36.96 -23.58
N THR G 445 26.13 36.04 -24.48
CA THR G 445 25.61 36.48 -25.76
C THR G 445 24.26 37.17 -25.61
N TYR G 446 23.49 36.82 -24.57
CA TYR G 446 22.23 37.51 -24.32
C TYR G 446 22.47 38.97 -23.94
N VAL G 447 23.51 39.23 -23.15
CA VAL G 447 23.84 40.61 -22.75
C VAL G 447 24.76 41.29 -23.75
N GLY G 448 25.30 40.57 -24.72
CA GLY G 448 26.18 41.16 -25.71
C GLY G 448 27.64 41.15 -25.35
N ALA G 449 28.05 40.32 -24.40
CA ALA G 449 29.43 40.27 -23.93
C ALA G 449 30.19 39.15 -24.63
N ALA G 450 31.45 39.42 -24.97
CA ALA G 450 32.33 38.43 -25.55
C ALA G 450 33.28 37.80 -24.54
N ASN G 451 33.26 38.28 -23.30
CA ASN G 451 34.11 37.75 -22.25
C ASN G 451 33.48 38.10 -20.90
N LEU G 452 34.11 37.63 -19.82
CA LEU G 452 33.59 37.83 -18.47
C LEU G 452 33.69 39.29 -18.03
N PRO G 453 34.80 40.01 -18.30
CA PRO G 453 34.79 41.44 -17.97
C PRO G 453 33.67 42.21 -18.65
N GLU G 454 33.37 41.91 -19.92
CA GLU G 454 32.27 42.58 -20.59
C GLU G 454 30.92 42.19 -20.00
N LEU G 455 30.81 40.98 -19.44
CA LEU G 455 29.56 40.58 -18.81
C LEU G 455 29.22 41.47 -17.63
N HIS G 456 30.17 41.64 -16.70
CA HIS G 456 29.94 42.51 -15.55
C HIS G 456 29.74 43.96 -15.98
N GLU G 457 30.37 44.36 -17.09
CA GLU G 457 30.31 45.75 -17.53
C GLU G 457 28.99 46.07 -18.23
N LYS G 458 28.48 45.16 -19.07
CA LYS G 458 27.33 45.46 -19.90
C LYS G 458 26.00 44.96 -19.33
N VAL G 459 26.02 44.23 -18.22
CA VAL G 459 24.80 43.56 -17.75
C VAL G 459 23.81 44.57 -17.18
N VAL G 460 22.53 44.36 -17.46
CA VAL G 460 21.44 45.08 -16.83
C VAL G 460 20.57 44.08 -16.09
N LEU G 461 20.32 44.34 -14.81
CA LEU G 461 19.63 43.40 -13.95
C LEU G 461 18.26 43.94 -13.53
N GLY G 462 17.40 43.04 -13.07
CA GLY G 462 16.10 43.43 -12.56
C GLY G 462 15.72 42.59 -11.36
N VAL G 463 14.76 43.11 -10.60
CA VAL G 463 14.24 42.44 -9.41
C VAL G 463 12.87 41.88 -9.74
N GLN G 464 12.58 40.69 -9.19
CA GLN G 464 11.31 40.02 -9.45
C GLN G 464 10.77 39.45 -8.14
N SER G 465 9.47 39.14 -8.15
CA SER G 465 8.84 38.46 -7.03
C SER G 465 9.03 36.95 -7.18
N ALA G 466 8.47 36.19 -6.24
CA ALA G 466 8.53 34.74 -6.34
C ALA G 466 7.77 34.23 -7.56
N ALA G 467 6.75 34.96 -8.00
CA ALA G 467 6.05 34.59 -9.23
C ALA G 467 6.94 34.75 -10.45
N GLY G 468 7.84 35.72 -10.43
CA GLY G 468 8.76 35.89 -11.55
C GLY G 468 9.75 34.74 -11.66
N PHE G 469 10.27 34.27 -10.53
CA PHE G 469 11.20 33.15 -10.54
C PHE G 469 10.51 31.86 -10.97
N ALA G 470 9.21 31.74 -10.72
CA ALA G 470 8.49 30.54 -11.09
C ALA G 470 8.20 30.44 -12.59
N GLU G 471 8.31 31.55 -13.32
CA GLU G 471 8.05 31.53 -14.76
C GLU G 471 9.08 30.66 -15.47
N GLY G 472 8.59 29.70 -16.25
CA GLY G 472 9.42 28.73 -16.94
C GLY G 472 9.26 27.35 -16.34
N HIS G 473 10.07 26.42 -16.87
CA HIS G 473 10.06 25.06 -16.33
C HIS G 473 11.30 24.83 -15.47
N PRO G 474 11.18 24.07 -14.37
CA PRO G 474 12.33 23.76 -13.52
C PRO G 474 13.36 22.86 -14.19
N VAL H 2 -1.10 52.35 -19.86
CA VAL H 2 -2.08 51.76 -18.97
C VAL H 2 -2.05 52.41 -17.60
N ARG H 3 -3.19 52.43 -16.93
CA ARG H 3 -3.34 53.10 -15.64
C ARG H 3 -3.26 52.07 -14.52
N PHE H 4 -2.41 52.36 -13.53
CA PHE H 4 -2.35 51.60 -12.29
C PHE H 4 -2.94 52.44 -11.17
N LEU H 5 -3.45 51.75 -10.15
CA LEU H 5 -3.99 52.43 -8.97
C LEU H 5 -2.90 53.30 -8.33
N ASP H 6 -3.34 54.35 -7.63
CA ASP H 6 -2.42 55.27 -7.00
C ASP H 6 -1.54 54.56 -5.97
N GLY H 7 -0.23 54.78 -6.07
CA GLY H 7 0.72 54.17 -5.17
C GLY H 7 1.20 52.79 -5.57
N HIS H 8 0.62 52.19 -6.60
CA HIS H 8 1.02 50.86 -7.05
C HIS H 8 2.18 50.98 -8.04
N THR H 9 3.35 51.30 -7.49
CA THR H 9 4.59 51.42 -8.26
C THR H 9 5.65 50.56 -7.59
N PRO H 10 5.62 49.25 -7.83
CA PRO H 10 6.53 48.35 -7.11
C PRO H 10 7.97 48.51 -7.56
N ALA H 11 8.88 48.05 -6.68
CA ALA H 11 10.31 48.04 -6.96
C ALA H 11 10.75 46.75 -7.66
N TYR H 12 9.90 46.18 -8.51
CA TYR H 12 10.20 44.95 -9.20
C TYR H 12 9.28 44.83 -10.40
N ASP H 13 9.64 43.95 -11.33
CA ASP H 13 8.81 43.69 -12.50
C ASP H 13 7.79 42.60 -12.22
N LEU H 14 6.70 42.62 -12.98
CA LEU H 14 5.48 41.90 -12.66
C LEU H 14 5.20 40.79 -13.67
N THR H 15 4.70 39.67 -13.18
CA THR H 15 4.12 38.63 -14.02
C THR H 15 2.61 38.77 -14.02
N TYR H 16 1.94 37.86 -14.74
CA TYR H 16 0.47 37.88 -14.77
C TYR H 16 -0.12 37.63 -13.38
N ASN H 17 0.58 36.87 -12.53
CA ASN H 17 0.08 36.58 -11.20
C ASN H 17 0.14 37.79 -10.27
N ASP H 18 0.98 38.77 -10.58
CA ASP H 18 1.20 39.91 -9.70
C ASP H 18 0.15 41.00 -9.85
N VAL H 19 -0.71 40.94 -10.87
CA VAL H 19 -1.58 42.04 -11.22
C VAL H 19 -3.04 41.59 -11.28
N PHE H 20 -3.93 42.57 -11.16
CA PHE H 20 -5.36 42.35 -11.27
C PHE H 20 -5.98 43.55 -11.98
N VAL H 21 -7.18 43.34 -12.52
CA VAL H 21 -7.95 44.38 -13.18
C VAL H 21 -9.10 44.79 -12.27
N VAL H 22 -9.21 46.09 -12.02
CA VAL H 22 -10.35 46.61 -11.25
C VAL H 22 -11.43 47.03 -12.26
N PRO H 23 -12.67 46.58 -12.09
CA PRO H 23 -13.71 46.90 -13.07
C PRO H 23 -14.07 48.37 -13.06
N GLY H 24 -14.65 48.81 -14.18
CA GLY H 24 -15.10 50.17 -14.34
C GLY H 24 -16.56 50.23 -14.76
N ARG H 25 -17.05 51.46 -14.90
CA ARG H 25 -18.42 51.69 -15.36
C ARG H 25 -18.59 51.15 -16.77
N SER H 26 -19.68 50.42 -17.00
CA SER H 26 -19.86 49.71 -18.25
C SER H 26 -21.29 49.83 -18.76
N ASP H 27 -21.42 49.97 -20.07
CA ASP H 27 -22.73 49.91 -20.71
C ASP H 27 -22.85 48.73 -21.68
N VAL H 28 -21.81 47.90 -21.79
CA VAL H 28 -21.87 46.72 -22.66
C VAL H 28 -22.91 45.76 -22.07
N ALA H 29 -24.02 45.58 -22.79
CA ALA H 29 -25.16 44.85 -22.23
C ALA H 29 -24.86 43.36 -22.10
N SER H 30 -24.13 42.79 -23.05
CA SER H 30 -23.82 41.38 -23.05
C SER H 30 -22.38 41.15 -23.44
N ARG H 31 -21.81 40.03 -22.98
CA ARG H 31 -20.46 39.65 -23.38
C ARG H 31 -20.40 39.23 -24.84
N PHE H 32 -21.56 38.94 -25.46
CA PHE H 32 -21.58 38.66 -26.89
C PHE H 32 -21.46 39.93 -27.73
N ASP H 33 -21.67 41.11 -27.15
CA ASP H 33 -21.54 42.35 -27.89
C ASP H 33 -20.09 42.79 -28.07
N VAL H 34 -19.15 42.12 -27.42
CA VAL H 34 -17.74 42.49 -27.53
C VAL H 34 -17.19 42.00 -28.86
N ASP H 35 -16.40 42.85 -29.52
CA ASP H 35 -15.71 42.50 -30.75
C ASP H 35 -14.28 42.11 -30.40
N LEU H 36 -13.93 40.85 -30.63
CA LEU H 36 -12.61 40.32 -30.28
C LEU H 36 -11.62 40.41 -31.44
N SER H 37 -11.97 41.09 -32.52
CA SER H 37 -11.09 41.21 -33.67
C SER H 37 -9.82 41.98 -33.32
N THR H 38 -8.73 41.64 -33.99
CA THR H 38 -7.44 42.28 -33.77
C THR H 38 -7.15 43.29 -34.87
N VAL H 39 -6.23 44.20 -34.58
CA VAL H 39 -5.92 45.32 -35.47
C VAL H 39 -4.44 45.37 -35.83
N ASP H 40 -3.74 44.23 -35.76
CA ASP H 40 -2.32 44.20 -36.06
C ASP H 40 -2.02 43.73 -37.48
N GLY H 41 -3.04 43.45 -38.28
CA GLY H 41 -2.85 42.97 -39.63
C GLY H 41 -2.78 41.47 -39.77
N SER H 42 -2.87 40.72 -38.68
CA SER H 42 -2.86 39.26 -38.79
C SER H 42 -4.16 38.73 -39.38
N GLY H 43 -5.26 39.47 -39.22
CA GLY H 43 -6.54 39.03 -39.72
C GLY H 43 -7.33 38.15 -38.78
N THR H 44 -6.86 37.94 -37.55
CA THR H 44 -7.57 37.09 -36.61
C THR H 44 -8.78 37.80 -36.04
N THR H 45 -9.87 37.05 -35.84
CA THR H 45 -11.06 37.60 -35.21
C THR H 45 -11.12 37.28 -33.71
N ILE H 46 -10.19 36.50 -33.20
CA ILE H 46 -9.97 36.33 -31.77
C ILE H 46 -8.48 36.53 -31.51
N PRO H 47 -8.09 37.05 -30.35
CA PRO H 47 -6.67 37.35 -30.10
C PRO H 47 -5.87 36.13 -29.67
N VAL H 48 -5.88 35.09 -30.50
CA VAL H 48 -5.21 33.84 -30.20
C VAL H 48 -4.36 33.44 -31.39
N VAL H 49 -3.06 33.24 -31.16
CA VAL H 49 -2.13 32.74 -32.16
C VAL H 49 -1.49 31.47 -31.60
N VAL H 50 -1.40 30.44 -32.42
CA VAL H 50 -0.81 29.17 -32.00
C VAL H 50 0.68 29.20 -32.33
N ALA H 51 1.50 28.83 -31.34
CA ALA H 51 2.95 28.96 -31.45
C ALA H 51 3.52 28.01 -32.49
N ASN H 52 4.64 28.42 -33.08
CA ASN H 52 5.35 27.63 -34.08
C ASN H 52 6.21 26.56 -33.40
N MET H 53 5.52 25.59 -32.81
CA MET H 53 6.16 24.46 -32.15
C MET H 53 5.67 23.17 -32.81
N THR H 54 6.60 22.25 -33.07
CA THR H 54 6.26 21.02 -33.76
C THR H 54 5.28 20.17 -32.96
N ALA H 55 5.26 20.32 -31.65
CA ALA H 55 4.31 19.57 -30.83
C ALA H 55 2.89 20.11 -30.90
N VAL H 56 2.69 21.29 -31.48
CA VAL H 56 1.40 21.98 -31.45
C VAL H 56 0.90 22.31 -32.85
N ALA H 57 1.77 22.79 -33.72
CA ALA H 57 1.37 23.43 -34.97
C ALA H 57 1.33 22.41 -36.10
N GLY H 58 0.18 21.75 -36.26
CA GLY H 58 -0.04 20.85 -37.36
C GLY H 58 -1.20 21.32 -38.23
N ARG H 59 -1.52 20.49 -39.23
CA ARG H 59 -2.55 20.90 -40.18
C ARG H 59 -3.96 20.79 -39.61
N ARG H 60 -4.20 19.79 -38.74
CA ARG H 60 -5.50 19.71 -38.08
C ARG H 60 -5.69 20.88 -37.13
N MET H 61 -4.61 21.29 -36.46
CA MET H 61 -4.67 22.47 -35.61
C MET H 61 -4.90 23.73 -36.43
N ALA H 62 -4.23 23.84 -37.59
CA ALA H 62 -4.37 25.02 -38.42
C ALA H 62 -5.81 25.19 -38.91
N GLU H 63 -6.44 24.11 -39.36
CA GLU H 63 -7.82 24.20 -39.84
C GLU H 63 -8.77 24.55 -38.71
N THR H 64 -8.59 23.95 -37.54
CA THR H 64 -9.57 24.09 -36.48
C THR H 64 -9.53 25.47 -35.85
N VAL H 65 -8.32 26.01 -35.63
CA VAL H 65 -8.18 27.30 -34.98
C VAL H 65 -8.60 28.42 -35.92
N ALA H 66 -8.27 28.30 -37.21
CA ALA H 66 -8.59 29.36 -38.16
C ALA H 66 -10.08 29.47 -38.40
N ARG H 67 -10.80 28.35 -38.37
CA ARG H 67 -12.25 28.41 -38.53
C ARG H 67 -12.90 29.18 -37.40
N ARG H 68 -12.30 29.18 -36.21
CA ARG H 68 -12.84 29.89 -35.06
C ARG H 68 -12.25 31.28 -34.89
N GLY H 69 -11.37 31.72 -35.79
CA GLY H 69 -10.87 33.08 -35.78
C GLY H 69 -9.40 33.24 -35.48
N GLY H 70 -8.71 32.17 -35.04
CA GLY H 70 -7.31 32.24 -34.74
C GLY H 70 -6.45 32.00 -35.98
N ILE H 71 -5.15 31.85 -35.75
CA ILE H 71 -4.21 31.54 -36.81
C ILE H 71 -3.08 30.70 -36.22
N VAL H 72 -2.57 29.77 -37.03
CA VAL H 72 -1.50 28.86 -36.62
C VAL H 72 -0.24 29.21 -37.40
N VAL H 73 0.87 29.35 -36.69
CA VAL H 73 2.17 29.59 -37.31
C VAL H 73 2.87 28.25 -37.49
N LEU H 74 3.11 27.86 -38.73
CA LEU H 74 3.78 26.59 -39.00
C LEU H 74 5.24 26.68 -38.54
N PRO H 75 5.78 25.59 -38.00
CA PRO H 75 7.16 25.63 -37.51
C PRO H 75 8.17 25.83 -38.64
N GLN H 76 9.32 26.40 -38.28
CA GLN H 76 10.38 26.70 -39.23
C GLN H 76 11.17 25.46 -39.65
N ASP H 77 10.93 24.31 -39.04
CA ASP H 77 11.61 23.09 -39.42
C ASP H 77 10.92 22.34 -40.55
N LEU H 78 9.74 22.79 -40.96
CA LEU H 78 8.94 22.04 -41.92
C LEU H 78 9.46 22.26 -43.34
N PRO H 79 9.67 21.20 -44.11
CA PRO H 79 10.15 21.38 -45.50
C PRO H 79 9.13 22.13 -46.33
N ILE H 80 9.64 22.83 -47.36
CA ILE H 80 8.78 23.70 -48.16
C ILE H 80 7.69 22.91 -48.87
N THR H 81 7.97 21.66 -49.23
CA THR H 81 6.94 20.83 -49.85
C THR H 81 5.81 20.54 -48.86
N ALA H 82 6.16 20.07 -47.66
CA ALA H 82 5.15 19.81 -46.64
C ALA H 82 4.40 21.09 -46.25
N VAL H 83 5.08 22.24 -46.31
CA VAL H 83 4.39 23.50 -46.07
C VAL H 83 3.34 23.75 -47.15
N SER H 84 3.69 23.49 -48.41
CA SER H 84 2.72 23.64 -49.49
C SER H 84 1.55 22.67 -49.34
N GLU H 85 1.84 21.45 -48.90
CA GLU H 85 0.77 20.47 -48.69
C GLU H 85 -0.21 20.95 -47.63
N THR H 86 0.31 21.50 -46.53
CA THR H 86 -0.55 21.91 -45.42
C THR H 86 -1.37 23.14 -45.79
N VAL H 87 -0.77 24.11 -46.50
CA VAL H 87 -1.50 25.32 -46.87
C VAL H 87 -2.64 24.99 -47.82
N ASP H 88 -2.39 24.15 -48.81
CA ASP H 88 -3.45 23.79 -49.76
C ASP H 88 -4.58 23.04 -49.06
N PHE H 89 -4.25 22.26 -48.03
CA PHE H 89 -5.30 21.58 -47.27
C PHE H 89 -6.16 22.58 -46.51
N VAL H 90 -5.51 23.54 -45.83
CA VAL H 90 -6.26 24.49 -45.01
C VAL H 90 -7.10 25.42 -45.88
N LYS H 91 -6.52 25.91 -46.98
CA LYS H 91 -7.23 26.85 -47.85
C LYS H 91 -8.29 26.18 -48.72
N SER H 92 -8.49 24.87 -48.58
CA SER H 92 -9.57 24.18 -49.27
C SER H 92 -10.65 23.69 -48.30
N ARG H 93 -10.62 24.16 -47.05
CA ARG H 93 -11.57 23.73 -46.05
C ARG H 93 -12.83 24.59 -46.06
N ASP H 94 -13.93 24.01 -45.61
CA ASP H 94 -15.18 24.74 -45.49
C ASP H 94 -15.13 25.66 -44.27
N LEU H 95 -15.76 26.83 -44.40
CA LEU H 95 -15.70 27.84 -43.35
C LEU H 95 -16.58 27.50 -42.16
N VAL H 96 -17.58 26.62 -42.33
CA VAL H 96 -18.49 26.25 -41.26
C VAL H 96 -18.42 24.75 -40.97
N VAL H 97 -18.27 23.93 -42.01
CA VAL H 97 -18.31 22.48 -41.86
C VAL H 97 -16.89 21.97 -41.65
N ASP H 98 -16.73 21.09 -40.65
CA ASP H 98 -15.42 20.62 -40.23
C ASP H 98 -15.06 19.32 -40.94
N THR H 99 -13.76 19.04 -41.00
CA THR H 99 -13.25 17.85 -41.67
C THR H 99 -13.25 16.68 -40.70
N PRO H 100 -13.98 15.60 -40.98
CA PRO H 100 -13.95 14.43 -40.10
C PRO H 100 -12.74 13.54 -40.40
N VAL H 101 -12.57 12.53 -39.56
CA VAL H 101 -11.66 11.44 -39.87
C VAL H 101 -12.38 10.45 -40.78
N THR H 102 -11.77 10.13 -41.91
CA THR H 102 -12.39 9.32 -42.95
C THR H 102 -11.78 7.93 -42.96
N LEU H 103 -12.62 6.93 -43.25
CA LEU H 103 -12.19 5.53 -43.26
C LEU H 103 -12.70 4.84 -44.52
N SER H 104 -11.87 3.98 -45.07
CA SER H 104 -12.31 3.09 -46.13
C SER H 104 -12.93 1.83 -45.52
N PRO H 105 -13.89 1.20 -46.22
CA PRO H 105 -14.44 -0.07 -45.72
C PRO H 105 -13.39 -1.16 -45.56
N GLU H 106 -12.24 -1.03 -46.24
CA GLU H 106 -11.16 -2.01 -46.16
C GLU H 106 -10.20 -1.76 -45.02
N ASP H 107 -10.37 -0.66 -44.27
CA ASP H 107 -9.46 -0.38 -43.16
C ASP H 107 -9.71 -1.35 -42.00
N SER H 108 -8.70 -1.49 -41.15
CA SER H 108 -8.80 -2.37 -40.00
C SER H 108 -9.50 -1.65 -38.84
N VAL H 109 -10.09 -2.46 -37.96
CA VAL H 109 -10.66 -1.91 -36.72
C VAL H 109 -9.56 -1.28 -35.87
N SER H 110 -8.35 -1.85 -35.91
CA SER H 110 -7.23 -1.28 -35.17
C SER H 110 -6.92 0.13 -35.64
N ASP H 111 -6.86 0.33 -36.97
CA ASP H 111 -6.63 1.66 -37.51
C ASP H 111 -7.78 2.60 -37.19
N ALA H 112 -9.02 2.12 -37.34
CA ALA H 112 -10.18 2.94 -37.04
C ALA H 112 -10.19 3.39 -35.58
N ASN H 113 -9.73 2.53 -34.68
CA ASN H 113 -9.74 2.85 -33.26
C ASN H 113 -8.76 3.96 -32.92
N ALA H 114 -7.58 3.93 -33.53
CA ALA H 114 -6.55 4.91 -33.20
C ALA H 114 -6.76 6.24 -33.93
N LEU H 115 -7.29 6.21 -35.15
CA LEU H 115 -7.53 7.44 -35.89
C LEU H 115 -8.66 8.28 -35.30
N LEU H 116 -9.57 7.66 -34.56
CA LEU H 116 -10.75 8.37 -34.05
C LEU H 116 -10.37 9.59 -33.21
N HIS H 117 -9.22 9.55 -32.55
CA HIS H 117 -8.82 10.58 -31.60
C HIS H 117 -8.08 11.74 -32.26
N LYS H 118 -7.96 11.75 -33.59
CA LYS H 118 -7.37 12.89 -34.28
C LYS H 118 -8.33 14.05 -34.44
N ARG H 119 -9.61 13.86 -34.14
CA ARG H 119 -10.61 14.91 -34.14
C ARG H 119 -11.44 14.80 -32.87
N ALA H 120 -12.20 15.85 -32.57
CA ALA H 120 -13.04 15.90 -31.39
C ALA H 120 -14.49 15.54 -31.70
N HIS H 121 -14.75 14.94 -32.87
CA HIS H 121 -16.12 14.65 -33.26
C HIS H 121 -16.68 13.42 -32.55
N GLY H 122 -15.82 12.47 -32.18
CA GLY H 122 -16.29 11.24 -31.56
C GLY H 122 -16.81 10.20 -32.52
N ALA H 123 -16.67 10.42 -33.83
CA ALA H 123 -17.13 9.47 -34.82
C ALA H 123 -16.35 9.66 -36.11
N ALA H 124 -16.11 8.55 -36.81
CA ALA H 124 -15.44 8.57 -38.10
C ALA H 124 -16.44 8.25 -39.20
N VAL H 125 -16.20 8.81 -40.38
CA VAL H 125 -17.11 8.67 -41.52
C VAL H 125 -16.54 7.64 -42.48
N VAL H 126 -17.28 6.58 -42.73
CA VAL H 126 -16.92 5.60 -43.74
C VAL H 126 -17.26 6.17 -45.11
N VAL H 127 -16.29 6.14 -46.02
CA VAL H 127 -16.44 6.76 -47.33
C VAL H 127 -16.15 5.71 -48.41
N PHE H 128 -17.05 5.60 -49.39
CA PHE H 128 -16.86 4.75 -50.56
C PHE H 128 -17.17 5.58 -51.80
N GLU H 129 -16.20 5.67 -52.72
CA GLU H 129 -16.33 6.50 -53.91
C GLU H 129 -16.69 7.93 -53.55
N GLY H 130 -16.01 8.45 -52.52
CA GLY H 130 -16.23 9.82 -52.09
C GLY H 130 -17.56 10.08 -51.42
N ARG H 131 -18.37 9.05 -51.17
CA ARG H 131 -19.70 9.24 -50.63
C ARG H 131 -19.83 8.57 -49.27
N PRO H 132 -20.47 9.23 -48.30
CA PRO H 132 -20.56 8.67 -46.94
C PRO H 132 -21.57 7.54 -46.86
N ILE H 133 -21.15 6.42 -46.27
CA ILE H 133 -22.00 5.23 -46.18
C ILE H 133 -22.21 4.75 -44.75
N GLY H 134 -21.45 5.24 -43.78
CA GLY H 134 -21.63 4.78 -42.42
C GLY H 134 -20.74 5.56 -41.47
N LEU H 135 -20.96 5.32 -40.17
CA LEU H 135 -20.20 5.96 -39.11
C LEU H 135 -19.54 4.91 -38.22
N VAL H 136 -18.36 5.25 -37.71
CA VAL H 136 -17.62 4.42 -36.79
C VAL H 136 -17.37 5.22 -35.52
N THR H 137 -17.77 4.66 -34.38
CA THR H 137 -17.59 5.29 -33.08
C THR H 137 -16.75 4.41 -32.17
N GLU H 138 -16.41 4.96 -31.01
CA GLU H 138 -15.70 4.18 -30.00
C GLU H 138 -16.51 2.97 -29.57
N ALA H 139 -17.84 3.10 -29.52
CA ALA H 139 -18.67 1.98 -29.10
C ALA H 139 -18.75 0.89 -30.17
N ASN H 140 -18.62 1.24 -31.44
CA ASN H 140 -18.68 0.22 -32.48
C ASN H 140 -17.46 -0.68 -32.47
N CYS H 141 -16.33 -0.18 -31.97
CA CYS H 141 -15.09 -0.93 -31.96
C CYS H 141 -14.82 -1.63 -30.63
N ALA H 142 -15.71 -1.49 -29.65
CA ALA H 142 -15.50 -2.06 -28.33
C ALA H 142 -15.76 -3.56 -28.38
N GLY H 143 -14.71 -4.36 -28.18
CA GLY H 143 -14.83 -5.80 -28.17
C GLY H 143 -14.59 -6.48 -29.50
N VAL H 144 -14.51 -5.72 -30.59
CA VAL H 144 -14.32 -6.28 -31.91
C VAL H 144 -12.87 -6.68 -32.10
N ASP H 145 -12.64 -7.74 -32.89
CA ASP H 145 -11.28 -8.14 -33.24
C ASP H 145 -10.54 -7.00 -33.92
N ARG H 146 -9.28 -6.81 -33.54
CA ARG H 146 -8.53 -5.64 -34.00
C ARG H 146 -8.35 -5.64 -35.51
N PHE H 147 -8.32 -6.81 -36.14
CA PHE H 147 -8.08 -6.90 -37.57
C PHE H 147 -9.33 -7.30 -38.35
N ALA H 148 -10.51 -7.16 -37.75
CA ALA H 148 -11.73 -7.13 -38.52
C ALA H 148 -11.75 -5.85 -39.36
N ARG H 149 -12.62 -5.84 -40.37
CA ARG H 149 -12.68 -4.70 -41.28
C ARG H 149 -13.73 -3.70 -40.84
N VAL H 150 -13.57 -2.46 -41.33
CA VAL H 150 -14.50 -1.38 -40.98
C VAL H 150 -15.91 -1.71 -41.43
N ARG H 151 -16.05 -2.43 -42.54
CA ARG H 151 -17.37 -2.77 -43.07
C ARG H 151 -18.20 -3.59 -42.08
N ASP H 152 -17.56 -4.18 -41.07
CA ASP H 152 -18.25 -5.06 -40.13
C ASP H 152 -18.86 -4.34 -38.94
N ILE H 153 -18.42 -3.12 -38.65
CA ILE H 153 -18.82 -2.45 -37.41
C ILE H 153 -19.43 -1.08 -37.67
N ALA H 154 -19.71 -0.76 -38.93
CA ALA H 154 -20.22 0.57 -39.28
C ALA H 154 -21.72 0.68 -39.02
N LEU H 155 -22.14 1.90 -38.68
CA LEU H 155 -23.56 2.24 -38.51
C LEU H 155 -24.03 2.95 -39.76
N SER H 156 -24.86 2.28 -40.57
CA SER H 156 -25.34 2.85 -41.81
C SER H 156 -26.37 3.96 -41.61
N ASP H 157 -26.85 4.16 -40.38
CA ASP H 157 -27.84 5.17 -40.08
C ASP H 157 -27.17 6.37 -39.43
N PHE H 158 -27.41 7.56 -39.97
CA PHE H 158 -26.82 8.79 -39.45
C PHE H 158 -27.61 9.98 -39.97
N VAL H 159 -27.50 11.09 -39.26
CA VAL H 159 -28.14 12.33 -39.68
C VAL H 159 -27.30 12.96 -40.79
N THR H 160 -27.94 13.33 -41.89
CA THR H 160 -27.28 13.97 -43.02
C THR H 160 -28.01 15.25 -43.38
N ALA H 161 -27.29 16.15 -44.06
CA ALA H 161 -27.85 17.43 -44.49
C ALA H 161 -26.94 18.00 -45.57
N PRO H 162 -27.48 18.80 -46.48
CA PRO H 162 -26.63 19.41 -47.51
C PRO H 162 -25.78 20.53 -46.94
N VAL H 163 -24.62 20.76 -47.57
CA VAL H 163 -23.77 21.85 -47.15
C VAL H 163 -24.47 23.17 -47.42
N GLY H 164 -24.30 24.12 -46.52
CA GLY H 164 -25.01 25.38 -46.59
C GLY H 164 -26.30 25.43 -45.81
N THR H 165 -26.72 24.33 -45.21
CA THR H 165 -27.91 24.32 -44.37
C THR H 165 -27.67 25.20 -43.15
N ASP H 166 -28.75 25.82 -42.67
CA ASP H 166 -28.65 26.75 -41.55
C ASP H 166 -28.15 26.02 -40.31
N PRO H 167 -27.14 26.54 -39.61
CA PRO H 167 -26.58 25.82 -38.46
C PRO H 167 -27.60 25.53 -37.38
N ARG H 168 -28.57 26.43 -37.15
CA ARG H 168 -29.55 26.19 -36.10
C ARG H 168 -30.47 25.04 -36.46
N GLU H 169 -30.79 24.87 -37.75
CA GLU H 169 -31.59 23.72 -38.16
C GLU H 169 -30.79 22.43 -37.98
N VAL H 170 -29.51 22.43 -38.36
CA VAL H 170 -28.67 21.26 -38.15
C VAL H 170 -28.55 20.96 -36.67
N PHE H 171 -28.55 22.00 -35.83
CA PHE H 171 -28.53 21.79 -34.39
C PHE H 171 -29.77 21.05 -33.92
N ASP H 172 -30.93 21.38 -34.50
CA ASP H 172 -32.18 20.72 -34.10
C ASP H 172 -32.31 19.33 -34.69
N LEU H 173 -31.70 19.08 -35.86
CA LEU H 173 -31.73 17.74 -36.45
C LEU H 173 -31.11 16.71 -35.53
N LEU H 174 -30.14 17.12 -34.71
CA LEU H 174 -29.34 16.22 -33.89
C LEU H 174 -29.82 16.14 -32.45
N GLU H 175 -30.96 16.75 -32.13
CA GLU H 175 -31.38 16.85 -30.73
C GLU H 175 -31.63 15.47 -30.12
N HIS H 176 -32.23 14.56 -30.89
CA HIS H 176 -32.50 13.21 -30.42
C HIS H 176 -31.65 12.17 -31.14
N ALA H 177 -30.64 12.60 -31.89
CA ALA H 177 -29.82 11.66 -32.65
C ALA H 177 -28.95 10.85 -31.71
N PRO H 178 -28.76 9.55 -31.98
CA PRO H 178 -27.86 8.75 -31.13
C PRO H 178 -26.42 9.23 -31.17
N ILE H 179 -25.96 9.70 -32.33
CA ILE H 179 -24.61 10.24 -32.50
C ILE H 179 -24.72 11.73 -32.76
N ASP H 180 -23.94 12.52 -32.02
CA ASP H 180 -23.98 13.98 -32.14
C ASP H 180 -23.11 14.46 -33.30
N VAL H 181 -23.22 13.84 -34.47
CA VAL H 181 -22.56 14.31 -35.68
C VAL H 181 -23.55 14.27 -36.83
N ALA H 182 -23.53 15.31 -37.66
CA ALA H 182 -24.37 15.40 -38.85
C ALA H 182 -23.48 15.41 -40.08
N VAL H 183 -23.70 14.48 -40.99
CA VAL H 183 -22.88 14.36 -42.19
C VAL H 183 -23.37 15.39 -43.20
N MET H 184 -22.52 16.37 -43.50
CA MET H 184 -22.85 17.41 -44.46
C MET H 184 -22.38 16.97 -45.84
N THR H 185 -23.27 17.06 -46.83
CA THR H 185 -23.02 16.52 -48.16
C THR H 185 -22.96 17.64 -49.19
N ALA H 186 -22.12 17.43 -50.20
CA ALA H 186 -22.06 18.30 -51.36
C ALA H 186 -23.27 18.05 -52.27
N PRO H 187 -23.60 18.99 -53.16
CA PRO H 187 -24.76 18.80 -54.04
C PRO H 187 -24.76 17.49 -54.82
N ASP H 188 -23.59 16.99 -55.23
CA ASP H 188 -23.53 15.71 -55.96
C ASP H 188 -23.60 14.51 -55.03
N GLY H 189 -23.79 14.72 -53.73
CA GLY H 189 -23.90 13.63 -52.78
C GLY H 189 -22.61 13.22 -52.09
N THR H 190 -21.47 13.73 -52.53
CA THR H 190 -20.20 13.38 -51.90
C THR H 190 -20.09 14.03 -50.52
N LEU H 191 -19.18 13.50 -49.72
CA LEU H 191 -18.97 14.01 -48.36
C LEU H 191 -18.36 15.40 -48.39
N ALA H 192 -18.98 16.34 -47.68
CA ALA H 192 -18.42 17.68 -47.52
C ALA H 192 -17.79 17.89 -46.15
N GLY H 193 -18.13 17.06 -45.17
CA GLY H 193 -17.62 17.18 -43.82
C GLY H 193 -18.71 16.84 -42.82
N VAL H 194 -18.51 17.26 -41.58
CA VAL H 194 -19.46 17.00 -40.50
C VAL H 194 -19.74 18.29 -39.75
N LEU H 195 -20.74 18.23 -38.87
CA LEU H 195 -21.10 19.38 -38.05
C LEU H 195 -21.82 18.86 -36.81
N THR H 196 -21.26 19.12 -35.64
CA THR H 196 -21.86 18.69 -34.38
C THR H 196 -22.78 19.79 -33.85
N ARG H 197 -23.50 19.46 -32.77
CA ARG H 197 -24.38 20.45 -32.14
C ARG H 197 -23.56 21.60 -31.56
N THR H 198 -22.42 21.30 -30.93
CA THR H 198 -21.54 22.36 -30.46
C THR H 198 -20.90 23.10 -31.62
N GLY H 199 -20.58 22.40 -32.70
CA GLY H 199 -20.03 23.06 -33.88
C GLY H 199 -21.01 24.02 -34.51
N ALA H 200 -22.31 23.66 -34.48
CA ALA H 200 -23.33 24.56 -35.01
C ALA H 200 -23.48 25.80 -34.13
N ILE H 201 -23.35 25.64 -32.82
CA ILE H 201 -23.37 26.79 -31.92
C ILE H 201 -22.17 27.69 -32.19
N ARG H 202 -21.00 27.09 -32.39
CA ARG H 202 -19.80 27.88 -32.63
C ARG H 202 -19.82 28.63 -33.96
N ALA H 203 -20.60 28.16 -34.93
CA ALA H 203 -20.70 28.87 -36.20
C ALA H 203 -21.35 30.24 -36.03
N GLY H 204 -22.24 30.38 -35.05
CA GLY H 204 -22.88 31.63 -34.75
C GLY H 204 -22.19 32.46 -33.68
N ILE H 205 -20.97 32.10 -33.28
CA ILE H 205 -20.22 32.82 -32.27
C ILE H 205 -18.88 33.30 -32.80
N TYR H 206 -18.15 32.43 -33.50
CA TYR H 206 -16.83 32.76 -34.01
C TYR H 206 -16.89 33.11 -35.49
N THR H 207 -16.07 34.07 -35.89
CA THR H 207 -15.90 34.46 -37.28
C THR H 207 -14.63 33.84 -37.84
N PRO H 208 -14.70 33.08 -38.93
CA PRO H 208 -13.47 32.49 -39.50
C PRO H 208 -12.50 33.57 -39.94
N ALA H 209 -11.21 33.30 -39.72
CA ALA H 209 -10.13 34.17 -40.18
C ALA H 209 -9.79 33.78 -41.61
N VAL H 210 -10.13 34.64 -42.57
CA VAL H 210 -10.01 34.33 -43.99
C VAL H 210 -9.16 35.38 -44.68
N ASP H 211 -8.59 34.98 -45.82
CA ASP H 211 -7.77 35.87 -46.63
C ASP H 211 -8.67 36.63 -47.62
N ALA H 212 -8.05 37.28 -48.60
CA ALA H 212 -8.82 38.05 -49.57
C ALA H 212 -9.67 37.16 -50.46
N LYS H 213 -9.26 35.92 -50.69
CA LYS H 213 -10.01 34.97 -51.50
C LYS H 213 -11.08 34.23 -50.71
N GLY H 214 -11.19 34.48 -49.40
CA GLY H 214 -12.18 33.80 -48.59
C GLY H 214 -11.76 32.44 -48.06
N ARG H 215 -10.46 32.13 -48.09
CA ARG H 215 -9.95 30.87 -47.59
C ARG H 215 -9.29 31.06 -46.23
N LEU H 216 -9.31 29.99 -45.43
CA LEU H 216 -8.80 30.06 -44.06
C LEU H 216 -7.34 30.50 -44.03
N ARG H 217 -7.03 31.40 -43.09
CA ARG H 217 -5.70 31.96 -42.97
C ARG H 217 -4.73 30.97 -42.33
N ILE H 218 -3.44 31.17 -42.60
CA ILE H 218 -2.39 30.32 -42.05
C ILE H 218 -1.08 31.11 -42.14
N ALA H 219 -0.20 30.89 -41.17
CA ALA H 219 1.08 31.58 -41.10
C ALA H 219 2.22 30.56 -41.08
N ALA H 220 3.43 31.07 -41.31
CA ALA H 220 4.62 30.23 -41.35
C ALA H 220 5.79 30.97 -40.71
N ALA H 221 6.70 30.21 -40.10
CA ALA H 221 7.86 30.75 -39.42
C ALA H 221 9.13 30.43 -40.21
N VAL H 222 10.16 31.23 -39.97
CA VAL H 222 11.45 31.07 -40.63
C VAL H 222 12.55 31.41 -39.63
N GLY H 223 13.63 30.64 -39.63
CA GLY H 223 14.76 30.91 -38.78
C GLY H 223 15.68 31.97 -39.35
N ILE H 224 16.66 32.39 -38.53
CA ILE H 224 17.57 33.46 -38.91
C ILE H 224 18.84 32.95 -39.59
N ASN H 225 19.04 31.65 -39.65
CA ASN H 225 20.22 31.08 -40.27
C ASN H 225 19.95 30.67 -41.71
N GLY H 226 21.02 30.55 -42.48
CA GLY H 226 20.90 30.22 -43.89
C GLY H 226 20.47 31.44 -44.72
N ASP H 227 19.74 31.17 -45.78
CA ASP H 227 19.24 32.22 -46.68
C ASP H 227 17.82 32.56 -46.25
N VAL H 228 17.70 33.56 -45.38
CA VAL H 228 16.39 33.94 -44.85
C VAL H 228 15.51 34.51 -45.94
N GLY H 229 16.09 35.31 -46.84
CA GLY H 229 15.30 35.92 -47.89
C GLY H 229 14.70 34.90 -48.84
N ALA H 230 15.52 33.95 -49.30
CA ALA H 230 15.02 32.92 -50.21
C ALA H 230 13.95 32.07 -49.54
N LYS H 231 14.15 31.72 -48.27
CA LYS H 231 13.17 30.89 -47.59
C LYS H 231 11.87 31.64 -47.34
N ALA H 232 11.96 32.94 -47.04
CA ALA H 232 10.76 33.72 -46.83
C ALA H 232 9.97 33.90 -48.12
N GLN H 233 10.66 34.01 -49.26
CA GLN H 233 9.97 34.15 -50.53
C GLN H 233 9.22 32.87 -50.90
N ALA H 234 9.84 31.71 -50.66
CA ALA H 234 9.16 30.45 -50.93
C ALA H 234 7.95 30.26 -50.04
N LEU H 235 8.00 30.79 -48.81
CA LEU H 235 6.84 30.69 -47.91
C LEU H 235 5.72 31.60 -48.38
N ALA H 236 6.07 32.80 -48.87
CA ALA H 236 5.05 33.70 -49.40
C ALA H 236 4.40 33.12 -50.65
N GLU H 237 5.20 32.52 -51.53
CA GLU H 237 4.66 31.94 -52.76
C GLU H 237 3.84 30.68 -52.48
N ALA H 238 4.08 30.01 -51.35
CA ALA H 238 3.31 28.83 -50.99
C ALA H 238 1.91 29.16 -50.49
N GLY H 239 1.64 30.42 -50.16
CA GLY H 239 0.34 30.85 -49.69
C GLY H 239 0.29 31.33 -48.25
N ALA H 240 1.43 31.55 -47.61
CA ALA H 240 1.43 32.02 -46.23
C ALA H 240 0.86 33.43 -46.14
N ASP H 241 -0.02 33.63 -45.16
CA ASP H 241 -0.65 34.93 -44.96
C ASP H 241 0.14 35.84 -44.02
N LEU H 242 1.16 35.30 -43.36
CA LEU H 242 1.95 36.07 -42.39
C LEU H 242 3.25 35.34 -42.14
N LEU H 243 4.33 36.10 -41.97
CA LEU H 243 5.67 35.56 -41.77
C LEU H 243 6.18 35.90 -40.38
N VAL H 244 6.86 34.93 -39.76
CA VAL H 244 7.42 35.09 -38.42
C VAL H 244 8.90 34.73 -38.49
N ILE H 245 9.76 35.72 -38.25
CA ILE H 245 11.20 35.49 -38.11
C ILE H 245 11.47 35.28 -36.62
N ASP H 246 11.85 34.06 -36.24
CA ASP H 246 11.81 33.62 -34.86
C ASP H 246 13.18 33.16 -34.40
N THR H 247 13.59 33.61 -33.21
CA THR H 247 14.81 33.14 -32.57
C THR H 247 14.74 33.48 -31.09
N ALA H 248 15.58 32.83 -30.30
CA ALA H 248 15.59 33.07 -28.86
C ALA H 248 16.01 34.49 -28.54
N HIS H 249 17.23 34.86 -28.94
CA HIS H 249 17.78 36.19 -28.69
C HIS H 249 17.50 37.05 -29.93
N GLY H 250 16.33 37.68 -29.95
CA GLY H 250 15.94 38.49 -31.08
C GLY H 250 16.69 39.80 -31.20
N HIS H 251 17.36 40.22 -30.14
CA HIS H 251 18.10 41.49 -30.13
C HIS H 251 19.57 41.28 -30.48
N GLN H 252 19.84 40.61 -31.59
CA GLN H 252 21.20 40.37 -32.04
C GLN H 252 21.33 40.79 -33.50
N ALA H 253 22.59 40.90 -33.95
CA ALA H 253 22.85 41.45 -35.28
C ALA H 253 22.36 40.52 -36.39
N LYS H 254 22.57 39.21 -36.23
CA LYS H 254 22.14 38.27 -37.26
C LYS H 254 20.64 38.33 -37.47
N MET H 255 19.87 38.54 -36.39
CA MET H 255 18.45 38.80 -36.54
C MET H 255 18.29 40.04 -37.41
N LEU H 256 18.73 41.19 -36.91
CA LEU H 256 18.57 42.49 -37.58
C LEU H 256 18.80 42.42 -39.08
N ASP H 257 19.79 41.64 -39.52
CA ASP H 257 20.03 41.49 -40.96
C ASP H 257 18.92 40.70 -41.65
N ALA H 258 18.31 39.74 -40.94
CA ALA H 258 17.33 38.86 -41.57
C ALA H 258 16.04 39.61 -41.92
N ILE H 259 15.63 40.55 -41.09
CA ILE H 259 14.39 41.27 -41.34
C ILE H 259 14.55 42.24 -42.51
N LYS H 260 15.69 42.92 -42.59
CA LYS H 260 15.97 43.77 -43.74
C LYS H 260 16.02 42.95 -45.01
N ALA H 261 16.52 41.72 -44.93
CA ALA H 261 16.55 40.87 -46.11
C ALA H 261 15.15 40.49 -46.56
N VAL H 262 14.25 40.26 -45.61
CA VAL H 262 12.88 39.90 -45.95
C VAL H 262 12.05 41.13 -46.31
N ALA H 263 12.24 42.22 -45.58
CA ALA H 263 11.51 43.45 -45.87
C ALA H 263 11.91 44.04 -47.22
N SER H 264 13.18 43.89 -47.62
CA SER H 264 13.61 44.40 -48.91
C SER H 264 12.98 43.63 -50.06
N LEU H 265 12.59 42.38 -49.83
CA LEU H 265 11.95 41.60 -50.89
C LEU H 265 10.53 42.07 -51.16
N ASP H 266 9.92 42.79 -50.22
CA ASP H 266 8.59 43.36 -50.38
C ASP H 266 7.57 42.29 -50.76
N LEU H 267 7.17 41.47 -49.79
CA LEU H 267 6.21 40.41 -50.02
C LEU H 267 4.77 40.85 -49.77
N GLY H 268 4.56 42.03 -49.20
CA GLY H 268 3.20 42.48 -48.94
C GLY H 268 2.50 41.76 -47.82
N LEU H 269 3.24 41.06 -46.96
CA LEU H 269 2.68 40.32 -45.85
C LEU H 269 3.15 40.91 -44.53
N PRO H 270 2.34 40.81 -43.48
CA PRO H 270 2.79 41.28 -42.15
C PRO H 270 4.02 40.49 -41.68
N LEU H 271 4.98 41.21 -41.13
CA LEU H 271 6.25 40.64 -40.70
C LEU H 271 6.32 40.65 -39.18
N VAL H 272 6.50 39.46 -38.59
CA VAL H 272 6.66 39.31 -37.15
C VAL H 272 8.10 38.90 -36.87
N ALA H 273 8.69 39.49 -35.83
CA ALA H 273 10.06 39.19 -35.44
C ALA H 273 10.17 39.17 -33.92
N GLY H 274 10.98 38.24 -33.41
CA GLY H 274 11.19 38.12 -31.98
C GLY H 274 12.32 37.14 -31.72
N ASN H 275 12.64 36.95 -30.44
CA ASN H 275 11.93 37.59 -29.33
C ASN H 275 12.81 38.56 -28.55
N VAL H 276 12.17 39.63 -28.05
CA VAL H 276 12.83 40.61 -27.20
C VAL H 276 11.93 40.87 -26.00
N VAL H 277 12.49 41.54 -24.98
CA VAL H 277 11.73 41.91 -23.79
C VAL H 277 12.11 43.32 -23.35
N SER H 278 12.73 44.08 -24.26
CA SER H 278 13.15 45.45 -23.96
C SER H 278 12.53 46.42 -24.95
N ALA H 279 12.44 47.69 -24.53
CA ALA H 279 11.94 48.74 -25.41
C ALA H 279 12.92 49.00 -26.55
N GLU H 280 14.23 48.96 -26.26
CA GLU H 280 15.23 49.15 -27.30
C GLU H 280 15.16 48.06 -28.36
N GLY H 281 15.01 46.81 -27.94
CA GLY H 281 14.87 45.72 -28.89
C GLY H 281 13.61 45.84 -29.72
N THR H 282 12.52 46.34 -29.11
CA THR H 282 11.28 46.52 -29.87
C THR H 282 11.44 47.59 -30.95
N ARG H 283 12.15 48.68 -30.64
CA ARG H 283 12.35 49.72 -31.64
C ARG H 283 13.31 49.27 -32.73
N ASP H 284 14.37 48.54 -32.35
CA ASP H 284 15.34 48.10 -33.34
C ASP H 284 14.72 47.13 -34.34
N LEU H 285 13.81 46.27 -33.89
CA LEU H 285 13.17 45.34 -34.82
C LEU H 285 12.21 46.05 -35.75
N ILE H 286 11.45 47.02 -35.23
CA ILE H 286 10.52 47.76 -36.08
C ILE H 286 11.28 48.59 -37.11
N GLU H 287 12.34 49.28 -36.68
CA GLU H 287 13.15 50.05 -37.61
C GLU H 287 13.82 49.19 -38.66
N ALA H 288 14.02 47.90 -38.37
CA ALA H 288 14.61 46.99 -39.35
C ALA H 288 13.61 46.53 -40.39
N GLY H 289 12.31 46.70 -40.15
CA GLY H 289 11.31 46.37 -41.15
C GLY H 289 10.17 45.50 -40.66
N ALA H 290 10.13 45.22 -39.36
CA ALA H 290 9.08 44.38 -38.79
C ALA H 290 7.88 45.23 -38.40
N SER H 291 6.69 44.72 -38.68
CA SER H 291 5.46 45.38 -38.27
C SER H 291 4.93 44.88 -36.94
N ILE H 292 5.33 43.69 -36.52
CA ILE H 292 4.92 43.10 -35.25
C ILE H 292 6.15 42.55 -34.55
N VAL H 293 6.26 42.81 -33.25
CA VAL H 293 7.38 42.33 -32.44
C VAL H 293 6.86 41.28 -31.47
N LYS H 294 7.52 40.12 -31.45
CA LYS H 294 7.13 39.04 -30.57
C LYS H 294 7.92 39.14 -29.26
N VAL H 295 7.19 39.23 -28.14
CA VAL H 295 7.77 39.53 -26.84
C VAL H 295 7.75 38.28 -25.97
N GLY H 296 8.88 37.97 -25.35
CA GLY H 296 8.97 36.85 -24.43
C GLY H 296 10.29 36.11 -24.45
N VAL H 297 11.02 36.15 -23.34
CA VAL H 297 12.29 35.43 -23.18
C VAL H 297 12.19 34.70 -21.85
N GLY H 298 11.96 33.38 -21.90
CA GLY H 298 11.89 32.59 -20.69
C GLY H 298 10.57 31.98 -20.26
N PRO H 299 9.43 32.67 -20.42
CA PRO H 299 8.21 32.20 -19.75
C PRO H 299 7.59 30.96 -20.35
N GLY H 300 8.08 30.46 -21.49
CA GLY H 300 7.47 29.30 -22.10
C GLY H 300 7.54 28.09 -21.19
N ALA H 301 6.46 27.30 -21.18
CA ALA H 301 6.36 26.16 -20.27
C ALA H 301 7.39 25.07 -20.56
N MET H 302 7.94 25.04 -21.77
CA MET H 302 9.00 24.10 -22.13
C MET H 302 10.39 24.68 -21.97
N CYS H 303 10.51 25.93 -21.53
CA CYS H 303 11.80 26.62 -21.52
C CYS H 303 12.54 26.40 -20.22
N THR H 304 13.86 26.30 -20.31
CA THR H 304 14.75 26.31 -19.16
C THR H 304 15.74 27.47 -19.23
N THR H 305 15.45 28.46 -20.08
CA THR H 305 16.38 29.57 -20.29
C THR H 305 16.65 30.32 -18.99
N ARG H 306 15.60 30.59 -18.21
CA ARG H 306 15.78 31.29 -16.93
C ARG H 306 16.69 30.51 -16.00
N MET H 307 16.53 29.18 -15.93
CA MET H 307 17.35 28.37 -15.04
C MET H 307 18.76 28.20 -15.57
N MET H 308 18.95 28.26 -16.89
CA MET H 308 20.28 28.07 -17.46
C MET H 308 21.11 29.34 -17.45
N THR H 309 20.47 30.49 -17.64
CA THR H 309 21.19 31.73 -17.89
C THR H 309 20.85 32.87 -16.95
N GLY H 310 19.76 32.79 -16.19
CA GLY H 310 19.28 33.93 -15.46
C GLY H 310 18.67 35.02 -16.32
N VAL H 311 18.64 34.82 -17.63
CA VAL H 311 18.14 35.83 -18.57
C VAL H 311 16.64 35.64 -18.75
N GLY H 312 15.93 36.75 -18.82
CA GLY H 312 14.48 36.72 -18.92
C GLY H 312 13.91 37.99 -18.33
N ARG H 313 12.58 38.07 -18.38
CA ARG H 313 11.90 39.20 -17.76
C ARG H 313 10.48 38.79 -17.44
N PRO H 314 9.95 39.16 -16.28
CA PRO H 314 8.53 38.91 -16.00
C PRO H 314 7.65 39.41 -17.14
N GLN H 315 6.78 38.53 -17.63
CA GLN H 315 6.18 38.72 -18.94
C GLN H 315 5.26 39.94 -18.98
N PHE H 316 4.49 40.17 -17.92
CA PHE H 316 3.56 41.30 -17.92
C PHE H 316 4.32 42.62 -18.07
N SER H 317 5.34 42.84 -17.25
CA SER H 317 6.12 44.07 -17.36
C SER H 317 6.81 44.18 -18.71
N ALA H 318 7.23 43.04 -19.28
CA ALA H 318 7.88 43.07 -20.58
C ALA H 318 6.90 43.45 -21.69
N VAL H 319 5.67 42.95 -21.61
CA VAL H 319 4.68 43.30 -22.63
C VAL H 319 4.27 44.76 -22.50
N VAL H 320 4.17 45.26 -21.27
CA VAL H 320 3.80 46.66 -21.06
C VAL H 320 4.82 47.58 -21.70
N GLU H 321 6.11 47.32 -21.47
CA GLU H 321 7.16 48.20 -21.98
C GLU H 321 7.26 48.11 -23.50
N CYS H 322 7.14 46.91 -24.06
CA CYS H 322 7.29 46.74 -25.50
C CYS H 322 6.06 47.22 -26.27
N ALA H 323 4.86 47.06 -25.71
CA ALA H 323 3.66 47.56 -26.36
C ALA H 323 3.67 49.09 -26.42
N ALA H 324 4.21 49.74 -25.39
CA ALA H 324 4.31 51.19 -25.42
C ALA H 324 5.33 51.66 -26.45
N ALA H 325 6.48 50.99 -26.54
CA ALA H 325 7.49 51.36 -27.52
C ALA H 325 7.02 51.07 -28.93
N ALA H 326 6.25 49.99 -29.13
CA ALA H 326 5.78 49.64 -30.47
C ALA H 326 4.74 50.64 -30.97
N ARG H 327 3.87 51.11 -30.08
CA ARG H 327 2.80 52.03 -30.49
C ARG H 327 3.36 53.39 -30.89
N GLN H 328 4.47 53.82 -30.30
CA GLN H 328 5.10 55.08 -30.71
C GLN H 328 5.53 55.02 -32.17
N LEU H 329 5.88 53.84 -32.67
CA LEU H 329 6.31 53.66 -34.05
C LEU H 329 5.24 53.06 -34.93
N GLY H 330 3.99 53.02 -34.46
CA GLY H 330 2.91 52.46 -35.25
C GLY H 330 2.93 50.95 -35.41
N GLY H 331 3.62 50.25 -34.51
CA GLY H 331 3.70 48.80 -34.57
C GLY H 331 2.82 48.13 -33.53
N HIS H 332 3.01 46.81 -33.41
CA HIS H 332 2.24 45.99 -32.50
C HIS H 332 3.16 44.95 -31.86
N VAL H 333 2.68 44.30 -30.80
CA VAL H 333 3.45 43.30 -30.09
C VAL H 333 2.60 42.05 -29.87
N TRP H 334 3.25 40.90 -29.92
CA TRP H 334 2.65 39.61 -29.59
C TRP H 334 3.18 39.14 -28.24
N ALA H 335 2.28 38.82 -27.33
CA ALA H 335 2.66 38.27 -26.02
C ALA H 335 2.87 36.76 -26.16
N ASP H 336 4.12 36.32 -26.11
CA ASP H 336 4.51 34.95 -26.45
C ASP H 336 5.05 34.24 -25.22
N GLY H 337 4.28 33.29 -24.71
CA GLY H 337 4.81 32.40 -23.68
C GLY H 337 4.19 32.63 -22.31
N GLY H 338 4.01 31.53 -21.57
CA GLY H 338 3.56 31.62 -20.20
C GLY H 338 2.07 31.68 -19.99
N VAL H 339 1.27 31.35 -21.01
CA VAL H 339 -0.18 31.37 -20.88
C VAL H 339 -0.64 30.04 -20.28
N ARG H 340 -1.28 30.11 -19.11
CA ARG H 340 -1.80 28.94 -18.42
C ARG H 340 -3.31 28.98 -18.21
N HIS H 341 -3.88 30.17 -18.12
CA HIS H 341 -5.30 30.37 -17.83
C HIS H 341 -5.80 31.52 -18.68
N PRO H 342 -7.12 31.64 -18.86
CA PRO H 342 -7.64 32.77 -19.65
C PRO H 342 -7.25 34.13 -19.11
N ARG H 343 -7.08 34.27 -17.80
CA ARG H 343 -6.65 35.56 -17.24
C ARG H 343 -5.32 36.01 -17.83
N ASP H 344 -4.45 35.06 -18.18
CA ASP H 344 -3.16 35.43 -18.78
C ASP H 344 -3.35 36.07 -20.14
N VAL H 345 -4.34 35.61 -20.91
CA VAL H 345 -4.62 36.19 -22.22
C VAL H 345 -5.20 37.59 -22.04
N ALA H 346 -6.16 37.73 -21.14
CA ALA H 346 -6.80 39.03 -20.93
C ALA H 346 -5.82 40.06 -20.37
N LEU H 347 -4.94 39.64 -19.46
CA LEU H 347 -3.98 40.59 -18.89
C LEU H 347 -2.94 41.01 -19.93
N ALA H 348 -2.54 40.09 -20.81
CA ALA H 348 -1.60 40.44 -21.87
C ALA H 348 -2.21 41.46 -22.83
N LEU H 349 -3.49 41.29 -23.17
CA LEU H 349 -4.17 42.27 -24.00
C LEU H 349 -4.33 43.60 -23.28
N ALA H 350 -4.68 43.55 -21.99
CA ALA H 350 -4.73 44.78 -21.21
C ALA H 350 -3.36 45.45 -21.12
N ALA H 351 -2.29 44.67 -21.17
CA ALA H 351 -0.94 45.25 -21.14
C ALA H 351 -0.59 45.98 -22.43
N GLY H 352 -1.35 45.78 -23.51
CA GLY H 352 -1.11 46.45 -24.77
C GLY H 352 -0.79 45.54 -25.94
N ALA H 353 -0.76 44.22 -25.76
CA ALA H 353 -0.48 43.32 -26.87
C ALA H 353 -1.67 43.25 -27.83
N SER H 354 -1.36 43.09 -29.11
CA SER H 354 -2.40 42.92 -30.12
C SER H 354 -2.84 41.48 -30.28
N ASN H 355 -1.96 40.53 -29.97
CA ASN H 355 -2.28 39.12 -30.06
C ASN H 355 -1.50 38.37 -28.98
N VAL H 356 -1.99 37.19 -28.63
CA VAL H 356 -1.37 36.34 -27.61
C VAL H 356 -1.00 35.01 -28.26
N MET H 357 0.25 34.61 -28.11
CA MET H 357 0.74 33.35 -28.66
C MET H 357 0.71 32.28 -27.57
N ILE H 358 0.07 31.16 -27.87
CA ILE H 358 -0.12 30.06 -26.94
C ILE H 358 0.55 28.82 -27.53
N GLY H 359 1.32 28.11 -26.70
CA GLY H 359 2.05 26.95 -27.18
C GLY H 359 1.65 25.63 -26.54
N SER H 360 2.31 25.27 -25.43
CA SER H 360 2.17 23.92 -24.88
C SER H 360 0.77 23.64 -24.35
N TRP H 361 0.02 24.68 -23.96
CA TRP H 361 -1.35 24.46 -23.49
C TRP H 361 -2.18 23.73 -24.55
N PHE H 362 -2.03 24.11 -25.82
CA PHE H 362 -2.79 23.47 -26.89
C PHE H 362 -2.21 22.12 -27.31
N ALA H 363 -1.06 21.73 -26.77
CA ALA H 363 -0.52 20.41 -27.11
C ALA H 363 -1.38 19.29 -26.55
N GLY H 364 -2.02 19.53 -25.40
CA GLY H 364 -2.90 18.54 -24.80
C GLY H 364 -4.31 18.60 -25.33
N THR H 365 -4.47 18.49 -26.65
CA THR H 365 -5.77 18.44 -27.30
C THR H 365 -5.76 17.36 -28.37
N TYR H 366 -6.95 17.02 -28.85
CA TYR H 366 -7.06 16.03 -29.92
C TYR H 366 -6.36 16.49 -31.19
N GLU H 367 -6.42 17.79 -31.49
CA GLU H 367 -6.00 18.31 -32.79
C GLU H 367 -4.50 18.53 -32.91
N SER H 368 -3.74 18.40 -31.83
CA SER H 368 -2.30 18.56 -31.93
C SER H 368 -1.67 17.38 -32.66
N PRO H 369 -0.51 17.57 -33.28
CA PRO H 369 0.05 16.53 -34.16
C PRO H 369 0.44 15.24 -33.45
N GLY H 370 0.71 15.27 -32.16
CA GLY H 370 1.22 14.09 -31.48
C GLY H 370 0.15 13.03 -31.25
N ASP H 371 0.60 11.80 -31.00
CA ASP H 371 -0.31 10.71 -30.70
C ASP H 371 -0.87 10.84 -29.29
N LEU H 372 -2.11 10.41 -29.13
CA LEU H 372 -2.74 10.41 -27.82
C LEU H 372 -2.24 9.23 -26.99
N LEU H 373 -1.74 9.53 -25.79
CA LEU H 373 -1.18 8.52 -24.91
C LEU H 373 -2.01 8.43 -23.63
N PHE H 374 -1.78 7.34 -22.89
CA PHE H 374 -2.45 7.11 -21.62
C PHE H 374 -1.44 6.60 -20.62
N ASP H 375 -1.49 7.16 -19.39
CA ASP H 375 -0.59 6.72 -18.34
C ASP H 375 -1.13 5.44 -17.71
N ARG H 376 -0.55 5.02 -16.57
CA ARG H 376 -1.00 3.80 -15.90
C ARG H 376 -2.42 3.92 -15.37
N ASP H 377 -2.89 5.14 -15.11
CA ASP H 377 -4.24 5.38 -14.63
C ASP H 377 -5.23 5.61 -15.76
N ASP H 378 -4.83 5.34 -17.01
CA ASP H 378 -5.69 5.50 -18.19
C ASP H 378 -6.13 6.95 -18.40
N ARG H 379 -5.31 7.90 -17.95
CA ARG H 379 -5.62 9.31 -18.21
C ARG H 379 -5.02 9.74 -19.54
N PRO H 380 -5.80 10.41 -20.40
CA PRO H 380 -5.26 10.81 -21.70
C PRO H 380 -4.29 11.99 -21.56
N TYR H 381 -3.20 11.92 -22.31
CA TYR H 381 -2.22 13.00 -22.33
C TYR H 381 -1.46 12.95 -23.65
N LYS H 382 -0.71 14.01 -23.91
CA LYS H 382 0.15 14.08 -25.09
C LYS H 382 1.48 14.70 -24.70
N GLU H 383 2.50 14.40 -25.51
CA GLU H 383 3.83 14.94 -25.28
C GLU H 383 3.94 16.35 -25.80
N SER H 384 4.70 17.18 -25.09
CA SER H 384 5.12 18.49 -25.56
C SER H 384 6.60 18.66 -25.27
N TYR H 385 7.27 19.45 -26.10
CA TYR H 385 8.71 19.63 -25.97
C TYR H 385 9.11 20.95 -26.60
N GLY H 386 10.24 21.48 -26.14
CA GLY H 386 10.70 22.77 -26.61
C GLY H 386 11.45 22.67 -27.93
N MET H 387 11.36 23.76 -28.71
CA MET H 387 12.00 23.85 -30.02
C MET H 387 13.52 24.06 -29.93
N ALA H 388 14.08 24.06 -28.72
CA ALA H 388 15.52 24.16 -28.52
C ALA H 388 16.05 23.03 -27.65
N SER H 389 15.30 21.93 -27.54
CA SER H 389 15.68 20.78 -26.74
C SER H 389 16.54 19.82 -27.54
N LYS H 390 17.09 18.82 -26.84
CA LYS H 390 17.90 17.79 -27.51
C LYS H 390 17.08 17.06 -28.57
N ARG H 391 15.79 16.85 -28.32
CA ARG H 391 14.96 16.14 -29.29
C ARG H 391 14.70 17.00 -30.52
N ALA H 392 14.37 18.29 -30.31
CA ALA H 392 14.04 19.16 -31.44
C ALA H 392 15.26 19.48 -32.28
N VAL H 393 16.40 19.73 -31.63
CA VAL H 393 17.62 20.05 -32.36
C VAL H 393 18.14 18.82 -33.12
N ALA H 394 17.92 17.62 -32.57
CA ALA H 394 18.37 16.41 -33.25
C ALA H 394 17.69 16.23 -34.59
N ALA H 395 16.38 16.47 -34.65
CA ALA H 395 15.67 16.39 -35.92
C ALA H 395 16.01 17.56 -36.83
N ARG H 396 16.32 18.72 -36.25
CA ARG H 396 16.62 19.92 -37.05
C ARG H 396 18.01 19.85 -37.67
N THR H 397 18.96 19.20 -37.01
CA THR H 397 20.33 19.11 -37.48
C THR H 397 20.74 17.69 -37.82
N ALA H 398 19.77 16.83 -38.15
CA ALA H 398 20.07 15.43 -38.43
C ALA H 398 20.92 15.24 -39.67
N GLY H 399 21.04 16.26 -40.52
CA GLY H 399 21.83 16.19 -41.73
C GLY H 399 23.28 16.56 -41.57
N ASP H 400 23.71 16.98 -40.38
CA ASP H 400 25.09 17.37 -40.15
C ASP H 400 25.93 16.14 -39.78
N SER H 401 27.25 16.35 -39.76
CA SER H 401 28.15 15.29 -39.33
C SER H 401 27.96 14.97 -37.86
N SER H 402 28.42 13.79 -37.46
CA SER H 402 28.31 13.39 -36.06
C SER H 402 29.15 14.28 -35.15
N PHE H 403 30.26 14.82 -35.68
CA PHE H 403 31.10 15.70 -34.87
C PHE H 403 30.42 17.03 -34.62
N ASP H 404 29.74 17.58 -35.63
CA ASP H 404 29.06 18.86 -35.46
C ASP H 404 27.83 18.72 -34.57
N ARG H 405 27.12 17.60 -34.67
CA ARG H 405 25.96 17.39 -33.80
C ARG H 405 26.37 17.17 -32.35
N ALA H 406 27.57 16.66 -32.11
CA ALA H 406 28.04 16.48 -30.73
C ALA H 406 28.43 17.81 -30.11
N ARG H 407 29.12 18.67 -30.87
CA ARG H 407 29.51 19.97 -30.35
C ARG H 407 28.29 20.82 -30.04
N LYS H 408 27.30 20.83 -30.93
CA LYS H 408 26.11 21.65 -30.74
C LYS H 408 25.23 21.12 -29.62
N GLY H 409 25.41 19.86 -29.21
CA GLY H 409 24.68 19.31 -28.09
C GLY H 409 25.04 19.92 -26.75
N LEU H 410 26.10 20.73 -26.70
CA LEU H 410 26.45 21.43 -25.47
C LEU H 410 25.32 22.34 -25.00
N PHE H 411 24.54 22.89 -25.92
CA PHE H 411 23.52 23.87 -25.61
C PHE H 411 22.14 23.23 -25.67
N GLU H 412 21.41 23.33 -24.56
CA GLU H 412 20.01 22.90 -24.51
C GLU H 412 19.27 23.82 -23.56
N GLU H 413 18.29 24.57 -24.08
CA GLU H 413 17.47 25.47 -23.28
C GLU H 413 15.99 25.15 -23.42
N GLY H 414 15.68 23.87 -23.61
CA GLY H 414 14.32 23.39 -23.71
C GLY H 414 14.22 21.96 -23.22
N ILE H 415 13.14 21.60 -22.54
CA ILE H 415 13.00 20.23 -22.06
C ILE H 415 12.50 19.36 -23.22
N SER H 416 12.87 18.09 -23.19
CA SER H 416 12.66 17.20 -24.34
C SER H 416 11.38 16.39 -24.23
N THR H 417 10.75 16.33 -23.07
CA THR H 417 9.48 15.61 -22.94
C THR H 417 8.70 16.14 -21.75
N SER H 418 7.39 16.27 -21.93
CA SER H 418 6.48 16.72 -20.89
C SER H 418 5.10 16.14 -21.17
N ARG H 419 4.38 15.83 -20.10
CA ARG H 419 3.05 15.24 -20.21
C ARG H 419 2.01 16.33 -20.02
N MET H 420 1.31 16.66 -21.11
CA MET H 420 0.21 17.64 -21.10
C MET H 420 -1.09 16.86 -21.13
N SER H 421 -1.84 16.91 -20.04
CA SER H 421 -3.07 16.12 -19.92
C SER H 421 -4.20 16.74 -20.74
N LEU H 422 -5.04 15.87 -21.28
CA LEU H 422 -6.28 16.30 -21.93
C LEU H 422 -7.39 16.35 -20.90
N ASP H 423 -8.20 17.40 -20.96
CA ASP H 423 -9.39 17.47 -20.13
C ASP H 423 -10.30 16.30 -20.48
N PRO H 424 -10.64 15.43 -19.53
CA PRO H 424 -11.39 14.22 -19.89
C PRO H 424 -12.72 14.50 -20.55
N ALA H 425 -13.34 15.65 -20.26
CA ALA H 425 -14.60 16.02 -20.90
C ALA H 425 -14.37 16.85 -22.15
N ARG H 426 -13.58 17.91 -22.05
CA ARG H 426 -13.34 18.83 -23.16
C ARG H 426 -11.89 18.71 -23.63
N GLY H 427 -11.64 17.70 -24.44
CA GLY H 427 -10.31 17.45 -24.95
C GLY H 427 -9.96 18.13 -26.26
N GLY H 428 -10.84 18.98 -26.78
CA GLY H 428 -10.61 19.66 -28.05
C GLY H 428 -10.08 21.07 -27.87
N VAL H 429 -9.33 21.54 -28.86
CA VAL H 429 -8.78 22.89 -28.81
C VAL H 429 -9.91 23.94 -28.87
N GLU H 430 -11.02 23.61 -29.53
CA GLU H 430 -12.15 24.53 -29.56
C GLU H 430 -12.75 24.72 -28.18
N ASP H 431 -12.69 23.69 -27.34
CA ASP H 431 -13.13 23.83 -25.95
C ASP H 431 -12.24 24.80 -25.19
N LEU H 432 -10.93 24.75 -25.44
CA LEU H 432 -10.03 25.72 -24.82
C LEU H 432 -10.27 27.12 -25.40
N LEU H 433 -10.57 27.21 -26.69
CA LEU H 433 -10.88 28.51 -27.29
C LEU H 433 -12.13 29.11 -26.67
N ASP H 434 -13.15 28.28 -26.41
CA ASP H 434 -14.32 28.76 -25.67
C ASP H 434 -13.92 29.24 -24.28
N HIS H 435 -13.06 28.47 -23.61
CA HIS H 435 -12.60 28.83 -22.27
C HIS H 435 -11.89 30.18 -22.29
N ILE H 436 -10.98 30.37 -23.25
CA ILE H 436 -10.17 31.58 -23.29
C ILE H 436 -11.02 32.79 -23.68
N THR H 437 -11.78 32.67 -24.77
CA THR H 437 -12.51 33.83 -25.30
C THR H 437 -13.65 34.25 -24.38
N SER H 438 -14.32 33.31 -23.71
CA SER H 438 -15.36 33.69 -22.77
C SER H 438 -14.78 34.48 -21.59
N GLY H 439 -13.53 34.19 -21.20
CA GLY H 439 -12.89 34.97 -20.15
C GLY H 439 -12.52 36.36 -20.61
N VAL H 440 -11.99 36.49 -21.83
CA VAL H 440 -11.62 37.80 -22.35
C VAL H 440 -12.86 38.66 -22.56
N ARG H 441 -13.93 38.08 -23.11
CA ARG H 441 -15.18 38.83 -23.27
C ARG H 441 -15.68 39.35 -21.93
N SER H 442 -15.56 38.55 -20.88
CA SER H 442 -15.99 38.97 -19.56
C SER H 442 -15.08 40.06 -19.00
N THR H 443 -13.78 40.01 -19.30
CA THR H 443 -12.88 41.09 -18.91
C THR H 443 -13.29 42.40 -19.55
N CYS H 444 -13.69 42.35 -20.83
CA CYS H 444 -14.05 43.57 -21.55
C CYS H 444 -15.29 44.23 -20.95
N THR H 445 -16.31 43.43 -20.59
CA THR H 445 -17.51 44.03 -20.02
C THR H 445 -17.27 44.51 -18.59
N TYR H 446 -16.35 43.86 -17.87
CA TYR H 446 -15.99 44.33 -16.54
C TYR H 446 -15.34 45.71 -16.62
N VAL H 447 -14.44 45.92 -17.58
CA VAL H 447 -13.79 47.21 -17.72
C VAL H 447 -14.67 48.22 -18.47
N GLY H 448 -15.66 47.74 -19.21
CA GLY H 448 -16.52 48.62 -19.98
C GLY H 448 -16.13 48.77 -21.43
N ALA H 449 -15.32 47.88 -21.98
CA ALA H 449 -14.84 47.96 -23.35
C ALA H 449 -15.70 47.08 -24.25
N ALA H 450 -15.96 47.55 -25.46
CA ALA H 450 -16.69 46.80 -26.47
C ALA H 450 -15.77 46.16 -27.51
N ASN H 451 -14.46 46.39 -27.42
CA ASN H 451 -13.49 45.82 -28.34
C ASN H 451 -12.14 45.81 -27.66
N LEU H 452 -11.15 45.21 -28.34
CA LEU H 452 -9.80 45.07 -27.81
C LEU H 452 -9.07 46.41 -27.70
N PRO H 453 -9.19 47.33 -28.66
CA PRO H 453 -8.61 48.66 -28.44
C PRO H 453 -9.13 49.34 -27.19
N GLU H 454 -10.46 49.43 -27.04
CA GLU H 454 -11.04 50.07 -25.85
C GLU H 454 -10.59 49.37 -24.57
N LEU H 455 -10.26 48.08 -24.63
CA LEU H 455 -9.76 47.38 -23.45
C LEU H 455 -8.43 47.98 -22.99
N HIS H 456 -7.51 48.19 -23.92
CA HIS H 456 -6.21 48.76 -23.57
C HIS H 456 -6.34 50.21 -23.13
N GLU H 457 -7.34 50.94 -23.63
CA GLU H 457 -7.50 52.35 -23.30
C GLU H 457 -8.11 52.54 -21.92
N LYS H 458 -9.08 51.70 -21.54
CA LYS H 458 -9.89 51.92 -20.37
C LYS H 458 -9.46 51.11 -19.15
N VAL H 459 -8.55 50.14 -19.32
CA VAL H 459 -8.25 49.22 -18.23
C VAL H 459 -7.50 49.94 -17.13
N VAL H 460 -7.86 49.64 -15.88
CA VAL H 460 -7.12 50.09 -14.71
C VAL H 460 -6.62 48.85 -13.98
N LEU H 461 -5.32 48.81 -13.70
CA LEU H 461 -4.67 47.65 -13.13
C LEU H 461 -4.21 47.93 -11.70
N GLY H 462 -3.99 46.86 -10.95
CA GLY H 462 -3.46 46.97 -9.61
C GLY H 462 -2.47 45.85 -9.34
N VAL H 463 -1.64 46.08 -8.33
CA VAL H 463 -0.63 45.10 -7.91
C VAL H 463 -1.12 44.41 -6.65
N GLN H 464 -0.86 43.10 -6.56
CA GLN H 464 -1.26 42.31 -5.40
C GLN H 464 -0.07 41.48 -4.93
N SER H 465 -0.18 40.98 -3.70
CA SER H 465 0.79 40.05 -3.18
C SER H 465 0.38 38.62 -3.57
N ALA H 466 1.16 37.64 -3.11
CA ALA H 466 0.81 36.25 -3.37
C ALA H 466 -0.50 35.86 -2.70
N ALA H 467 -0.85 36.52 -1.59
CA ALA H 467 -2.14 36.27 -0.96
C ALA H 467 -3.30 36.78 -1.81
N GLY H 468 -3.10 37.88 -2.53
CA GLY H 468 -4.15 38.38 -3.40
C GLY H 468 -4.47 37.44 -4.54
N PHE H 469 -3.43 36.86 -5.15
CA PHE H 469 -3.65 35.88 -6.21
C PHE H 469 -4.36 34.64 -5.69
N ALA H 470 -4.19 34.33 -4.40
CA ALA H 470 -4.79 33.12 -3.83
C ALA H 470 -6.29 33.25 -3.60
N GLU H 471 -6.83 34.48 -3.60
CA GLU H 471 -8.26 34.67 -3.39
C GLU H 471 -9.07 34.03 -4.51
N GLY H 472 -10.07 33.24 -4.13
CA GLY H 472 -10.90 32.51 -5.07
C GLY H 472 -10.52 31.04 -5.17
N HIS H 473 -11.25 30.34 -6.03
CA HIS H 473 -10.90 28.93 -6.22
C HIS H 473 -10.06 28.77 -7.49
N PRO H 474 -9.06 27.88 -7.47
CA PRO H 474 -8.18 27.61 -8.63
C PRO H 474 -8.95 27.18 -9.87
#